data_2KNC
#
_entry.id   2KNC
#
_cell.length_a   1.000
_cell.length_b   1.000
_cell.length_c   1.000
_cell.angle_alpha   90.00
_cell.angle_beta   90.00
_cell.angle_gamma   90.00
#
_symmetry.space_group_name_H-M   'P 1'
#
loop_
_entity.id
_entity.type
_entity.pdbx_description
1 polymer 'Integrin alpha-IIb'
2 polymer 'Integrin beta-3'
#
loop_
_entity_poly.entity_id
_entity_poly.type
_entity_poly.pdbx_seq_one_letter_code
_entity_poly.pdbx_strand_id
1 'polypeptide(L)' GAMGSEERAIPIWWVLVGVLGGLLLLTILVLAMWKVGFFKRNRPPLEEDDEEGE A
2 'polypeptide(L)' GAMGSKGPDILVVLLSVMGAILLIGLAALLIWKLLITIHDRKEFAKFEEERARAKWDTANNPLYKEATSTFTNITYRGT B
#
# COMPACT_ATOMS: atom_id res chain seq x y z
N GLY A 1 -42.66 22.48 -11.91
CA GLY A 1 -41.47 22.49 -10.95
C GLY A 1 -40.16 21.91 -11.38
N ALA A 2 -39.08 22.42 -10.86
CA ALA A 2 -37.75 21.88 -11.26
C ALA A 2 -36.67 22.44 -10.31
N MET A 3 -35.68 23.11 -10.84
CA MET A 3 -34.62 23.67 -9.96
C MET A 3 -35.26 24.45 -8.82
N GLY A 4 -35.14 23.97 -7.61
CA GLY A 4 -35.74 24.69 -6.45
C GLY A 4 -35.72 23.78 -5.22
N SER A 5 -36.12 22.54 -5.37
CA SER A 5 -36.12 21.61 -4.21
C SER A 5 -36.84 22.28 -3.03
N GLU A 6 -38.11 22.02 -2.87
CA GLU A 6 -38.86 22.63 -1.74
C GLU A 6 -38.47 21.95 -0.45
N GLU A 7 -37.52 21.08 -0.51
CA GLU A 7 -37.06 20.34 0.70
C GLU A 7 -35.82 21.04 1.28
N ARG A 8 -35.74 22.33 1.16
CA ARG A 8 -34.56 23.07 1.69
C ARG A 8 -34.29 22.62 3.13
N ALA A 9 -33.44 21.63 3.31
CA ALA A 9 -33.14 21.14 4.67
C ALA A 9 -31.87 20.28 4.63
N ILE A 10 -31.67 19.58 3.55
CA ILE A 10 -30.46 18.72 3.44
C ILE A 10 -30.27 17.90 4.71
N PRO A 11 -31.16 16.97 4.96
CA PRO A 11 -31.10 16.09 6.16
C PRO A 11 -29.73 15.43 6.32
N ILE A 12 -28.96 15.88 7.27
CA ILE A 12 -27.61 15.29 7.47
C ILE A 12 -27.70 13.83 7.91
N TRP A 13 -28.77 13.47 8.58
CA TRP A 13 -28.93 12.06 9.03
C TRP A 13 -28.70 11.17 7.82
N TRP A 14 -29.39 11.48 6.79
CA TRP A 14 -29.27 10.72 5.54
C TRP A 14 -27.79 10.71 5.15
N VAL A 15 -27.18 11.85 5.18
CA VAL A 15 -25.74 11.95 4.83
C VAL A 15 -24.94 11.17 5.89
N LEU A 16 -25.28 11.38 7.12
CA LEU A 16 -24.59 10.66 8.22
C LEU A 16 -24.72 9.16 7.99
N VAL A 17 -25.92 8.70 7.77
CA VAL A 17 -26.14 7.25 7.56
C VAL A 17 -25.32 6.79 6.37
N GLY A 18 -25.17 7.62 5.40
CA GLY A 18 -24.34 7.24 4.25
C GLY A 18 -22.88 7.33 4.66
N VAL A 19 -22.51 8.42 5.28
CA VAL A 19 -21.11 8.58 5.73
C VAL A 19 -20.79 7.48 6.75
N LEU A 20 -21.78 7.03 7.49
CA LEU A 20 -21.54 5.95 8.48
C LEU A 20 -21.18 4.69 7.70
N GLY A 21 -21.88 4.44 6.64
CA GLY A 21 -21.56 3.23 5.85
C GLY A 21 -20.26 3.44 5.11
N GLY A 22 -19.84 4.66 5.01
CA GLY A 22 -18.55 4.92 4.33
C GLY A 22 -17.47 4.40 5.23
N LEU A 23 -17.73 4.36 6.51
CA LEU A 23 -16.73 3.80 7.44
C LEU A 23 -16.79 2.31 7.22
N LEU A 24 -17.98 1.82 7.00
CA LEU A 24 -18.16 0.39 6.71
C LEU A 24 -17.47 0.12 5.38
N LEU A 25 -17.63 0.98 4.40
CA LEU A 25 -16.94 0.77 3.11
C LEU A 25 -15.45 1.00 3.32
N LEU A 26 -15.10 2.01 4.04
CA LEU A 26 -13.67 2.30 4.29
C LEU A 26 -12.97 1.03 4.76
N THR A 27 -13.61 0.27 5.61
CA THR A 27 -12.96 -0.95 6.13
C THR A 27 -12.89 -2.07 5.08
N ILE A 28 -13.94 -2.27 4.34
CA ILE A 28 -13.94 -3.36 3.32
C ILE A 28 -13.03 -2.96 2.18
N LEU A 29 -12.93 -1.70 1.93
CA LEU A 29 -12.05 -1.24 0.86
C LEU A 29 -10.64 -1.42 1.36
N VAL A 30 -10.38 -0.89 2.52
CA VAL A 30 -9.04 -1.03 3.15
C VAL A 30 -8.62 -2.48 3.11
N LEU A 31 -9.52 -3.37 3.34
CA LEU A 31 -9.14 -4.80 3.32
C LEU A 31 -8.96 -5.28 1.91
N ALA A 32 -9.88 -4.94 1.07
CA ALA A 32 -9.77 -5.43 -0.31
C ALA A 32 -8.46 -4.95 -0.92
N MET A 33 -8.03 -3.78 -0.61
CA MET A 33 -6.72 -3.35 -1.19
C MET A 33 -5.64 -4.09 -0.44
N TRP A 34 -5.81 -4.22 0.85
CA TRP A 34 -4.83 -4.96 1.66
C TRP A 34 -4.74 -6.36 1.04
N LYS A 35 -5.86 -6.87 0.62
CA LYS A 35 -5.88 -8.23 0.01
C LYS A 35 -5.17 -8.17 -1.34
N VAL A 36 -5.40 -7.15 -2.09
CA VAL A 36 -4.76 -7.04 -3.42
C VAL A 36 -3.23 -7.11 -3.25
N GLY A 37 -2.75 -7.23 -2.04
CA GLY A 37 -1.27 -7.30 -1.82
C GLY A 37 -0.96 -8.32 -0.74
N PHE A 38 -1.87 -8.52 0.16
CA PHE A 38 -1.66 -9.49 1.27
C PHE A 38 -2.04 -10.89 0.81
N PHE A 39 -2.71 -10.97 -0.30
CA PHE A 39 -3.14 -12.29 -0.84
C PHE A 39 -2.18 -12.69 -1.95
N LYS A 40 -1.33 -11.78 -2.29
CA LYS A 40 -0.33 -12.00 -3.35
C LYS A 40 0.84 -12.79 -2.78
N ARG A 41 1.26 -12.42 -1.61
CA ARG A 41 2.43 -13.09 -0.99
C ARG A 41 2.07 -14.43 -0.41
N ASN A 42 0.84 -14.62 -0.12
CA ASN A 42 0.40 -15.93 0.46
C ASN A 42 0.64 -17.05 -0.56
N ARG A 43 1.47 -16.77 -1.56
CA ARG A 43 1.81 -17.76 -2.62
C ARG A 43 1.51 -19.21 -2.23
N PRO A 44 0.31 -19.68 -2.48
CA PRO A 44 -0.04 -21.11 -2.19
C PRO A 44 0.36 -22.15 -3.29
N PRO A 45 1.09 -21.82 -4.36
CA PRO A 45 1.46 -22.84 -5.39
C PRO A 45 2.88 -23.38 -5.18
N LEU A 46 3.28 -23.61 -3.96
CA LEU A 46 4.65 -24.13 -3.69
C LEU A 46 5.65 -23.42 -4.62
N GLU A 47 6.14 -22.27 -4.20
CA GLU A 47 7.07 -21.50 -5.05
C GLU A 47 8.52 -21.92 -4.78
N GLU A 48 9.29 -21.08 -4.13
CA GLU A 48 10.70 -21.41 -3.85
C GLU A 48 10.78 -22.56 -2.83
N ASP A 49 11.39 -23.64 -3.21
CA ASP A 49 11.53 -24.80 -2.27
C ASP A 49 12.47 -24.42 -1.15
N ASP A 50 13.66 -24.92 -1.20
CA ASP A 50 14.66 -24.61 -0.14
C ASP A 50 14.87 -23.10 -0.07
N GLU A 51 16.01 -22.67 0.44
CA GLU A 51 16.26 -21.21 0.54
C GLU A 51 16.07 -20.56 -0.83
N GLU A 52 16.41 -19.29 -0.94
CA GLU A 52 16.26 -18.59 -2.24
C GLU A 52 17.43 -18.94 -3.15
N GLY A 53 17.17 -19.25 -4.39
CA GLY A 53 18.27 -19.59 -5.33
C GLY A 53 17.71 -20.40 -6.50
N GLU A 54 17.93 -19.94 -7.70
CA GLU A 54 17.41 -20.68 -8.89
C GLU A 54 15.93 -21.03 -8.67
N GLY B 1 -40.30 4.49 6.26
CA GLY B 1 -40.95 4.74 4.92
C GLY B 1 -40.62 3.87 3.74
N ALA B 2 -41.49 3.82 2.78
CA ALA B 2 -41.22 2.97 1.58
C ALA B 2 -39.96 3.49 0.87
N MET B 3 -38.80 3.18 1.38
CA MET B 3 -37.55 3.65 0.73
C MET B 3 -37.62 5.17 0.50
N GLY B 4 -37.47 5.94 1.53
CA GLY B 4 -37.51 7.42 1.37
C GLY B 4 -38.96 7.88 1.12
N SER B 5 -39.15 9.14 0.85
CA SER B 5 -40.53 9.65 0.60
C SER B 5 -41.09 9.02 -0.67
N LYS B 6 -41.95 9.71 -1.37
CA LYS B 6 -42.54 9.15 -2.62
C LYS B 6 -42.70 10.27 -3.65
N GLY B 7 -43.31 11.37 -3.27
CA GLY B 7 -43.50 12.48 -4.24
C GLY B 7 -42.14 12.91 -4.80
N PRO B 8 -41.24 13.33 -3.93
CA PRO B 8 -39.87 13.76 -4.34
C PRO B 8 -39.14 12.69 -5.17
N ASP B 9 -37.93 12.39 -4.82
CA ASP B 9 -37.16 11.36 -5.58
C ASP B 9 -36.08 10.76 -4.70
N ILE B 10 -35.57 11.54 -3.78
CA ILE B 10 -34.49 11.09 -2.87
C ILE B 10 -33.34 10.43 -3.65
N LEU B 11 -33.45 10.33 -4.94
CA LEU B 11 -32.37 9.70 -5.75
C LEU B 11 -31.22 10.71 -5.89
N VAL B 12 -31.51 11.89 -6.35
CA VAL B 12 -30.46 12.93 -6.52
C VAL B 12 -29.73 13.17 -5.19
N VAL B 13 -30.45 13.45 -4.15
CA VAL B 13 -29.79 13.70 -2.83
C VAL B 13 -28.99 12.46 -2.42
N LEU B 14 -29.54 11.29 -2.62
CA LEU B 14 -28.81 10.05 -2.24
C LEU B 14 -27.59 9.89 -3.14
N LEU B 15 -27.72 10.22 -4.40
CA LEU B 15 -26.56 10.09 -5.32
C LEU B 15 -25.36 10.83 -4.71
N SER B 16 -25.58 12.01 -4.21
CA SER B 16 -24.45 12.79 -3.60
C SER B 16 -23.94 12.05 -2.37
N VAL B 17 -24.84 11.61 -1.53
CA VAL B 17 -24.43 10.87 -0.29
C VAL B 17 -23.53 9.70 -0.68
N MET B 18 -23.97 8.87 -1.59
CA MET B 18 -23.14 7.70 -1.99
C MET B 18 -21.75 8.17 -2.42
N GLY B 19 -21.67 9.25 -3.15
CA GLY B 19 -20.34 9.75 -3.58
C GLY B 19 -19.42 9.87 -2.35
N ALA B 20 -19.91 10.48 -1.31
CA ALA B 20 -19.09 10.63 -0.07
C ALA B 20 -18.54 9.26 0.34
N ILE B 21 -19.38 8.26 0.46
CA ILE B 21 -18.86 6.92 0.87
C ILE B 21 -17.72 6.54 -0.09
N LEU B 22 -18.00 6.51 -1.34
CA LEU B 22 -16.96 6.16 -2.35
C LEU B 22 -15.74 7.08 -2.19
N LEU B 23 -15.96 8.34 -1.98
CA LEU B 23 -14.82 9.29 -1.81
C LEU B 23 -14.13 9.05 -0.47
N ILE B 24 -14.88 8.84 0.58
CA ILE B 24 -14.25 8.61 1.91
C ILE B 24 -13.36 7.36 1.86
N GLY B 25 -13.71 6.42 1.04
CA GLY B 25 -12.88 5.17 0.92
C GLY B 25 -11.72 5.43 -0.02
N LEU B 26 -11.92 6.26 -1.01
CA LEU B 26 -10.83 6.55 -1.96
C LEU B 26 -9.77 7.35 -1.23
N ALA B 27 -10.17 8.15 -0.27
CA ALA B 27 -9.18 8.95 0.49
C ALA B 27 -8.42 8.00 1.42
N ALA B 28 -9.14 7.16 2.09
CA ALA B 28 -8.47 6.18 3.00
C ALA B 28 -7.72 5.17 2.15
N LEU B 29 -8.22 4.87 0.98
CA LEU B 29 -7.53 3.89 0.11
C LEU B 29 -6.08 4.35 -0.07
N LEU B 30 -5.90 5.57 -0.49
CA LEU B 30 -4.53 6.12 -0.70
C LEU B 30 -3.69 5.93 0.58
N ILE B 31 -4.17 6.41 1.69
CA ILE B 31 -3.38 6.26 2.95
C ILE B 31 -2.98 4.80 3.17
N TRP B 32 -3.93 3.91 3.20
CA TRP B 32 -3.60 2.47 3.44
C TRP B 32 -2.74 1.91 2.30
N LYS B 33 -2.89 2.42 1.10
CA LYS B 33 -2.06 1.90 -0.03
C LYS B 33 -0.58 2.10 0.31
N LEU B 34 -0.26 3.19 0.93
CA LEU B 34 1.17 3.46 1.29
C LEU B 34 1.54 2.58 2.48
N LEU B 35 0.61 2.34 3.35
CA LEU B 35 0.90 1.49 4.54
C LEU B 35 1.34 0.10 4.05
N ILE B 36 0.64 -0.46 3.08
CA ILE B 36 1.06 -1.82 2.58
C ILE B 36 2.27 -1.69 1.65
N THR B 37 2.38 -0.63 0.90
CA THR B 37 3.54 -0.49 -0.02
C THR B 37 4.81 -0.09 0.76
N ILE B 38 4.69 0.83 1.69
CA ILE B 38 5.89 1.26 2.44
C ILE B 38 6.53 0.07 3.17
N HIS B 39 5.74 -0.86 3.62
CA HIS B 39 6.34 -2.02 4.33
C HIS B 39 7.41 -2.66 3.42
N ASP B 40 7.26 -2.54 2.13
CA ASP B 40 8.26 -3.13 1.19
C ASP B 40 9.40 -2.14 0.89
N ARG B 41 9.12 -0.86 0.81
CA ARG B 41 10.21 0.13 0.50
C ARG B 41 11.46 -0.18 1.34
N LYS B 42 11.29 -0.67 2.53
CA LYS B 42 12.46 -0.96 3.36
C LYS B 42 13.27 -2.11 2.74
N GLU B 43 12.67 -3.25 2.56
CA GLU B 43 13.42 -4.38 1.93
C GLU B 43 13.78 -3.98 0.51
N PHE B 44 12.83 -3.46 -0.23
CA PHE B 44 13.14 -3.05 -1.63
C PHE B 44 14.39 -2.17 -1.61
N ALA B 45 14.50 -1.33 -0.62
CA ALA B 45 15.71 -0.46 -0.52
C ALA B 45 16.87 -1.33 -0.05
N LYS B 46 16.75 -1.92 1.11
CA LYS B 46 17.81 -2.79 1.64
C LYS B 46 18.22 -3.80 0.55
N PHE B 47 17.34 -4.11 -0.37
CA PHE B 47 17.70 -5.08 -1.44
C PHE B 47 18.72 -4.44 -2.38
N GLU B 48 18.33 -3.37 -3.01
CA GLU B 48 19.24 -2.68 -3.95
C GLU B 48 20.46 -2.13 -3.19
N GLU B 49 20.31 -1.90 -1.91
CA GLU B 49 21.45 -1.37 -1.12
C GLU B 49 22.56 -2.41 -1.05
N GLU B 50 22.21 -3.65 -0.80
CA GLU B 50 23.24 -4.72 -0.72
C GLU B 50 23.86 -4.95 -2.10
N ARG B 51 23.05 -4.93 -3.14
CA ARG B 51 23.59 -5.15 -4.50
C ARG B 51 24.53 -4.00 -4.88
N ALA B 52 24.37 -2.86 -4.27
CA ALA B 52 25.26 -1.71 -4.61
C ALA B 52 26.60 -1.84 -3.87
N ARG B 53 26.55 -2.11 -2.60
CA ARG B 53 27.82 -2.24 -1.83
C ARG B 53 28.52 -3.55 -2.19
N ALA B 54 27.78 -4.63 -2.30
CA ALA B 54 28.41 -5.94 -2.64
C ALA B 54 29.37 -5.77 -3.81
N LYS B 55 28.98 -5.06 -4.82
CA LYS B 55 29.86 -4.85 -6.00
C LYS B 55 31.09 -4.06 -5.60
N TRP B 56 30.90 -2.82 -5.28
CA TRP B 56 32.05 -1.97 -4.86
C TRP B 56 32.80 -2.70 -3.76
N ASP B 57 32.14 -3.63 -3.14
CA ASP B 57 32.77 -4.41 -2.03
C ASP B 57 33.15 -5.81 -2.51
N THR B 58 33.43 -5.96 -3.77
CA THR B 58 33.81 -7.30 -4.30
C THR B 58 34.40 -7.15 -5.68
N ALA B 59 34.12 -6.07 -6.32
CA ALA B 59 34.64 -5.84 -7.70
C ALA B 59 36.05 -5.26 -7.61
N ASN B 60 36.63 -5.28 -6.45
CA ASN B 60 38.00 -4.72 -6.29
C ASN B 60 38.56 -5.09 -4.90
N ASN B 61 38.27 -6.27 -4.41
CA ASN B 61 38.78 -6.68 -3.07
C ASN B 61 39.25 -8.15 -3.09
N PRO B 62 40.29 -8.44 -3.84
CA PRO B 62 40.85 -9.81 -3.94
C PRO B 62 41.93 -10.07 -2.89
N LEU B 63 41.98 -9.25 -1.89
CA LEU B 63 43.01 -9.43 -0.82
C LEU B 63 42.50 -10.44 0.19
N TYR B 64 41.23 -10.41 0.47
CA TYR B 64 40.65 -11.37 1.44
C TYR B 64 40.96 -12.78 0.97
N LYS B 65 40.57 -13.09 -0.24
CA LYS B 65 40.83 -14.46 -0.79
C LYS B 65 42.27 -14.88 -0.47
N GLU B 66 43.19 -13.96 -0.50
CA GLU B 66 44.60 -14.28 -0.20
C GLU B 66 44.70 -14.73 1.27
N ALA B 67 44.40 -13.85 2.18
CA ALA B 67 44.48 -14.21 3.63
C ALA B 67 43.96 -13.04 4.46
N THR B 68 44.76 -12.02 4.62
CA THR B 68 44.31 -10.85 5.42
C THR B 68 45.40 -9.76 5.40
N SER B 69 46.18 -9.72 4.36
CA SER B 69 47.26 -8.70 4.26
C SER B 69 48.03 -8.88 2.94
N THR B 70 48.91 -7.97 2.64
CA THR B 70 49.70 -8.08 1.39
C THR B 70 51.01 -7.30 1.54
N PHE B 71 50.98 -6.02 1.32
CA PHE B 71 52.21 -5.21 1.46
C PHE B 71 52.57 -5.09 2.95
N THR B 72 53.07 -3.96 3.35
CA THR B 72 53.45 -3.73 4.78
C THR B 72 54.09 -5.00 5.37
N ASN B 73 54.64 -5.83 4.51
CA ASN B 73 55.30 -7.09 5.00
C ASN B 73 56.82 -6.93 4.89
N ILE B 74 57.31 -5.74 5.11
CA ILE B 74 58.77 -5.50 5.03
C ILE B 74 59.51 -6.53 5.89
N THR B 75 60.46 -7.22 5.32
CA THR B 75 61.21 -8.24 6.10
C THR B 75 62.39 -8.76 5.26
N TYR B 76 62.97 -9.86 5.64
CA TYR B 76 64.12 -10.40 4.87
C TYR B 76 63.68 -10.66 3.43
N ARG B 77 64.19 -9.91 2.49
CA ARG B 77 63.80 -10.12 1.07
C ARG B 77 64.60 -11.29 0.49
N GLY B 78 64.65 -11.40 -0.82
CA GLY B 78 65.40 -12.52 -1.44
C GLY B 78 65.22 -12.48 -2.96
N THR B 79 64.28 -13.22 -3.48
CA THR B 79 64.06 -13.22 -4.96
C THR B 79 63.67 -11.81 -5.42
N GLY A 1 -37.23 29.14 -7.59
CA GLY A 1 -37.02 27.95 -8.53
C GLY A 1 -37.63 26.62 -8.21
N ALA A 2 -38.02 25.88 -9.21
CA ALA A 2 -38.63 24.55 -8.95
C ALA A 2 -37.54 23.52 -8.68
N MET A 3 -36.41 23.66 -9.34
CA MET A 3 -35.30 22.69 -9.11
C MET A 3 -34.55 23.06 -7.83
N GLY A 4 -35.26 23.46 -6.81
CA GLY A 4 -34.60 23.82 -5.53
C GLY A 4 -35.64 24.32 -4.54
N SER A 5 -35.35 24.24 -3.26
CA SER A 5 -36.32 24.71 -2.24
C SER A 5 -35.66 24.70 -0.86
N GLU A 6 -35.78 25.78 -0.13
CA GLU A 6 -35.15 25.83 1.22
C GLU A 6 -36.03 25.10 2.23
N GLU A 7 -37.05 24.46 1.75
CA GLU A 7 -37.97 23.72 2.66
C GLU A 7 -37.48 22.28 2.80
N ARG A 8 -37.82 21.44 1.85
CA ARG A 8 -37.38 20.01 1.88
C ARG A 8 -37.44 19.47 3.32
N ALA A 9 -36.29 19.21 3.91
CA ALA A 9 -36.27 18.69 5.31
C ALA A 9 -34.82 18.48 5.75
N ILE A 10 -33.92 19.26 5.22
CA ILE A 10 -32.49 19.12 5.58
C ILE A 10 -32.08 17.64 5.61
N PRO A 11 -32.15 16.97 4.49
CA PRO A 11 -31.78 15.53 4.37
C PRO A 11 -30.36 15.23 4.83
N ILE A 12 -29.66 16.19 5.37
CA ILE A 12 -28.26 15.92 5.85
C ILE A 12 -28.26 14.62 6.63
N TRP A 13 -29.41 14.26 7.14
CA TRP A 13 -29.55 12.99 7.88
C TRP A 13 -29.23 11.88 6.90
N TRP A 14 -29.89 11.95 5.79
CA TRP A 14 -29.69 10.98 4.72
C TRP A 14 -28.21 11.01 4.36
N VAL A 15 -27.68 12.19 4.24
CA VAL A 15 -26.23 12.34 3.92
C VAL A 15 -25.42 11.75 5.07
N LEU A 16 -25.79 12.10 6.27
CA LEU A 16 -25.06 11.57 7.46
C LEU A 16 -25.09 10.04 7.41
N VAL A 17 -26.26 9.49 7.25
CA VAL A 17 -26.40 8.02 7.21
C VAL A 17 -25.53 7.46 6.11
N GLY A 18 -25.43 8.15 5.03
CA GLY A 18 -24.57 7.67 3.93
C GLY A 18 -23.12 7.90 4.34
N VAL A 19 -22.84 9.07 4.85
CA VAL A 19 -21.44 9.36 5.29
C VAL A 19 -21.09 8.41 6.42
N LEU A 20 -22.07 7.95 7.16
CA LEU A 20 -21.80 7.01 8.27
C LEU A 20 -21.42 5.66 7.67
N GLY A 21 -22.15 5.23 6.68
CA GLY A 21 -21.83 3.92 6.06
C GLY A 21 -20.56 4.05 5.24
N GLY A 22 -20.20 5.25 4.92
CA GLY A 22 -18.94 5.43 4.14
C GLY A 22 -17.82 5.06 5.07
N LEU A 23 -18.06 5.15 6.34
CA LEU A 23 -17.03 4.73 7.33
C LEU A 23 -17.04 3.22 7.28
N LEU A 24 -18.22 2.66 7.31
CA LEU A 24 -18.34 1.19 7.21
C LEU A 24 -17.68 0.77 5.90
N LEU A 25 -17.91 1.51 4.84
CA LEU A 25 -17.25 1.16 3.56
C LEU A 25 -15.76 1.45 3.69
N LEU A 26 -15.42 2.57 4.24
CA LEU A 26 -13.98 2.92 4.40
C LEU A 26 -13.24 1.76 5.04
N THR A 27 -13.84 1.13 6.00
CA THR A 27 -13.14 0.02 6.69
C THR A 27 -13.03 -1.24 5.82
N ILE A 28 -14.07 -1.54 5.09
CA ILE A 28 -14.04 -2.77 4.23
C ILE A 28 -13.17 -2.51 3.01
N LEU A 29 -13.13 -1.29 2.58
CA LEU A 29 -12.30 -0.95 1.39
C LEU A 29 -10.85 -0.94 1.85
N VAL A 30 -10.62 -0.35 2.99
CA VAL A 30 -9.24 -0.32 3.53
C VAL A 30 -8.77 -1.76 3.63
N LEU A 31 -9.64 -2.62 4.05
CA LEU A 31 -9.26 -4.05 4.16
C LEU A 31 -9.22 -4.68 2.80
N ALA A 32 -10.16 -4.35 1.99
CA ALA A 32 -10.18 -4.97 0.66
C ALA A 32 -8.90 -4.62 -0.09
N MET A 33 -8.38 -3.44 0.09
CA MET A 33 -7.12 -3.12 -0.62
C MET A 33 -5.99 -3.87 0.08
N TRP A 34 -6.11 -3.97 1.38
CA TRP A 34 -5.11 -4.71 2.17
C TRP A 34 -5.18 -6.16 1.72
N LYS A 35 -6.37 -6.63 1.46
CA LYS A 35 -6.52 -8.03 1.00
C LYS A 35 -5.93 -8.16 -0.40
N VAL A 36 -6.19 -7.19 -1.22
CA VAL A 36 -5.66 -7.24 -2.61
C VAL A 36 -4.13 -7.37 -2.55
N GLY A 37 -3.55 -7.38 -1.39
CA GLY A 37 -2.05 -7.50 -1.29
C GLY A 37 -1.69 -8.43 -0.15
N PHE A 38 -2.53 -8.51 0.83
CA PHE A 38 -2.24 -9.38 2.01
C PHE A 38 -2.72 -10.79 1.71
N PHE A 39 -3.52 -10.94 0.72
CA PHE A 39 -4.06 -12.29 0.34
C PHE A 39 -3.24 -12.82 -0.84
N LYS A 40 -2.52 -11.95 -1.44
CA LYS A 40 -1.67 -12.31 -2.59
C LYS A 40 -0.50 -13.15 -2.08
N ARG A 41 0.12 -12.68 -1.03
CA ARG A 41 1.29 -13.38 -0.46
C ARG A 41 0.84 -14.58 0.36
N ASN A 42 1.32 -14.70 1.56
CA ASN A 42 0.94 -15.84 2.42
C ASN A 42 1.00 -17.14 1.62
N ARG A 43 1.72 -17.11 0.52
CA ARG A 43 1.90 -18.31 -0.37
C ARG A 43 1.64 -19.63 0.35
N PRO A 44 0.42 -20.12 0.32
CA PRO A 44 0.08 -21.43 0.93
C PRO A 44 0.23 -22.69 0.02
N PRO A 45 0.90 -22.65 -1.14
CA PRO A 45 1.03 -23.87 -2.00
C PRO A 45 2.26 -24.70 -1.60
N LEU A 46 2.77 -25.50 -2.51
CA LEU A 46 3.98 -26.33 -2.20
C LEU A 46 5.23 -25.54 -2.57
N GLU A 47 5.46 -24.43 -1.93
CA GLU A 47 6.67 -23.60 -2.26
C GLU A 47 7.95 -24.40 -1.94
N GLU A 48 8.95 -24.26 -2.76
CA GLU A 48 10.23 -24.98 -2.51
C GLU A 48 11.16 -24.12 -1.64
N ASP A 49 12.04 -24.74 -0.92
CA ASP A 49 12.98 -23.97 -0.04
C ASP A 49 14.43 -24.36 -0.37
N ASP A 50 14.89 -24.02 -1.55
CA ASP A 50 16.29 -24.37 -1.96
C ASP A 50 17.10 -23.09 -2.21
N GLU A 51 17.62 -22.94 -3.38
CA GLU A 51 18.44 -21.75 -3.73
C GLU A 51 17.83 -20.49 -3.13
N GLU A 52 16.65 -20.11 -3.56
CA GLU A 52 15.99 -18.91 -3.01
C GLU A 52 17.01 -17.77 -2.81
N GLY A 53 16.64 -16.76 -2.05
CA GLY A 53 17.58 -15.63 -1.81
C GLY A 53 17.45 -14.59 -2.92
N GLU A 54 18.18 -14.74 -4.00
CA GLU A 54 18.08 -13.77 -5.12
C GLU A 54 18.28 -12.34 -4.57
N GLY B 1 -42.35 -0.91 -1.51
CA GLY B 1 -41.27 0.00 -2.10
C GLY B 1 -40.30 0.67 -1.18
N ALA B 2 -40.49 0.54 0.10
CA ALA B 2 -39.56 1.20 1.06
C ALA B 2 -39.40 2.68 0.69
N MET B 3 -40.49 3.40 0.67
CA MET B 3 -40.40 4.85 0.32
C MET B 3 -39.76 5.61 1.47
N GLY B 4 -39.72 6.91 1.38
CA GLY B 4 -39.09 7.72 2.46
C GLY B 4 -39.49 9.19 2.28
N SER B 5 -39.54 9.65 1.07
CA SER B 5 -39.92 11.07 0.82
C SER B 5 -40.60 11.19 -0.55
N LYS B 6 -41.89 11.42 -0.55
CA LYS B 6 -42.62 11.54 -1.84
C LYS B 6 -42.46 12.96 -2.40
N GLY B 7 -42.46 13.94 -1.54
CA GLY B 7 -42.32 15.35 -2.01
C GLY B 7 -41.16 15.43 -3.03
N PRO B 8 -39.96 15.32 -2.55
CA PRO B 8 -38.74 15.38 -3.42
C PRO B 8 -38.62 14.14 -4.31
N ASP B 9 -37.42 13.80 -4.67
CA ASP B 9 -37.19 12.60 -5.55
C ASP B 9 -36.32 11.59 -4.80
N ILE B 10 -35.62 12.05 -3.79
CA ILE B 10 -34.72 11.19 -2.95
C ILE B 10 -33.74 10.35 -3.78
N LEU B 11 -33.99 10.13 -5.04
CA LEU B 11 -33.05 9.32 -5.87
C LEU B 11 -31.80 10.15 -6.19
N VAL B 12 -32.00 11.32 -6.74
CA VAL B 12 -30.83 12.18 -7.11
C VAL B 12 -29.90 12.36 -5.90
N VAL B 13 -30.43 12.82 -4.79
CA VAL B 13 -29.58 13.02 -3.60
C VAL B 13 -28.94 11.69 -3.18
N LEU B 14 -29.70 10.64 -3.17
CA LEU B 14 -29.14 9.32 -2.78
C LEU B 14 -27.88 9.04 -3.61
N LEU B 15 -27.98 9.15 -4.90
CA LEU B 15 -26.79 8.89 -5.77
C LEU B 15 -25.60 9.70 -5.25
N SER B 16 -25.78 10.97 -5.04
CA SER B 16 -24.66 11.81 -4.53
C SER B 16 -24.22 11.29 -3.16
N VAL B 17 -25.16 11.09 -2.28
CA VAL B 17 -24.82 10.57 -0.92
C VAL B 17 -24.08 9.24 -1.05
N MET B 18 -24.61 8.31 -1.80
CA MET B 18 -23.92 7.01 -1.96
C MET B 18 -22.58 7.24 -2.67
N GLY B 19 -22.52 8.20 -3.56
CA GLY B 19 -21.23 8.47 -4.25
C GLY B 19 -20.19 8.82 -3.18
N ALA B 20 -20.60 9.51 -2.16
CA ALA B 20 -19.65 9.87 -1.07
C ALA B 20 -19.15 8.59 -0.40
N ILE B 21 -20.04 7.68 -0.11
CA ILE B 21 -19.59 6.40 0.53
C ILE B 21 -18.48 5.81 -0.35
N LEU B 22 -18.74 5.71 -1.61
CA LEU B 22 -17.74 5.15 -2.57
C LEU B 22 -16.49 6.05 -2.60
N LEU B 23 -16.68 7.35 -2.66
CA LEU B 23 -15.51 8.28 -2.72
C LEU B 23 -14.81 8.33 -1.35
N ILE B 24 -15.54 8.36 -0.28
CA ILE B 24 -14.91 8.43 1.07
C ILE B 24 -13.97 7.24 1.26
N GLY B 25 -14.33 6.09 0.74
CA GLY B 25 -13.46 4.90 0.88
C GLY B 25 -12.38 4.94 -0.18
N LEU B 26 -12.71 5.41 -1.35
CA LEU B 26 -11.70 5.49 -2.43
C LEU B 26 -10.63 6.50 -2.01
N ALA B 27 -11.03 7.49 -1.26
CA ALA B 27 -10.03 8.50 -0.81
C ALA B 27 -9.17 7.87 0.27
N ALA B 28 -9.77 7.18 1.20
CA ALA B 28 -8.99 6.54 2.28
C ALA B 28 -8.20 5.36 1.68
N LEU B 29 -8.75 4.72 0.69
CA LEU B 29 -8.02 3.59 0.07
C LEU B 29 -6.67 4.09 -0.44
N LEU B 30 -6.70 5.13 -1.23
CA LEU B 30 -5.43 5.70 -1.77
C LEU B 30 -4.44 5.95 -0.63
N ILE B 31 -4.84 6.67 0.37
CA ILE B 31 -3.90 6.95 1.50
C ILE B 31 -3.44 5.61 2.10
N TRP B 32 -4.37 4.72 2.35
CA TRP B 32 -4.00 3.40 2.94
C TRP B 32 -3.17 2.59 1.94
N LYS B 33 -3.31 2.86 0.67
CA LYS B 33 -2.52 2.10 -0.34
C LYS B 33 -1.04 2.51 -0.25
N LEU B 34 -0.78 3.79 -0.19
CA LEU B 34 0.63 4.25 -0.10
C LEU B 34 1.24 3.64 1.16
N LEU B 35 0.50 3.62 2.24
CA LEU B 35 1.05 3.04 3.49
C LEU B 35 1.40 1.57 3.28
N ILE B 36 0.58 0.86 2.55
CA ILE B 36 0.86 -0.58 2.33
C ILE B 36 2.05 -0.71 1.37
N THR B 37 2.19 0.20 0.45
CA THR B 37 3.34 0.15 -0.49
C THR B 37 4.63 0.48 0.27
N ILE B 38 4.52 1.19 1.36
CA ILE B 38 5.74 1.56 2.13
C ILE B 38 6.31 0.31 2.81
N HIS B 39 5.48 -0.53 3.33
CA HIS B 39 6.01 -1.76 3.99
C HIS B 39 6.98 -2.45 3.04
N ASP B 40 6.73 -2.34 1.76
CA ASP B 40 7.63 -2.99 0.75
C ASP B 40 8.78 -2.06 0.37
N ARG B 41 8.57 -0.76 0.40
CA ARG B 41 9.67 0.18 0.03
C ARG B 41 10.97 -0.24 0.74
N LYS B 42 10.85 -0.74 1.93
CA LYS B 42 12.06 -1.16 2.68
C LYS B 42 12.70 -2.34 1.95
N GLU B 43 12.00 -3.42 1.77
CA GLU B 43 12.59 -4.58 1.06
C GLU B 43 12.89 -4.16 -0.37
N PHE B 44 11.96 -3.50 -1.02
CA PHE B 44 12.21 -3.03 -2.41
C PHE B 44 13.55 -2.31 -2.43
N ALA B 45 13.81 -1.52 -1.43
CA ALA B 45 15.11 -0.80 -1.36
C ALA B 45 16.20 -1.82 -1.00
N LYS B 46 16.07 -2.43 0.15
CA LYS B 46 17.07 -3.43 0.58
C LYS B 46 17.27 -4.47 -0.54
N PHE B 47 16.31 -4.59 -1.43
CA PHE B 47 16.45 -5.56 -2.54
C PHE B 47 17.49 -5.05 -3.55
N GLU B 48 17.24 -3.92 -4.14
CA GLU B 48 18.22 -3.37 -5.13
C GLU B 48 19.56 -3.14 -4.44
N GLU B 49 19.56 -2.97 -3.14
CA GLU B 49 20.82 -2.74 -2.41
C GLU B 49 21.62 -4.05 -2.36
N GLU B 50 20.98 -5.13 -1.99
CA GLU B 50 21.69 -6.43 -1.91
C GLU B 50 22.31 -6.75 -3.28
N ARG B 51 21.63 -6.44 -4.34
CA ARG B 51 22.17 -6.75 -5.69
C ARG B 51 23.43 -5.91 -5.94
N ALA B 52 23.42 -4.67 -5.54
CA ALA B 52 24.63 -3.80 -5.76
C ALA B 52 25.74 -4.21 -4.80
N ARG B 53 25.40 -4.56 -3.59
CA ARG B 53 26.44 -4.96 -2.61
C ARG B 53 27.25 -6.15 -3.15
N ALA B 54 26.60 -7.15 -3.67
CA ALA B 54 27.32 -8.34 -4.20
C ALA B 54 28.50 -7.87 -5.08
N LYS B 55 28.31 -6.81 -5.82
CA LYS B 55 29.39 -6.31 -6.69
C LYS B 55 30.48 -5.67 -5.85
N TRP B 56 30.16 -4.61 -5.18
CA TRP B 56 31.16 -3.93 -4.33
C TRP B 56 31.80 -4.97 -3.41
N ASP B 57 31.12 -6.06 -3.23
CA ASP B 57 31.67 -7.14 -2.36
C ASP B 57 32.82 -7.83 -3.07
N THR B 58 33.25 -7.28 -4.16
CA THR B 58 34.38 -7.88 -4.93
C THR B 58 35.03 -6.80 -5.79
N ALA B 59 35.96 -7.17 -6.63
CA ALA B 59 36.63 -6.16 -7.50
C ALA B 59 37.09 -4.98 -6.63
N ASN B 60 37.11 -5.19 -5.35
CA ASN B 60 37.54 -4.10 -4.42
C ASN B 60 38.18 -4.74 -3.18
N ASN B 61 38.46 -6.01 -3.25
CA ASN B 61 39.08 -6.71 -2.09
C ASN B 61 40.16 -7.68 -2.59
N PRO B 62 41.23 -7.16 -3.15
CA PRO B 62 42.35 -7.98 -3.67
C PRO B 62 43.45 -8.20 -2.63
N LEU B 63 43.11 -8.08 -1.39
CA LEU B 63 44.13 -8.27 -0.31
C LEU B 63 44.34 -9.77 -0.06
N TYR B 64 43.28 -10.52 -0.06
CA TYR B 64 43.40 -11.99 0.16
C TYR B 64 44.04 -12.63 -1.06
N LYS B 65 43.45 -12.41 -2.20
CA LYS B 65 43.99 -13.00 -3.46
C LYS B 65 45.52 -12.89 -3.47
N GLU B 66 46.04 -11.83 -2.95
CA GLU B 66 47.51 -11.65 -2.91
C GLU B 66 48.07 -12.52 -1.77
N ALA B 67 47.76 -12.17 -0.55
CA ALA B 67 48.27 -12.97 0.61
C ALA B 67 47.72 -12.36 1.90
N THR B 68 48.31 -11.29 2.35
CA THR B 68 47.84 -10.63 3.61
C THR B 68 48.74 -9.42 3.94
N SER B 69 49.34 -8.84 2.94
CA SER B 69 50.22 -7.66 3.18
C SER B 69 51.06 -7.38 1.92
N THR B 70 52.05 -6.55 2.02
CA THR B 70 52.91 -6.25 0.83
C THR B 70 54.28 -5.76 1.31
N PHE B 71 54.30 -5.01 2.39
CA PHE B 71 55.61 -4.49 2.92
C PHE B 71 56.18 -5.50 3.91
N THR B 72 55.62 -6.66 3.95
CA THR B 72 56.10 -7.71 4.89
C THR B 72 57.23 -8.52 4.23
N ASN B 73 57.34 -8.48 2.94
CA ASN B 73 58.40 -9.24 2.25
C ASN B 73 59.74 -8.54 2.45
N ILE B 74 59.79 -7.59 3.33
CA ILE B 74 61.06 -6.85 3.60
C ILE B 74 61.73 -7.44 4.84
N THR B 75 62.92 -7.97 4.70
CA THR B 75 63.61 -8.55 5.88
C THR B 75 65.10 -8.70 5.56
N TYR B 76 65.93 -8.84 6.57
CA TYR B 76 67.38 -9.00 6.33
C TYR B 76 67.64 -10.23 5.47
N ARG B 77 68.36 -10.08 4.39
CA ARG B 77 68.65 -11.25 3.50
C ARG B 77 70.08 -11.12 2.96
N GLY B 78 71.00 -11.82 3.56
CA GLY B 78 72.42 -11.74 3.09
C GLY B 78 72.91 -10.29 3.18
N THR B 79 73.65 -9.84 2.20
CA THR B 79 74.16 -8.44 2.23
C THR B 79 74.37 -7.94 0.80
N GLY A 1 -34.66 25.68 -9.53
CA GLY A 1 -35.82 26.16 -8.64
C GLY A 1 -36.43 25.22 -7.65
N ALA A 2 -37.15 25.73 -6.71
CA ALA A 2 -37.80 24.85 -5.69
C ALA A 2 -36.74 23.90 -5.11
N MET A 3 -35.83 24.41 -4.33
CA MET A 3 -34.78 23.54 -3.74
C MET A 3 -35.37 22.76 -2.56
N GLY A 4 -35.51 21.47 -2.72
CA GLY A 4 -36.08 20.65 -1.62
C GLY A 4 -37.56 21.01 -1.42
N SER A 5 -38.18 20.47 -0.41
CA SER A 5 -39.62 20.79 -0.18
C SER A 5 -39.75 22.24 0.27
N GLU A 6 -40.72 22.53 1.10
CA GLU A 6 -40.91 23.93 1.56
C GLU A 6 -39.95 24.23 2.72
N GLU A 7 -40.34 23.83 3.89
CA GLU A 7 -39.51 24.08 5.09
C GLU A 7 -38.75 22.81 5.48
N ARG A 8 -38.25 22.08 4.50
CA ARG A 8 -37.50 20.84 4.82
C ARG A 8 -36.28 21.19 5.67
N ALA A 9 -35.22 20.43 5.55
CA ALA A 9 -34.00 20.73 6.35
C ALA A 9 -32.79 19.96 5.81
N ILE A 10 -32.89 19.45 4.60
CA ILE A 10 -31.75 18.69 4.02
C ILE A 10 -31.18 17.72 5.06
N PRO A 11 -31.93 16.73 5.44
CA PRO A 11 -31.52 15.73 6.45
C PRO A 11 -30.12 15.16 6.20
N ILE A 12 -29.10 15.81 6.72
CA ILE A 12 -27.70 15.33 6.53
C ILE A 12 -27.57 13.91 7.09
N TRP A 13 -28.43 13.54 7.99
CA TRP A 13 -28.38 12.17 8.58
C TRP A 13 -28.28 11.19 7.43
N TRP A 14 -29.17 11.37 6.51
CA TRP A 14 -29.19 10.51 5.31
C TRP A 14 -27.80 10.53 4.68
N VAL A 15 -27.32 11.70 4.40
CA VAL A 15 -25.96 11.83 3.80
C VAL A 15 -24.95 11.25 4.78
N LEU A 16 -25.11 11.58 6.03
CA LEU A 16 -24.19 11.06 7.08
C LEU A 16 -24.22 9.54 7.05
N VAL A 17 -25.39 8.98 7.11
CA VAL A 17 -25.53 7.50 7.12
C VAL A 17 -24.90 6.93 5.86
N GLY A 18 -24.98 7.64 4.78
CA GLY A 18 -24.35 7.15 3.54
C GLY A 18 -22.85 7.38 3.66
N VAL A 19 -22.47 8.54 4.13
CA VAL A 19 -21.02 8.83 4.32
C VAL A 19 -20.48 7.87 5.39
N LEU A 20 -21.31 7.46 6.31
CA LEU A 20 -20.85 6.52 7.36
C LEU A 20 -20.56 5.18 6.69
N GLY A 21 -21.37 4.81 5.75
CA GLY A 21 -21.13 3.53 5.05
C GLY A 21 -19.93 3.69 4.15
N GLY A 22 -19.57 4.91 3.88
CA GLY A 22 -18.39 5.13 3.02
C GLY A 22 -17.18 4.76 3.84
N LEU A 23 -17.31 4.83 5.14
CA LEU A 23 -16.19 4.42 6.02
C LEU A 23 -16.21 2.90 5.98
N LEU A 24 -17.38 2.34 5.93
CA LEU A 24 -17.51 0.88 5.83
C LEU A 24 -16.92 0.47 4.47
N LEU A 25 -17.22 1.20 3.43
CA LEU A 25 -16.63 0.87 2.11
C LEU A 25 -15.13 1.16 2.15
N LEU A 26 -14.78 2.26 2.74
CA LEU A 26 -13.34 2.63 2.84
C LEU A 26 -12.55 1.46 3.40
N THR A 27 -13.08 0.79 4.38
CA THR A 27 -12.33 -0.34 4.98
C THR A 27 -12.30 -1.56 4.07
N ILE A 28 -13.39 -1.87 3.43
CA ILE A 28 -13.42 -3.08 2.55
C ILE A 28 -12.61 -2.82 1.29
N LEU A 29 -12.59 -1.60 0.86
CA LEU A 29 -11.82 -1.25 -0.35
C LEU A 29 -10.36 -1.22 0.01
N VAL A 30 -10.09 -0.59 1.10
CA VAL A 30 -8.69 -0.50 1.58
C VAL A 30 -8.23 -1.91 1.87
N LEU A 31 -9.08 -2.72 2.43
CA LEU A 31 -8.65 -4.12 2.72
C LEU A 31 -8.62 -4.92 1.45
N ALA A 32 -9.63 -4.78 0.68
CA ALA A 32 -9.69 -5.58 -0.55
C ALA A 32 -8.47 -5.32 -1.40
N MET A 33 -7.99 -4.11 -1.45
CA MET A 33 -6.78 -3.87 -2.28
C MET A 33 -5.58 -4.40 -1.51
N TRP A 34 -5.63 -4.32 -0.22
CA TRP A 34 -4.52 -4.85 0.60
C TRP A 34 -4.54 -6.37 0.40
N LYS A 35 -5.72 -6.93 0.30
CA LYS A 35 -5.86 -8.40 0.09
C LYS A 35 -5.32 -8.74 -1.30
N VAL A 36 -5.59 -7.91 -2.25
CA VAL A 36 -5.11 -8.19 -3.62
C VAL A 36 -3.59 -8.38 -3.60
N GLY A 37 -2.96 -8.23 -2.46
CA GLY A 37 -1.48 -8.41 -2.38
C GLY A 37 -1.10 -9.02 -1.04
N PHE A 38 -1.89 -8.77 -0.03
CA PHE A 38 -1.59 -9.31 1.31
C PHE A 38 -2.07 -10.76 1.39
N PHE A 39 -2.89 -11.15 0.48
CA PHE A 39 -3.42 -12.54 0.48
C PHE A 39 -2.46 -13.43 -0.30
N LYS A 40 -1.77 -12.84 -1.22
CA LYS A 40 -0.80 -13.57 -2.04
C LYS A 40 0.22 -14.23 -1.12
N ARG A 41 0.67 -13.51 -0.14
CA ARG A 41 1.67 -14.06 0.81
C ARG A 41 0.97 -14.82 1.92
N ASN A 42 1.27 -14.49 3.14
CA ASN A 42 0.63 -15.17 4.29
C ASN A 42 0.67 -16.70 4.06
N ARG A 43 1.82 -17.21 3.72
CA ARG A 43 1.97 -18.66 3.42
C ARG A 43 2.70 -19.39 4.56
N PRO A 44 1.97 -19.98 5.49
CA PRO A 44 2.59 -20.78 6.58
C PRO A 44 2.87 -22.29 6.26
N PRO A 45 2.78 -22.79 5.03
CA PRO A 45 3.08 -24.22 4.74
C PRO A 45 4.57 -24.43 4.45
N LEU A 46 4.92 -25.51 3.80
CA LEU A 46 6.35 -25.75 3.48
C LEU A 46 6.75 -24.81 2.34
N GLU A 47 6.40 -23.55 2.44
CA GLU A 47 6.74 -22.57 1.37
C GLU A 47 8.20 -22.76 0.93
N GLU A 48 8.45 -22.69 -0.35
CA GLU A 48 9.84 -22.86 -0.85
C GLU A 48 10.62 -21.55 -0.69
N ASP A 49 11.93 -21.63 -0.70
CA ASP A 49 12.78 -20.41 -0.53
C ASP A 49 13.55 -20.14 -1.83
N ASP A 50 12.88 -20.15 -2.95
CA ASP A 50 13.56 -19.91 -4.27
C ASP A 50 13.22 -18.49 -4.74
N GLU A 51 13.32 -18.24 -6.02
CA GLU A 51 13.00 -16.88 -6.54
C GLU A 51 11.65 -16.43 -5.98
N GLU A 52 10.72 -17.33 -5.83
CA GLU A 52 9.39 -16.96 -5.29
C GLU A 52 9.51 -16.69 -3.78
N GLY A 53 10.17 -15.63 -3.41
CA GLY A 53 10.32 -15.31 -1.96
C GLY A 53 11.17 -14.06 -1.79
N GLU A 54 12.47 -14.20 -1.81
CA GLU A 54 13.35 -13.02 -1.64
C GLU A 54 14.80 -13.42 -2.00
N GLY B 1 -30.55 -1.49 6.16
CA GLY B 1 -30.17 -0.33 7.09
C GLY B 1 -30.67 1.05 6.79
N ALA B 2 -31.29 1.23 5.65
CA ALA B 2 -31.82 2.57 5.29
C ALA B 2 -32.67 2.47 4.03
N MET B 3 -33.95 2.29 4.19
CA MET B 3 -34.84 2.18 2.99
C MET B 3 -35.05 3.57 2.39
N GLY B 4 -36.29 3.99 2.24
CA GLY B 4 -36.55 5.34 1.67
C GLY B 4 -37.99 5.74 1.95
N SER B 5 -38.59 6.52 1.08
CA SER B 5 -40.01 6.94 1.31
C SER B 5 -40.67 7.24 -0.04
N LYS B 6 -41.68 8.06 -0.05
CA LYS B 6 -42.38 8.40 -1.32
C LYS B 6 -42.70 9.89 -1.36
N GLY B 7 -42.38 10.61 -0.31
CA GLY B 7 -42.67 12.07 -0.30
C GLY B 7 -41.77 12.78 -1.31
N PRO B 8 -40.53 13.00 -0.96
CA PRO B 8 -39.55 13.69 -1.85
C PRO B 8 -39.18 12.82 -3.06
N ASP B 9 -38.02 13.02 -3.59
CA ASP B 9 -37.56 12.23 -4.77
C ASP B 9 -36.51 11.19 -4.32
N ILE B 10 -35.78 11.53 -3.30
CA ILE B 10 -34.71 10.64 -2.72
C ILE B 10 -33.74 10.10 -3.78
N LEU B 11 -34.19 9.78 -4.96
CA LEU B 11 -33.27 9.23 -6.01
C LEU B 11 -32.15 10.24 -6.31
N VAL B 12 -32.49 11.47 -6.59
CA VAL B 12 -31.44 12.48 -6.92
C VAL B 12 -30.43 12.60 -5.76
N VAL B 13 -30.90 12.86 -4.57
CA VAL B 13 -29.95 13.01 -3.43
C VAL B 13 -29.28 11.66 -3.13
N LEU B 14 -30.01 10.59 -3.16
CA LEU B 14 -29.39 9.26 -2.88
C LEU B 14 -28.23 9.03 -3.85
N LEU B 15 -28.42 9.35 -5.10
CA LEU B 15 -27.33 9.15 -6.09
C LEU B 15 -26.11 9.95 -5.64
N SER B 16 -26.30 11.17 -5.22
CA SER B 16 -25.14 11.99 -4.76
C SER B 16 -24.52 11.32 -3.53
N VAL B 17 -25.33 10.96 -2.58
CA VAL B 17 -24.81 10.30 -1.35
C VAL B 17 -23.96 9.07 -1.74
N MET B 18 -24.50 8.20 -2.55
CA MET B 18 -23.73 7.00 -2.96
C MET B 18 -22.39 7.43 -3.55
N GLY B 19 -22.38 8.46 -4.36
CA GLY B 19 -21.10 8.93 -4.96
C GLY B 19 -20.07 9.13 -3.85
N ALA B 20 -20.42 9.84 -2.81
CA ALA B 20 -19.45 10.08 -1.70
C ALA B 20 -18.90 8.74 -1.23
N ILE B 21 -19.75 7.78 -0.93
CA ILE B 21 -19.24 6.46 -0.46
C ILE B 21 -18.23 5.95 -1.49
N LEU B 22 -18.61 5.93 -2.73
CA LEU B 22 -17.70 5.45 -3.79
C LEU B 22 -16.47 6.36 -3.87
N LEU B 23 -16.67 7.65 -3.83
CA LEU B 23 -15.51 8.60 -3.90
C LEU B 23 -14.65 8.45 -2.63
N ILE B 24 -15.27 8.40 -1.48
CA ILE B 24 -14.48 8.27 -0.22
C ILE B 24 -13.61 7.01 -0.28
N GLY B 25 -14.06 5.99 -0.96
CA GLY B 25 -13.26 4.74 -1.05
C GLY B 25 -12.21 4.90 -2.14
N LEU B 26 -12.58 5.56 -3.21
CA LEU B 26 -11.60 5.77 -4.32
C LEU B 26 -10.50 6.69 -3.79
N ALA B 27 -10.84 7.57 -2.90
CA ALA B 27 -9.81 8.49 -2.33
C ALA B 27 -8.92 7.69 -1.39
N ALA B 28 -9.51 6.88 -0.56
CA ALA B 28 -8.70 6.06 0.38
C ALA B 28 -7.99 4.98 -0.42
N LEU B 29 -8.60 4.51 -1.47
CA LEU B 29 -7.95 3.45 -2.28
C LEU B 29 -6.57 3.95 -2.71
N LEU B 30 -6.52 5.11 -3.32
CA LEU B 30 -5.20 5.65 -3.78
C LEU B 30 -4.23 5.77 -2.60
N ILE B 31 -4.65 6.38 -1.52
CA ILE B 31 -3.75 6.54 -0.34
C ILE B 31 -3.24 5.17 0.13
N TRP B 32 -4.12 4.25 0.38
CA TRP B 32 -3.67 2.90 0.86
C TRP B 32 -2.80 2.25 -0.23
N LYS B 33 -3.01 2.61 -1.47
CA LYS B 33 -2.19 2.01 -2.58
C LYS B 33 -0.71 2.30 -2.31
N LEU B 34 -0.39 3.55 -2.11
CA LEU B 34 1.02 3.92 -1.85
C LEU B 34 1.45 3.29 -0.55
N LEU B 35 0.53 3.09 0.34
CA LEU B 35 0.87 2.47 1.65
C LEU B 35 1.26 1.01 1.47
N ILE B 36 0.72 0.30 0.52
CA ILE B 36 1.14 -1.13 0.36
C ILE B 36 2.57 -1.12 -0.21
N THR B 37 2.84 -0.23 -1.13
CA THR B 37 4.20 -0.17 -1.74
C THR B 37 5.23 0.33 -0.72
N ILE B 38 4.91 1.35 0.03
CA ILE B 38 5.89 1.88 1.02
C ILE B 38 6.41 0.74 1.89
N HIS B 39 5.57 -0.15 2.33
CA HIS B 39 6.07 -1.28 3.17
C HIS B 39 7.22 -1.96 2.42
N ASP B 40 7.17 -1.94 1.12
CA ASP B 40 8.25 -2.58 0.30
C ASP B 40 9.39 -1.58 0.05
N ARG B 41 9.10 -0.30 0.02
CA ARG B 41 10.18 0.69 -0.25
C ARG B 41 11.42 0.36 0.59
N LYS B 42 11.24 -0.18 1.76
CA LYS B 42 12.40 -0.52 2.60
C LYS B 42 13.21 -1.62 1.92
N GLU B 43 12.61 -2.75 1.67
CA GLU B 43 13.36 -3.84 0.98
C GLU B 43 13.75 -3.36 -0.41
N PHE B 44 12.83 -2.80 -1.14
CA PHE B 44 13.16 -2.30 -2.50
C PHE B 44 14.40 -1.40 -2.39
N ALA B 45 14.49 -0.63 -1.34
CA ALA B 45 15.67 0.23 -1.16
C ALA B 45 16.84 -0.64 -0.71
N LYS B 46 16.69 -1.32 0.40
CA LYS B 46 17.75 -2.21 0.90
C LYS B 46 18.22 -3.12 -0.25
N PHE B 47 17.35 -3.42 -1.18
CA PHE B 47 17.75 -4.30 -2.31
C PHE B 47 18.74 -3.56 -3.21
N GLU B 48 18.33 -2.45 -3.76
CA GLU B 48 19.23 -1.67 -4.63
C GLU B 48 20.38 -1.09 -3.81
N GLU B 49 20.18 -0.92 -2.54
CA GLU B 49 21.26 -0.36 -1.67
C GLU B 49 22.44 -1.34 -1.66
N GLU B 50 22.18 -2.61 -1.55
CA GLU B 50 23.29 -3.59 -1.53
C GLU B 50 23.89 -3.74 -2.93
N ARG B 51 23.06 -3.75 -3.94
CA ARG B 51 23.58 -3.89 -5.33
C ARG B 51 24.53 -2.74 -5.64
N ALA B 52 24.35 -1.62 -5.01
CA ALA B 52 25.25 -0.46 -5.27
C ALA B 52 26.57 -0.67 -4.52
N ARG B 53 26.51 -0.98 -3.26
CA ARG B 53 27.76 -1.19 -2.47
C ARG B 53 28.48 -2.45 -2.96
N ALA B 54 27.77 -3.53 -3.13
CA ALA B 54 28.43 -4.79 -3.60
C ALA B 54 29.35 -4.49 -4.78
N LYS B 55 28.97 -3.58 -5.62
CA LYS B 55 29.81 -3.24 -6.80
C LYS B 55 31.13 -2.64 -6.34
N TRP B 56 31.07 -1.48 -5.75
CA TRP B 56 32.31 -0.83 -5.27
C TRP B 56 33.09 -1.83 -4.43
N ASP B 57 32.39 -2.82 -3.95
CA ASP B 57 33.06 -3.87 -3.11
C ASP B 57 33.63 -4.97 -4.00
N THR B 58 33.86 -4.66 -5.25
CA THR B 58 34.42 -5.67 -6.18
C THR B 58 34.86 -5.00 -7.47
N ALA B 59 34.57 -5.59 -8.58
CA ALA B 59 34.99 -4.99 -9.87
C ALA B 59 36.50 -4.81 -9.85
N ASN B 60 36.97 -3.69 -10.29
CA ASN B 60 38.44 -3.45 -10.27
C ASN B 60 38.93 -3.23 -8.84
N ASN B 61 38.43 -3.99 -7.89
CA ASN B 61 38.87 -3.81 -6.46
C ASN B 61 39.37 -5.16 -5.90
N PRO B 62 40.58 -5.53 -6.22
CA PRO B 62 41.20 -6.80 -5.75
C PRO B 62 42.01 -6.59 -4.47
N LEU B 63 41.67 -5.59 -3.71
CA LEU B 63 42.40 -5.31 -2.47
C LEU B 63 42.34 -6.54 -1.54
N TYR B 64 41.33 -7.35 -1.68
CA TYR B 64 41.21 -8.56 -0.83
C TYR B 64 42.00 -9.71 -1.48
N LYS B 65 41.62 -10.06 -2.66
CA LYS B 65 42.31 -11.18 -3.38
C LYS B 65 43.82 -11.02 -3.22
N GLU B 66 44.30 -9.80 -3.17
CA GLU B 66 45.76 -9.58 -3.03
C GLU B 66 46.23 -10.23 -1.72
N ALA B 67 45.68 -9.83 -0.61
CA ALA B 67 46.10 -10.41 0.69
C ALA B 67 47.60 -10.17 0.89
N THR B 68 48.01 -8.94 0.95
CA THR B 68 49.45 -8.63 1.15
C THR B 68 49.60 -7.36 1.99
N SER B 69 49.06 -7.37 3.18
CA SER B 69 49.17 -6.16 4.05
C SER B 69 50.64 -5.89 4.36
N THR B 70 50.92 -4.84 5.07
CA THR B 70 52.34 -4.51 5.40
C THR B 70 52.77 -5.33 6.62
N PHE B 71 51.83 -5.68 7.46
CA PHE B 71 52.18 -6.48 8.68
C PHE B 71 52.54 -7.90 8.25
N THR B 72 52.80 -8.77 9.20
CA THR B 72 53.15 -10.18 8.90
C THR B 72 54.06 -10.25 7.67
N ASN B 73 55.01 -9.35 7.59
CA ASN B 73 55.95 -9.33 6.42
C ASN B 73 57.29 -9.93 6.85
N ILE B 74 57.24 -10.95 7.66
CA ILE B 74 58.50 -11.60 8.17
C ILE B 74 58.56 -13.05 7.68
N THR B 75 59.69 -13.49 7.22
CA THR B 75 59.81 -14.89 6.72
C THR B 75 61.27 -15.32 6.75
N TYR B 76 61.53 -16.60 6.69
CA TYR B 76 62.94 -17.09 6.71
C TYR B 76 63.67 -16.59 5.46
N ARG B 77 64.77 -15.91 5.64
CA ARG B 77 65.54 -15.39 4.46
C ARG B 77 67.03 -15.41 4.78
N GLY B 78 67.83 -14.79 3.95
CA GLY B 78 69.29 -14.77 4.20
C GLY B 78 69.98 -13.88 3.17
N THR B 79 70.73 -14.46 2.27
CA THR B 79 71.43 -13.64 1.24
C THR B 79 70.39 -13.04 0.27
N GLY A 1 -37.31 21.29 -11.78
CA GLY A 1 -37.23 20.20 -10.69
C GLY A 1 -37.34 20.58 -9.26
N ALA A 2 -37.04 21.80 -8.93
CA ALA A 2 -37.12 22.23 -7.51
C ALA A 2 -37.17 23.76 -7.44
N MET A 3 -37.79 24.30 -6.42
CA MET A 3 -37.87 25.78 -6.30
C MET A 3 -38.22 26.16 -4.86
N GLY A 4 -39.12 25.44 -4.26
CA GLY A 4 -39.51 25.76 -2.85
C GLY A 4 -40.30 24.59 -2.27
N SER A 5 -40.38 24.49 -0.96
CA SER A 5 -41.15 23.38 -0.35
C SER A 5 -41.43 23.70 1.12
N GLU A 6 -42.66 23.98 1.45
CA GLU A 6 -43.01 24.30 2.86
C GLU A 6 -42.92 23.04 3.71
N GLU A 7 -42.43 21.99 3.12
CA GLU A 7 -42.31 20.70 3.86
C GLU A 7 -41.11 20.77 4.80
N ARG A 8 -40.01 21.29 4.35
CA ARG A 8 -38.80 21.39 5.22
C ARG A 8 -38.38 20.00 5.70
N ALA A 9 -37.19 19.59 5.37
CA ALA A 9 -36.72 18.24 5.80
C ALA A 9 -35.21 18.12 5.58
N ILE A 10 -34.77 18.26 4.36
CA ILE A 10 -33.30 18.15 4.08
C ILE A 10 -32.78 16.85 4.71
N PRO A 11 -33.15 15.73 4.15
CA PRO A 11 -32.73 14.38 4.65
C PRO A 11 -31.21 14.18 4.72
N ILE A 12 -30.50 15.05 5.38
CA ILE A 12 -29.02 14.85 5.48
C ILE A 12 -28.73 13.45 5.99
N TRP A 13 -29.65 12.87 6.72
CA TRP A 13 -29.46 11.50 7.24
C TRP A 13 -29.13 10.62 6.06
N TRP A 14 -29.92 10.76 5.05
CA TRP A 14 -29.70 9.99 3.81
C TRP A 14 -28.27 10.22 3.35
N VAL A 15 -27.89 11.46 3.27
CA VAL A 15 -26.51 11.81 2.84
C VAL A 15 -25.54 11.28 3.89
N LEU A 16 -25.86 11.49 5.13
CA LEU A 16 -24.98 11.00 6.23
C LEU A 16 -24.89 9.48 6.18
N VAL A 17 -26.00 8.82 6.07
CA VAL A 17 -26.01 7.33 6.04
C VAL A 17 -25.19 6.86 4.87
N GLY A 18 -25.21 7.58 3.80
CA GLY A 18 -24.40 7.18 2.63
C GLY A 18 -22.94 7.49 2.95
N VAL A 19 -22.70 8.66 3.49
CA VAL A 19 -21.31 9.04 3.86
C VAL A 19 -20.83 8.11 4.97
N LEU A 20 -21.75 7.61 5.77
CA LEU A 20 -21.37 6.69 6.87
C LEU A 20 -20.98 5.35 6.24
N GLY A 21 -21.67 4.96 5.21
CA GLY A 21 -21.34 3.67 4.55
C GLY A 21 -20.04 3.83 3.79
N GLY A 22 -19.67 5.04 3.52
CA GLY A 22 -18.40 5.25 2.80
C GLY A 22 -17.29 4.94 3.79
N LEU A 23 -17.59 5.07 5.05
CA LEU A 23 -16.57 4.73 6.06
C LEU A 23 -16.55 3.21 6.11
N LEU A 24 -17.70 2.61 5.91
CA LEU A 24 -17.79 1.14 5.87
C LEU A 24 -17.05 0.69 4.61
N LEU A 25 -17.23 1.37 3.51
CA LEU A 25 -16.51 0.99 2.28
C LEU A 25 -15.04 1.32 2.47
N LEU A 26 -14.76 2.47 3.02
CA LEU A 26 -13.35 2.87 3.25
C LEU A 26 -12.61 1.75 3.97
N THR A 27 -13.25 1.13 4.92
CA THR A 27 -12.55 0.06 5.70
C THR A 27 -12.39 -1.22 4.89
N ILE A 28 -13.38 -1.60 4.13
CA ILE A 28 -13.28 -2.85 3.32
C ILE A 28 -12.33 -2.63 2.15
N LEU A 29 -12.26 -1.43 1.68
CA LEU A 29 -11.36 -1.12 0.55
C LEU A 29 -9.96 -1.02 1.12
N VAL A 30 -9.85 -0.35 2.24
CA VAL A 30 -8.53 -0.22 2.90
C VAL A 30 -8.02 -1.63 3.13
N LEU A 31 -8.87 -2.51 3.53
CA LEU A 31 -8.45 -3.91 3.78
C LEU A 31 -8.25 -4.62 2.47
N ALA A 32 -9.12 -4.40 1.55
CA ALA A 32 -9.00 -5.09 0.27
C ALA A 32 -7.67 -4.74 -0.37
N MET A 33 -7.22 -3.52 -0.25
CA MET A 33 -5.91 -3.19 -0.85
C MET A 33 -4.82 -3.78 0.04
N TRP A 34 -5.08 -3.83 1.31
CA TRP A 34 -4.12 -4.43 2.25
C TRP A 34 -4.07 -5.92 1.92
N LYS A 35 -5.19 -6.48 1.58
CA LYS A 35 -5.23 -7.93 1.22
C LYS A 35 -4.48 -8.14 -0.09
N VAL A 36 -4.65 -7.23 -0.99
CA VAL A 36 -3.95 -7.35 -2.30
C VAL A 36 -2.44 -7.47 -2.07
N GLY A 37 -2.00 -7.39 -0.83
CA GLY A 37 -0.53 -7.48 -0.55
C GLY A 37 -0.31 -8.23 0.76
N PHE A 38 -1.24 -8.13 1.65
CA PHE A 38 -1.10 -8.82 2.96
C PHE A 38 -1.47 -10.28 2.82
N PHE A 39 -2.15 -10.60 1.76
CA PHE A 39 -2.58 -12.02 1.53
C PHE A 39 -1.56 -12.68 0.60
N LYS A 40 -0.74 -11.88 0.01
CA LYS A 40 0.29 -12.38 -0.92
C LYS A 40 1.52 -12.82 -0.12
N ARG A 41 1.93 -12.00 0.80
CA ARG A 41 3.13 -12.31 1.60
C ARG A 41 2.85 -13.37 2.65
N ASN A 42 1.66 -13.41 3.09
CA ASN A 42 1.29 -14.43 4.12
C ASN A 42 1.32 -15.81 3.46
N ARG A 43 2.12 -15.93 2.42
CA ARG A 43 2.28 -17.22 1.67
C ARG A 43 1.84 -18.46 2.46
N PRO A 44 0.57 -18.80 2.37
CA PRO A 44 0.04 -20.03 3.03
C PRO A 44 0.60 -21.40 2.51
N PRO A 45 1.28 -21.49 1.36
CA PRO A 45 1.80 -22.81 0.87
C PRO A 45 3.27 -23.03 1.23
N LEU A 46 3.97 -23.82 0.47
CA LEU A 46 5.41 -24.06 0.76
C LEU A 46 6.19 -22.80 0.42
N GLU A 47 6.72 -22.12 1.40
CA GLU A 47 7.49 -20.87 1.12
C GLU A 47 8.91 -21.23 0.68
N GLU A 48 9.57 -22.07 1.44
CA GLU A 48 10.97 -22.46 1.08
C GLU A 48 11.03 -22.86 -0.39
N ASP A 49 11.98 -22.31 -1.13
CA ASP A 49 12.10 -22.64 -2.57
C ASP A 49 10.73 -22.58 -3.24
N ASP A 50 10.24 -21.40 -3.52
CA ASP A 50 8.90 -21.25 -4.17
C ASP A 50 9.10 -20.91 -5.65
N GLU A 51 8.47 -21.65 -6.54
CA GLU A 51 8.60 -21.37 -7.99
C GLU A 51 10.06 -21.45 -8.44
N GLU A 52 10.85 -20.48 -8.06
CA GLU A 52 12.28 -20.45 -8.44
C GLU A 52 12.88 -21.86 -8.42
N GLY A 53 13.22 -22.38 -9.57
CA GLY A 53 13.80 -23.75 -9.63
C GLY A 53 13.92 -24.18 -11.10
N GLU A 54 13.07 -23.66 -11.95
CA GLU A 54 13.15 -24.03 -13.39
C GLU A 54 12.18 -23.15 -14.19
N GLY B 1 -39.24 -1.22 3.21
CA GLY B 1 -40.28 -0.25 3.79
C GLY B 1 -40.72 0.91 2.98
N ALA B 2 -39.92 1.35 2.05
CA ALA B 2 -40.33 2.51 1.21
C ALA B 2 -39.35 2.65 0.03
N MET B 3 -39.75 2.26 -1.14
CA MET B 3 -38.85 2.37 -2.31
C MET B 3 -38.61 3.85 -2.63
N GLY B 4 -39.54 4.50 -3.26
CA GLY B 4 -39.36 5.94 -3.60
C GLY B 4 -39.78 6.80 -2.40
N SER B 5 -39.25 7.99 -2.30
CA SER B 5 -39.63 8.87 -1.16
C SER B 5 -41.08 9.30 -1.29
N LYS B 6 -41.52 10.23 -0.49
CA LYS B 6 -42.93 10.69 -0.58
C LYS B 6 -43.07 11.71 -1.70
N GLY B 7 -42.61 12.92 -1.49
CA GLY B 7 -42.72 13.97 -2.55
C GLY B 7 -41.43 14.02 -3.37
N PRO B 8 -40.31 14.22 -2.72
CA PRO B 8 -38.97 14.29 -3.41
C PRO B 8 -38.69 13.07 -4.28
N ASP B 9 -37.53 12.52 -4.17
CA ASP B 9 -37.17 11.33 -4.99
C ASP B 9 -36.00 10.59 -4.33
N ILE B 10 -35.15 11.31 -3.65
CA ILE B 10 -33.99 10.68 -2.97
C ILE B 10 -33.07 10.01 -4.01
N LEU B 11 -33.49 9.94 -5.25
CA LEU B 11 -32.64 9.31 -6.29
C LEU B 11 -31.48 10.25 -6.68
N VAL B 12 -31.79 11.48 -6.98
CA VAL B 12 -30.71 12.44 -7.36
C VAL B 12 -29.63 12.47 -6.29
N VAL B 13 -29.99 12.70 -5.06
CA VAL B 13 -28.98 12.73 -3.98
C VAL B 13 -28.25 11.38 -3.91
N LEU B 14 -28.98 10.31 -4.05
CA LEU B 14 -28.33 8.96 -3.99
C LEU B 14 -27.15 8.94 -4.97
N LEU B 15 -27.39 9.28 -6.21
CA LEU B 15 -26.30 9.29 -7.20
C LEU B 15 -25.10 10.08 -6.65
N SER B 16 -25.33 11.29 -6.23
CA SER B 16 -24.21 12.11 -5.67
C SER B 16 -23.69 11.46 -4.38
N VAL B 17 -24.57 11.19 -3.46
CA VAL B 17 -24.14 10.56 -2.18
C VAL B 17 -23.35 9.27 -2.46
N MET B 18 -23.84 8.45 -3.35
CA MET B 18 -23.11 7.18 -3.66
C MET B 18 -21.71 7.52 -4.17
N GLY B 19 -21.59 8.51 -5.01
CA GLY B 19 -20.24 8.87 -5.54
C GLY B 19 -19.31 9.12 -4.35
N ALA B 20 -19.79 9.82 -3.35
CA ALA B 20 -18.93 10.09 -2.17
C ALA B 20 -18.42 8.78 -1.59
N ILE B 21 -19.28 7.83 -1.36
CA ILE B 21 -18.82 6.52 -0.82
C ILE B 21 -17.70 5.99 -1.70
N LEU B 22 -17.91 6.03 -2.99
CA LEU B 22 -16.89 5.53 -3.95
C LEU B 22 -15.66 6.46 -3.93
N LEU B 23 -15.89 7.75 -3.88
CA LEU B 23 -14.76 8.71 -3.87
C LEU B 23 -14.04 8.64 -2.51
N ILE B 24 -14.78 8.47 -1.44
CA ILE B 24 -14.15 8.41 -0.10
C ILE B 24 -13.30 7.14 0.02
N GLY B 25 -13.71 6.07 -0.59
CA GLY B 25 -12.95 4.80 -0.50
C GLY B 25 -11.76 4.85 -1.46
N LEU B 26 -11.95 5.41 -2.62
CA LEU B 26 -10.82 5.50 -3.59
C LEU B 26 -9.85 6.56 -3.09
N ALA B 27 -10.34 7.53 -2.39
CA ALA B 27 -9.44 8.59 -1.86
C ALA B 27 -8.59 8.00 -0.74
N ALA B 28 -9.21 7.26 0.14
CA ALA B 28 -8.44 6.63 1.25
C ALA B 28 -7.65 5.46 0.70
N LEU B 29 -8.15 4.80 -0.30
CA LEU B 29 -7.40 3.65 -0.88
C LEU B 29 -6.01 4.15 -1.29
N LEU B 30 -5.97 5.25 -2.01
CA LEU B 30 -4.66 5.81 -2.45
C LEU B 30 -3.78 6.12 -1.24
N ILE B 31 -4.26 6.88 -0.31
CA ILE B 31 -3.43 7.21 0.89
C ILE B 31 -2.98 5.92 1.59
N TRP B 32 -3.90 5.03 1.83
CA TRP B 32 -3.52 3.76 2.52
C TRP B 32 -2.55 2.95 1.66
N LYS B 33 -2.56 3.16 0.38
CA LYS B 33 -1.62 2.40 -0.52
C LYS B 33 -0.18 2.87 -0.25
N LEU B 34 0.05 4.15 -0.20
CA LEU B 34 1.43 4.66 0.06
C LEU B 34 1.87 4.15 1.42
N LEU B 35 1.00 4.16 2.39
CA LEU B 35 1.38 3.67 3.74
C LEU B 35 1.85 2.22 3.62
N ILE B 36 1.19 1.46 2.79
CA ILE B 36 1.57 0.02 2.63
C ILE B 36 2.83 -0.06 1.77
N THR B 37 2.95 0.77 0.77
CA THR B 37 4.16 0.72 -0.09
C THR B 37 5.39 1.03 0.78
N ILE B 38 5.20 1.74 1.86
CA ILE B 38 6.36 2.06 2.73
C ILE B 38 6.76 0.81 3.51
N HIS B 39 5.81 0.03 3.94
CA HIS B 39 6.16 -1.21 4.69
C HIS B 39 7.14 -2.01 3.82
N ASP B 40 7.06 -1.86 2.53
CA ASP B 40 7.96 -2.60 1.61
C ASP B 40 9.27 -1.82 1.40
N ARG B 41 9.24 -0.51 1.47
CA ARG B 41 10.49 0.28 1.25
C ARG B 41 11.62 -0.33 2.08
N LYS B 42 11.31 -0.88 3.22
CA LYS B 42 12.35 -1.49 4.06
C LYS B 42 12.92 -2.72 3.35
N GLU B 43 12.10 -3.69 3.02
CA GLU B 43 12.62 -4.89 2.32
C GLU B 43 13.18 -4.45 0.96
N PHE B 44 12.44 -3.65 0.24
CA PHE B 44 12.96 -3.18 -1.09
C PHE B 44 14.32 -2.53 -0.84
N ALA B 45 14.44 -1.83 0.26
CA ALA B 45 15.74 -1.18 0.59
C ALA B 45 16.71 -2.27 1.02
N LYS B 46 16.37 -3.01 2.05
CA LYS B 46 17.23 -4.09 2.52
C LYS B 46 17.65 -4.96 1.32
N PHE B 47 16.85 -4.99 0.29
CA PHE B 47 17.19 -5.82 -0.90
C PHE B 47 18.38 -5.18 -1.61
N GLU B 48 18.20 -3.98 -2.07
CA GLU B 48 19.29 -3.28 -2.79
C GLU B 48 20.44 -2.98 -1.81
N GLU B 49 20.13 -2.92 -0.54
CA GLU B 49 21.20 -2.64 0.46
C GLU B 49 22.21 -3.79 0.44
N GLU B 50 21.74 -5.00 0.55
CA GLU B 50 22.67 -6.16 0.53
C GLU B 50 23.43 -6.20 -0.80
N ARG B 51 22.74 -5.96 -1.88
CA ARG B 51 23.43 -5.97 -3.21
C ARG B 51 24.57 -4.96 -3.19
N ALA B 52 24.41 -3.88 -2.48
CA ALA B 52 25.50 -2.85 -2.42
C ALA B 52 26.63 -3.35 -1.52
N ARG B 53 26.30 -3.99 -0.44
CA ARG B 53 27.37 -4.50 0.47
C ARG B 53 28.34 -5.38 -0.32
N ALA B 54 27.87 -6.46 -0.87
CA ALA B 54 28.76 -7.35 -1.66
C ALA B 54 29.56 -6.52 -2.66
N LYS B 55 28.90 -5.59 -3.32
CA LYS B 55 29.59 -4.73 -4.31
C LYS B 55 30.67 -3.91 -3.63
N TRP B 56 30.27 -3.05 -2.74
CA TRP B 56 31.26 -2.21 -2.02
C TRP B 56 32.32 -3.15 -1.43
N ASP B 57 31.96 -4.39 -1.27
CA ASP B 57 32.92 -5.39 -0.70
C ASP B 57 33.74 -6.01 -1.83
N THR B 58 33.57 -5.50 -3.01
CA THR B 58 34.32 -6.02 -4.18
C THR B 58 34.39 -4.93 -5.25
N ALA B 59 34.23 -5.28 -6.48
CA ALA B 59 34.30 -4.25 -7.55
C ALA B 59 35.63 -3.50 -7.42
N ASN B 60 35.59 -2.21 -7.50
CA ASN B 60 36.84 -1.42 -7.38
C ASN B 60 37.37 -1.48 -5.94
N ASN B 61 37.13 -2.57 -5.24
CA ASN B 61 37.62 -2.67 -3.82
C ASN B 61 38.16 -4.09 -3.56
N PRO B 62 39.23 -4.45 -4.21
CA PRO B 62 39.86 -5.79 -4.04
C PRO B 62 40.96 -5.79 -2.99
N LEU B 63 40.92 -4.84 -2.10
CA LEU B 63 41.98 -4.76 -1.04
C LEU B 63 42.21 -6.14 -0.43
N TYR B 64 41.17 -6.88 -0.21
CA TYR B 64 41.33 -8.24 0.38
C TYR B 64 42.08 -9.13 -0.61
N LYS B 65 41.45 -9.43 -1.71
CA LYS B 65 42.10 -10.29 -2.73
C LYS B 65 43.55 -9.86 -2.96
N GLU B 66 43.80 -8.58 -2.98
CA GLU B 66 45.18 -8.10 -3.20
C GLU B 66 46.11 -8.73 -2.17
N ALA B 67 45.64 -8.92 -0.97
CA ALA B 67 46.49 -9.53 0.09
C ALA B 67 47.51 -8.49 0.57
N THR B 68 47.08 -7.55 1.37
CA THR B 68 48.00 -6.51 1.87
C THR B 68 49.00 -7.10 2.86
N SER B 69 49.21 -8.39 2.79
CA SER B 69 50.17 -9.06 3.71
C SER B 69 51.52 -9.20 3.01
N THR B 70 51.94 -8.19 2.29
CA THR B 70 53.25 -8.25 1.56
C THR B 70 54.34 -7.60 2.40
N PHE B 71 53.97 -6.68 3.25
CA PHE B 71 54.99 -6.01 4.10
C PHE B 71 55.58 -7.01 5.09
N THR B 72 55.17 -8.23 4.98
CA THR B 72 55.68 -9.30 5.89
C THR B 72 56.07 -10.53 5.07
N ASN B 73 56.59 -10.32 3.88
CA ASN B 73 57.01 -11.46 3.00
C ASN B 73 58.44 -11.23 2.52
N ILE B 74 59.23 -10.58 3.32
CA ILE B 74 60.64 -10.30 2.94
C ILE B 74 61.44 -11.60 2.96
N THR B 75 61.56 -12.25 1.83
CA THR B 75 62.33 -13.53 1.77
C THR B 75 63.70 -13.34 2.42
N TYR B 76 64.21 -14.33 3.08
CA TYR B 76 65.54 -14.22 3.73
C TYR B 76 66.63 -14.47 2.69
N ARG B 77 66.84 -13.55 1.79
CA ARG B 77 67.90 -13.75 0.75
C ARG B 77 69.21 -14.17 1.44
N GLY B 78 69.64 -15.39 1.20
CA GLY B 78 70.91 -15.85 1.84
C GLY B 78 72.10 -15.15 1.18
N THR B 79 72.49 -14.03 1.70
CA THR B 79 73.66 -13.29 1.11
C THR B 79 73.40 -13.06 -0.37
N GLY A 1 -38.88 20.01 -12.76
CA GLY A 1 -39.19 21.43 -12.29
C GLY A 1 -39.03 21.78 -10.86
N ALA A 2 -39.15 20.82 -9.99
CA ALA A 2 -38.99 21.11 -8.53
C ALA A 2 -37.61 21.69 -8.27
N MET A 3 -37.32 22.05 -7.05
CA MET A 3 -35.98 22.62 -6.72
C MET A 3 -35.77 22.62 -5.21
N GLY A 4 -34.56 22.84 -4.76
CA GLY A 4 -34.30 22.85 -3.30
C GLY A 4 -35.00 24.05 -2.66
N SER A 5 -35.31 23.96 -1.40
CA SER A 5 -36.00 25.09 -0.71
C SER A 5 -35.94 24.87 0.80
N GLU A 6 -36.29 25.88 1.56
CA GLU A 6 -36.25 25.72 3.04
C GLU A 6 -37.45 24.90 3.50
N GLU A 7 -38.16 24.35 2.57
CA GLU A 7 -39.36 23.53 2.91
C GLU A 7 -38.91 22.10 3.20
N ARG A 8 -38.07 21.54 2.37
CA ARG A 8 -37.61 20.15 2.61
C ARG A 8 -36.76 20.10 3.88
N ALA A 9 -35.69 19.35 3.86
CA ALA A 9 -34.81 19.26 5.07
C ALA A 9 -33.50 18.55 4.71
N ILE A 10 -33.56 17.63 3.79
CA ILE A 10 -32.32 16.90 3.40
C ILE A 10 -31.62 16.37 4.65
N PRO A 11 -32.22 15.39 5.28
CA PRO A 11 -31.66 14.76 6.52
C PRO A 11 -30.20 14.32 6.36
N ILE A 12 -29.29 14.99 7.02
CA ILE A 12 -27.85 14.61 6.91
C ILE A 12 -27.65 13.21 7.47
N TRP A 13 -28.51 12.77 8.34
CA TRP A 13 -28.40 11.41 8.91
C TRP A 13 -28.27 10.45 7.75
N TRP A 14 -29.13 10.63 6.81
CA TRP A 14 -29.11 9.79 5.59
C TRP A 14 -27.72 9.88 4.98
N VAL A 15 -27.28 11.09 4.75
CA VAL A 15 -25.92 11.30 4.17
C VAL A 15 -24.90 10.72 5.14
N LEU A 16 -25.11 10.96 6.40
CA LEU A 16 -24.19 10.42 7.45
C LEU A 16 -24.13 8.91 7.31
N VAL A 17 -25.27 8.28 7.27
CA VAL A 17 -25.32 6.79 7.16
C VAL A 17 -24.58 6.37 5.91
N GLY A 18 -24.66 7.15 4.88
CA GLY A 18 -23.94 6.80 3.64
C GLY A 18 -22.47 7.11 3.85
N VAL A 19 -22.19 8.26 4.41
CA VAL A 19 -20.77 8.64 4.66
C VAL A 19 -20.19 7.66 5.70
N LEU A 20 -21.02 7.14 6.58
CA LEU A 20 -20.52 6.17 7.59
C LEU A 20 -20.20 4.87 6.85
N GLY A 21 -20.99 4.55 5.87
CA GLY A 21 -20.73 3.31 5.10
C GLY A 21 -19.49 3.51 4.24
N GLY A 22 -19.14 4.73 4.01
CA GLY A 22 -17.93 4.99 3.21
C GLY A 22 -16.76 4.55 4.07
N LEU A 23 -16.95 4.56 5.35
CA LEU A 23 -15.88 4.09 6.25
C LEU A 23 -15.83 2.59 6.07
N LEU A 24 -16.97 1.98 6.05
CA LEU A 24 -17.03 0.52 5.82
C LEU A 24 -16.38 0.25 4.47
N LEU A 25 -16.65 1.06 3.48
CA LEU A 25 -16.00 0.83 2.16
C LEU A 25 -14.52 1.18 2.30
N LEU A 26 -14.22 2.27 2.94
CA LEU A 26 -12.81 2.68 3.11
C LEU A 26 -12.01 1.52 3.68
N THR A 27 -12.58 0.81 4.62
CA THR A 27 -11.83 -0.32 5.24
C THR A 27 -11.73 -1.52 4.30
N ILE A 28 -12.77 -1.82 3.58
CA ILE A 28 -12.74 -3.00 2.66
C ILE A 28 -11.85 -2.68 1.47
N LEU A 29 -11.81 -1.44 1.10
CA LEU A 29 -10.95 -1.03 -0.02
C LEU A 29 -9.52 -1.08 0.45
N VAL A 30 -9.30 -0.48 1.58
CA VAL A 30 -7.95 -0.49 2.17
C VAL A 30 -7.51 -1.93 2.29
N LEU A 31 -8.37 -2.80 2.70
CA LEU A 31 -7.99 -4.22 2.83
C LEU A 31 -7.93 -4.86 1.47
N ALA A 32 -8.89 -4.58 0.66
CA ALA A 32 -8.90 -5.21 -0.65
C ALA A 32 -7.63 -4.87 -1.41
N MET A 33 -7.12 -3.68 -1.26
CA MET A 33 -5.86 -3.37 -2.00
C MET A 33 -4.73 -4.09 -1.30
N TRP A 34 -4.82 -4.16 -0.01
CA TRP A 34 -3.80 -4.88 0.79
C TRP A 34 -3.84 -6.34 0.36
N LYS A 35 -5.03 -6.83 0.12
CA LYS A 35 -5.20 -8.25 -0.30
C LYS A 35 -4.76 -8.43 -1.75
N VAL A 36 -4.97 -7.44 -2.56
CA VAL A 36 -4.59 -7.54 -3.99
C VAL A 36 -3.09 -7.88 -4.09
N GLY A 37 -2.40 -7.95 -2.99
CA GLY A 37 -0.94 -8.27 -3.05
C GLY A 37 -0.55 -9.10 -1.83
N PHE A 38 -1.23 -8.90 -0.74
CA PHE A 38 -0.91 -9.67 0.48
C PHE A 38 -1.49 -11.06 0.39
N PHE A 39 -2.39 -11.26 -0.52
CA PHE A 39 -3.03 -12.60 -0.68
C PHE A 39 -2.35 -13.35 -1.82
N LYS A 40 -1.53 -12.65 -2.52
CA LYS A 40 -0.80 -13.25 -3.66
C LYS A 40 0.42 -13.99 -3.14
N ARG A 41 1.11 -13.40 -2.20
CA ARG A 41 2.34 -14.02 -1.65
C ARG A 41 2.05 -14.87 -0.43
N ASN A 42 0.93 -14.67 0.14
CA ASN A 42 0.55 -15.45 1.35
C ASN A 42 0.30 -16.90 0.93
N ARG A 43 1.04 -17.37 -0.04
CA ARG A 43 0.91 -18.78 -0.56
C ARG A 43 0.21 -19.71 0.44
N PRO A 44 -1.10 -19.78 0.38
CA PRO A 44 -1.91 -20.70 1.24
C PRO A 44 -1.70 -22.23 1.03
N PRO A 45 -1.02 -22.73 -0.01
CA PRO A 45 -0.86 -24.19 -0.18
C PRO A 45 0.41 -24.72 0.50
N LEU A 46 0.70 -25.98 0.37
CA LEU A 46 1.93 -26.53 1.01
C LEU A 46 3.18 -25.94 0.33
N GLU A 47 3.32 -24.64 0.36
CA GLU A 47 4.50 -24.00 -0.27
C GLU A 47 4.97 -22.82 0.59
N GLU A 48 5.24 -23.05 1.85
CA GLU A 48 5.70 -21.95 2.73
C GLU A 48 7.17 -21.64 2.44
N ASP A 49 7.52 -21.50 1.18
CA ASP A 49 8.93 -21.19 0.82
C ASP A 49 8.96 -20.22 -0.35
N ASP A 50 9.78 -19.21 -0.28
CA ASP A 50 9.86 -18.23 -1.40
C ASP A 50 10.32 -18.94 -2.67
N GLU A 51 10.43 -18.24 -3.76
CA GLU A 51 10.88 -18.90 -5.02
C GLU A 51 12.29 -19.47 -4.82
N GLU A 52 12.80 -20.15 -5.82
CA GLU A 52 14.17 -20.75 -5.73
C GLU A 52 15.10 -20.10 -6.76
N GLY A 53 15.44 -20.82 -7.79
CA GLY A 53 16.33 -20.26 -8.84
C GLY A 53 16.84 -21.38 -9.74
N GLU A 54 18.13 -21.60 -9.78
CA GLU A 54 18.68 -22.68 -10.64
C GLU A 54 20.13 -22.97 -10.24
N GLY B 1 -36.22 -0.92 6.83
CA GLY B 1 -36.96 -0.24 5.68
C GLY B 1 -38.44 -0.37 5.55
N ALA B 2 -39.08 0.60 4.95
CA ALA B 2 -40.56 0.53 4.81
C ALA B 2 -41.02 1.62 3.84
N MET B 3 -41.41 2.76 4.35
CA MET B 3 -41.88 3.85 3.46
C MET B 3 -40.67 4.54 2.81
N GLY B 4 -40.74 5.82 2.63
CA GLY B 4 -39.59 6.55 2.01
C GLY B 4 -40.04 7.94 1.59
N SER B 5 -39.49 8.45 0.51
CA SER B 5 -39.89 9.81 0.04
C SER B 5 -41.41 9.91 -0.04
N LYS B 6 -42.01 10.66 0.84
CA LYS B 6 -43.50 10.79 0.80
C LYS B 6 -43.93 11.44 -0.51
N GLY B 7 -42.99 11.79 -1.35
CA GLY B 7 -43.35 12.43 -2.65
C GLY B 7 -42.12 12.50 -3.56
N PRO B 8 -41.07 13.11 -3.08
CA PRO B 8 -39.79 13.26 -3.85
C PRO B 8 -39.28 11.92 -4.39
N ASP B 9 -38.04 11.62 -4.15
CA ASP B 9 -37.47 10.33 -4.65
C ASP B 9 -36.25 9.93 -3.81
N ILE B 10 -35.60 10.89 -3.22
CA ILE B 10 -34.40 10.60 -2.37
C ILE B 10 -33.31 9.93 -3.23
N LEU B 11 -33.60 9.62 -4.46
CA LEU B 11 -32.57 8.97 -5.32
C LEU B 11 -31.52 10.00 -5.72
N VAL B 12 -31.94 11.15 -6.19
CA VAL B 12 -30.95 12.19 -6.61
C VAL B 12 -29.97 12.47 -5.47
N VAL B 13 -30.48 12.80 -4.31
CA VAL B 13 -29.57 13.09 -3.17
C VAL B 13 -28.77 11.83 -2.81
N LEU B 14 -29.43 10.70 -2.73
CA LEU B 14 -28.70 9.44 -2.39
C LEU B 14 -27.60 9.21 -3.43
N LEU B 15 -27.87 9.50 -4.68
CA LEU B 15 -26.83 9.30 -5.72
C LEU B 15 -25.57 10.07 -5.29
N SER B 16 -25.74 11.30 -4.89
CA SER B 16 -24.57 12.11 -4.43
C SER B 16 -23.93 11.42 -3.22
N VAL B 17 -24.73 11.03 -2.27
CA VAL B 17 -24.19 10.35 -1.05
C VAL B 17 -23.33 9.16 -1.47
N MET B 18 -23.86 8.31 -2.31
CA MET B 18 -23.08 7.11 -2.75
C MET B 18 -21.72 7.57 -3.32
N GLY B 19 -21.71 8.62 -4.09
CA GLY B 19 -20.43 9.11 -4.65
C GLY B 19 -19.41 9.29 -3.52
N ALA B 20 -19.80 9.97 -2.47
CA ALA B 20 -18.87 10.18 -1.33
C ALA B 20 -18.31 8.83 -0.88
N ILE B 21 -19.15 7.86 -0.66
CA ILE B 21 -18.64 6.52 -0.23
C ILE B 21 -17.58 6.07 -1.23
N LEU B 22 -17.92 6.07 -2.49
CA LEU B 22 -16.97 5.65 -3.53
C LEU B 22 -15.75 6.58 -3.53
N LEU B 23 -15.97 7.87 -3.46
CA LEU B 23 -14.84 8.84 -3.46
C LEU B 23 -14.03 8.69 -2.17
N ILE B 24 -14.68 8.61 -1.05
CA ILE B 24 -13.96 8.48 0.24
C ILE B 24 -13.03 7.26 0.19
N GLY B 25 -13.41 6.25 -0.54
CA GLY B 25 -12.55 5.03 -0.64
C GLY B 25 -11.46 5.28 -1.68
N LEU B 26 -11.82 5.91 -2.76
CA LEU B 26 -10.82 6.20 -3.82
C LEU B 26 -9.76 7.12 -3.22
N ALA B 27 -10.16 7.97 -2.32
CA ALA B 27 -9.18 8.89 -1.68
C ALA B 27 -8.31 8.07 -0.73
N ALA B 28 -8.91 7.22 0.05
CA ALA B 28 -8.12 6.39 1.00
C ALA B 28 -7.34 5.34 0.21
N LEU B 29 -7.89 4.90 -0.89
CA LEU B 29 -7.19 3.88 -1.72
C LEU B 29 -5.79 4.41 -2.06
N LEU B 30 -5.73 5.59 -2.62
CA LEU B 30 -4.41 6.17 -3.01
C LEU B 30 -3.52 6.37 -1.77
N ILE B 31 -4.04 6.96 -0.74
CA ILE B 31 -3.21 7.20 0.49
C ILE B 31 -2.68 5.86 1.02
N TRP B 32 -3.53 4.87 1.16
CA TRP B 32 -3.08 3.55 1.68
C TRP B 32 -2.12 2.89 0.69
N LYS B 33 -2.17 3.25 -0.57
CA LYS B 33 -1.25 2.63 -1.56
C LYS B 33 0.19 3.08 -1.24
N LEU B 34 0.38 4.35 -1.06
CA LEU B 34 1.74 4.87 -0.75
C LEU B 34 2.20 4.23 0.56
N LEU B 35 1.31 4.05 1.48
CA LEU B 35 1.70 3.44 2.78
C LEU B 35 2.11 1.98 2.56
N ILE B 36 1.46 1.29 1.67
CA ILE B 36 1.82 -0.14 1.43
C ILE B 36 3.11 -0.19 0.61
N THR B 37 3.31 0.75 -0.28
CA THR B 37 4.55 0.75 -1.10
C THR B 37 5.73 1.22 -0.24
N ILE B 38 5.47 2.00 0.78
CA ILE B 38 6.57 2.50 1.64
C ILE B 38 7.07 1.38 2.57
N HIS B 39 6.21 0.52 3.01
CA HIS B 39 6.67 -0.59 3.89
C HIS B 39 7.83 -1.30 3.20
N ASP B 40 7.79 -1.38 1.89
CA ASP B 40 8.88 -2.07 1.15
C ASP B 40 10.02 -1.09 0.83
N ARG B 41 9.72 0.17 0.61
CA ARG B 41 10.80 1.15 0.29
C ARG B 41 11.97 0.96 1.25
N LYS B 42 11.71 0.58 2.47
CA LYS B 42 12.79 0.40 3.44
C LYS B 42 13.63 -0.81 3.03
N GLU B 43 13.04 -1.97 2.97
CA GLU B 43 13.83 -3.17 2.55
C GLU B 43 14.29 -2.97 1.12
N PHE B 44 13.40 -2.56 0.24
CA PHE B 44 13.80 -2.33 -1.16
C PHE B 44 15.05 -1.44 -1.16
N ALA B 45 15.09 -0.47 -0.28
CA ALA B 45 16.29 0.41 -0.21
C ALA B 45 17.42 -0.37 0.46
N LYS B 46 17.20 -0.79 1.68
CA LYS B 46 18.23 -1.57 2.40
C LYS B 46 18.72 -2.70 1.50
N PHE B 47 17.86 -3.24 0.68
CA PHE B 47 18.30 -4.35 -0.23
C PHE B 47 19.21 -3.78 -1.31
N GLU B 48 18.70 -2.87 -2.08
CA GLU B 48 19.51 -2.28 -3.16
C GLU B 48 20.73 -1.57 -2.55
N GLU B 49 20.61 -1.10 -1.35
CA GLU B 49 21.75 -0.40 -0.70
C GLU B 49 22.91 -1.39 -0.54
N GLU B 50 22.62 -2.58 -0.09
CA GLU B 50 23.71 -3.58 0.07
C GLU B 50 24.23 -4.00 -1.30
N ARG B 51 23.35 -4.26 -2.23
CA ARG B 51 23.80 -4.66 -3.58
C ARG B 51 24.48 -3.48 -4.28
N ALA B 52 24.02 -2.29 -4.01
CA ALA B 52 24.63 -1.09 -4.65
C ALA B 52 26.12 -1.01 -4.27
N ARG B 53 26.43 -1.09 -3.01
CA ARG B 53 27.86 -1.02 -2.59
C ARG B 53 28.54 -2.36 -2.84
N ALA B 54 27.77 -3.40 -3.02
CA ALA B 54 28.38 -4.74 -3.26
C ALA B 54 29.26 -4.69 -4.51
N LYS B 55 29.05 -3.70 -5.34
CA LYS B 55 29.86 -3.58 -6.58
C LYS B 55 31.31 -3.36 -6.23
N TRP B 56 31.62 -2.26 -5.64
CA TRP B 56 33.03 -1.96 -5.26
C TRP B 56 33.55 -3.15 -4.46
N ASP B 57 32.65 -3.92 -3.93
CA ASP B 57 33.05 -5.11 -3.11
C ASP B 57 33.04 -6.36 -3.98
N THR B 58 33.16 -6.19 -5.27
CA THR B 58 33.14 -7.36 -6.20
C THR B 58 34.02 -7.05 -7.41
N ALA B 59 33.87 -7.80 -8.48
CA ALA B 59 34.70 -7.55 -9.68
C ALA B 59 36.17 -7.54 -9.28
N ASN B 60 36.87 -8.61 -9.52
CA ASN B 60 38.30 -8.65 -9.17
C ASN B 60 38.47 -8.28 -7.69
N ASN B 61 37.50 -8.61 -6.88
CA ASN B 61 37.58 -8.28 -5.42
C ASN B 61 38.99 -8.59 -4.88
N PRO B 62 39.80 -7.59 -4.62
CA PRO B 62 41.18 -7.81 -4.10
C PRO B 62 41.21 -7.97 -2.58
N LEU B 63 40.08 -8.25 -1.99
CA LEU B 63 40.01 -8.42 -0.53
C LEU B 63 40.83 -9.67 -0.13
N TYR B 64 40.74 -10.70 -0.91
CA TYR B 64 41.50 -11.95 -0.59
C TYR B 64 43.00 -11.65 -0.70
N LYS B 65 43.43 -11.35 -1.88
CA LYS B 65 44.87 -11.05 -2.12
C LYS B 65 45.42 -10.17 -0.98
N GLU B 66 44.60 -9.32 -0.43
CA GLU B 66 45.05 -8.44 0.67
C GLU B 66 45.23 -9.29 1.94
N ALA B 67 44.24 -10.07 2.29
CA ALA B 67 44.35 -10.92 3.50
C ALA B 67 44.84 -10.09 4.68
N THR B 68 44.74 -8.79 4.59
CA THR B 68 45.22 -7.92 5.70
C THR B 68 46.63 -8.34 6.10
N SER B 69 47.47 -8.63 5.14
CA SER B 69 48.86 -9.05 5.48
C SER B 69 49.77 -8.80 4.26
N THR B 70 49.71 -7.63 3.69
CA THR B 70 50.57 -7.33 2.51
C THR B 70 51.96 -6.90 2.99
N PHE B 71 52.08 -5.67 3.42
CA PHE B 71 53.41 -5.17 3.91
C PHE B 71 53.49 -5.36 5.41
N THR B 72 52.51 -6.00 5.98
CA THR B 72 52.49 -6.22 7.45
C THR B 72 53.20 -7.55 7.77
N ASN B 73 53.90 -8.11 6.80
CA ASN B 73 54.61 -9.40 7.02
C ASN B 73 56.10 -9.21 6.70
N ILE B 74 56.67 -8.09 7.06
CA ILE B 74 58.11 -7.85 6.78
C ILE B 74 58.93 -9.07 7.24
N THR B 75 59.13 -10.03 6.37
CA THR B 75 59.93 -11.23 6.76
C THR B 75 61.42 -10.94 6.52
N TYR B 76 62.21 -11.96 6.30
CA TYR B 76 63.68 -11.76 6.07
C TYR B 76 63.97 -11.94 4.58
N ARG B 77 63.20 -11.31 3.73
CA ARG B 77 63.45 -11.44 2.26
C ARG B 77 64.66 -10.60 1.87
N GLY B 78 65.79 -11.22 1.68
CA GLY B 78 67.01 -10.44 1.30
C GLY B 78 68.22 -11.38 1.26
N THR B 79 69.11 -11.17 0.34
CA THR B 79 70.31 -12.05 0.24
C THR B 79 71.35 -11.41 -0.68
N GLY A 1 -32.79 24.13 -9.20
CA GLY A 1 -32.51 24.97 -7.96
C GLY A 1 -33.32 24.78 -6.73
N ALA A 2 -32.72 24.95 -5.58
CA ALA A 2 -33.49 24.77 -4.31
C ALA A 2 -34.21 23.43 -4.34
N MET A 3 -33.57 22.40 -4.81
CA MET A 3 -34.21 21.06 -4.88
C MET A 3 -35.54 21.15 -5.65
N GLY A 4 -35.84 22.31 -6.18
CA GLY A 4 -37.12 22.45 -6.94
C GLY A 4 -38.28 22.64 -5.96
N SER A 5 -38.74 21.57 -5.36
CA SER A 5 -39.87 21.68 -4.40
C SER A 5 -39.40 22.42 -3.15
N GLU A 6 -40.18 23.34 -2.65
CA GLU A 6 -39.77 24.09 -1.43
C GLU A 6 -40.06 23.24 -0.20
N GLU A 7 -40.41 22.02 -0.42
CA GLU A 7 -40.71 21.11 0.72
C GLU A 7 -39.51 21.06 1.66
N ARG A 8 -38.36 20.69 1.15
CA ARG A 8 -37.14 20.63 2.00
C ARG A 8 -37.35 19.66 3.16
N ALA A 9 -36.33 18.92 3.51
CA ALA A 9 -36.46 17.95 4.63
C ALA A 9 -35.07 17.63 5.19
N ILE A 10 -34.10 18.43 4.87
CA ILE A 10 -32.71 18.19 5.36
C ILE A 10 -32.35 16.70 5.25
N PRO A 11 -32.32 16.18 4.05
CA PRO A 11 -31.97 14.75 3.80
C PRO A 11 -30.59 14.36 4.36
N ILE A 12 -29.94 15.25 5.08
CA ILE A 12 -28.60 14.91 5.65
C ILE A 12 -28.69 13.52 6.28
N TRP A 13 -29.88 13.12 6.61
CA TRP A 13 -30.10 11.78 7.19
C TRP A 13 -29.66 10.77 6.14
N TRP A 14 -30.18 10.96 4.99
CA TRP A 14 -29.85 10.09 3.86
C TRP A 14 -28.33 10.18 3.66
N VAL A 15 -27.81 11.37 3.75
CA VAL A 15 -26.34 11.54 3.58
C VAL A 15 -25.65 10.85 4.76
N LEU A 16 -26.16 11.05 5.94
CA LEU A 16 -25.55 10.40 7.12
C LEU A 16 -25.50 8.89 6.88
N VAL A 17 -26.62 8.35 6.50
CA VAL A 17 -26.70 6.88 6.24
C VAL A 17 -25.69 6.51 5.18
N GLY A 18 -25.56 7.30 4.17
CA GLY A 18 -24.58 7.00 3.12
C GLY A 18 -23.19 7.23 3.70
N VAL A 19 -23.00 8.34 4.37
CA VAL A 19 -21.68 8.61 4.99
C VAL A 19 -21.40 7.49 5.99
N LEU A 20 -22.43 6.90 6.54
CA LEU A 20 -22.23 5.79 7.49
C LEU A 20 -21.74 4.58 6.71
N GLY A 21 -22.39 4.29 5.62
CA GLY A 21 -21.95 3.14 4.79
C GLY A 21 -20.65 3.52 4.10
N GLY A 22 -20.41 4.79 3.98
CA GLY A 22 -19.15 5.24 3.36
C GLY A 22 -18.03 4.80 4.27
N LEU A 23 -18.35 4.62 5.52
CA LEU A 23 -17.33 4.13 6.49
C LEU A 23 -17.14 2.67 6.19
N LEU A 24 -18.24 1.96 6.04
CA LEU A 24 -18.16 0.52 5.69
C LEU A 24 -17.36 0.42 4.39
N LEU A 25 -17.61 1.31 3.46
CA LEU A 25 -16.87 1.30 2.18
C LEU A 25 -15.43 1.72 2.48
N LEU A 26 -15.27 2.77 3.22
CA LEU A 26 -13.89 3.23 3.56
C LEU A 26 -13.08 2.07 4.10
N THR A 27 -13.70 1.24 4.91
CA THR A 27 -12.96 0.10 5.51
C THR A 27 -12.66 -0.99 4.49
N ILE A 28 -13.59 -1.28 3.62
CA ILE A 28 -13.37 -2.36 2.61
C ILE A 28 -12.39 -1.86 1.56
N LEU A 29 -12.41 -0.58 1.31
CA LEU A 29 -11.48 -0.02 0.31
C LEU A 29 -10.11 0.03 0.95
N VAL A 30 -10.07 0.48 2.17
CA VAL A 30 -8.79 0.54 2.90
C VAL A 30 -8.21 -0.88 2.89
N LEU A 31 -9.05 -1.84 3.07
CA LEU A 31 -8.59 -3.25 3.05
C LEU A 31 -8.30 -3.68 1.63
N ALA A 32 -9.14 -3.29 0.75
CA ALA A 32 -8.94 -3.72 -0.65
C ALA A 32 -7.61 -3.19 -1.15
N MET A 33 -7.21 -2.02 -0.75
CA MET A 33 -5.90 -1.51 -1.21
C MET A 33 -4.82 -2.26 -0.45
N TRP A 34 -5.11 -2.57 0.78
CA TRP A 34 -4.16 -3.34 1.61
C TRP A 34 -4.05 -4.73 0.99
N LYS A 35 -5.15 -5.23 0.49
CA LYS A 35 -5.15 -6.58 -0.16
C LYS A 35 -4.44 -6.49 -1.50
N VAL A 36 -4.61 -5.40 -2.18
CA VAL A 36 -3.94 -5.26 -3.51
C VAL A 36 -2.43 -5.46 -3.33
N GLY A 37 -1.97 -5.66 -2.13
CA GLY A 37 -0.50 -5.86 -1.92
C GLY A 37 -0.28 -6.85 -0.78
N PHE A 38 -1.18 -6.90 0.15
CA PHE A 38 -1.03 -7.84 1.28
C PHE A 38 -1.47 -9.23 0.86
N PHE A 39 -2.22 -9.30 -0.19
CA PHE A 39 -2.70 -10.63 -0.68
C PHE A 39 -1.67 -11.16 -1.68
N LYS A 40 -0.84 -10.29 -2.12
CA LYS A 40 0.22 -10.66 -3.08
C LYS A 40 1.32 -11.38 -2.29
N ARG A 41 1.67 -10.85 -1.15
CA ARG A 41 2.72 -11.47 -0.32
C ARG A 41 2.06 -12.33 0.74
N ASN A 42 2.04 -13.61 0.52
CA ASN A 42 1.41 -14.55 1.50
C ASN A 42 2.22 -15.84 1.52
N ARG A 43 3.47 -15.76 1.13
CA ARG A 43 4.39 -16.94 1.09
C ARG A 43 3.90 -18.10 1.96
N PRO A 44 3.10 -19.00 1.43
CA PRO A 44 2.62 -20.20 2.19
C PRO A 44 3.65 -21.35 2.39
N PRO A 45 4.89 -21.31 1.85
CA PRO A 45 5.86 -22.43 2.05
C PRO A 45 6.79 -22.10 3.23
N LEU A 46 8.07 -22.24 3.03
CA LEU A 46 9.07 -21.92 4.11
C LEU A 46 10.08 -20.91 3.57
N GLU A 47 9.60 -19.98 2.76
CA GLU A 47 10.52 -18.95 2.18
C GLU A 47 11.71 -19.64 1.52
N GLU A 48 11.52 -20.84 1.04
CA GLU A 48 12.63 -21.57 0.36
C GLU A 48 12.54 -21.34 -1.16
N ASP A 49 13.51 -20.68 -1.73
CA ASP A 49 13.47 -20.43 -3.20
C ASP A 49 13.67 -21.75 -3.94
N ASP A 50 13.02 -21.93 -5.06
CA ASP A 50 13.17 -23.20 -5.81
C ASP A 50 14.50 -23.19 -6.57
N GLU A 51 14.60 -23.93 -7.63
CA GLU A 51 15.87 -23.97 -8.41
C GLU A 51 16.05 -22.65 -9.17
N GLU A 52 14.95 -22.02 -9.54
CA GLU A 52 14.97 -20.71 -10.29
C GLU A 52 16.36 -20.37 -10.83
N GLY A 53 17.00 -19.37 -10.29
CA GLY A 53 18.35 -18.99 -10.79
C GLY A 53 18.66 -17.54 -10.41
N GLU A 54 19.15 -16.76 -11.34
CA GLU A 54 19.48 -15.33 -11.05
C GLU A 54 19.27 -14.49 -12.31
N GLY B 1 -32.67 0.91 8.18
CA GLY B 1 -33.26 1.91 7.18
C GLY B 1 -34.38 1.50 6.29
N ALA B 2 -35.16 2.44 5.82
CA ALA B 2 -36.29 2.10 4.92
C ALA B 2 -35.76 1.45 3.65
N MET B 3 -36.57 1.40 2.62
CA MET B 3 -36.11 0.77 1.33
C MET B 3 -36.66 1.58 0.15
N GLY B 4 -36.14 2.76 -0.06
CA GLY B 4 -36.63 3.60 -1.19
C GLY B 4 -38.01 4.17 -0.84
N SER B 5 -38.66 4.80 -1.79
CA SER B 5 -40.00 5.38 -1.51
C SER B 5 -40.78 5.51 -2.83
N LYS B 6 -41.86 6.23 -2.82
CA LYS B 6 -42.68 6.40 -4.06
C LYS B 6 -43.24 7.82 -4.11
N GLY B 7 -42.84 8.67 -3.21
CA GLY B 7 -43.35 10.08 -3.20
C GLY B 7 -42.45 10.97 -4.05
N PRO B 8 -41.30 11.31 -3.55
CA PRO B 8 -40.32 12.18 -4.28
C PRO B 8 -39.58 11.42 -5.37
N ASP B 9 -38.37 11.03 -5.09
CA ASP B 9 -37.56 10.28 -6.09
C ASP B 9 -36.49 9.46 -5.38
N ILE B 10 -35.84 10.05 -4.41
CA ILE B 10 -34.79 9.33 -3.64
C ILE B 10 -33.61 8.96 -4.57
N LEU B 11 -33.88 8.55 -5.77
CA LEU B 11 -32.79 8.16 -6.71
C LEU B 11 -31.81 9.33 -6.90
N VAL B 12 -32.31 10.49 -7.26
CA VAL B 12 -31.40 11.66 -7.48
C VAL B 12 -30.52 11.88 -6.26
N VAL B 13 -31.09 12.03 -5.10
CA VAL B 13 -30.26 12.26 -3.88
C VAL B 13 -29.44 11.00 -3.61
N LEU B 14 -30.01 9.84 -3.78
CA LEU B 14 -29.23 8.60 -3.54
C LEU B 14 -27.94 8.66 -4.33
N LEU B 15 -28.04 8.96 -5.60
CA LEU B 15 -26.81 9.05 -6.45
C LEU B 15 -25.79 9.96 -5.76
N SER B 16 -26.19 11.16 -5.41
CA SER B 16 -25.25 12.08 -4.73
C SER B 16 -24.76 11.44 -3.44
N VAL B 17 -25.65 10.96 -2.63
CA VAL B 17 -25.26 10.31 -1.35
C VAL B 17 -24.29 9.16 -1.64
N MET B 18 -24.62 8.31 -2.57
CA MET B 18 -23.71 7.17 -2.89
C MET B 18 -22.37 7.71 -3.38
N GLY B 19 -22.37 8.81 -4.07
CA GLY B 19 -21.08 9.38 -4.55
C GLY B 19 -20.19 9.64 -3.33
N ALA B 20 -20.75 10.14 -2.27
CA ALA B 20 -19.94 10.39 -1.04
C ALA B 20 -19.33 9.08 -0.57
N ILE B 21 -20.10 8.03 -0.52
CA ILE B 21 -19.52 6.71 -0.08
C ILE B 21 -18.28 6.44 -0.92
N LEU B 22 -18.45 6.44 -2.21
CA LEU B 22 -17.31 6.18 -3.14
C LEU B 22 -16.20 7.22 -2.92
N LEU B 23 -16.56 8.47 -2.81
CA LEU B 23 -15.53 9.53 -2.61
C LEU B 23 -14.89 9.39 -1.21
N ILE B 24 -15.67 9.12 -0.19
CA ILE B 24 -15.09 9.00 1.17
C ILE B 24 -13.98 7.94 1.18
N GLY B 25 -14.15 6.88 0.44
CA GLY B 25 -13.10 5.81 0.42
C GLY B 25 -11.99 6.21 -0.54
N LEU B 26 -12.33 6.80 -1.64
CA LEU B 26 -11.29 7.21 -2.61
C LEU B 26 -10.34 8.17 -1.88
N ALA B 27 -10.88 8.95 -1.00
CA ALA B 27 -10.02 9.91 -0.25
C ALA B 27 -9.17 9.12 0.75
N ALA B 28 -9.77 8.21 1.45
CA ALA B 28 -8.99 7.39 2.43
C ALA B 28 -8.09 6.43 1.68
N LEU B 29 -8.53 5.97 0.53
CA LEU B 29 -7.70 5.03 -0.26
C LEU B 29 -6.32 5.65 -0.48
N LEU B 30 -6.30 6.85 -0.99
CA LEU B 30 -5.00 7.53 -1.26
C LEU B 30 -4.19 7.68 0.04
N ILE B 31 -4.77 8.25 1.06
CA ILE B 31 -4.00 8.43 2.34
C ILE B 31 -3.53 7.06 2.85
N TRP B 32 -4.38 6.08 2.86
CA TRP B 32 -3.98 4.74 3.36
C TRP B 32 -2.93 4.12 2.42
N LYS B 33 -2.89 4.53 1.19
CA LYS B 33 -1.88 3.96 0.24
C LYS B 33 -0.49 4.43 0.65
N LEU B 34 -0.33 5.71 0.86
CA LEU B 34 1.01 6.23 1.25
C LEU B 34 1.42 5.58 2.58
N LEU B 35 0.47 5.34 3.44
CA LEU B 35 0.82 4.71 4.74
C LEU B 35 1.32 3.28 4.50
N ILE B 36 0.77 2.61 3.53
CA ILE B 36 1.23 1.21 3.26
C ILE B 36 2.57 1.28 2.53
N THR B 37 2.78 2.28 1.73
CA THR B 37 4.07 2.40 1.01
C THR B 37 5.18 2.68 2.03
N ILE B 38 4.97 3.61 2.91
CA ILE B 38 6.02 3.94 3.92
C ILE B 38 6.38 2.68 4.70
N HIS B 39 5.42 1.92 5.15
CA HIS B 39 5.76 0.69 5.90
C HIS B 39 6.71 -0.15 5.02
N ASP B 40 6.57 -0.04 3.73
CA ASP B 40 7.45 -0.81 2.80
C ASP B 40 8.73 -0.02 2.51
N ARG B 41 8.65 1.29 2.48
CA ARG B 41 9.86 2.11 2.19
C ARG B 41 11.06 1.57 2.99
N LYS B 42 10.81 1.05 4.16
CA LYS B 42 11.92 0.50 4.96
C LYS B 42 12.40 -0.80 4.33
N GLU B 43 11.54 -1.78 4.21
CA GLU B 43 11.96 -3.05 3.58
C GLU B 43 12.33 -2.77 2.13
N PHE B 44 11.48 -2.06 1.41
CA PHE B 44 11.81 -1.74 0.00
C PHE B 44 13.23 -1.17 -0.04
N ALA B 45 13.57 -0.37 0.95
CA ALA B 45 14.94 0.20 0.99
C ALA B 45 15.90 -0.90 1.44
N LYS B 46 15.69 -1.43 2.63
CA LYS B 46 16.55 -2.50 3.14
C LYS B 46 16.68 -3.60 2.06
N PHE B 47 15.72 -3.71 1.19
CA PHE B 47 15.80 -4.77 0.14
C PHE B 47 16.86 -4.39 -0.89
N GLU B 48 16.70 -3.27 -1.54
CA GLU B 48 17.71 -2.87 -2.56
C GLU B 48 19.06 -2.65 -1.87
N GLU B 49 19.04 -2.36 -0.59
CA GLU B 49 20.32 -2.13 0.14
C GLU B 49 21.12 -3.43 0.14
N GLU B 50 20.51 -4.52 0.51
CA GLU B 50 21.24 -5.82 0.53
C GLU B 50 21.74 -6.16 -0.88
N ARG B 51 20.90 -5.97 -1.86
CA ARG B 51 21.32 -6.27 -3.25
C ARG B 51 22.47 -5.34 -3.66
N ALA B 52 22.37 -4.09 -3.30
CA ALA B 52 23.45 -3.13 -3.65
C ALA B 52 24.75 -3.53 -2.95
N ARG B 53 24.68 -3.83 -1.68
CA ARG B 53 25.92 -4.22 -0.95
C ARG B 53 26.49 -5.50 -1.55
N ALA B 54 25.66 -6.48 -1.80
CA ALA B 54 26.16 -7.75 -2.39
C ALA B 54 27.09 -7.44 -3.56
N LYS B 55 26.70 -6.53 -4.41
CA LYS B 55 27.54 -6.17 -5.58
C LYS B 55 28.82 -5.51 -5.12
N TRP B 56 28.71 -4.36 -4.54
CA TRP B 56 29.91 -3.64 -4.05
C TRP B 56 30.71 -4.60 -3.17
N ASP B 57 30.05 -5.61 -2.69
CA ASP B 57 30.72 -6.62 -1.83
C ASP B 57 31.31 -7.72 -2.70
N THR B 58 31.57 -7.42 -3.94
CA THR B 58 32.14 -8.44 -4.86
C THR B 58 32.65 -7.76 -6.12
N ALA B 59 32.18 -6.58 -6.34
CA ALA B 59 32.62 -5.82 -7.55
C ALA B 59 34.11 -5.49 -7.42
N ASN B 60 34.94 -6.18 -8.14
CA ASN B 60 36.40 -5.91 -8.07
C ASN B 60 36.82 -5.73 -6.60
N ASN B 61 36.17 -6.42 -5.70
CA ASN B 61 36.53 -6.31 -4.27
C ASN B 61 38.05 -6.58 -4.11
N PRO B 62 38.86 -5.58 -3.77
CA PRO B 62 40.33 -5.77 -3.62
C PRO B 62 40.73 -6.33 -2.25
N LEU B 63 39.81 -6.83 -1.50
CA LEU B 63 40.16 -7.39 -0.16
C LEU B 63 40.65 -8.83 -0.32
N TYR B 64 40.11 -9.53 -1.28
CA TYR B 64 40.53 -10.94 -1.51
C TYR B 64 41.99 -10.95 -1.96
N LYS B 65 42.31 -10.16 -2.94
CA LYS B 65 43.71 -10.10 -3.46
C LYS B 65 44.69 -10.12 -2.28
N GLU B 66 44.38 -9.38 -1.26
CA GLU B 66 45.27 -9.34 -0.07
C GLU B 66 44.81 -10.45 0.90
N ALA B 67 43.56 -10.43 1.28
CA ALA B 67 43.02 -11.45 2.21
C ALA B 67 43.48 -11.14 3.62
N THR B 68 44.66 -10.59 3.75
CA THR B 68 45.20 -10.24 5.10
C THR B 68 46.65 -9.75 4.96
N SER B 69 46.97 -9.14 3.84
CA SER B 69 48.36 -8.65 3.65
C SER B 69 49.33 -9.83 3.67
N THR B 70 50.21 -9.92 2.70
CA THR B 70 51.17 -11.06 2.66
C THR B 70 52.49 -10.60 2.04
N PHE B 71 52.43 -9.69 1.11
CA PHE B 71 53.69 -9.20 0.47
C PHE B 71 54.51 -8.41 1.48
N THR B 72 54.06 -8.38 2.69
CA THR B 72 54.78 -7.64 3.77
C THR B 72 55.65 -8.62 4.57
N ASN B 73 55.97 -9.74 3.98
CA ASN B 73 56.81 -10.76 4.69
C ASN B 73 57.88 -11.29 3.74
N ILE B 74 58.67 -10.41 3.16
CA ILE B 74 59.73 -10.86 2.22
C ILE B 74 60.50 -12.04 2.83
N THR B 75 60.90 -12.98 2.02
CA THR B 75 61.64 -14.16 2.56
C THR B 75 63.11 -13.78 2.78
N TYR B 76 63.86 -14.64 3.42
CA TYR B 76 65.30 -14.34 3.68
C TYR B 76 66.14 -14.84 2.50
N ARG B 77 65.98 -14.24 1.35
CA ARG B 77 66.76 -14.67 0.16
C ARG B 77 66.94 -13.49 -0.79
N GLY B 78 67.80 -13.62 -1.77
CA GLY B 78 68.02 -12.50 -2.73
C GLY B 78 68.94 -11.46 -2.10
N THR B 79 69.66 -11.83 -1.07
CA THR B 79 70.59 -10.86 -0.41
C THR B 79 71.55 -11.62 0.50
N GLY A 1 -45.04 18.11 -6.90
CA GLY A 1 -44.08 17.89 -8.08
C GLY A 1 -42.67 17.52 -7.82
N ALA A 2 -42.13 17.91 -6.69
CA ALA A 2 -40.72 17.57 -6.38
C ALA A 2 -39.83 17.96 -7.55
N MET A 3 -39.25 19.14 -7.52
CA MET A 3 -38.37 19.56 -8.64
C MET A 3 -37.57 20.80 -8.22
N GLY A 4 -38.01 21.47 -7.19
CA GLY A 4 -37.29 22.69 -6.72
C GLY A 4 -37.56 22.91 -5.23
N SER A 5 -38.76 23.25 -4.88
CA SER A 5 -39.07 23.48 -3.44
C SER A 5 -38.02 24.41 -2.83
N GLU A 6 -38.06 24.59 -1.53
CA GLU A 6 -37.05 25.49 -0.88
C GLU A 6 -36.70 24.96 0.51
N GLU A 7 -37.18 23.80 0.83
CA GLU A 7 -36.89 23.19 2.16
C GLU A 7 -35.62 22.35 2.05
N ARG A 8 -34.70 22.72 1.20
CA ARG A 8 -33.44 21.94 1.06
C ARG A 8 -32.69 21.92 2.39
N ALA A 9 -33.12 21.10 3.31
CA ALA A 9 -32.43 21.03 4.64
C ALA A 9 -31.27 20.05 4.54
N ILE A 10 -31.27 19.20 3.55
CA ILE A 10 -30.16 18.22 3.39
C ILE A 10 -29.86 17.55 4.74
N PRO A 11 -30.77 16.77 5.24
CA PRO A 11 -30.61 16.06 6.54
C PRO A 11 -29.28 15.29 6.61
N ILE A 12 -28.38 15.75 7.43
CA ILE A 12 -27.07 15.06 7.55
C ILE A 12 -27.27 13.60 7.97
N TRP A 13 -28.35 13.31 8.63
CA TRP A 13 -28.62 11.91 9.05
C TRP A 13 -28.51 11.04 7.82
N TRP A 14 -29.19 11.46 6.82
CA TRP A 14 -29.18 10.73 5.54
C TRP A 14 -27.71 10.55 5.12
N VAL A 15 -26.97 11.62 5.13
CA VAL A 15 -25.54 11.54 4.75
C VAL A 15 -24.82 10.71 5.80
N LEU A 16 -25.12 10.95 7.05
CA LEU A 16 -24.49 10.16 8.14
C LEU A 16 -24.73 8.68 7.86
N VAL A 17 -25.95 8.36 7.58
CA VAL A 17 -26.31 6.93 7.29
C VAL A 17 -25.49 6.45 6.11
N GLY A 18 -25.42 7.22 5.08
CA GLY A 18 -24.61 6.81 3.92
C GLY A 18 -23.15 6.76 4.35
N VAL A 19 -22.70 7.79 5.02
CA VAL A 19 -21.28 7.83 5.49
C VAL A 19 -21.07 6.66 6.46
N LEU A 20 -22.11 6.26 7.15
CA LEU A 20 -21.97 5.13 8.10
C LEU A 20 -21.65 3.88 7.28
N GLY A 21 -22.39 3.66 6.23
CA GLY A 21 -22.13 2.47 5.39
C GLY A 21 -20.85 2.69 4.60
N GLY A 22 -20.43 3.91 4.50
CA GLY A 22 -19.17 4.16 3.77
C GLY A 22 -18.06 3.64 4.64
N LEU A 23 -18.33 3.57 5.91
CA LEU A 23 -17.33 3.00 6.85
C LEU A 23 -17.37 1.50 6.60
N LEU A 24 -18.55 0.99 6.41
CA LEU A 24 -18.69 -0.45 6.09
C LEU A 24 -18.01 -0.71 4.76
N LEU A 25 -18.15 0.19 3.80
CA LEU A 25 -17.46 -0.02 2.50
C LEU A 25 -15.98 0.24 2.69
N LEU A 26 -15.65 1.31 3.36
CA LEU A 26 -14.22 1.63 3.60
C LEU A 26 -13.52 0.42 4.17
N THR A 27 -14.17 -0.29 5.06
CA THR A 27 -13.51 -1.46 5.70
C THR A 27 -13.40 -2.65 4.74
N ILE A 28 -14.41 -2.89 3.95
CA ILE A 28 -14.37 -4.05 3.00
C ILE A 28 -13.42 -3.73 1.87
N LEU A 29 -13.31 -2.48 1.53
CA LEU A 29 -12.40 -2.08 0.45
C LEU A 29 -10.99 -2.13 1.02
N VAL A 30 -10.84 -1.57 2.18
CA VAL A 30 -9.52 -1.58 2.84
C VAL A 30 -9.07 -3.02 2.92
N LEU A 31 -9.95 -3.91 3.26
CA LEU A 31 -9.57 -5.34 3.35
C LEU A 31 -9.43 -5.93 1.97
N ALA A 32 -10.34 -5.61 1.13
CA ALA A 32 -10.27 -6.19 -0.22
C ALA A 32 -8.95 -5.81 -0.88
N MET A 33 -8.48 -4.62 -0.65
CA MET A 33 -7.18 -4.25 -1.27
C MET A 33 -6.09 -4.96 -0.50
N TRP A 34 -6.27 -5.10 0.79
CA TRP A 34 -5.30 -5.82 1.61
C TRP A 34 -5.28 -7.25 1.13
N LYS A 35 -6.44 -7.76 0.77
CA LYS A 35 -6.51 -9.15 0.26
C LYS A 35 -5.78 -9.21 -1.08
N VAL A 36 -5.99 -8.24 -1.89
CA VAL A 36 -5.31 -8.24 -3.22
C VAL A 36 -3.79 -8.32 -3.01
N GLY A 37 -3.34 -8.33 -1.78
CA GLY A 37 -1.87 -8.39 -1.52
C GLY A 37 -1.59 -9.32 -0.34
N PHE A 38 -2.52 -9.42 0.56
CA PHE A 38 -2.33 -10.29 1.74
C PHE A 38 -2.64 -11.74 1.37
N PHE A 39 -3.35 -11.91 0.30
CA PHE A 39 -3.71 -13.29 -0.15
C PHE A 39 -2.63 -13.76 -1.11
N LYS A 40 -1.85 -12.84 -1.55
CA LYS A 40 -0.75 -13.14 -2.49
C LYS A 40 0.46 -13.60 -1.67
N ARG A 41 0.78 -12.86 -0.65
CA ARG A 41 1.94 -13.19 0.20
C ARG A 41 1.62 -14.40 1.07
N ASN A 42 1.68 -14.24 2.36
CA ASN A 42 1.38 -15.35 3.29
C ASN A 42 2.09 -16.62 2.79
N ARG A 43 3.07 -16.45 1.94
CA ARG A 43 3.87 -17.57 1.37
C ARG A 43 3.85 -18.81 2.27
N PRO A 44 2.88 -19.68 2.10
CA PRO A 44 2.81 -20.95 2.86
C PRO A 44 3.65 -22.14 2.29
N PRO A 45 4.51 -21.99 1.27
CA PRO A 45 5.29 -23.14 0.74
C PRO A 45 6.66 -23.24 1.45
N LEU A 46 7.63 -23.83 0.81
CA LEU A 46 8.98 -23.95 1.44
C LEU A 46 9.85 -22.79 0.98
N GLU A 47 9.41 -21.58 1.18
CA GLU A 47 10.21 -20.40 0.76
C GLU A 47 11.46 -20.31 1.63
N GLU A 48 11.63 -21.22 2.55
CA GLU A 48 12.83 -21.17 3.43
C GLU A 48 14.09 -21.19 2.57
N ASP A 49 14.81 -20.10 2.54
CA ASP A 49 16.05 -20.04 1.72
C ASP A 49 15.74 -20.56 0.31
N ASP A 50 16.76 -20.72 -0.51
CA ASP A 50 16.55 -21.23 -1.89
C ASP A 50 15.28 -20.64 -2.51
N GLU A 51 15.35 -19.44 -3.01
CA GLU A 51 14.15 -18.80 -3.62
C GLU A 51 13.99 -19.31 -5.06
N GLU A 52 14.56 -18.61 -6.01
CA GLU A 52 14.43 -19.05 -7.42
C GLU A 52 15.43 -20.18 -7.71
N GLY A 53 15.62 -20.50 -8.95
CA GLY A 53 16.59 -21.58 -9.31
C GLY A 53 16.84 -21.57 -10.81
N GLU A 54 17.92 -20.96 -11.24
CA GLU A 54 18.23 -20.91 -12.69
C GLU A 54 18.89 -22.22 -13.12
N GLY B 1 -41.13 3.15 -4.87
CA GLY B 1 -40.58 4.44 -4.24
C GLY B 1 -39.55 4.36 -3.18
N ALA B 2 -39.33 3.19 -2.63
CA ALA B 2 -38.30 3.04 -1.56
C ALA B 2 -38.61 4.02 -0.42
N MET B 3 -39.84 4.09 0.01
CA MET B 3 -40.20 5.02 1.11
C MET B 3 -39.76 6.44 0.75
N GLY B 4 -40.45 7.06 -0.16
CA GLY B 4 -40.08 8.45 -0.57
C GLY B 4 -40.76 9.46 0.36
N SER B 5 -40.19 10.62 0.50
CA SER B 5 -40.80 11.65 1.39
C SER B 5 -41.92 12.37 0.63
N LYS B 6 -42.35 13.51 1.13
CA LYS B 6 -43.45 14.26 0.45
C LYS B 6 -43.14 15.76 0.49
N GLY B 7 -42.00 16.15 -0.01
CA GLY B 7 -41.64 17.60 -0.01
C GLY B 7 -40.59 17.88 -1.10
N PRO B 8 -39.34 17.63 -0.81
CA PRO B 8 -38.23 17.85 -1.79
C PRO B 8 -38.16 16.74 -2.83
N ASP B 9 -37.23 15.84 -2.67
CA ASP B 9 -37.08 14.73 -3.64
C ASP B 9 -36.18 13.64 -3.04
N ILE B 10 -35.26 14.02 -2.21
CA ILE B 10 -34.34 13.05 -1.56
C ILE B 10 -33.45 12.39 -2.64
N LEU B 11 -33.99 12.10 -3.80
CA LEU B 11 -33.19 11.43 -4.86
C LEU B 11 -31.88 12.20 -5.14
N VAL B 12 -31.96 13.48 -5.37
CA VAL B 12 -30.72 14.25 -5.67
C VAL B 12 -29.66 14.01 -4.57
N VAL B 13 -30.01 14.23 -3.34
CA VAL B 13 -29.02 14.02 -2.25
C VAL B 13 -28.67 12.53 -2.14
N LEU B 14 -29.62 11.65 -2.29
CA LEU B 14 -29.31 10.20 -2.21
C LEU B 14 -28.15 9.90 -3.16
N LEU B 15 -28.28 10.31 -4.39
CA LEU B 15 -27.18 10.06 -5.38
C LEU B 15 -25.86 10.55 -4.79
N SER B 16 -25.83 11.77 -4.31
CA SER B 16 -24.58 12.31 -3.71
C SER B 16 -24.19 11.47 -2.48
N VAL B 17 -25.14 11.18 -1.63
CA VAL B 17 -24.84 10.37 -0.42
C VAL B 17 -24.14 9.06 -0.82
N MET B 18 -24.72 8.32 -1.73
CA MET B 18 -24.08 7.04 -2.16
C MET B 18 -22.69 7.34 -2.71
N GLY B 19 -22.54 8.41 -3.45
CA GLY B 19 -21.20 8.75 -4.00
C GLY B 19 -20.20 8.82 -2.84
N ALA B 20 -20.56 9.48 -1.77
CA ALA B 20 -19.64 9.58 -0.60
C ALA B 20 -19.19 8.18 -0.19
N ILE B 21 -20.11 7.27 -0.03
CA ILE B 21 -19.70 5.88 0.37
C ILE B 21 -18.63 5.41 -0.61
N LEU B 22 -18.95 5.41 -1.87
CA LEU B 22 -17.98 4.97 -2.90
C LEU B 22 -16.70 5.82 -2.81
N LEU B 23 -16.84 7.12 -2.77
CA LEU B 23 -15.66 8.01 -2.69
C LEU B 23 -14.90 7.77 -1.37
N ILE B 24 -15.59 7.76 -0.26
CA ILE B 24 -14.92 7.54 1.05
C ILE B 24 -14.06 6.27 0.99
N GLY B 25 -14.51 5.27 0.31
CA GLY B 25 -13.72 4.00 0.22
C GLY B 25 -12.65 4.15 -0.84
N LEU B 26 -12.97 4.78 -1.94
CA LEU B 26 -11.97 4.97 -3.01
C LEU B 26 -10.87 5.88 -2.47
N ALA B 27 -11.23 6.78 -1.59
CA ALA B 27 -10.21 7.70 -1.02
C ALA B 27 -9.34 6.92 -0.05
N ALA B 28 -9.95 6.11 0.77
CA ALA B 28 -9.16 5.29 1.74
C ALA B 28 -8.45 4.19 0.98
N LEU B 29 -9.05 3.72 -0.09
CA LEU B 29 -8.41 2.64 -0.88
C LEU B 29 -7.01 3.10 -1.27
N LEU B 30 -6.90 4.26 -1.86
CA LEU B 30 -5.58 4.78 -2.29
C LEU B 30 -4.66 4.96 -1.07
N ILE B 31 -5.11 5.64 -0.06
CA ILE B 31 -4.26 5.85 1.16
C ILE B 31 -3.83 4.50 1.73
N TRP B 32 -4.76 3.60 1.89
CA TRP B 32 -4.42 2.26 2.46
C TRP B 32 -3.53 1.49 1.47
N LYS B 33 -3.62 1.79 0.20
CA LYS B 33 -2.77 1.06 -0.78
C LYS B 33 -1.31 1.47 -0.61
N LEU B 34 -1.04 2.74 -0.51
CA LEU B 34 0.37 3.18 -0.36
C LEU B 34 0.92 2.56 0.93
N LEU B 35 0.14 2.55 1.97
CA LEU B 35 0.62 1.97 3.25
C LEU B 35 1.00 0.50 3.03
N ILE B 36 0.24 -0.20 2.23
CA ILE B 36 0.57 -1.63 2.00
C ILE B 36 1.80 -1.72 1.10
N THR B 37 1.96 -0.78 0.20
CA THR B 37 3.15 -0.80 -0.69
C THR B 37 4.37 -0.31 0.11
N ILE B 38 4.15 0.44 1.15
CA ILE B 38 5.29 0.94 1.97
C ILE B 38 5.95 -0.23 2.70
N HIS B 39 5.19 -1.25 3.00
CA HIS B 39 5.80 -2.42 3.69
C HIS B 39 6.92 -2.97 2.81
N ASP B 40 6.76 -2.90 1.53
CA ASP B 40 7.80 -3.42 0.59
C ASP B 40 8.84 -2.34 0.28
N ARG B 41 8.46 -1.08 0.27
CA ARG B 41 9.45 -0.01 -0.03
C ARG B 41 10.73 -0.23 0.78
N LYS B 42 10.61 -0.78 1.96
CA LYS B 42 11.81 -1.02 2.76
C LYS B 42 12.65 -2.12 2.12
N GLU B 43 12.10 -3.30 1.94
CA GLU B 43 12.89 -4.39 1.30
C GLU B 43 13.23 -3.96 -0.12
N PHE B 44 12.26 -3.49 -0.86
CA PHE B 44 12.55 -3.04 -2.25
C PHE B 44 13.73 -2.07 -2.21
N ALA B 45 13.79 -1.25 -1.19
CA ALA B 45 14.92 -0.29 -1.08
C ALA B 45 16.15 -1.06 -0.57
N LYS B 46 16.01 -1.74 0.54
CA LYS B 46 17.14 -2.51 1.08
C LYS B 46 17.67 -3.43 -0.03
N PHE B 47 16.81 -3.88 -0.90
CA PHE B 47 17.26 -4.76 -2.01
C PHE B 47 18.13 -3.93 -2.95
N GLU B 48 17.58 -2.87 -3.46
CA GLU B 48 18.34 -1.99 -4.37
C GLU B 48 19.63 -1.54 -3.67
N GLU B 49 19.55 -1.27 -2.40
CA GLU B 49 20.75 -0.84 -1.63
C GLU B 49 21.88 -1.84 -1.85
N GLU B 50 21.59 -3.10 -1.70
CA GLU B 50 22.64 -4.15 -1.90
C GLU B 50 23.20 -4.04 -3.31
N ARG B 51 22.35 -4.07 -4.30
CA ARG B 51 22.84 -3.99 -5.70
C ARG B 51 23.76 -2.78 -5.85
N ALA B 52 23.54 -1.75 -5.08
CA ALA B 52 24.40 -0.54 -5.18
C ALA B 52 25.73 -0.79 -4.45
N ARG B 53 25.68 -1.27 -3.24
CA ARG B 53 26.93 -1.54 -2.49
C ARG B 53 27.82 -2.47 -3.31
N ALA B 54 27.26 -3.14 -4.29
CA ALA B 54 28.08 -4.07 -5.12
C ALA B 54 29.35 -3.36 -5.59
N LYS B 55 29.23 -2.13 -6.02
CA LYS B 55 30.42 -1.39 -6.49
C LYS B 55 31.45 -1.34 -5.37
N TRP B 56 31.09 -0.78 -4.27
CA TRP B 56 32.03 -0.70 -3.12
C TRP B 56 32.55 -2.11 -2.86
N ASP B 57 31.82 -3.08 -3.32
CA ASP B 57 32.24 -4.51 -3.12
C ASP B 57 32.94 -5.01 -4.38
N THR B 58 33.38 -4.11 -5.21
CA THR B 58 34.08 -4.51 -6.47
C THR B 58 34.95 -3.35 -6.95
N ALA B 59 34.75 -2.92 -8.16
CA ALA B 59 35.56 -1.80 -8.71
C ALA B 59 37.04 -2.21 -8.71
N ASN B 60 37.30 -3.39 -9.21
CA ASN B 60 38.69 -3.90 -9.29
C ASN B 60 39.48 -3.50 -8.04
N ASN B 61 38.95 -3.80 -6.87
CA ASN B 61 39.67 -3.44 -5.62
C ASN B 61 41.15 -3.88 -5.74
N PRO B 62 42.09 -2.96 -5.89
CA PRO B 62 43.53 -3.30 -6.05
C PRO B 62 44.24 -3.62 -4.73
N LEU B 63 43.52 -3.63 -3.65
CA LEU B 63 44.15 -3.97 -2.34
C LEU B 63 43.98 -5.47 -2.10
N TYR B 64 42.85 -5.99 -2.48
CA TYR B 64 42.58 -7.44 -2.32
C TYR B 64 43.31 -8.19 -3.44
N LYS B 65 43.13 -7.73 -4.64
CA LYS B 65 43.79 -8.39 -5.81
C LYS B 65 45.24 -8.73 -5.46
N GLU B 66 45.88 -7.89 -4.70
CA GLU B 66 47.28 -8.15 -4.31
C GLU B 66 47.30 -9.34 -3.34
N ALA B 67 46.80 -9.16 -2.15
CA ALA B 67 46.78 -10.26 -1.14
C ALA B 67 46.49 -9.67 0.24
N THR B 68 45.76 -8.58 0.31
CA THR B 68 45.46 -7.97 1.63
C THR B 68 46.76 -7.83 2.42
N SER B 69 47.76 -7.21 1.84
CA SER B 69 49.06 -7.05 2.53
C SER B 69 49.83 -8.37 2.51
N THR B 70 51.11 -8.34 2.26
CA THR B 70 51.91 -9.61 2.23
C THR B 70 53.30 -9.34 2.78
N PHE B 71 53.81 -8.15 2.61
CA PHE B 71 55.17 -7.85 3.14
C PHE B 71 55.11 -7.65 4.65
N THR B 72 53.97 -7.92 5.21
CA THR B 72 53.80 -7.76 6.68
C THR B 72 54.18 -9.06 7.38
N ASN B 73 54.61 -10.06 6.63
CA ASN B 73 54.99 -11.37 7.23
C ASN B 73 56.48 -11.62 6.98
N ILE B 74 57.30 -10.62 7.16
CA ILE B 74 58.76 -10.79 6.93
C ILE B 74 59.25 -12.09 7.60
N THR B 75 60.38 -12.60 7.18
CA THR B 75 60.89 -13.85 7.80
C THR B 75 62.39 -13.98 7.52
N TYR B 76 63.00 -15.02 7.99
CA TYR B 76 64.46 -15.22 7.76
C TYR B 76 64.67 -15.84 6.39
N ARG B 77 65.54 -15.28 5.59
CA ARG B 77 65.80 -15.85 4.22
C ARG B 77 67.28 -15.66 3.87
N GLY B 78 68.15 -16.07 4.74
CA GLY B 78 69.61 -15.92 4.46
C GLY B 78 69.94 -14.44 4.20
N THR B 79 69.11 -13.55 4.68
CA THR B 79 69.37 -12.10 4.46
C THR B 79 68.53 -11.27 5.42
N GLY A 1 -32.47 22.26 -6.46
CA GLY A 1 -33.82 22.82 -6.01
C GLY A 1 -34.72 23.50 -6.99
N ALA A 2 -35.99 23.55 -6.72
CA ALA A 2 -36.93 24.21 -7.67
C ALA A 2 -38.25 24.53 -6.94
N MET A 3 -39.27 24.87 -7.68
CA MET A 3 -40.57 25.20 -7.04
C MET A 3 -40.34 26.22 -5.91
N GLY A 4 -40.25 25.75 -4.70
CA GLY A 4 -40.02 26.69 -3.56
C GLY A 4 -40.40 26.00 -2.25
N SER A 5 -41.27 26.60 -1.48
CA SER A 5 -41.67 25.97 -0.18
C SER A 5 -40.43 25.70 0.66
N GLU A 6 -40.62 25.27 1.89
CA GLU A 6 -39.44 24.98 2.78
C GLU A 6 -39.73 23.72 3.58
N GLU A 7 -40.77 23.04 3.24
CA GLU A 7 -41.14 21.80 3.96
C GLU A 7 -40.05 20.73 3.75
N ARG A 8 -38.98 21.09 3.07
CA ARG A 8 -37.89 20.10 2.83
C ARG A 8 -37.23 19.75 4.17
N ALA A 9 -36.16 18.99 4.14
CA ALA A 9 -35.48 18.61 5.40
C ALA A 9 -34.12 17.97 5.09
N ILE A 10 -34.09 17.01 4.19
CA ILE A 10 -32.81 16.37 3.85
C ILE A 10 -32.06 15.97 5.14
N PRO A 11 -32.58 15.01 5.85
CA PRO A 11 -31.97 14.53 7.12
C PRO A 11 -30.49 14.14 6.97
N ILE A 12 -29.59 14.98 7.41
CA ILE A 12 -28.15 14.68 7.31
C ILE A 12 -27.88 13.23 7.71
N TRP A 13 -28.74 12.67 8.50
CA TRP A 13 -28.56 11.26 8.92
C TRP A 13 -28.37 10.44 7.67
N TRP A 14 -29.23 10.67 6.74
CA TRP A 14 -29.14 9.96 5.45
C TRP A 14 -27.75 10.21 4.86
N VAL A 15 -27.41 11.45 4.72
CA VAL A 15 -26.07 11.81 4.16
C VAL A 15 -25.00 11.23 5.07
N LEU A 16 -25.23 11.26 6.36
CA LEU A 16 -24.23 10.73 7.31
C LEU A 16 -24.16 9.21 7.18
N VAL A 17 -25.30 8.58 7.20
CA VAL A 17 -25.35 7.09 7.10
C VAL A 17 -24.70 6.67 5.80
N GLY A 18 -24.82 7.45 4.79
CA GLY A 18 -24.18 7.11 3.51
C GLY A 18 -22.69 7.33 3.68
N VAL A 19 -22.33 8.46 4.22
CA VAL A 19 -20.89 8.76 4.44
C VAL A 19 -20.34 7.75 5.45
N LEU A 20 -21.17 7.27 6.34
CA LEU A 20 -20.69 6.28 7.34
C LEU A 20 -20.41 4.97 6.61
N GLY A 21 -21.23 4.65 5.64
CA GLY A 21 -21.00 3.40 4.88
C GLY A 21 -19.79 3.58 4.00
N GLY A 22 -19.40 4.78 3.79
CA GLY A 22 -18.18 5.02 2.97
C GLY A 22 -17.03 4.53 3.79
N LEU A 23 -17.20 4.55 5.09
CA LEU A 23 -16.13 4.02 5.99
C LEU A 23 -16.17 2.52 5.79
N LEU A 24 -17.37 2.00 5.74
CA LEU A 24 -17.53 0.55 5.48
C LEU A 24 -16.87 0.27 4.13
N LEU A 25 -17.08 1.13 3.16
CA LEU A 25 -16.43 0.93 1.85
C LEU A 25 -14.93 1.19 2.01
N LEU A 26 -14.58 2.24 2.69
CA LEU A 26 -13.14 2.57 2.89
C LEU A 26 -12.41 1.33 3.41
N THR A 27 -13.03 0.60 4.30
CA THR A 27 -12.36 -0.60 4.87
C THR A 27 -12.29 -1.76 3.87
N ILE A 28 -13.32 -1.95 3.10
CA ILE A 28 -13.31 -3.09 2.13
C ILE A 28 -12.37 -2.75 0.97
N LEU A 29 -12.27 -1.50 0.67
CA LEU A 29 -11.38 -1.07 -0.43
C LEU A 29 -9.95 -1.20 0.06
N VAL A 30 -9.73 -0.71 1.23
CA VAL A 30 -8.38 -0.80 1.83
C VAL A 30 -8.03 -2.27 1.94
N LEU A 31 -8.96 -3.08 2.26
CA LEU A 31 -8.68 -4.53 2.37
C LEU A 31 -8.66 -5.15 1.00
N ALA A 32 -9.59 -4.78 0.19
CA ALA A 32 -9.66 -5.39 -1.14
C ALA A 32 -8.37 -5.14 -1.89
N MET A 33 -7.74 -4.01 -1.72
CA MET A 33 -6.46 -3.80 -2.44
C MET A 33 -5.43 -4.65 -1.72
N TRP A 34 -5.51 -4.65 -0.43
CA TRP A 34 -4.57 -5.48 0.38
C TRP A 34 -4.77 -6.94 -0.05
N LYS A 35 -5.99 -7.31 -0.32
CA LYS A 35 -6.27 -8.70 -0.74
C LYS A 35 -5.84 -8.91 -2.19
N VAL A 36 -6.07 -7.95 -3.03
CA VAL A 36 -5.68 -8.13 -4.45
C VAL A 36 -4.17 -8.44 -4.50
N GLY A 37 -3.52 -8.38 -3.37
CA GLY A 37 -2.05 -8.68 -3.33
C GLY A 37 -1.74 -9.58 -2.14
N PHE A 38 -2.50 -9.48 -1.10
CA PHE A 38 -2.23 -10.35 0.10
C PHE A 38 -2.90 -11.70 -0.06
N PHE A 39 -3.83 -11.78 -0.95
CA PHE A 39 -4.55 -13.08 -1.17
C PHE A 39 -3.82 -13.85 -2.27
N LYS A 40 -3.00 -13.17 -2.97
CA LYS A 40 -2.20 -13.80 -4.05
C LYS A 40 -1.15 -14.67 -3.38
N ARG A 41 -0.56 -14.17 -2.33
CA ARG A 41 0.50 -14.93 -1.60
C ARG A 41 -0.13 -15.60 -0.37
N ASN A 42 0.52 -15.46 0.74
CA ASN A 42 0.02 -16.05 2.01
C ASN A 42 -0.49 -17.48 1.79
N ARG A 43 -0.15 -18.05 0.66
CA ARG A 43 -0.55 -19.46 0.32
C ARG A 43 -0.72 -20.34 1.57
N PRO A 44 -1.94 -20.48 2.07
CA PRO A 44 -2.18 -21.36 3.26
C PRO A 44 -2.39 -22.89 2.98
N PRO A 45 -2.22 -23.42 1.76
CA PRO A 45 -2.41 -24.87 1.53
C PRO A 45 -1.13 -25.66 1.78
N LEU A 46 -0.97 -26.80 1.16
CA LEU A 46 0.28 -27.59 1.37
C LEU A 46 1.35 -27.10 0.38
N GLU A 47 2.11 -26.11 0.78
CA GLU A 47 3.18 -25.58 -0.12
C GLU A 47 4.37 -25.11 0.72
N GLU A 48 5.55 -25.17 0.17
CA GLU A 48 6.75 -24.73 0.92
C GLU A 48 6.54 -23.31 1.45
N ASP A 49 6.44 -23.14 2.74
CA ASP A 49 6.24 -21.78 3.29
C ASP A 49 7.57 -21.03 3.30
N ASP A 50 8.43 -21.34 2.36
CA ASP A 50 9.75 -20.65 2.30
C ASP A 50 9.63 -19.40 1.42
N GLU A 51 9.81 -18.24 2.00
CA GLU A 51 9.71 -16.98 1.19
C GLU A 51 10.72 -17.04 0.04
N GLU A 52 11.95 -17.36 0.33
CA GLU A 52 12.97 -17.43 -0.75
C GLU A 52 12.78 -18.71 -1.55
N GLY A 53 13.50 -18.86 -2.64
CA GLY A 53 13.35 -20.09 -3.46
C GLY A 53 12.05 -20.02 -4.26
N GLU A 54 10.93 -20.08 -3.60
CA GLU A 54 9.62 -20.03 -4.33
C GLU A 54 9.61 -21.11 -5.42
N GLY B 1 -35.71 2.19 4.96
CA GLY B 1 -35.14 2.32 6.37
C GLY B 1 -35.82 3.19 7.37
N ALA B 2 -36.56 4.16 6.91
CA ALA B 2 -37.28 5.07 7.85
C ALA B 2 -38.20 6.00 7.08
N MET B 3 -37.83 6.35 5.88
CA MET B 3 -38.70 7.26 5.07
C MET B 3 -38.27 7.20 3.60
N GLY B 4 -38.66 8.16 2.82
CA GLY B 4 -38.29 8.16 1.37
C GLY B 4 -39.31 7.35 0.58
N SER B 5 -39.46 7.63 -0.69
CA SER B 5 -40.44 6.87 -1.52
C SER B 5 -40.26 7.25 -2.99
N LYS B 6 -39.05 7.44 -3.42
CA LYS B 6 -38.80 7.80 -4.85
C LYS B 6 -39.74 8.95 -5.26
N GLY B 7 -40.39 9.58 -4.31
CA GLY B 7 -41.31 10.71 -4.65
C GLY B 7 -40.53 12.02 -4.57
N PRO B 8 -40.33 12.53 -3.39
CA PRO B 8 -39.58 13.79 -3.16
C PRO B 8 -38.42 13.97 -4.16
N ASP B 9 -37.27 13.43 -3.85
CA ASP B 9 -36.12 13.60 -4.77
C ASP B 9 -35.00 12.63 -4.37
N ILE B 10 -35.08 12.10 -3.17
CA ILE B 10 -34.05 11.14 -2.61
C ILE B 10 -33.08 10.63 -3.67
N LEU B 11 -33.57 10.15 -4.78
CA LEU B 11 -32.66 9.64 -5.84
C LEU B 11 -31.61 10.71 -6.16
N VAL B 12 -32.01 11.95 -6.24
CA VAL B 12 -31.02 13.03 -6.57
C VAL B 12 -29.96 13.13 -5.46
N VAL B 13 -30.39 13.31 -4.24
CA VAL B 13 -29.39 13.43 -3.13
C VAL B 13 -28.75 12.06 -2.89
N LEU B 14 -29.49 11.00 -3.08
CA LEU B 14 -28.90 9.64 -2.85
C LEU B 14 -27.67 9.50 -3.74
N LEU B 15 -27.80 9.84 -5.00
CA LEU B 15 -26.63 9.73 -5.93
C LEU B 15 -25.49 10.57 -5.36
N SER B 16 -25.76 11.80 -5.01
CA SER B 16 -24.68 12.66 -4.45
C SER B 16 -24.06 11.97 -3.23
N VAL B 17 -24.86 11.58 -2.29
CA VAL B 17 -24.33 10.90 -1.08
C VAL B 17 -23.52 9.67 -1.50
N MET B 18 -24.11 8.82 -2.28
CA MET B 18 -23.40 7.59 -2.73
C MET B 18 -22.08 7.97 -3.41
N GLY B 19 -22.06 9.01 -4.19
CA GLY B 19 -20.78 9.41 -4.84
C GLY B 19 -19.70 9.59 -3.77
N ALA B 20 -20.04 10.23 -2.68
CA ALA B 20 -19.05 10.43 -1.60
C ALA B 20 -18.51 9.08 -1.12
N ILE B 21 -19.36 8.11 -0.89
CA ILE B 21 -18.85 6.78 -0.44
C ILE B 21 -17.80 6.32 -1.46
N LEU B 22 -18.19 6.23 -2.69
CA LEU B 22 -17.24 5.80 -3.75
C LEU B 22 -16.00 6.70 -3.75
N LEU B 23 -16.17 7.98 -3.59
CA LEU B 23 -15.00 8.92 -3.58
C LEU B 23 -14.21 8.78 -2.27
N ILE B 24 -14.89 8.72 -1.16
CA ILE B 24 -14.17 8.59 0.15
C ILE B 24 -13.27 7.35 0.13
N GLY B 25 -13.66 6.34 -0.59
CA GLY B 25 -12.82 5.11 -0.64
C GLY B 25 -11.70 5.32 -1.66
N LEU B 26 -12.01 5.96 -2.74
CA LEU B 26 -10.97 6.21 -3.77
C LEU B 26 -9.91 7.11 -3.14
N ALA B 27 -10.33 7.97 -2.25
CA ALA B 27 -9.35 8.87 -1.58
C ALA B 27 -8.46 8.03 -0.67
N ALA B 28 -9.04 7.12 0.06
CA ALA B 28 -8.23 6.25 0.97
C ALA B 28 -7.52 5.19 0.13
N LEU B 29 -8.15 4.73 -0.92
CA LEU B 29 -7.50 3.70 -1.76
C LEU B 29 -6.12 4.21 -2.18
N LEU B 30 -6.06 5.47 -2.53
CA LEU B 30 -4.76 6.06 -2.94
C LEU B 30 -3.81 6.13 -1.75
N ILE B 31 -4.24 6.69 -0.65
CA ILE B 31 -3.36 6.79 0.53
C ILE B 31 -2.90 5.39 0.98
N TRP B 32 -3.76 4.42 0.90
CA TRP B 32 -3.37 3.04 1.32
C TRP B 32 -2.54 2.39 0.20
N LYS B 33 -2.70 2.83 -1.01
CA LYS B 33 -1.90 2.24 -2.13
C LYS B 33 -0.41 2.55 -1.87
N LEU B 34 -0.12 3.73 -1.40
CA LEU B 34 1.29 4.10 -1.13
C LEU B 34 1.72 3.44 0.18
N LEU B 35 0.83 3.33 1.13
CA LEU B 35 1.20 2.71 2.43
C LEU B 35 1.61 1.26 2.18
N ILE B 36 0.93 0.56 1.31
CA ILE B 36 1.30 -0.86 1.05
C ILE B 36 2.55 -0.90 0.17
N THR B 37 2.71 0.06 -0.71
CA THR B 37 3.92 0.06 -1.59
C THR B 37 5.15 0.42 -0.75
N ILE B 38 4.98 1.11 0.33
CA ILE B 38 6.15 1.49 1.17
C ILE B 38 6.70 0.25 1.87
N HIS B 39 5.86 -0.70 2.18
CA HIS B 39 6.36 -1.92 2.87
C HIS B 39 7.51 -2.51 2.04
N ASP B 40 7.50 -2.27 0.75
CA ASP B 40 8.58 -2.82 -0.13
C ASP B 40 9.79 -1.87 -0.19
N ARG B 41 9.55 -0.57 -0.22
CA ARG B 41 10.69 0.40 -0.31
C ARG B 41 11.79 -0.01 0.66
N LYS B 42 11.43 -0.56 1.78
CA LYS B 42 12.46 -0.97 2.77
C LYS B 42 13.29 -2.12 2.18
N GLU B 43 12.66 -3.21 1.83
CA GLU B 43 13.43 -4.33 1.24
C GLU B 43 14.06 -3.86 -0.07
N PHE B 44 13.29 -3.22 -0.91
CA PHE B 44 13.85 -2.72 -2.19
C PHE B 44 15.11 -1.91 -1.86
N ALA B 45 15.06 -1.16 -0.79
CA ALA B 45 16.27 -0.38 -0.39
C ALA B 45 17.28 -1.34 0.21
N LYS B 46 16.92 -2.03 1.26
CA LYS B 46 17.84 -2.99 1.88
C LYS B 46 18.40 -3.93 0.81
N PHE B 47 17.69 -4.12 -0.27
CA PHE B 47 18.21 -5.03 -1.34
C PHE B 47 19.38 -4.35 -2.07
N GLU B 48 19.15 -3.23 -2.68
CA GLU B 48 20.26 -2.53 -3.39
C GLU B 48 21.31 -2.11 -2.36
N GLU B 49 20.92 -1.95 -1.12
CA GLU B 49 21.89 -1.55 -0.07
C GLU B 49 22.93 -2.66 0.09
N GLU B 50 22.52 -3.88 0.14
CA GLU B 50 23.49 -4.99 0.29
C GLU B 50 24.40 -5.02 -0.94
N ARG B 51 23.82 -4.94 -2.11
CA ARG B 51 24.65 -4.96 -3.35
C ARG B 51 25.56 -3.73 -3.37
N ALA B 52 25.21 -2.71 -2.64
CA ALA B 52 26.06 -1.48 -2.62
C ALA B 52 27.24 -1.69 -1.67
N ARG B 53 26.98 -2.17 -0.48
CA ARG B 53 28.09 -2.40 0.49
C ARG B 53 29.12 -3.34 -0.14
N ALA B 54 28.69 -4.22 -1.00
CA ALA B 54 29.64 -5.18 -1.63
C ALA B 54 30.65 -4.40 -2.47
N LYS B 55 30.27 -3.25 -2.96
CA LYS B 55 31.20 -2.43 -3.78
C LYS B 55 32.41 -2.03 -2.96
N TRP B 56 32.18 -1.26 -1.94
CA TRP B 56 33.30 -0.82 -1.07
C TRP B 56 34.09 -2.05 -0.66
N ASP B 57 33.46 -3.19 -0.75
CA ASP B 57 34.14 -4.47 -0.38
C ASP B 57 34.73 -5.11 -1.64
N THR B 58 34.93 -4.32 -2.66
CA THR B 58 35.51 -4.86 -3.92
C THR B 58 35.87 -3.70 -4.84
N ALA B 59 35.58 -3.83 -6.10
CA ALA B 59 35.92 -2.74 -7.05
C ALA B 59 37.42 -2.46 -6.95
N ASN B 60 37.77 -1.22 -6.81
CA ASN B 60 39.22 -0.88 -6.71
C ASN B 60 39.79 -1.41 -5.39
N ASN B 61 39.37 -2.58 -4.97
CA ASN B 61 39.90 -3.15 -3.68
C ASN B 61 40.19 -4.66 -3.86
N PRO B 62 41.15 -5.01 -4.69
CA PRO B 62 41.51 -6.43 -4.93
C PRO B 62 42.64 -6.91 -4.01
N LEU B 63 42.84 -6.26 -2.91
CA LEU B 63 43.92 -6.68 -1.98
C LEU B 63 43.40 -7.78 -1.06
N TYR B 64 42.15 -7.70 -0.70
CA TYR B 64 41.56 -8.74 0.19
C TYR B 64 41.45 -10.05 -0.59
N LYS B 65 40.75 -10.00 -1.70
CA LYS B 65 40.57 -11.22 -2.53
C LYS B 65 41.91 -11.95 -2.67
N GLU B 66 42.97 -11.21 -2.84
CA GLU B 66 44.30 -11.84 -2.97
C GLU B 66 44.71 -12.44 -1.64
N ALA B 67 44.77 -11.65 -0.61
CA ALA B 67 45.17 -12.18 0.73
C ALA B 67 46.50 -12.92 0.59
N THR B 68 47.34 -12.50 -0.30
CA THR B 68 48.65 -13.18 -0.49
C THR B 68 49.63 -12.64 0.55
N SER B 69 50.25 -11.56 0.21
CA SER B 69 51.23 -10.93 1.12
C SER B 69 51.27 -9.42 0.86
N THR B 70 51.00 -8.63 1.86
CA THR B 70 51.02 -7.15 1.66
C THR B 70 52.44 -6.63 1.85
N PHE B 71 52.85 -6.47 3.08
CA PHE B 71 54.23 -5.96 3.36
C PHE B 71 54.84 -6.78 4.49
N THR B 72 54.16 -7.82 4.88
CA THR B 72 54.68 -8.68 5.98
C THR B 72 55.66 -9.71 5.40
N ASN B 73 56.15 -9.47 4.22
CA ASN B 73 57.11 -10.43 3.59
C ASN B 73 58.55 -10.00 3.89
N ILE B 74 58.77 -9.40 5.03
CA ILE B 74 60.15 -8.97 5.39
C ILE B 74 61.06 -10.18 5.47
N THR B 75 62.30 -10.04 5.12
CA THR B 75 63.24 -11.19 5.18
C THR B 75 64.68 -10.69 5.15
N TYR B 76 65.64 -11.56 5.34
CA TYR B 76 67.06 -11.14 5.32
C TYR B 76 67.57 -11.12 3.88
N ARG B 77 68.45 -10.20 3.58
CA ARG B 77 68.98 -10.11 2.19
C ARG B 77 69.76 -11.39 1.86
N GLY B 78 69.69 -11.84 0.64
CA GLY B 78 70.43 -13.08 0.25
C GLY B 78 70.57 -13.15 -1.27
N THR B 79 69.54 -13.55 -1.95
CA THR B 79 69.61 -13.64 -3.43
C THR B 79 69.87 -12.25 -4.02
N GLY A 1 -26.60 20.10 -10.29
CA GLY A 1 -27.43 21.35 -10.58
C GLY A 1 -28.87 21.39 -10.17
N ALA A 2 -29.50 20.25 -10.08
CA ALA A 2 -30.93 20.23 -9.67
C ALA A 2 -31.04 20.47 -8.17
N MET A 3 -30.23 21.33 -7.64
CA MET A 3 -30.29 21.60 -6.17
C MET A 3 -31.48 22.51 -5.86
N GLY A 4 -32.28 22.16 -4.89
CA GLY A 4 -33.46 23.00 -4.53
C GLY A 4 -34.23 22.34 -3.39
N SER A 5 -34.76 21.17 -3.61
CA SER A 5 -35.52 20.48 -2.54
C SER A 5 -36.58 21.42 -1.98
N GLU A 6 -37.78 21.35 -2.45
CA GLU A 6 -38.86 22.25 -1.93
C GLU A 6 -39.28 21.78 -0.55
N GLU A 7 -38.60 20.81 -0.03
CA GLU A 7 -38.92 20.28 1.32
C GLU A 7 -38.18 21.08 2.39
N ARG A 8 -37.15 21.80 2.00
CA ARG A 8 -36.38 22.61 2.99
C ARG A 8 -36.07 21.75 4.21
N ALA A 9 -35.43 20.64 4.02
CA ALA A 9 -35.08 19.74 5.17
C ALA A 9 -33.83 18.95 4.84
N ILE A 10 -33.81 18.28 3.72
CA ILE A 10 -32.60 17.49 3.35
C ILE A 10 -32.17 16.62 4.52
N PRO A 11 -32.95 15.63 4.85
CA PRO A 11 -32.67 14.70 5.98
C PRO A 11 -31.23 14.18 5.94
N ILE A 12 -30.31 14.91 6.51
CA ILE A 12 -28.89 14.48 6.51
C ILE A 12 -28.76 13.06 7.05
N TRP A 13 -29.73 12.62 7.81
CA TRP A 13 -29.69 11.25 8.37
C TRP A 13 -29.47 10.30 7.20
N TRP A 14 -30.29 10.46 6.22
CA TRP A 14 -30.19 9.62 5.02
C TRP A 14 -28.76 9.73 4.49
N VAL A 15 -28.32 10.94 4.30
CA VAL A 15 -26.93 11.16 3.80
C VAL A 15 -25.97 10.55 4.79
N LEU A 16 -26.20 10.77 6.05
CA LEU A 16 -25.32 10.20 7.09
C LEU A 16 -25.25 8.68 6.91
N VAL A 17 -26.40 8.08 6.79
CA VAL A 17 -26.48 6.59 6.64
C VAL A 17 -25.69 6.16 5.41
N GLY A 18 -25.67 6.97 4.41
CA GLY A 18 -24.91 6.62 3.20
C GLY A 18 -23.44 6.85 3.50
N VAL A 19 -23.13 7.97 4.11
CA VAL A 19 -21.71 8.25 4.47
C VAL A 19 -21.28 7.28 5.56
N LEU A 20 -22.21 6.75 6.31
CA LEU A 20 -21.86 5.78 7.39
C LEU A 20 -21.44 4.48 6.72
N GLY A 21 -22.09 4.13 5.64
CA GLY A 21 -21.73 2.88 4.94
C GLY A 21 -20.40 3.08 4.26
N GLY A 22 -20.04 4.30 4.07
CA GLY A 22 -18.72 4.56 3.44
C GLY A 22 -17.67 4.15 4.44
N LEU A 23 -18.04 4.17 5.68
CA LEU A 23 -17.09 3.73 6.73
C LEU A 23 -17.04 2.22 6.60
N LEU A 24 -18.18 1.64 6.42
CA LEU A 24 -18.26 0.18 6.22
C LEU A 24 -17.46 -0.13 4.96
N LEU A 25 -17.61 0.67 3.93
CA LEU A 25 -16.82 0.42 2.70
C LEU A 25 -15.37 0.75 2.98
N LEU A 26 -15.11 1.86 3.60
CA LEU A 26 -13.71 2.25 3.91
C LEU A 26 -13.00 1.09 4.59
N THR A 27 -13.68 0.39 5.46
CA THR A 27 -13.00 -0.72 6.18
C THR A 27 -12.76 -1.93 5.26
N ILE A 28 -13.70 -2.25 4.42
CA ILE A 28 -13.53 -3.43 3.51
C ILE A 28 -12.55 -3.08 2.40
N LEU A 29 -12.51 -1.84 2.03
CA LEU A 29 -11.58 -1.41 0.97
C LEU A 29 -10.18 -1.40 1.56
N VAL A 30 -10.07 -0.87 2.74
CA VAL A 30 -8.74 -0.85 3.42
C VAL A 30 -8.28 -2.30 3.53
N LEU A 31 -9.19 -3.18 3.81
CA LEU A 31 -8.80 -4.62 3.92
C LEU A 31 -8.59 -5.18 2.55
N ALA A 32 -9.42 -4.82 1.65
CA ALA A 32 -9.30 -5.37 0.30
C ALA A 32 -7.93 -5.02 -0.27
N MET A 33 -7.43 -3.85 0.00
CA MET A 33 -6.09 -3.52 -0.54
C MET A 33 -5.06 -4.29 0.27
N TRP A 34 -5.32 -4.43 1.55
CA TRP A 34 -4.43 -5.20 2.43
C TRP A 34 -4.43 -6.63 1.90
N LYS A 35 -5.58 -7.08 1.48
CA LYS A 35 -5.68 -8.46 0.93
C LYS A 35 -4.91 -8.52 -0.39
N VAL A 36 -5.10 -7.55 -1.22
CA VAL A 36 -4.40 -7.54 -2.53
C VAL A 36 -2.90 -7.60 -2.29
N GLY A 37 -2.46 -7.60 -1.06
CA GLY A 37 -0.99 -7.65 -0.78
C GLY A 37 -0.71 -8.67 0.32
N PHE A 38 -1.67 -8.85 1.18
CA PHE A 38 -1.49 -9.81 2.29
C PHE A 38 -1.89 -11.20 1.84
N PHE A 39 -2.59 -11.27 0.76
CA PHE A 39 -3.04 -12.59 0.21
C PHE A 39 -2.12 -12.99 -0.94
N LYS A 40 -1.48 -12.02 -1.48
CA LYS A 40 -0.53 -12.27 -2.59
C LYS A 40 0.57 -13.17 -2.06
N ARG A 41 1.07 -12.82 -0.91
CA ARG A 41 2.17 -13.61 -0.30
C ARG A 41 1.58 -14.77 0.50
N ASN A 42 2.19 -15.08 1.61
CA ASN A 42 1.71 -16.18 2.49
C ASN A 42 1.40 -17.43 1.65
N ARG A 43 1.79 -17.41 0.40
CA ARG A 43 1.57 -18.56 -0.53
C ARG A 43 1.61 -19.91 0.20
N PRO A 44 0.47 -20.47 0.57
CA PRO A 44 0.45 -21.81 1.25
C PRO A 44 0.56 -23.07 0.33
N PRO A 45 0.72 -22.98 -0.99
CA PRO A 45 0.82 -24.20 -1.85
C PRO A 45 2.28 -24.62 -2.05
N LEU A 46 2.60 -25.22 -3.16
CA LEU A 46 3.99 -25.64 -3.42
C LEU A 46 4.92 -24.43 -3.35
N GLU A 47 5.44 -24.02 -4.46
CA GLU A 47 6.35 -22.84 -4.47
C GLU A 47 7.45 -23.03 -3.42
N GLU A 48 8.38 -23.90 -3.68
CA GLU A 48 9.48 -24.13 -2.70
C GLU A 48 10.57 -23.07 -2.89
N ASP A 49 11.32 -22.79 -1.87
CA ASP A 49 12.41 -21.78 -1.99
C ASP A 49 13.68 -22.45 -2.52
N ASP A 50 13.52 -23.49 -3.29
CA ASP A 50 14.72 -24.20 -3.84
C ASP A 50 15.05 -23.66 -5.23
N GLU A 51 14.70 -22.42 -5.49
CA GLU A 51 14.99 -21.81 -6.83
C GLU A 51 16.07 -20.73 -6.66
N GLU A 52 15.67 -19.53 -6.30
CA GLU A 52 16.67 -18.45 -6.12
C GLU A 52 17.80 -18.93 -5.21
N GLY A 53 19.00 -18.99 -5.72
CA GLY A 53 20.15 -19.46 -4.89
C GLY A 53 21.23 -20.03 -5.79
N GLU A 54 21.27 -19.60 -7.02
CA GLU A 54 22.31 -20.12 -7.95
C GLU A 54 23.67 -19.51 -7.61
N GLY B 1 -36.21 7.43 9.88
CA GLY B 1 -37.63 7.48 9.29
C GLY B 1 -37.93 8.41 8.17
N ALA B 2 -37.08 9.38 7.94
CA ALA B 2 -37.33 10.34 6.83
C ALA B 2 -37.47 9.57 5.51
N MET B 3 -38.66 9.46 5.01
CA MET B 3 -38.87 8.73 3.72
C MET B 3 -38.09 9.43 2.61
N GLY B 4 -38.33 9.04 1.38
CA GLY B 4 -37.60 9.68 0.25
C GLY B 4 -38.01 11.16 0.15
N SER B 5 -38.54 11.57 -0.97
CA SER B 5 -38.95 12.99 -1.13
C SER B 5 -40.09 13.09 -2.15
N LYS B 6 -40.80 14.20 -2.17
CA LYS B 6 -41.92 14.35 -3.14
C LYS B 6 -41.38 14.87 -4.47
N GLY B 7 -40.90 16.10 -4.49
CA GLY B 7 -40.37 16.66 -5.77
C GLY B 7 -39.43 15.64 -6.42
N PRO B 8 -38.19 15.59 -5.99
CA PRO B 8 -37.19 14.63 -6.54
C PRO B 8 -37.61 13.19 -6.25
N ASP B 9 -36.65 12.31 -6.10
CA ASP B 9 -36.96 10.88 -5.81
C ASP B 9 -36.08 10.41 -4.66
N ILE B 10 -35.00 9.79 -4.97
CA ILE B 10 -34.07 9.29 -3.93
C ILE B 10 -32.78 8.81 -4.61
N LEU B 11 -32.90 8.28 -5.80
CA LEU B 11 -31.69 7.79 -6.52
C LEU B 11 -30.75 8.96 -6.80
N VAL B 12 -31.28 10.08 -7.22
CA VAL B 12 -30.42 11.25 -7.51
C VAL B 12 -29.67 11.68 -6.26
N VAL B 13 -30.37 11.93 -5.19
CA VAL B 13 -29.68 12.35 -3.93
C VAL B 13 -28.88 11.18 -3.37
N LEU B 14 -29.41 9.98 -3.47
CA LEU B 14 -28.66 8.80 -2.94
C LEU B 14 -27.42 8.59 -3.79
N LEU B 15 -27.55 8.67 -5.08
CA LEU B 15 -26.37 8.47 -5.96
C LEU B 15 -25.23 9.39 -5.50
N SER B 16 -25.53 10.62 -5.22
CA SER B 16 -24.48 11.57 -4.76
C SER B 16 -23.81 11.00 -3.50
N VAL B 17 -24.59 10.66 -2.51
CA VAL B 17 -23.99 10.11 -1.27
C VAL B 17 -23.26 8.80 -1.57
N MET B 18 -23.78 8.02 -2.48
CA MET B 18 -23.11 6.75 -2.82
C MET B 18 -21.73 7.06 -3.39
N GLY B 19 -21.64 8.09 -4.19
CA GLY B 19 -20.31 8.46 -4.76
C GLY B 19 -19.36 8.75 -3.58
N ALA B 20 -19.87 9.39 -2.56
CA ALA B 20 -19.03 9.70 -1.38
C ALA B 20 -18.53 8.38 -0.78
N ILE B 21 -19.40 7.41 -0.61
CA ILE B 21 -18.95 6.10 -0.05
C ILE B 21 -17.76 5.62 -0.88
N LEU B 22 -17.96 5.50 -2.16
CA LEU B 22 -16.87 5.04 -3.05
C LEU B 22 -15.64 5.97 -2.89
N LEU B 23 -15.86 7.26 -2.96
CA LEU B 23 -14.72 8.22 -2.83
C LEU B 23 -14.11 8.13 -1.42
N ILE B 24 -14.94 8.16 -0.41
CA ILE B 24 -14.40 8.09 0.99
C ILE B 24 -13.47 6.87 1.12
N GLY B 25 -13.81 5.80 0.48
CA GLY B 25 -12.95 4.58 0.56
C GLY B 25 -11.79 4.72 -0.41
N LEU B 26 -12.06 5.21 -1.59
CA LEU B 26 -10.97 5.39 -2.59
C LEU B 26 -9.93 6.35 -1.99
N ALA B 27 -10.38 7.27 -1.18
CA ALA B 27 -9.42 8.23 -0.57
C ALA B 27 -8.61 7.47 0.48
N ALA B 28 -9.26 6.66 1.26
CA ALA B 28 -8.53 5.88 2.30
C ALA B 28 -7.72 4.79 1.61
N LEU B 29 -8.23 4.28 0.51
CA LEU B 29 -7.51 3.21 -0.21
C LEU B 29 -6.09 3.71 -0.54
N LEU B 30 -5.98 4.87 -1.13
CA LEU B 30 -4.65 5.42 -1.49
C LEU B 30 -3.80 5.60 -0.22
N ILE B 31 -4.33 6.27 0.77
CA ILE B 31 -3.54 6.49 2.03
C ILE B 31 -3.13 5.15 2.63
N TRP B 32 -4.01 4.19 2.66
CA TRP B 32 -3.65 2.87 3.25
C TRP B 32 -2.70 2.11 2.30
N LYS B 33 -2.71 2.44 1.04
CA LYS B 33 -1.79 1.74 0.08
C LYS B 33 -0.35 2.13 0.41
N LEU B 34 -0.12 3.37 0.77
CA LEU B 34 1.27 3.81 1.09
C LEU B 34 1.67 3.27 2.48
N LEU B 35 0.74 3.25 3.40
CA LEU B 35 1.08 2.75 4.76
C LEU B 35 1.52 1.29 4.67
N ILE B 36 0.90 0.51 3.83
CA ILE B 36 1.29 -0.91 3.72
C ILE B 36 2.62 -0.99 2.95
N THR B 37 2.82 -0.10 2.02
CA THR B 37 4.09 -0.11 1.24
C THR B 37 5.26 0.31 2.15
N ILE B 38 5.05 1.29 2.97
CA ILE B 38 6.15 1.75 3.87
C ILE B 38 6.63 0.58 4.73
N HIS B 39 5.81 -0.40 4.95
CA HIS B 39 6.25 -1.55 5.76
C HIS B 39 7.28 -2.35 4.94
N ASP B 40 7.11 -2.36 3.64
CA ASP B 40 8.07 -3.09 2.76
C ASP B 40 9.25 -2.19 2.39
N ARG B 41 9.03 -0.90 2.33
CA ARG B 41 10.14 0.03 1.96
C ARG B 41 11.41 -0.35 2.72
N LYS B 42 11.28 -0.84 3.92
CA LYS B 42 12.47 -1.22 4.69
C LYS B 42 13.14 -2.41 4.01
N GLU B 43 12.44 -3.50 3.85
CA GLU B 43 13.06 -4.68 3.17
C GLU B 43 13.37 -4.30 1.73
N PHE B 44 12.44 -3.67 1.06
CA PHE B 44 12.70 -3.26 -0.35
C PHE B 44 14.01 -2.46 -0.37
N ALA B 45 14.24 -1.66 0.64
CA ALA B 45 15.50 -0.87 0.68
C ALA B 45 16.63 -1.81 1.12
N LYS B 46 16.47 -2.44 2.26
CA LYS B 46 17.51 -3.38 2.74
C LYS B 46 17.84 -4.36 1.60
N PHE B 47 16.89 -4.64 0.76
CA PHE B 47 17.16 -5.57 -0.38
C PHE B 47 18.08 -4.89 -1.37
N GLU B 48 17.63 -3.79 -1.90
CA GLU B 48 18.45 -3.02 -2.87
C GLU B 48 19.75 -2.59 -2.20
N GLU B 49 19.74 -2.38 -0.91
CA GLU B 49 20.97 -1.96 -0.20
C GLU B 49 22.01 -3.08 -0.29
N GLU B 50 21.61 -4.29 -0.06
CA GLU B 50 22.58 -5.42 -0.13
C GLU B 50 23.17 -5.51 -1.53
N ARG B 51 22.35 -5.44 -2.55
CA ARG B 51 22.88 -5.52 -3.93
C ARG B 51 23.80 -4.33 -4.21
N ALA B 52 23.64 -3.27 -3.47
CA ALA B 52 24.50 -2.08 -3.69
C ALA B 52 25.90 -2.32 -3.14
N ARG B 53 25.99 -2.83 -1.93
CA ARG B 53 27.33 -3.09 -1.34
C ARG B 53 28.08 -4.13 -2.16
N ALA B 54 27.41 -5.16 -2.60
CA ALA B 54 28.09 -6.21 -3.41
C ALA B 54 28.92 -5.54 -4.51
N LYS B 55 28.36 -4.55 -5.15
CA LYS B 55 29.10 -3.85 -6.24
C LYS B 55 30.24 -3.03 -5.63
N TRP B 56 29.90 -2.14 -4.75
CA TRP B 56 30.93 -1.29 -4.11
C TRP B 56 32.03 -2.21 -3.57
N ASP B 57 31.70 -3.45 -3.37
CA ASP B 57 32.72 -4.42 -2.85
C ASP B 57 33.65 -4.80 -4.00
N THR B 58 33.60 -4.04 -5.06
CA THR B 58 34.47 -4.32 -6.24
C THR B 58 34.68 -3.01 -7.01
N ALA B 59 34.87 -3.08 -8.29
CA ALA B 59 35.11 -1.84 -9.08
C ALA B 59 36.31 -1.09 -8.50
N ASN B 60 37.40 -1.11 -9.20
CA ASN B 60 38.60 -0.40 -8.70
C ASN B 60 38.97 -0.87 -7.30
N ASN B 61 38.55 -2.06 -6.94
CA ASN B 61 38.89 -2.60 -5.58
C ASN B 61 39.27 -4.09 -5.68
N PRO B 62 40.36 -4.38 -6.34
CA PRO B 62 40.83 -5.78 -6.52
C PRO B 62 41.82 -6.21 -5.43
N LEU B 63 41.81 -5.56 -4.31
CA LEU B 63 42.74 -5.93 -3.21
C LEU B 63 42.14 -7.10 -2.43
N TYR B 64 40.85 -7.10 -2.25
CA TYR B 64 40.20 -8.21 -1.50
C TYR B 64 39.99 -9.38 -2.45
N LYS B 65 39.30 -9.14 -3.53
CA LYS B 65 39.05 -10.23 -4.53
C LYS B 65 40.34 -11.02 -4.77
N GLU B 66 41.46 -10.38 -4.65
CA GLU B 66 42.75 -11.08 -4.86
C GLU B 66 42.86 -12.23 -3.85
N ALA B 67 42.86 -11.91 -2.58
CA ALA B 67 42.97 -12.97 -1.55
C ALA B 67 42.71 -12.36 -0.17
N THR B 68 43.70 -11.74 0.41
CA THR B 68 43.53 -11.12 1.75
C THR B 68 44.84 -10.47 2.19
N SER B 69 45.62 -9.98 1.25
CA SER B 69 46.91 -9.34 1.62
C SER B 69 47.66 -8.93 0.35
N THR B 70 48.60 -8.03 0.47
CA THR B 70 49.37 -7.59 -0.72
C THR B 70 50.71 -7.01 -0.28
N PHE B 71 50.73 -5.77 0.09
CA PHE B 71 52.00 -5.14 0.53
C PHE B 71 52.32 -5.58 1.97
N THR B 72 53.07 -4.78 2.70
CA THR B 72 53.41 -5.12 4.11
C THR B 72 53.68 -6.63 4.25
N ASN B 73 54.27 -7.22 3.24
CA ASN B 73 54.56 -8.70 3.28
C ASN B 73 56.05 -8.93 3.03
N ILE B 74 56.86 -7.98 3.40
CA ILE B 74 58.33 -8.13 3.18
C ILE B 74 58.92 -8.99 4.31
N THR B 75 59.37 -10.17 4.00
CA THR B 75 59.96 -11.06 5.04
C THR B 75 61.18 -10.37 5.65
N TYR B 76 61.66 -10.87 6.76
CA TYR B 76 62.84 -10.25 7.40
C TYR B 76 64.11 -10.64 6.62
N ARG B 77 63.95 -10.96 5.37
CA ARG B 77 65.11 -11.35 4.51
C ARG B 77 66.13 -12.17 5.31
N GLY B 78 65.67 -12.93 6.26
CA GLY B 78 66.62 -13.75 7.08
C GLY B 78 67.45 -12.83 7.97
N THR B 79 68.75 -12.99 7.95
CA THR B 79 69.63 -12.12 8.80
C THR B 79 69.76 -10.74 8.14
N GLY A 1 -38.10 21.81 -6.62
CA GLY A 1 -36.80 21.70 -5.81
C GLY A 1 -35.66 22.60 -6.12
N ALA A 2 -35.52 23.01 -7.36
CA ALA A 2 -34.40 23.91 -7.73
C ALA A 2 -34.65 25.30 -7.15
N MET A 3 -35.87 25.76 -7.18
CA MET A 3 -36.18 27.11 -6.63
C MET A 3 -36.32 27.01 -5.11
N GLY A 4 -37.40 27.53 -4.57
CA GLY A 4 -37.59 27.47 -3.09
C GLY A 4 -38.10 26.09 -2.71
N SER A 5 -39.37 25.83 -2.92
CA SER A 5 -39.93 24.50 -2.56
C SER A 5 -39.50 24.12 -1.13
N GLU A 6 -40.28 24.51 -0.15
CA GLU A 6 -39.91 24.19 1.26
C GLU A 6 -40.28 22.74 1.55
N GLU A 7 -40.70 22.03 0.56
CA GLU A 7 -41.09 20.61 0.75
C GLU A 7 -39.84 19.77 1.00
N ARG A 8 -38.76 20.07 0.32
CA ARG A 8 -37.51 19.29 0.51
C ARG A 8 -36.82 19.71 1.81
N ALA A 9 -35.95 18.90 2.33
CA ALA A 9 -35.25 19.26 3.60
C ALA A 9 -33.84 18.64 3.60
N ILE A 10 -33.42 18.09 2.49
CA ILE A 10 -32.06 17.49 2.43
C ILE A 10 -31.81 16.62 3.66
N PRO A 11 -32.52 15.54 3.80
CA PRO A 11 -32.39 14.61 4.96
C PRO A 11 -30.93 14.17 5.18
N ILE A 12 -30.15 14.98 5.86
CA ILE A 12 -28.74 14.60 6.11
C ILE A 12 -28.67 13.21 6.72
N TRP A 13 -29.73 12.76 7.32
CA TRP A 13 -29.75 11.41 7.92
C TRP A 13 -29.34 10.43 6.83
N TRP A 14 -29.99 10.56 5.73
CA TRP A 14 -29.68 9.71 4.57
C TRP A 14 -28.20 9.85 4.25
N VAL A 15 -27.77 11.06 4.05
CA VAL A 15 -26.33 11.30 3.75
C VAL A 15 -25.49 10.78 4.92
N LEU A 16 -25.96 11.00 6.12
CA LEU A 16 -25.21 10.51 7.32
C LEU A 16 -25.08 9.00 7.24
N VAL A 17 -26.17 8.35 7.01
CA VAL A 17 -26.17 6.86 6.92
C VAL A 17 -25.21 6.45 5.82
N GLY A 18 -25.12 7.23 4.80
CA GLY A 18 -24.17 6.90 3.72
C GLY A 18 -22.78 7.27 4.19
N VAL A 19 -22.63 8.44 4.75
CA VAL A 19 -21.28 8.85 5.25
C VAL A 19 -20.86 7.88 6.36
N LEU A 20 -21.82 7.35 7.08
CA LEU A 20 -21.49 6.39 8.16
C LEU A 20 -20.99 5.11 7.52
N GLY A 21 -21.60 4.71 6.45
CA GLY A 21 -21.14 3.46 5.78
C GLY A 21 -19.82 3.74 5.09
N GLY A 22 -19.49 4.97 4.93
CA GLY A 22 -18.20 5.29 4.30
C GLY A 22 -17.12 4.91 5.29
N LEU A 23 -17.46 4.89 6.55
CA LEU A 23 -16.48 4.47 7.57
C LEU A 23 -16.41 2.96 7.43
N LEU A 24 -17.56 2.36 7.23
CA LEU A 24 -17.58 0.90 7.02
C LEU A 24 -16.79 0.62 5.75
N LEU A 25 -16.96 1.44 4.73
CA LEU A 25 -16.18 1.23 3.48
C LEU A 25 -14.72 1.58 3.77
N LEU A 26 -14.49 2.68 4.43
CA LEU A 26 -13.09 3.09 4.72
C LEU A 26 -12.34 1.93 5.34
N THR A 27 -12.97 1.18 6.20
CA THR A 27 -12.26 0.06 6.86
C THR A 27 -12.03 -1.11 5.89
N ILE A 28 -13.01 -1.41 5.09
CA ILE A 28 -12.87 -2.55 4.13
C ILE A 28 -11.97 -2.16 2.98
N LEU A 29 -11.95 -0.91 2.64
CA LEU A 29 -11.09 -0.46 1.53
C LEU A 29 -9.66 -0.44 2.03
N VAL A 30 -9.49 0.05 3.22
CA VAL A 30 -8.13 0.05 3.81
C VAL A 30 -7.66 -1.39 3.85
N LEU A 31 -8.53 -2.28 4.17
CA LEU A 31 -8.15 -3.71 4.21
C LEU A 31 -8.04 -4.23 2.80
N ALA A 32 -8.93 -3.83 1.97
CA ALA A 32 -8.88 -4.33 0.59
C ALA A 32 -7.55 -3.98 -0.04
N MET A 33 -7.01 -2.82 0.25
CA MET A 33 -5.70 -2.48 -0.36
C MET A 33 -4.63 -3.30 0.37
N TRP A 34 -4.84 -3.50 1.63
CA TRP A 34 -3.91 -4.32 2.43
C TRP A 34 -4.02 -5.75 1.90
N LYS A 35 -5.20 -6.14 1.51
CA LYS A 35 -5.38 -7.52 0.95
C LYS A 35 -4.80 -7.57 -0.46
N VAL A 36 -5.01 -6.56 -1.22
CA VAL A 36 -4.48 -6.55 -2.62
C VAL A 36 -2.97 -6.77 -2.55
N GLY A 37 -2.43 -6.82 -1.37
CA GLY A 37 -0.95 -7.02 -1.23
C GLY A 37 -0.68 -8.06 -0.12
N PHE A 38 -1.53 -8.14 0.85
CA PHE A 38 -1.32 -9.12 1.96
C PHE A 38 -1.90 -10.47 1.57
N PHE A 39 -2.73 -10.48 0.58
CA PHE A 39 -3.36 -11.76 0.13
C PHE A 39 -2.53 -12.34 -1.02
N LYS A 40 -1.69 -11.52 -1.55
CA LYS A 40 -0.83 -11.93 -2.67
C LYS A 40 0.31 -12.79 -2.12
N ARG A 41 0.87 -12.37 -1.04
CA ARG A 41 2.02 -13.09 -0.44
C ARG A 41 1.56 -14.30 0.35
N ASN A 42 0.31 -14.51 0.40
CA ASN A 42 -0.23 -15.67 1.15
C ASN A 42 0.49 -16.95 0.72
N ARG A 43 1.29 -16.83 -0.30
CA ARG A 43 2.10 -17.98 -0.84
C ARG A 43 2.45 -19.00 0.25
N PRO A 44 1.66 -20.05 0.38
CA PRO A 44 1.94 -21.11 1.37
C PRO A 44 2.82 -22.31 0.86
N PRO A 45 3.52 -22.25 -0.27
CA PRO A 45 4.35 -23.40 -0.72
C PRO A 45 5.77 -23.35 -0.13
N LEU A 46 6.72 -23.99 -0.77
CA LEU A 46 8.12 -23.97 -0.26
C LEU A 46 8.88 -22.82 -0.94
N GLU A 47 8.31 -21.65 -0.94
CA GLU A 47 9.00 -20.49 -1.58
C GLU A 47 10.13 -20.00 -0.66
N GLU A 48 10.37 -20.71 0.41
CA GLU A 48 11.45 -20.30 1.35
C GLU A 48 12.79 -20.23 0.62
N ASP A 49 13.85 -20.57 1.30
CA ASP A 49 15.20 -20.54 0.66
C ASP A 49 15.12 -21.13 -0.76
N ASP A 50 15.25 -20.29 -1.75
CA ASP A 50 15.19 -20.80 -3.16
C ASP A 50 15.66 -19.71 -4.12
N GLU A 51 16.94 -19.67 -4.41
CA GLU A 51 17.46 -18.63 -5.32
C GLU A 51 16.87 -18.82 -6.73
N GLU A 52 17.71 -19.08 -7.71
CA GLU A 52 17.19 -19.27 -9.09
C GLU A 52 16.24 -20.46 -9.11
N GLY A 53 15.31 -20.47 -10.04
CA GLY A 53 14.34 -21.59 -10.11
C GLY A 53 13.13 -21.18 -10.95
N GLU A 54 12.45 -22.12 -11.54
CA GLU A 54 11.26 -21.76 -12.36
C GLU A 54 10.49 -23.03 -12.74
N GLY B 1 -44.54 -2.00 3.76
CA GLY B 1 -44.84 -0.54 4.16
C GLY B 1 -44.14 0.57 3.47
N ALA B 2 -44.60 1.77 3.65
CA ALA B 2 -43.94 2.94 2.97
C ALA B 2 -42.48 3.01 3.43
N MET B 3 -41.64 3.63 2.64
CA MET B 3 -40.21 3.75 3.02
C MET B 3 -39.54 4.84 2.16
N GLY B 4 -38.46 5.40 2.64
CA GLY B 4 -37.77 6.46 1.85
C GLY B 4 -38.75 7.61 1.60
N SER B 5 -38.76 8.13 0.39
CA SER B 5 -39.68 9.25 0.07
C SER B 5 -39.90 9.32 -1.43
N LYS B 6 -41.07 8.97 -1.89
CA LYS B 6 -41.35 9.01 -3.36
C LYS B 6 -41.71 10.44 -3.77
N GLY B 7 -41.39 11.40 -2.96
CA GLY B 7 -41.72 12.81 -3.30
C GLY B 7 -40.82 13.28 -4.45
N PRO B 8 -39.54 13.34 -4.20
CA PRO B 8 -38.54 13.78 -5.23
C PRO B 8 -38.17 12.64 -6.18
N ASP B 9 -37.05 12.03 -5.95
CA ASP B 9 -36.60 10.91 -6.82
C ASP B 9 -35.62 10.01 -6.07
N ILE B 10 -34.97 10.54 -5.08
CA ILE B 10 -33.97 9.78 -4.27
C ILE B 10 -32.95 9.05 -5.17
N LEU B 11 -33.11 9.09 -6.46
CA LEU B 11 -32.15 8.40 -7.35
C LEU B 11 -30.87 9.24 -7.49
N VAL B 12 -31.01 10.49 -7.89
CA VAL B 12 -29.81 11.36 -8.08
C VAL B 12 -29.09 11.62 -6.75
N VAL B 13 -29.79 12.10 -5.76
CA VAL B 13 -29.13 12.41 -4.46
C VAL B 13 -28.45 11.15 -3.90
N LEU B 14 -29.07 10.01 -4.03
CA LEU B 14 -28.45 8.77 -3.49
C LEU B 14 -27.09 8.56 -4.18
N LEU B 15 -27.04 8.75 -5.47
CA LEU B 15 -25.75 8.57 -6.19
C LEU B 15 -24.71 9.49 -5.53
N SER B 16 -25.07 10.70 -5.21
CA SER B 16 -24.10 11.63 -4.57
C SER B 16 -23.68 11.05 -3.21
N VAL B 17 -24.63 10.61 -2.44
CA VAL B 17 -24.30 10.02 -1.10
C VAL B 17 -23.31 8.86 -1.28
N MET B 18 -23.62 7.94 -2.16
CA MET B 18 -22.69 6.80 -2.39
C MET B 18 -21.31 7.33 -2.78
N GLY B 19 -21.27 8.39 -3.54
CA GLY B 19 -19.96 8.96 -3.96
C GLY B 19 -19.13 9.27 -2.71
N ALA B 20 -19.70 9.97 -1.77
CA ALA B 20 -18.95 10.30 -0.52
C ALA B 20 -18.36 9.02 0.05
N ILE B 21 -19.14 7.99 0.20
CA ILE B 21 -18.60 6.72 0.75
C ILE B 21 -17.38 6.33 -0.08
N LEU B 22 -17.56 6.19 -1.35
CA LEU B 22 -16.44 5.82 -2.24
C LEU B 22 -15.31 6.84 -2.10
N LEU B 23 -15.63 8.10 -2.18
CA LEU B 23 -14.58 9.16 -2.06
C LEU B 23 -13.93 9.09 -0.67
N ILE B 24 -14.71 9.05 0.38
CA ILE B 24 -14.14 8.99 1.76
C ILE B 24 -13.15 7.82 1.85
N GLY B 25 -13.43 6.74 1.18
CA GLY B 25 -12.52 5.57 1.23
C GLY B 25 -11.37 5.78 0.25
N LEU B 26 -11.68 6.28 -0.92
CA LEU B 26 -10.60 6.52 -1.92
C LEU B 26 -9.59 7.48 -1.32
N ALA B 27 -10.05 8.36 -0.47
CA ALA B 27 -9.10 9.32 0.17
C ALA B 27 -8.27 8.56 1.20
N ALA B 28 -8.91 7.74 1.98
CA ALA B 28 -8.14 6.96 2.99
C ALA B 28 -7.32 5.89 2.27
N LEU B 29 -7.83 5.38 1.19
CA LEU B 29 -7.07 4.34 0.44
C LEU B 29 -5.69 4.89 0.08
N LEU B 30 -5.66 6.06 -0.49
CA LEU B 30 -4.35 6.67 -0.89
C LEU B 30 -3.42 6.81 0.32
N ILE B 31 -3.87 7.46 1.37
CA ILE B 31 -2.98 7.63 2.56
C ILE B 31 -2.55 6.25 3.10
N TRP B 32 -3.47 5.33 3.23
CA TRP B 32 -3.10 3.99 3.75
C TRP B 32 -2.18 3.26 2.76
N LYS B 33 -2.20 3.63 1.51
CA LYS B 33 -1.32 2.96 0.52
C LYS B 33 0.14 3.36 0.79
N LEU B 34 0.39 4.62 0.98
CA LEU B 34 1.80 5.06 1.24
C LEU B 34 2.26 4.42 2.55
N LEU B 35 1.38 4.30 3.51
CA LEU B 35 1.77 3.68 4.79
C LEU B 35 2.18 2.23 4.56
N ILE B 36 1.51 1.54 3.67
CA ILE B 36 1.87 0.13 3.41
C ILE B 36 3.14 0.09 2.55
N THR B 37 3.32 1.06 1.69
CA THR B 37 4.53 1.07 0.83
C THR B 37 5.76 1.46 1.67
N ILE B 38 5.57 2.26 2.68
CA ILE B 38 6.74 2.68 3.51
C ILE B 38 7.23 1.48 4.34
N HIS B 39 6.35 0.70 4.87
CA HIS B 39 6.81 -0.47 5.66
C HIS B 39 7.78 -1.29 4.80
N ASP B 40 7.58 -1.29 3.52
CA ASP B 40 8.48 -2.06 2.61
C ASP B 40 9.67 -1.20 2.18
N ARG B 41 9.51 0.09 2.08
CA ARG B 41 10.66 0.96 1.66
C ARG B 41 11.93 0.56 2.43
N LYS B 42 11.78 0.12 3.64
CA LYS B 42 12.97 -0.27 4.42
C LYS B 42 13.56 -1.54 3.81
N GLU B 43 12.82 -2.60 3.75
CA GLU B 43 13.35 -3.85 3.17
C GLU B 43 13.68 -3.60 1.70
N PHE B 44 12.78 -3.00 0.97
CA PHE B 44 13.05 -2.70 -0.47
C PHE B 44 14.40 -1.97 -0.54
N ALA B 45 14.65 -1.10 0.40
CA ALA B 45 15.95 -0.37 0.41
C ALA B 45 17.03 -1.35 0.89
N LYS B 46 16.89 -1.86 2.08
CA LYS B 46 17.87 -2.83 2.61
C LYS B 46 18.13 -3.92 1.56
N PHE B 47 17.16 -4.19 0.73
CA PHE B 47 17.34 -5.24 -0.32
C PHE B 47 18.35 -4.75 -1.34
N GLU B 48 18.04 -3.67 -2.00
CA GLU B 48 18.95 -3.12 -3.03
C GLU B 48 20.23 -2.62 -2.36
N GLU B 49 20.16 -2.29 -1.10
CA GLU B 49 21.37 -1.79 -0.38
C GLU B 49 22.43 -2.90 -0.35
N GLU B 50 22.03 -4.10 0.00
CA GLU B 50 23.00 -5.22 0.06
C GLU B 50 23.43 -5.60 -1.36
N ARG B 51 22.52 -5.63 -2.28
CA ARG B 51 22.88 -5.99 -3.68
C ARG B 51 23.74 -4.89 -4.28
N ALA B 52 23.60 -3.68 -3.81
CA ALA B 52 24.42 -2.57 -4.36
C ALA B 52 25.88 -2.75 -3.95
N ARG B 53 26.12 -2.97 -2.68
CA ARG B 53 27.52 -3.15 -2.21
C ARG B 53 28.10 -4.44 -2.80
N ALA B 54 27.32 -5.48 -2.88
CA ALA B 54 27.83 -6.76 -3.43
C ALA B 54 28.55 -6.49 -4.75
N LYS B 55 27.95 -5.72 -5.61
CA LYS B 55 28.59 -5.39 -6.91
C LYS B 55 29.85 -4.56 -6.68
N TRP B 56 29.66 -3.39 -6.16
CA TRP B 56 30.83 -2.50 -5.89
C TRP B 56 31.85 -3.29 -5.09
N ASP B 57 31.40 -4.33 -4.45
CA ASP B 57 32.33 -5.17 -3.64
C ASP B 57 33.00 -6.20 -4.55
N THR B 58 32.97 -5.95 -5.83
CA THR B 58 33.61 -6.89 -6.81
C THR B 58 34.01 -6.11 -8.05
N ALA B 59 33.98 -6.74 -9.19
CA ALA B 59 34.39 -6.01 -10.43
C ALA B 59 35.79 -5.47 -10.22
N ASN B 60 36.00 -4.23 -10.56
CA ASN B 60 37.34 -3.62 -10.39
C ASN B 60 37.65 -3.47 -8.89
N ASN B 61 37.20 -4.39 -8.06
CA ASN B 61 37.48 -4.30 -6.60
C ASN B 61 37.83 -5.68 -6.04
N PRO B 62 38.96 -6.22 -6.43
CA PRO B 62 39.43 -7.55 -5.97
C PRO B 62 40.34 -7.44 -4.74
N LEU B 63 40.18 -6.40 -3.97
CA LEU B 63 41.03 -6.21 -2.76
C LEU B 63 41.14 -7.53 -2.00
N TYR B 64 40.08 -8.26 -1.92
CA TYR B 64 40.11 -9.57 -1.19
C TYR B 64 40.74 -10.61 -2.11
N LYS B 65 40.06 -10.92 -3.18
CA LYS B 65 40.58 -11.93 -4.15
C LYS B 65 42.08 -11.73 -4.37
N GLU B 66 42.58 -10.55 -4.14
CA GLU B 66 44.01 -10.29 -4.32
C GLU B 66 44.77 -10.82 -3.10
N ALA B 67 44.51 -10.26 -1.96
CA ALA B 67 45.21 -10.73 -0.72
C ALA B 67 44.69 -9.97 0.51
N THR B 68 43.88 -8.96 0.33
CA THR B 68 43.37 -8.20 1.50
C THR B 68 44.55 -7.57 2.24
N SER B 69 45.51 -7.05 1.52
CA SER B 69 46.69 -6.41 2.17
C SER B 69 47.44 -7.44 3.03
N THR B 70 48.56 -7.91 2.55
CA THR B 70 49.33 -8.92 3.33
C THR B 70 50.78 -8.95 2.83
N PHE B 71 50.98 -8.72 1.56
CA PHE B 71 52.36 -8.73 0.99
C PHE B 71 53.07 -7.44 1.38
N THR B 72 52.48 -6.70 2.27
CA THR B 72 53.10 -5.41 2.71
C THR B 72 54.02 -5.66 3.91
N ASN B 73 54.36 -6.90 4.16
CA ASN B 73 55.25 -7.21 5.32
C ASN B 73 56.22 -8.33 4.94
N ILE B 74 57.00 -8.13 3.92
CA ILE B 74 57.97 -9.18 3.49
C ILE B 74 58.76 -9.66 4.71
N THR B 75 58.68 -10.93 5.02
CA THR B 75 59.44 -11.45 6.19
C THR B 75 60.89 -11.73 5.79
N TYR B 76 61.81 -11.56 6.69
CA TYR B 76 63.23 -11.80 6.37
C TYR B 76 63.39 -13.17 5.67
N ARG B 77 64.18 -13.23 4.64
CA ARG B 77 64.37 -14.53 3.93
C ARG B 77 65.29 -15.43 4.76
N GLY B 78 65.62 -16.58 4.23
CA GLY B 78 66.51 -17.51 4.99
C GLY B 78 67.74 -16.75 5.48
N THR B 79 68.19 -15.79 4.72
CA THR B 79 69.39 -15.01 5.16
C THR B 79 69.00 -14.06 6.30
N GLY A 1 -42.65 20.55 -7.54
CA GLY A 1 -41.21 20.79 -7.10
C GLY A 1 -40.13 20.81 -8.12
N ALA A 2 -38.97 21.29 -7.74
CA ALA A 2 -37.84 21.34 -8.71
C ALA A 2 -36.52 21.52 -7.95
N MET A 3 -36.60 21.71 -6.66
CA MET A 3 -35.35 21.90 -5.87
C MET A 3 -35.65 21.65 -4.39
N GLY A 4 -36.89 21.76 -4.00
CA GLY A 4 -37.25 21.54 -2.57
C GLY A 4 -38.77 21.59 -2.40
N SER A 5 -39.27 21.09 -1.30
CA SER A 5 -40.75 21.11 -1.08
C SER A 5 -41.04 20.87 0.39
N GLU A 6 -42.25 21.11 0.82
CA GLU A 6 -42.59 20.89 2.25
C GLU A 6 -42.63 19.40 2.55
N GLU A 7 -42.25 18.60 1.58
CA GLU A 7 -42.26 17.13 1.76
C GLU A 7 -40.90 16.68 2.32
N ARG A 8 -39.85 17.41 2.05
CA ARG A 8 -38.52 17.03 2.57
C ARG A 8 -38.42 17.38 4.05
N ALA A 9 -38.34 16.40 4.90
CA ALA A 9 -38.25 16.67 6.37
C ALA A 9 -36.79 16.91 6.75
N ILE A 10 -35.95 17.18 5.79
CA ILE A 10 -34.52 17.42 6.09
C ILE A 10 -33.99 16.28 6.97
N PRO A 11 -33.98 15.09 6.43
CA PRO A 11 -33.51 13.88 7.14
C PRO A 11 -32.01 13.64 6.95
N ILE A 12 -31.19 14.54 7.44
CA ILE A 12 -29.72 14.36 7.29
C ILE A 12 -29.33 12.94 7.65
N TRP A 13 -30.16 12.26 8.39
CA TRP A 13 -29.87 10.86 8.77
C TRP A 13 -29.54 10.11 7.50
N TRP A 14 -30.38 10.27 6.54
CA TRP A 14 -30.16 9.63 5.23
C TRP A 14 -28.76 10.00 4.74
N VAL A 15 -28.48 11.26 4.72
CA VAL A 15 -27.14 11.73 4.28
C VAL A 15 -26.10 11.19 5.25
N LEU A 16 -26.38 11.30 6.52
CA LEU A 16 -25.44 10.80 7.55
C LEU A 16 -25.20 9.30 7.34
N VAL A 17 -26.26 8.58 7.20
CA VAL A 17 -26.15 7.10 7.01
C VAL A 17 -25.34 6.81 5.77
N GLY A 18 -25.38 7.69 4.82
CA GLY A 18 -24.59 7.47 3.60
C GLY A 18 -23.14 7.82 3.92
N VAL A 19 -22.93 8.94 4.57
CA VAL A 19 -21.54 9.32 4.94
C VAL A 19 -21.02 8.36 6.00
N LEU A 20 -21.91 7.76 6.76
CA LEU A 20 -21.49 6.80 7.81
C LEU A 20 -21.00 5.53 7.11
N GLY A 21 -21.65 5.17 6.05
CA GLY A 21 -21.22 3.95 5.33
C GLY A 21 -19.91 4.21 4.65
N GLY A 22 -19.58 5.45 4.49
CA GLY A 22 -18.29 5.77 3.85
C GLY A 22 -17.20 5.40 4.85
N LEU A 23 -17.53 5.43 6.11
CA LEU A 23 -16.53 5.02 7.12
C LEU A 23 -16.46 3.50 7.02
N LEU A 24 -17.60 2.91 6.75
CA LEU A 24 -17.64 1.44 6.57
C LEU A 24 -16.90 1.13 5.27
N LEU A 25 -17.11 1.93 4.25
CA LEU A 25 -16.39 1.69 2.98
C LEU A 25 -14.92 2.05 3.18
N LEU A 26 -14.66 3.12 3.86
CA LEU A 26 -13.25 3.53 4.09
C LEU A 26 -12.47 2.35 4.65
N THR A 27 -13.06 1.61 5.53
CA THR A 27 -12.34 0.47 6.14
C THR A 27 -12.20 -0.70 5.16
N ILE A 28 -13.21 -0.96 4.39
CA ILE A 28 -13.14 -2.09 3.42
C ILE A 28 -12.26 -1.73 2.25
N LEU A 29 -12.22 -0.48 1.91
CA LEU A 29 -11.37 -0.03 0.79
C LEU A 29 -9.94 -0.07 1.26
N VAL A 30 -9.72 0.42 2.45
CA VAL A 30 -8.35 0.38 3.02
C VAL A 30 -7.93 -1.08 3.03
N LEU A 31 -8.84 -1.94 3.36
CA LEU A 31 -8.50 -3.38 3.38
C LEU A 31 -8.43 -3.90 1.96
N ALA A 32 -9.34 -3.49 1.16
CA ALA A 32 -9.36 -3.99 -0.21
C ALA A 32 -8.04 -3.69 -0.91
N MET A 33 -7.45 -2.56 -0.67
CA MET A 33 -6.15 -2.29 -1.34
C MET A 33 -5.11 -3.14 -0.66
N TRP A 34 -5.23 -3.27 0.62
CA TRP A 34 -4.30 -4.11 1.41
C TRP A 34 -4.48 -5.56 0.94
N LYS A 35 -5.69 -5.92 0.59
CA LYS A 35 -5.97 -7.31 0.12
C LYS A 35 -5.55 -7.46 -1.34
N VAL A 36 -5.73 -6.45 -2.13
CA VAL A 36 -5.35 -6.56 -3.57
C VAL A 36 -3.87 -6.97 -3.66
N GLY A 37 -3.20 -7.01 -2.53
CA GLY A 37 -1.76 -7.39 -2.54
C GLY A 37 -1.47 -8.36 -1.38
N PHE A 38 -2.21 -8.25 -0.32
CA PHE A 38 -1.97 -9.15 0.85
C PHE A 38 -2.72 -10.47 0.65
N PHE A 39 -3.66 -10.48 -0.24
CA PHE A 39 -4.44 -11.74 -0.49
C PHE A 39 -3.76 -12.50 -1.61
N LYS A 40 -2.88 -11.84 -2.28
CA LYS A 40 -2.14 -12.47 -3.38
C LYS A 40 -1.20 -13.52 -2.77
N ARG A 41 -0.59 -13.16 -1.67
CA ARG A 41 0.34 -14.09 -0.98
C ARG A 41 -0.38 -14.76 0.17
N ASN A 42 -0.69 -16.00 0.01
CA ASN A 42 -1.40 -16.79 1.08
C ASN A 42 -0.56 -18.01 1.45
N ARG A 43 0.74 -17.87 1.41
CA ARG A 43 1.66 -19.00 1.71
C ARG A 43 2.36 -18.83 3.05
N PRO A 44 1.80 -19.35 4.12
CA PRO A 44 2.46 -19.32 5.45
C PRO A 44 3.38 -20.55 5.78
N PRO A 45 3.79 -21.41 4.83
CA PRO A 45 4.66 -22.57 5.16
C PRO A 45 6.14 -22.19 5.10
N LEU A 46 6.83 -22.65 4.08
CA LEU A 46 8.28 -22.33 3.92
C LEU A 46 8.53 -21.91 2.47
N GLU A 47 7.89 -20.87 2.02
CA GLU A 47 8.08 -20.39 0.62
C GLU A 47 9.57 -20.26 0.33
N GLU A 48 10.08 -21.04 -0.60
CA GLU A 48 11.53 -20.97 -0.93
C GLU A 48 11.75 -19.97 -2.07
N ASP A 49 11.76 -18.71 -1.76
CA ASP A 49 11.98 -17.68 -2.82
C ASP A 49 13.46 -17.62 -3.19
N ASP A 50 13.91 -18.50 -4.05
CA ASP A 50 15.35 -18.49 -4.44
C ASP A 50 15.56 -17.48 -5.58
N GLU A 51 16.69 -17.56 -6.25
CA GLU A 51 17.04 -16.65 -7.39
C GLU A 51 16.08 -15.45 -7.48
N GLU A 52 15.35 -15.35 -8.56
CA GLU A 52 14.40 -14.20 -8.72
C GLU A 52 13.08 -14.53 -8.01
N GLY A 53 12.25 -15.31 -8.63
CA GLY A 53 10.94 -15.68 -8.02
C GLY A 53 10.70 -17.19 -8.20
N GLU A 54 11.03 -17.72 -9.35
CA GLU A 54 10.82 -19.17 -9.58
C GLU A 54 9.36 -19.54 -9.27
N GLY B 1 -38.61 0.92 -1.67
CA GLY B 1 -38.10 0.83 -0.23
C GLY B 1 -39.00 1.16 0.90
N ALA B 2 -38.65 0.76 2.10
CA ALA B 2 -39.53 1.06 3.27
C ALA B 2 -39.52 2.57 3.53
N MET B 3 -40.66 3.15 3.77
CA MET B 3 -40.72 4.62 4.04
C MET B 3 -39.99 5.38 2.93
N GLY B 4 -39.31 6.43 3.27
CA GLY B 4 -38.58 7.23 2.23
C GLY B 4 -39.52 8.29 1.65
N SER B 5 -39.38 8.61 0.39
CA SER B 5 -40.26 9.64 -0.23
C SER B 5 -40.55 9.24 -1.69
N LYS B 6 -41.79 9.20 -2.06
CA LYS B 6 -42.13 8.83 -3.47
C LYS B 6 -42.15 10.06 -4.37
N GLY B 7 -42.83 11.11 -3.95
CA GLY B 7 -42.89 12.33 -4.80
C GLY B 7 -41.48 12.69 -5.30
N PRO B 8 -40.57 13.00 -4.41
CA PRO B 8 -39.17 13.35 -4.79
C PRO B 8 -38.50 12.26 -5.64
N ASP B 9 -37.32 11.87 -5.29
CA ASP B 9 -36.61 10.81 -6.06
C ASP B 9 -35.52 10.17 -5.20
N ILE B 10 -35.02 10.91 -4.24
CA ILE B 10 -33.94 10.40 -3.33
C ILE B 10 -32.77 9.80 -4.14
N LEU B 11 -32.88 9.72 -5.43
CA LEU B 11 -31.77 9.16 -6.25
C LEU B 11 -30.65 10.21 -6.36
N VAL B 12 -30.98 11.39 -6.82
CA VAL B 12 -29.96 12.46 -6.97
C VAL B 12 -29.20 12.67 -5.66
N VAL B 13 -29.90 12.89 -4.58
CA VAL B 13 -29.21 13.12 -3.28
C VAL B 13 -28.37 11.88 -2.92
N LEU B 14 -28.92 10.71 -3.04
CA LEU B 14 -28.15 9.48 -2.71
C LEU B 14 -26.87 9.43 -3.54
N LEU B 15 -26.96 9.77 -4.81
CA LEU B 15 -25.75 9.73 -5.67
C LEU B 15 -24.69 10.68 -5.10
N SER B 16 -25.10 11.84 -4.65
CA SER B 16 -24.11 12.81 -4.10
C SER B 16 -23.47 12.23 -2.83
N VAL B 17 -24.26 11.80 -1.89
CA VAL B 17 -23.69 11.22 -0.65
C VAL B 17 -22.89 9.96 -0.99
N MET B 18 -23.39 9.16 -1.89
CA MET B 18 -22.64 7.93 -2.27
C MET B 18 -21.29 8.33 -2.86
N GLY B 19 -21.26 9.42 -3.58
CA GLY B 19 -19.96 9.87 -4.16
C GLY B 19 -18.99 10.13 -3.01
N ALA B 20 -19.45 10.74 -1.95
CA ALA B 20 -18.57 11.01 -0.79
C ALA B 20 -18.08 9.67 -0.24
N ILE B 21 -18.96 8.71 -0.09
CA ILE B 21 -18.52 7.39 0.42
C ILE B 21 -17.38 6.90 -0.46
N LEU B 22 -17.59 6.86 -1.73
CA LEU B 22 -16.53 6.40 -2.67
C LEU B 22 -15.29 7.29 -2.54
N LEU B 23 -15.48 8.58 -2.46
CA LEU B 23 -14.32 9.51 -2.34
C LEU B 23 -13.67 9.39 -0.95
N ILE B 24 -14.46 9.36 0.09
CA ILE B 24 -13.89 9.26 1.46
C ILE B 24 -12.93 8.05 1.55
N GLY B 25 -13.26 6.98 0.88
CA GLY B 25 -12.37 5.78 0.92
C GLY B 25 -11.23 5.94 -0.07
N LEU B 26 -11.52 6.49 -1.22
CA LEU B 26 -10.45 6.69 -2.23
C LEU B 26 -9.39 7.60 -1.61
N ALA B 27 -9.81 8.49 -0.76
CA ALA B 27 -8.83 9.40 -0.11
C ALA B 27 -8.03 8.59 0.90
N ALA B 28 -8.71 7.79 1.67
CA ALA B 28 -8.00 6.95 2.68
C ALA B 28 -7.15 5.92 1.96
N LEU B 29 -7.64 5.40 0.86
CA LEU B 29 -6.85 4.40 0.10
C LEU B 29 -5.50 5.01 -0.27
N LEU B 30 -5.52 6.15 -0.90
CA LEU B 30 -4.25 6.81 -1.31
C LEU B 30 -3.27 6.84 -0.14
N ILE B 31 -3.65 7.41 0.97
CA ILE B 31 -2.71 7.46 2.13
C ILE B 31 -2.29 6.03 2.50
N TRP B 32 -3.25 5.18 2.73
CA TRP B 32 -2.94 3.77 3.11
C TRP B 32 -2.13 3.10 2.00
N LYS B 33 -2.23 3.59 0.78
CA LYS B 33 -1.44 2.96 -0.33
C LYS B 33 0.05 3.24 -0.08
N LEU B 34 0.38 4.44 0.29
CA LEU B 34 1.80 4.75 0.56
C LEU B 34 2.30 3.83 1.67
N LEU B 35 1.51 3.63 2.68
CA LEU B 35 1.95 2.74 3.79
C LEU B 35 2.21 1.33 3.23
N ILE B 36 1.41 0.88 2.29
CA ILE B 36 1.65 -0.49 1.74
C ILE B 36 2.89 -0.42 0.83
N THR B 37 3.08 0.66 0.13
CA THR B 37 4.27 0.77 -0.77
C THR B 37 5.52 1.07 0.07
N ILE B 38 5.40 1.85 1.11
CA ILE B 38 6.60 2.19 1.92
C ILE B 38 7.15 0.92 2.58
N HIS B 39 6.33 0.06 3.06
CA HIS B 39 6.86 -1.19 3.69
C HIS B 39 7.82 -1.85 2.70
N ASP B 40 7.56 -1.70 1.42
CA ASP B 40 8.44 -2.31 0.39
C ASP B 40 9.59 -1.35 0.02
N ARG B 41 9.35 -0.06 0.04
CA ARG B 41 10.44 0.91 -0.33
C ARG B 41 11.73 0.51 0.37
N LYS B 42 11.64 -0.03 1.55
CA LYS B 42 12.85 -0.43 2.28
C LYS B 42 13.51 -1.60 1.54
N GLU B 43 12.81 -2.68 1.37
CA GLU B 43 13.40 -3.83 0.65
C GLU B 43 13.74 -3.40 -0.77
N PHE B 44 12.81 -2.77 -1.45
CA PHE B 44 13.10 -2.30 -2.83
C PHE B 44 14.43 -1.54 -2.81
N ALA B 45 14.62 -0.72 -1.81
CA ALA B 45 15.91 0.03 -1.70
C ALA B 45 17.00 -0.98 -1.36
N LYS B 46 16.89 -1.61 -0.23
CA LYS B 46 17.89 -2.61 0.18
C LYS B 46 18.14 -3.59 -0.97
N PHE B 47 17.19 -3.74 -1.86
CA PHE B 47 17.37 -4.68 -3.00
C PHE B 47 18.46 -4.16 -3.93
N GLU B 48 18.25 -3.00 -4.48
CA GLU B 48 19.26 -2.41 -5.41
C GLU B 48 20.50 -2.01 -4.63
N GLU B 49 20.37 -1.77 -3.35
CA GLU B 49 21.57 -1.37 -2.55
C GLU B 49 22.56 -2.52 -2.51
N GLU B 50 22.09 -3.72 -2.37
CA GLU B 50 23.02 -4.89 -2.31
C GLU B 50 23.53 -5.22 -3.71
N ARG B 51 22.68 -5.12 -4.71
CA ARG B 51 23.13 -5.45 -6.09
C ARG B 51 24.19 -4.44 -6.54
N ALA B 52 24.22 -3.28 -5.95
CA ALA B 52 25.23 -2.25 -6.34
C ALA B 52 26.55 -2.51 -5.61
N ARG B 53 26.51 -2.72 -4.33
CA ARG B 53 27.76 -2.96 -3.56
C ARG B 53 28.26 -4.39 -3.76
N ALA B 54 27.38 -5.30 -4.10
CA ALA B 54 27.81 -6.72 -4.31
C ALA B 54 29.09 -6.75 -5.16
N LYS B 55 29.11 -5.98 -6.22
CA LYS B 55 30.31 -5.95 -7.11
C LYS B 55 31.42 -5.17 -6.43
N TRP B 56 31.19 -3.92 -6.19
CA TRP B 56 32.23 -3.08 -5.54
C TRP B 56 32.71 -3.79 -4.28
N ASP B 57 31.92 -4.68 -3.79
CA ASP B 57 32.31 -5.43 -2.57
C ASP B 57 33.35 -6.49 -2.93
N THR B 58 33.82 -6.44 -4.15
CA THR B 58 34.84 -7.42 -4.60
C THR B 58 35.38 -6.97 -5.95
N ALA B 59 35.62 -7.90 -6.84
CA ALA B 59 36.17 -7.51 -8.16
C ALA B 59 37.43 -6.69 -7.96
N ASN B 60 37.54 -5.60 -8.65
CA ASN B 60 38.75 -4.75 -8.49
C ASN B 60 38.76 -4.12 -7.09
N ASN B 61 38.34 -4.85 -6.07
CA ASN B 61 38.33 -4.29 -4.69
C ASN B 61 38.85 -5.34 -3.69
N PRO B 62 40.10 -5.71 -3.78
CA PRO B 62 40.72 -6.71 -2.87
C PRO B 62 41.41 -6.06 -1.66
N LEU B 63 41.00 -4.87 -1.33
CA LEU B 63 41.63 -4.18 -0.17
C LEU B 63 41.60 -5.10 1.06
N TYR B 64 40.70 -6.04 1.05
CA TYR B 64 40.60 -6.98 2.20
C TYR B 64 41.67 -8.07 2.05
N LYS B 65 41.50 -8.92 1.08
CA LYS B 65 42.49 -10.01 0.85
C LYS B 65 43.91 -9.47 0.95
N GLU B 66 44.10 -8.23 0.59
CA GLU B 66 45.45 -7.63 0.66
C GLU B 66 45.86 -7.47 2.13
N ALA B 67 45.05 -6.79 2.90
CA ALA B 67 45.37 -6.59 4.34
C ALA B 67 46.69 -5.81 4.47
N THR B 68 47.06 -5.10 3.44
CA THR B 68 48.33 -4.32 3.50
C THR B 68 49.46 -5.20 4.05
N SER B 69 49.55 -6.42 3.58
CA SER B 69 50.63 -7.33 4.08
C SER B 69 50.92 -8.39 3.01
N THR B 70 51.73 -8.05 2.03
CA THR B 70 52.06 -9.04 0.97
C THR B 70 53.42 -8.70 0.37
N PHE B 71 53.64 -7.45 0.06
CA PHE B 71 54.92 -7.03 -0.53
C PHE B 71 56.07 -7.37 0.44
N THR B 72 57.28 -7.41 -0.05
CA THR B 72 58.44 -7.70 0.82
C THR B 72 58.10 -8.89 1.75
N ASN B 73 57.68 -9.98 1.17
CA ASN B 73 57.33 -11.18 1.99
C ASN B 73 58.56 -12.07 2.16
N ILE B 74 59.70 -11.56 1.80
CA ILE B 74 60.95 -12.37 1.94
C ILE B 74 61.55 -12.14 3.33
N THR B 75 61.16 -12.92 4.30
CA THR B 75 61.70 -12.73 5.68
C THR B 75 61.46 -13.99 6.50
N TYR B 76 60.96 -15.00 5.86
CA TYR B 76 60.68 -16.29 6.57
C TYR B 76 61.95 -17.15 6.58
N ARG B 77 63.10 -16.52 6.59
CA ARG B 77 64.39 -17.28 6.61
C ARG B 77 65.08 -17.07 7.96
N GLY B 78 64.75 -17.87 8.94
CA GLY B 78 65.39 -17.73 10.27
C GLY B 78 66.81 -18.26 10.21
N THR B 79 67.44 -18.22 9.07
CA THR B 79 68.83 -18.74 8.96
C THR B 79 69.80 -17.71 9.55
N GLY A 1 -38.11 21.74 -5.33
CA GLY A 1 -38.37 22.44 -6.67
C GLY A 1 -37.54 23.61 -7.06
N ALA A 2 -37.03 24.33 -6.11
CA ALA A 2 -36.19 25.52 -6.43
C ALA A 2 -35.37 25.92 -5.21
N MET A 3 -34.70 24.97 -4.60
CA MET A 3 -33.89 25.29 -3.40
C MET A 3 -34.73 26.11 -2.40
N GLY A 4 -35.66 25.48 -1.75
CA GLY A 4 -36.51 26.23 -0.77
C GLY A 4 -37.44 25.24 -0.06
N SER A 5 -37.86 25.58 1.14
CA SER A 5 -38.77 24.67 1.89
C SER A 5 -38.90 25.17 3.33
N GLU A 6 -39.78 24.59 4.10
CA GLU A 6 -39.95 25.02 5.53
C GLU A 6 -40.11 23.79 6.41
N GLU A 7 -39.97 22.64 5.82
CA GLU A 7 -40.09 21.36 6.59
C GLU A 7 -38.80 20.55 6.42
N ARG A 8 -38.18 20.65 5.28
CA ARG A 8 -36.92 19.88 5.05
C ARG A 8 -35.95 20.13 6.21
N ALA A 9 -34.82 19.47 6.19
CA ALA A 9 -33.83 19.65 7.29
C ALA A 9 -32.50 19.04 6.85
N ILE A 10 -32.20 19.07 5.58
CA ILE A 10 -30.93 18.49 5.08
C ILE A 10 -30.71 17.10 5.70
N PRO A 11 -31.54 16.17 5.36
CA PRO A 11 -31.46 14.77 5.87
C PRO A 11 -30.05 14.18 5.76
N ILE A 12 -29.17 14.57 6.65
CA ILE A 12 -27.78 14.04 6.59
C ILE A 12 -27.78 12.56 6.91
N TRP A 13 -28.75 12.09 7.65
CA TRP A 13 -28.82 10.64 7.99
C TRP A 13 -28.68 9.87 6.69
N TRP A 14 -29.46 10.27 5.75
CA TRP A 14 -29.44 9.64 4.42
C TRP A 14 -28.00 9.68 3.91
N VAL A 15 -27.45 10.84 3.81
CA VAL A 15 -26.04 10.98 3.33
C VAL A 15 -25.12 10.23 4.29
N LEU A 16 -25.39 10.33 5.57
CA LEU A 16 -24.57 9.63 6.58
C LEU A 16 -24.62 8.14 6.31
N VAL A 17 -25.81 7.65 6.13
CA VAL A 17 -25.99 6.19 5.88
C VAL A 17 -25.19 5.81 4.63
N GLY A 18 -25.12 6.69 3.69
CA GLY A 18 -24.33 6.40 2.48
C GLY A 18 -22.85 6.59 2.83
N VAL A 19 -22.53 7.67 3.48
CA VAL A 19 -21.11 7.91 3.86
C VAL A 19 -20.67 6.79 4.81
N LEU A 20 -21.57 6.27 5.59
CA LEU A 20 -21.22 5.17 6.53
C LEU A 20 -20.88 3.94 5.68
N GLY A 21 -21.64 3.71 4.66
CA GLY A 21 -21.37 2.54 3.79
C GLY A 21 -20.09 2.77 3.00
N GLY A 22 -19.70 3.99 2.85
CA GLY A 22 -18.45 4.26 2.12
C GLY A 22 -17.31 3.81 3.00
N LEU A 23 -17.57 3.73 4.27
CA LEU A 23 -16.53 3.23 5.19
C LEU A 23 -16.50 1.73 4.96
N LEU A 24 -17.67 1.16 4.82
CA LEU A 24 -17.77 -0.28 4.55
C LEU A 24 -17.13 -0.55 3.19
N LEU A 25 -17.34 0.30 2.21
CA LEU A 25 -16.71 0.07 0.90
C LEU A 25 -15.21 0.29 1.04
N LEU A 26 -14.83 1.38 1.61
CA LEU A 26 -13.38 1.64 1.77
C LEU A 26 -12.78 0.51 2.60
N THR A 27 -13.52 0.02 3.55
CA THR A 27 -12.97 -1.06 4.40
C THR A 27 -12.61 -2.26 3.52
N ILE A 28 -13.44 -2.58 2.58
CA ILE A 28 -13.18 -3.72 1.67
C ILE A 28 -12.07 -3.32 0.70
N LEU A 29 -12.01 -2.07 0.39
CA LEU A 29 -10.99 -1.57 -0.54
C LEU A 29 -9.67 -1.49 0.22
N VAL A 30 -9.71 -0.96 1.40
CA VAL A 30 -8.48 -0.87 2.22
C VAL A 30 -7.96 -2.28 2.37
N LEU A 31 -8.83 -3.22 2.56
CA LEU A 31 -8.39 -4.62 2.70
C LEU A 31 -7.97 -5.16 1.37
N ALA A 32 -8.72 -4.85 0.38
CA ALA A 32 -8.39 -5.39 -0.95
C ALA A 32 -6.99 -4.96 -1.35
N MET A 33 -6.59 -3.75 -1.07
CA MET A 33 -5.20 -3.37 -1.45
C MET A 33 -4.25 -4.04 -0.46
N TRP A 34 -4.69 -4.15 0.76
CA TRP A 34 -3.85 -4.83 1.77
C TRP A 34 -3.72 -6.27 1.32
N LYS A 35 -4.76 -6.83 0.75
CA LYS A 35 -4.70 -8.22 0.26
C LYS A 35 -3.72 -8.29 -0.91
N VAL A 36 -3.79 -7.33 -1.76
CA VAL A 36 -2.87 -7.32 -2.93
C VAL A 36 -1.42 -7.40 -2.44
N GLY A 37 -1.21 -7.41 -1.15
CA GLY A 37 0.20 -7.49 -0.62
C GLY A 37 0.23 -8.37 0.61
N PHE A 38 -0.86 -8.46 1.32
CA PHE A 38 -0.91 -9.29 2.53
C PHE A 38 -1.24 -10.73 2.16
N PHE A 39 -1.70 -10.92 0.97
CA PHE A 39 -2.07 -12.29 0.49
C PHE A 39 -0.87 -12.86 -0.25
N LYS A 40 0.02 -12.00 -0.57
CA LYS A 40 1.26 -12.40 -1.28
C LYS A 40 1.95 -13.48 -0.44
N ARG A 41 1.94 -13.28 0.84
CA ARG A 41 2.58 -14.25 1.77
C ARG A 41 1.59 -15.36 2.11
N ASN A 42 1.51 -15.72 3.35
CA ASN A 42 0.57 -16.79 3.77
C ASN A 42 0.69 -17.98 2.81
N ARG A 43 1.84 -18.10 2.19
CA ARG A 43 2.10 -19.19 1.22
C ARG A 43 3.05 -20.26 1.78
N PRO A 44 2.52 -21.33 2.34
CA PRO A 44 3.37 -22.45 2.85
C PRO A 44 3.68 -23.59 1.83
N PRO A 45 3.49 -23.43 0.51
CA PRO A 45 3.81 -24.54 -0.44
C PRO A 45 5.29 -24.52 -0.83
N LEU A 46 5.64 -25.00 -1.98
CA LEU A 46 7.06 -25.00 -2.39
C LEU A 46 7.52 -23.55 -2.62
N GLU A 47 7.37 -22.71 -1.62
CA GLU A 47 7.77 -21.28 -1.75
C GLU A 47 8.61 -20.87 -0.55
N GLU A 48 8.00 -20.79 0.60
CA GLU A 48 8.76 -20.39 1.83
C GLU A 48 9.68 -21.54 2.25
N ASP A 49 10.26 -22.22 1.30
CA ASP A 49 11.17 -23.36 1.64
C ASP A 49 12.63 -22.91 1.52
N ASP A 50 13.03 -21.96 2.33
CA ASP A 50 14.44 -21.47 2.26
C ASP A 50 14.80 -20.79 3.58
N GLU A 51 15.99 -21.04 4.08
CA GLU A 51 16.41 -20.40 5.36
C GLU A 51 16.85 -18.96 5.09
N GLU A 52 18.14 -18.72 5.06
CA GLU A 52 18.63 -17.34 4.80
C GLU A 52 18.35 -16.97 3.35
N GLY A 53 18.79 -15.82 2.93
CA GLY A 53 18.55 -15.40 1.51
C GLY A 53 19.61 -16.04 0.61
N GLU A 54 19.82 -17.33 0.75
CA GLU A 54 20.83 -18.01 -0.10
C GLU A 54 20.64 -19.53 0.01
N GLY B 1 -37.25 1.61 -3.63
CA GLY B 1 -38.59 1.34 -2.95
C GLY B 1 -39.77 2.20 -3.25
N ALA B 2 -40.96 1.68 -3.05
CA ALA B 2 -42.17 2.50 -3.34
C ALA B 2 -42.25 3.66 -2.35
N MET B 3 -42.06 3.39 -1.08
CA MET B 3 -42.13 4.47 -0.06
C MET B 3 -41.01 5.49 -0.33
N GLY B 4 -41.33 6.75 -0.31
CA GLY B 4 -40.29 7.79 -0.56
C GLY B 4 -40.94 9.18 -0.49
N SER B 5 -40.14 10.21 -0.41
CA SER B 5 -40.70 11.58 -0.34
C SER B 5 -41.21 11.99 -1.72
N LYS B 6 -42.51 12.06 -1.89
CA LYS B 6 -43.07 12.45 -3.21
C LYS B 6 -42.95 13.96 -3.38
N GLY B 7 -42.50 14.66 -2.37
CA GLY B 7 -42.38 16.14 -2.49
C GLY B 7 -41.29 16.48 -3.51
N PRO B 8 -40.04 16.36 -3.14
CA PRO B 8 -38.89 16.65 -4.03
C PRO B 8 -38.65 15.52 -5.03
N ASP B 9 -37.64 14.73 -4.79
CA ASP B 9 -37.33 13.60 -5.71
C ASP B 9 -36.39 12.60 -5.02
N ILE B 10 -35.61 13.08 -4.08
CA ILE B 10 -34.64 12.22 -3.33
C ILE B 10 -33.78 11.36 -4.27
N LEU B 11 -34.06 11.35 -5.55
CA LEU B 11 -33.25 10.53 -6.49
C LEU B 11 -31.91 11.25 -6.75
N VAL B 12 -31.97 12.49 -7.14
CA VAL B 12 -30.72 13.25 -7.44
C VAL B 12 -29.78 13.22 -6.24
N VAL B 13 -30.24 13.61 -5.08
CA VAL B 13 -29.36 13.61 -3.89
C VAL B 13 -28.75 12.23 -3.67
N LEU B 14 -29.55 11.19 -3.73
CA LEU B 14 -29.02 9.82 -3.52
C LEU B 14 -27.89 9.55 -4.53
N LEU B 15 -28.08 9.93 -5.76
CA LEU B 15 -27.03 9.71 -6.79
C LEU B 15 -25.70 10.28 -6.29
N SER B 16 -25.74 11.47 -5.74
CA SER B 16 -24.48 12.08 -5.24
C SER B 16 -23.96 11.28 -4.04
N VAL B 17 -24.82 10.90 -3.15
CA VAL B 17 -24.39 10.11 -1.96
C VAL B 17 -23.62 8.87 -2.41
N MET B 18 -24.11 8.17 -3.39
CA MET B 18 -23.40 6.94 -3.87
C MET B 18 -22.03 7.33 -4.44
N GLY B 19 -21.96 8.38 -5.21
CA GLY B 19 -20.65 8.78 -5.78
C GLY B 19 -19.67 9.02 -4.63
N ALA B 20 -20.15 9.53 -3.53
CA ALA B 20 -19.25 9.79 -2.36
C ALA B 20 -18.71 8.45 -1.84
N ILE B 21 -19.53 7.45 -1.71
CA ILE B 21 -19.03 6.14 -1.22
C ILE B 21 -17.82 5.75 -2.08
N LEU B 22 -18.02 5.71 -3.36
CA LEU B 22 -16.92 5.34 -4.30
C LEU B 22 -15.74 6.31 -4.13
N LEU B 23 -16.01 7.58 -4.04
CA LEU B 23 -14.92 8.59 -3.91
C LEU B 23 -14.31 8.56 -2.50
N ILE B 24 -15.13 8.49 -1.49
CA ILE B 24 -14.61 8.47 -0.09
C ILE B 24 -13.56 7.38 0.07
N GLY B 25 -13.77 6.25 -0.53
CA GLY B 25 -12.79 5.14 -0.37
C GLY B 25 -11.64 5.32 -1.35
N LEU B 26 -11.91 5.87 -2.49
CA LEU B 26 -10.81 6.07 -3.48
C LEU B 26 -9.81 7.05 -2.86
N ALA B 27 -10.30 7.97 -2.09
CA ALA B 27 -9.38 8.96 -1.46
C ALA B 27 -8.61 8.26 -0.33
N ALA B 28 -9.30 7.54 0.50
CA ALA B 28 -8.60 6.83 1.61
C ALA B 28 -7.81 5.67 1.00
N LEU B 29 -8.30 5.11 -0.08
CA LEU B 29 -7.56 3.98 -0.73
C LEU B 29 -6.12 4.43 -0.97
N LEU B 30 -5.97 5.54 -1.63
CA LEU B 30 -4.60 6.06 -1.91
C LEU B 30 -3.81 6.20 -0.61
N ILE B 31 -4.37 6.83 0.38
CA ILE B 31 -3.63 6.99 1.67
C ILE B 31 -3.17 5.61 2.18
N TRP B 32 -4.08 4.70 2.39
CA TRP B 32 -3.71 3.35 2.88
C TRP B 32 -2.71 2.71 1.90
N LYS B 33 -2.86 2.97 0.62
CA LYS B 33 -1.93 2.38 -0.38
C LYS B 33 -0.48 2.71 0.01
N LEU B 34 -0.23 3.92 0.43
CA LEU B 34 1.15 4.32 0.82
C LEU B 34 1.53 3.61 2.11
N LEU B 35 0.61 3.51 3.03
CA LEU B 35 0.91 2.83 4.33
C LEU B 35 1.44 1.43 4.03
N ILE B 36 0.92 0.77 3.03
CA ILE B 36 1.41 -0.60 2.70
C ILE B 36 2.77 -0.48 2.00
N THR B 37 2.88 0.43 1.07
CA THR B 37 4.18 0.61 0.36
C THR B 37 5.29 0.93 1.35
N ILE B 38 4.94 1.48 2.48
CA ILE B 38 6.00 1.81 3.49
C ILE B 38 6.52 0.53 4.13
N HIS B 39 5.66 -0.35 4.54
CA HIS B 39 6.15 -1.62 5.15
C HIS B 39 7.14 -2.25 4.17
N ASP B 40 6.98 -1.97 2.90
CA ASP B 40 7.90 -2.53 1.88
C ASP B 40 9.11 -1.61 1.69
N ARG B 41 8.98 -0.34 1.95
CA ARG B 41 10.14 0.59 1.76
C ARG B 41 11.40 -0.03 2.37
N LYS B 42 11.25 -0.81 3.41
CA LYS B 42 12.43 -1.43 4.04
C LYS B 42 12.99 -2.50 3.09
N GLU B 43 12.20 -3.49 2.76
CA GLU B 43 12.71 -4.54 1.83
C GLU B 43 13.04 -3.89 0.49
N PHE B 44 12.13 -3.10 -0.05
CA PHE B 44 12.42 -2.43 -1.34
C PHE B 44 13.78 -1.74 -1.22
N ALA B 45 14.04 -1.14 -0.09
CA ALA B 45 15.35 -0.47 0.11
C ALA B 45 16.41 -1.56 0.25
N LYS B 46 16.29 -2.39 1.26
CA LYS B 46 17.25 -3.48 1.46
C LYS B 46 17.42 -4.25 0.15
N PHE B 47 16.45 -4.19 -0.73
CA PHE B 47 16.58 -4.92 -2.03
C PHE B 47 17.63 -4.24 -2.90
N GLU B 48 17.43 -2.99 -3.22
CA GLU B 48 18.42 -2.27 -4.07
C GLU B 48 19.75 -2.17 -3.32
N GLU B 49 19.72 -2.20 -2.02
CA GLU B 49 20.97 -2.11 -1.23
C GLU B 49 21.83 -3.35 -1.48
N GLU B 50 21.25 -4.51 -1.37
CA GLU B 50 22.03 -5.75 -1.61
C GLU B 50 22.57 -5.76 -3.03
N ARG B 51 21.77 -5.38 -3.99
CA ARG B 51 22.25 -5.35 -5.39
C ARG B 51 23.32 -4.28 -5.57
N ALA B 52 23.19 -3.17 -4.88
CA ALA B 52 24.19 -2.09 -5.02
C ALA B 52 25.48 -2.50 -4.29
N ARG B 53 25.36 -3.15 -3.17
CA ARG B 53 26.57 -3.56 -2.41
C ARG B 53 27.22 -4.77 -3.09
N ALA B 54 26.43 -5.70 -3.56
CA ALA B 54 26.99 -6.91 -4.23
C ALA B 54 28.10 -6.49 -5.21
N LYS B 55 27.92 -5.38 -5.87
CA LYS B 55 28.95 -4.93 -6.84
C LYS B 55 30.18 -4.42 -6.09
N TRP B 56 30.03 -3.36 -5.37
CA TRP B 56 31.19 -2.81 -4.60
C TRP B 56 31.81 -3.94 -3.79
N ASP B 57 31.07 -4.97 -3.57
CA ASP B 57 31.61 -6.11 -2.78
C ASP B 57 32.74 -6.77 -3.55
N THR B 58 32.74 -6.62 -4.83
CA THR B 58 33.79 -7.22 -5.68
C THR B 58 33.81 -6.52 -7.04
N ALA B 59 34.97 -6.36 -7.62
CA ALA B 59 35.06 -5.68 -8.95
C ALA B 59 36.51 -5.70 -9.42
N ASN B 60 37.39 -6.01 -8.52
CA ASN B 60 38.83 -6.07 -8.86
C ASN B 60 39.60 -6.62 -7.65
N ASN B 61 38.87 -7.24 -6.74
CA ASN B 61 39.46 -7.85 -5.49
C ASN B 61 40.99 -7.71 -5.44
N PRO B 62 41.47 -6.54 -5.12
CA PRO B 62 42.94 -6.28 -5.04
C PRO B 62 43.56 -6.66 -3.69
N LEU B 63 42.83 -7.36 -2.87
CA LEU B 63 43.38 -7.77 -1.55
C LEU B 63 44.13 -9.10 -1.72
N TYR B 64 43.63 -9.95 -2.58
CA TYR B 64 44.30 -11.26 -2.80
C TYR B 64 45.33 -11.10 -3.91
N LYS B 65 44.93 -10.50 -5.00
CA LYS B 65 45.86 -10.30 -6.16
C LYS B 65 47.24 -9.87 -5.63
N GLU B 66 47.26 -9.10 -4.58
CA GLU B 66 48.54 -8.65 -4.01
C GLU B 66 49.13 -9.80 -3.18
N ALA B 67 48.52 -10.09 -2.05
CA ALA B 67 49.02 -11.20 -1.18
C ALA B 67 48.41 -11.03 0.23
N THR B 68 47.26 -10.42 0.34
CA THR B 68 46.62 -10.24 1.68
C THR B 68 47.67 -9.72 2.67
N SER B 69 48.69 -9.07 2.18
CA SER B 69 49.76 -8.54 3.07
C SER B 69 50.98 -8.18 2.21
N THR B 70 51.25 -6.91 2.06
CA THR B 70 52.42 -6.51 1.22
C THR B 70 52.95 -5.16 1.71
N PHE B 71 52.25 -4.11 1.42
CA PHE B 71 52.72 -2.76 1.84
C PHE B 71 52.86 -2.73 3.38
N THR B 72 53.83 -2.01 3.86
CA THR B 72 54.08 -1.90 5.34
C THR B 72 53.80 -3.24 6.03
N ASN B 73 53.92 -4.33 5.31
CA ASN B 73 53.65 -5.66 5.92
C ASN B 73 54.61 -6.70 5.36
N ILE B 74 55.84 -6.33 5.13
CA ILE B 74 56.82 -7.30 4.57
C ILE B 74 56.76 -8.61 5.37
N THR B 75 56.17 -9.62 4.81
CA THR B 75 56.07 -10.91 5.54
C THR B 75 57.43 -11.60 5.53
N TYR B 76 57.45 -12.91 5.54
CA TYR B 76 58.74 -13.64 5.54
C TYR B 76 59.26 -13.74 4.10
N ARG B 77 58.93 -12.80 3.28
CA ARG B 77 59.39 -12.82 1.85
C ARG B 77 60.61 -11.90 1.71
N GLY B 78 61.66 -12.38 1.11
CA GLY B 78 62.87 -11.53 0.93
C GLY B 78 63.78 -12.16 -0.13
N THR B 79 64.37 -11.34 -0.96
CA THR B 79 65.27 -11.89 -2.01
C THR B 79 66.58 -12.35 -1.38
N GLY A 1 -36.85 20.86 -9.01
CA GLY A 1 -36.91 20.41 -7.56
C GLY A 1 -36.32 21.28 -6.50
N ALA A 2 -35.35 22.08 -6.84
CA ALA A 2 -34.72 22.97 -5.82
C ALA A 2 -35.65 24.15 -5.55
N MET A 3 -35.85 25.01 -6.51
CA MET A 3 -36.74 26.18 -6.30
C MET A 3 -38.17 25.69 -6.03
N GLY A 4 -38.38 24.40 -6.08
CA GLY A 4 -39.76 23.87 -5.82
C GLY A 4 -40.08 23.98 -4.33
N SER A 5 -39.12 23.76 -3.48
CA SER A 5 -39.38 23.85 -2.01
C SER A 5 -38.06 24.02 -1.27
N GLU A 6 -37.99 24.95 -0.37
CA GLU A 6 -36.72 25.18 0.40
C GLU A 6 -36.72 24.26 1.62
N GLU A 7 -37.65 23.37 1.69
CA GLU A 7 -37.73 22.45 2.85
C GLU A 7 -36.79 21.26 2.63
N ARG A 8 -37.19 20.32 1.80
CA ARG A 8 -36.33 19.14 1.53
C ARG A 8 -36.10 18.33 2.81
N ALA A 9 -36.48 18.86 3.95
CA ALA A 9 -36.29 18.14 5.23
C ALA A 9 -34.82 18.15 5.61
N ILE A 10 -33.95 18.16 4.65
CA ILE A 10 -32.48 18.18 4.94
C ILE A 10 -32.17 17.11 6.00
N PRO A 11 -32.36 15.87 5.66
CA PRO A 11 -32.10 14.73 6.58
C PRO A 11 -30.66 14.23 6.52
N ILE A 12 -29.76 14.93 7.15
CA ILE A 12 -28.33 14.50 7.15
C ILE A 12 -28.25 13.04 7.59
N TRP A 13 -29.22 12.58 8.32
CA TRP A 13 -29.23 11.17 8.77
C TRP A 13 -29.02 10.30 7.55
N TRP A 14 -29.83 10.54 6.58
CA TRP A 14 -29.73 9.79 5.31
C TRP A 14 -28.31 9.96 4.78
N VAL A 15 -27.88 11.18 4.70
CA VAL A 15 -26.51 11.46 4.19
C VAL A 15 -25.51 10.76 5.09
N LEU A 16 -25.72 10.85 6.37
CA LEU A 16 -24.80 10.19 7.34
C LEU A 16 -24.76 8.69 7.04
N VAL A 17 -25.91 8.10 6.91
CA VAL A 17 -26.00 6.64 6.65
C VAL A 17 -25.27 6.31 5.35
N GLY A 18 -25.29 7.20 4.41
CA GLY A 18 -24.59 6.93 3.14
C GLY A 18 -23.09 7.13 3.39
N VAL A 19 -22.76 8.15 4.12
CA VAL A 19 -21.32 8.41 4.43
C VAL A 19 -20.83 7.37 5.45
N LEU A 20 -21.73 6.84 6.24
CA LEU A 20 -21.31 5.81 7.24
C LEU A 20 -20.92 4.55 6.50
N GLY A 21 -21.65 4.22 5.47
CA GLY A 21 -21.31 3.00 4.70
C GLY A 21 -20.04 3.24 3.93
N GLY A 22 -19.69 4.48 3.75
CA GLY A 22 -18.43 4.76 3.04
C GLY A 22 -17.31 4.33 3.95
N LEU A 23 -17.58 4.32 5.22
CA LEU A 23 -16.57 3.85 6.20
C LEU A 23 -16.52 2.36 6.03
N LEU A 24 -17.67 1.78 5.86
CA LEU A 24 -17.77 0.33 5.62
C LEU A 24 -17.01 0.03 4.33
N LEU A 25 -17.24 0.81 3.29
CA LEU A 25 -16.50 0.58 2.03
C LEU A 25 -15.03 0.92 2.25
N LEU A 26 -14.77 2.02 2.91
CA LEU A 26 -13.36 2.42 3.17
C LEU A 26 -12.62 1.24 3.79
N THR A 27 -13.24 0.54 4.68
CA THR A 27 -12.54 -0.59 5.34
C THR A 27 -12.33 -1.77 4.39
N ILE A 28 -13.30 -2.09 3.61
CA ILE A 28 -13.16 -3.26 2.68
C ILE A 28 -12.22 -2.89 1.53
N LEU A 29 -12.22 -1.66 1.16
CA LEU A 29 -11.33 -1.23 0.06
C LEU A 29 -9.93 -1.13 0.60
N VAL A 30 -9.81 -0.54 1.75
CA VAL A 30 -8.49 -0.41 2.39
C VAL A 30 -7.99 -1.82 2.67
N LEU A 31 -8.84 -2.70 3.07
CA LEU A 31 -8.38 -4.09 3.33
C LEU A 31 -8.19 -4.81 2.03
N ALA A 32 -9.09 -4.64 1.14
CA ALA A 32 -8.98 -5.37 -0.12
C ALA A 32 -7.68 -5.02 -0.81
N MET A 33 -7.22 -3.81 -0.74
CA MET A 33 -5.91 -3.52 -1.41
C MET A 33 -4.82 -4.09 -0.53
N TRP A 34 -5.01 -4.03 0.75
CA TRP A 34 -4.03 -4.61 1.68
C TRP A 34 -4.00 -6.10 1.40
N LYS A 35 -5.13 -6.68 1.13
CA LYS A 35 -5.18 -8.14 0.83
C LYS A 35 -4.46 -8.39 -0.50
N VAL A 36 -4.68 -7.55 -1.43
CA VAL A 36 -4.03 -7.73 -2.76
C VAL A 36 -2.51 -7.79 -2.58
N GLY A 37 -2.03 -7.63 -1.37
CA GLY A 37 -0.54 -7.67 -1.14
C GLY A 37 -0.26 -8.37 0.18
N PHE A 38 -1.16 -8.27 1.11
CA PHE A 38 -0.95 -8.91 2.43
C PHE A 38 -1.29 -10.39 2.34
N PHE A 39 -2.01 -10.76 1.34
CA PHE A 39 -2.41 -12.19 1.15
C PHE A 39 -1.37 -12.85 0.25
N LYS A 40 -0.54 -12.04 -0.31
CA LYS A 40 0.53 -12.52 -1.20
C LYS A 40 1.66 -13.09 -0.35
N ARG A 41 1.96 -12.44 0.73
CA ARG A 41 3.06 -12.89 1.61
C ARG A 41 2.54 -13.79 2.70
N ASN A 42 1.45 -13.42 3.28
CA ASN A 42 0.86 -14.24 4.37
C ASN A 42 0.37 -15.56 3.78
N ARG A 43 0.88 -15.91 2.62
CA ARG A 43 0.51 -17.17 1.92
C ARG A 43 0.02 -18.26 2.90
N PRO A 44 -1.27 -18.36 3.14
CA PRO A 44 -1.82 -19.44 4.04
C PRO A 44 -1.88 -20.88 3.44
N PRO A 45 -1.58 -21.14 2.15
CA PRO A 45 -1.65 -22.53 1.62
C PRO A 45 -0.30 -23.24 1.70
N LEU A 46 -0.11 -24.29 0.94
CA LEU A 46 1.19 -25.02 0.96
C LEU A 46 2.06 -24.50 -0.19
N GLU A 47 2.71 -23.39 0.01
CA GLU A 47 3.57 -22.81 -1.06
C GLU A 47 4.43 -23.90 -1.70
N GLU A 48 4.87 -23.71 -2.92
CA GLU A 48 5.71 -24.73 -3.60
C GLU A 48 7.16 -24.55 -3.15
N ASP A 49 7.42 -24.61 -1.87
CA ASP A 49 8.81 -24.47 -1.38
C ASP A 49 9.38 -23.10 -1.81
N ASP A 50 10.30 -22.57 -1.06
CA ASP A 50 10.90 -21.26 -1.42
C ASP A 50 11.85 -21.43 -2.61
N GLU A 51 12.94 -20.73 -2.59
CA GLU A 51 13.92 -20.85 -3.70
C GLU A 51 13.21 -20.61 -5.04
N GLU A 52 13.29 -21.57 -5.92
CA GLU A 52 12.64 -21.48 -7.26
C GLU A 52 12.64 -20.02 -7.75
N GLY A 53 13.77 -19.38 -7.72
CA GLY A 53 13.84 -17.95 -8.18
C GLY A 53 15.09 -17.30 -7.61
N GLU A 54 14.98 -16.63 -6.49
CA GLU A 54 16.16 -15.97 -5.89
C GLU A 54 15.82 -15.50 -4.47
N GLY B 1 -38.42 0.09 -3.01
CA GLY B 1 -38.47 1.10 -1.87
C GLY B 1 -39.75 1.33 -1.14
N ALA B 2 -40.82 0.76 -1.62
CA ALA B 2 -42.13 0.94 -0.93
C ALA B 2 -42.47 2.43 -0.84
N MET B 3 -43.43 2.89 -1.60
CA MET B 3 -43.80 4.33 -1.55
C MET B 3 -42.54 5.18 -1.78
N GLY B 4 -42.42 6.28 -1.09
CA GLY B 4 -41.22 7.14 -1.27
C GLY B 4 -41.19 8.21 -0.17
N SER B 5 -40.54 9.32 -0.42
CA SER B 5 -40.47 10.39 0.60
C SER B 5 -41.87 11.00 0.81
N LYS B 6 -42.01 11.87 1.76
CA LYS B 6 -43.33 12.50 2.01
C LYS B 6 -43.55 13.62 1.00
N GLY B 7 -42.54 13.96 0.24
CA GLY B 7 -42.70 15.05 -0.76
C GLY B 7 -41.47 15.10 -1.66
N PRO B 8 -40.31 15.23 -1.09
CA PRO B 8 -39.01 15.29 -1.84
C PRO B 8 -38.85 14.13 -2.82
N ASP B 9 -37.76 13.42 -2.74
CA ASP B 9 -37.54 12.27 -3.66
C ASP B 9 -36.55 11.29 -3.02
N ILE B 10 -35.59 11.80 -2.31
CA ILE B 10 -34.58 10.94 -1.64
C ILE B 10 -33.78 10.16 -2.70
N LEU B 11 -34.22 10.16 -3.92
CA LEU B 11 -33.48 9.40 -4.99
C LEU B 11 -32.21 10.15 -5.41
N VAL B 12 -32.35 11.40 -5.80
CA VAL B 12 -31.15 12.17 -6.25
C VAL B 12 -30.11 12.29 -5.13
N VAL B 13 -30.51 12.77 -3.97
CA VAL B 13 -29.53 12.91 -2.86
C VAL B 13 -28.86 11.56 -2.57
N LEU B 14 -29.60 10.49 -2.66
CA LEU B 14 -29.00 9.15 -2.39
C LEU B 14 -27.82 8.94 -3.34
N LEU B 15 -28.05 9.02 -4.63
CA LEU B 15 -26.94 8.82 -5.60
C LEU B 15 -25.76 9.71 -5.23
N SER B 16 -26.02 10.87 -4.67
CA SER B 16 -24.91 11.78 -4.30
C SER B 16 -24.03 11.13 -3.23
N VAL B 17 -24.62 10.66 -2.16
CA VAL B 17 -23.81 10.03 -1.08
C VAL B 17 -23.15 8.76 -1.64
N MET B 18 -23.77 8.09 -2.57
CA MET B 18 -23.17 6.87 -3.15
C MET B 18 -21.80 7.23 -3.73
N GLY B 19 -21.73 8.33 -4.44
CA GLY B 19 -20.41 8.75 -5.01
C GLY B 19 -19.44 9.00 -3.85
N ALA B 20 -19.90 9.67 -2.83
CA ALA B 20 -19.01 9.92 -1.66
C ALA B 20 -18.50 8.59 -1.12
N ILE B 21 -19.37 7.63 -0.94
CA ILE B 21 -18.91 6.30 -0.44
C ILE B 21 -17.77 5.82 -1.34
N LEU B 22 -18.01 5.80 -2.61
CA LEU B 22 -16.98 5.36 -3.58
C LEU B 22 -15.76 6.28 -3.50
N LEU B 23 -15.97 7.56 -3.45
CA LEU B 23 -14.83 8.52 -3.38
C LEU B 23 -14.14 8.42 -2.00
N ILE B 24 -14.90 8.36 -0.94
CA ILE B 24 -14.29 8.27 0.41
C ILE B 24 -13.36 7.06 0.48
N GLY B 25 -13.72 6.00 -0.18
CA GLY B 25 -12.86 4.79 -0.17
C GLY B 25 -11.76 4.95 -1.21
N LEU B 26 -12.06 5.60 -2.29
CA LEU B 26 -11.04 5.80 -3.35
C LEU B 26 -9.98 6.75 -2.80
N ALA B 27 -10.39 7.65 -1.95
CA ALA B 27 -9.41 8.61 -1.37
C ALA B 27 -8.52 7.86 -0.38
N ALA B 28 -9.12 7.10 0.49
CA ALA B 28 -8.31 6.32 1.47
C ALA B 28 -7.55 5.23 0.72
N LEU B 29 -8.14 4.72 -0.32
CA LEU B 29 -7.46 3.66 -1.11
C LEU B 29 -6.07 4.15 -1.51
N LEU B 30 -6.02 5.30 -2.14
CA LEU B 30 -4.71 5.87 -2.58
C LEU B 30 -3.76 6.01 -1.40
N ILE B 31 -4.14 6.72 -0.37
CA ILE B 31 -3.22 6.90 0.78
C ILE B 31 -2.79 5.52 1.32
N TRP B 32 -3.70 4.58 1.37
CA TRP B 32 -3.35 3.24 1.90
C TRP B 32 -2.58 2.43 0.84
N LYS B 33 -2.88 2.61 -0.42
CA LYS B 33 -2.13 1.85 -1.48
C LYS B 33 -0.66 2.28 -1.44
N LEU B 34 -0.41 3.52 -1.13
CA LEU B 34 1.00 3.99 -1.07
C LEU B 34 1.65 3.43 0.20
N LEU B 35 0.92 3.38 1.28
CA LEU B 35 1.52 2.85 2.54
C LEU B 35 1.95 1.39 2.30
N ILE B 36 1.16 0.62 1.61
CA ILE B 36 1.56 -0.79 1.35
C ILE B 36 2.79 -0.77 0.43
N THR B 37 2.86 0.18 -0.47
CA THR B 37 4.03 0.26 -1.37
C THR B 37 5.23 0.83 -0.60
N ILE B 38 4.98 1.59 0.44
CA ILE B 38 6.11 2.16 1.22
C ILE B 38 6.80 1.04 1.99
N HIS B 39 6.06 0.17 2.62
CA HIS B 39 6.70 -0.94 3.37
C HIS B 39 7.69 -1.63 2.44
N ASP B 40 7.45 -1.55 1.15
CA ASP B 40 8.37 -2.19 0.17
C ASP B 40 9.50 -1.22 -0.21
N ARG B 41 9.24 0.06 -0.25
CA ARG B 41 10.30 1.03 -0.63
C ARG B 41 11.58 0.69 0.15
N LYS B 42 11.44 0.25 1.37
CA LYS B 42 12.62 -0.10 2.17
C LYS B 42 13.30 -1.31 1.54
N GLU B 43 12.61 -2.40 1.40
CA GLU B 43 13.24 -3.60 0.77
C GLU B 43 13.62 -3.24 -0.66
N PHE B 44 12.72 -2.65 -1.41
CA PHE B 44 13.07 -2.27 -2.80
C PHE B 44 14.38 -1.48 -2.76
N ALA B 45 14.52 -0.61 -1.79
CA ALA B 45 15.77 0.17 -1.67
C ALA B 45 16.88 -0.78 -1.21
N LYS B 46 16.71 -1.38 -0.07
CA LYS B 46 17.71 -2.33 0.44
C LYS B 46 18.04 -3.35 -0.66
N PHE B 47 17.15 -3.55 -1.59
CA PHE B 47 17.42 -4.52 -2.68
C PHE B 47 18.53 -3.98 -3.58
N GLU B 48 18.29 -2.85 -4.18
CA GLU B 48 19.29 -2.25 -5.08
C GLU B 48 20.52 -1.83 -4.27
N GLU B 49 20.35 -1.56 -3.01
CA GLU B 49 21.51 -1.14 -2.16
C GLU B 49 22.42 -2.35 -1.94
N GLU B 50 21.85 -3.49 -1.65
CA GLU B 50 22.67 -4.70 -1.43
C GLU B 50 23.46 -5.02 -2.70
N ARG B 51 22.85 -4.88 -3.83
CA ARG B 51 23.55 -5.16 -5.10
C ARG B 51 24.68 -4.14 -5.30
N ALA B 52 24.50 -2.95 -4.81
CA ALA B 52 25.56 -1.91 -4.98
C ALA B 52 26.69 -2.16 -3.96
N ARG B 53 26.34 -2.43 -2.73
CA ARG B 53 27.39 -2.67 -1.70
C ARG B 53 28.01 -4.05 -1.90
N ALA B 54 27.20 -5.06 -2.11
CA ALA B 54 27.76 -6.43 -2.32
C ALA B 54 28.87 -6.37 -3.35
N LYS B 55 28.63 -5.71 -4.46
CA LYS B 55 29.66 -5.62 -5.53
C LYS B 55 30.87 -4.88 -5.01
N TRP B 56 30.71 -3.64 -4.67
CA TRP B 56 31.85 -2.85 -4.15
C TRP B 56 32.49 -3.64 -3.01
N ASP B 57 31.76 -4.55 -2.46
CA ASP B 57 32.30 -5.39 -1.34
C ASP B 57 32.92 -6.65 -1.92
N THR B 58 33.11 -6.68 -3.20
CA THR B 58 33.71 -7.87 -3.87
C THR B 58 34.29 -7.45 -5.21
N ALA B 59 33.95 -8.12 -6.26
CA ALA B 59 34.49 -7.75 -7.58
C ALA B 59 36.01 -7.78 -7.51
N ASN B 60 36.66 -6.80 -8.05
CA ASN B 60 38.14 -6.77 -8.01
C ASN B 60 38.62 -6.33 -6.62
N ASN B 61 37.98 -6.79 -5.56
CA ASN B 61 38.41 -6.39 -4.22
C ASN B 61 39.95 -6.54 -4.09
N PRO B 62 40.68 -5.45 -3.98
CA PRO B 62 42.17 -5.50 -3.88
C PRO B 62 42.65 -5.78 -2.46
N LEU B 63 41.76 -6.24 -1.62
CA LEU B 63 42.13 -6.54 -0.23
C LEU B 63 42.82 -7.90 -0.17
N TYR B 64 42.27 -8.89 -0.83
CA TYR B 64 42.87 -10.25 -0.83
C TYR B 64 43.78 -10.38 -2.04
N LYS B 65 43.36 -9.86 -3.16
CA LYS B 65 44.17 -9.94 -4.42
C LYS B 65 45.66 -9.76 -4.09
N GLU B 66 45.94 -9.03 -3.04
CA GLU B 66 47.35 -8.80 -2.65
C GLU B 66 47.91 -10.13 -2.10
N ALA B 67 47.53 -10.49 -0.90
CA ALA B 67 48.02 -11.77 -0.30
C ALA B 67 47.73 -11.74 1.21
N THR B 68 48.44 -10.93 1.93
CA THR B 68 48.21 -10.84 3.41
C THR B 68 49.06 -9.71 3.99
N SER B 69 48.98 -8.55 3.43
CA SER B 69 49.78 -7.39 3.94
C SER B 69 51.24 -7.54 3.48
N THR B 70 51.63 -6.79 2.49
CA THR B 70 53.03 -6.88 2.00
C THR B 70 53.96 -6.14 2.96
N PHE B 71 53.44 -5.20 3.70
CA PHE B 71 54.28 -4.44 4.65
C PHE B 71 54.75 -5.35 5.79
N THR B 72 54.49 -6.62 5.65
CA THR B 72 54.90 -7.61 6.69
C THR B 72 55.53 -8.83 6.01
N ASN B 73 55.88 -8.69 4.75
CA ASN B 73 56.50 -9.83 4.01
C ASN B 73 57.76 -9.34 3.28
N ILE B 74 58.64 -8.68 3.99
CA ILE B 74 59.88 -8.18 3.34
C ILE B 74 60.89 -9.31 3.21
N THR B 75 60.49 -10.39 2.59
CA THR B 75 61.42 -11.54 2.43
C THR B 75 62.02 -11.92 3.79
N TYR B 76 62.83 -12.94 3.83
CA TYR B 76 63.46 -13.37 5.13
C TYR B 76 64.95 -13.60 4.92
N ARG B 77 65.62 -12.68 4.27
CA ARG B 77 67.08 -12.84 4.04
C ARG B 77 67.83 -12.56 5.34
N GLY B 78 68.71 -13.43 5.74
CA GLY B 78 69.48 -13.21 7.00
C GLY B 78 70.57 -12.16 6.76
N THR B 79 70.26 -10.91 6.96
CA THR B 79 71.29 -9.85 6.74
C THR B 79 72.44 -10.04 7.72
N GLY A 1 -46.52 17.83 -10.10
CA GLY A 1 -45.07 17.94 -9.62
C GLY A 1 -44.75 18.68 -8.38
N ALA A 2 -43.54 18.56 -7.89
CA ALA A 2 -43.17 19.28 -6.64
C ALA A 2 -41.64 19.41 -6.56
N MET A 3 -41.13 20.60 -6.77
CA MET A 3 -39.65 20.78 -6.71
C MET A 3 -39.20 20.83 -5.24
N GLY A 4 -40.09 21.12 -4.34
CA GLY A 4 -39.71 21.19 -2.90
C GLY A 4 -40.77 21.96 -2.13
N SER A 5 -40.48 22.34 -0.92
CA SER A 5 -41.46 23.09 -0.11
C SER A 5 -40.76 23.78 1.06
N GLU A 6 -41.50 24.41 1.93
CA GLU A 6 -40.86 25.10 3.09
C GLU A 6 -40.47 24.07 4.14
N GLU A 7 -40.62 22.83 3.81
CA GLU A 7 -40.26 21.75 4.76
C GLU A 7 -38.76 21.43 4.63
N ARG A 8 -37.98 22.39 4.20
CA ARG A 8 -36.52 22.14 4.05
C ARG A 8 -35.98 21.53 5.34
N ALA A 9 -35.08 20.59 5.23
CA ALA A 9 -34.51 19.95 6.44
C ALA A 9 -33.26 19.14 6.06
N ILE A 10 -33.35 18.37 5.01
CA ILE A 10 -32.18 17.56 4.59
C ILE A 10 -31.58 16.83 5.79
N PRO A 11 -32.29 15.87 6.32
CA PRO A 11 -31.84 15.08 7.50
C PRO A 11 -30.42 14.50 7.32
N ILE A 12 -29.45 15.07 7.97
CA ILE A 12 -28.06 14.57 7.83
C ILE A 12 -28.02 13.07 8.10
N TRP A 13 -28.98 12.57 8.83
CA TRP A 13 -29.02 11.11 9.11
C TRP A 13 -28.99 10.39 7.79
N TRP A 14 -29.86 10.81 6.93
CA TRP A 14 -29.94 10.23 5.58
C TRP A 14 -28.55 10.33 4.95
N VAL A 15 -28.03 11.52 4.90
CA VAL A 15 -26.68 11.72 4.30
C VAL A 15 -25.68 10.87 5.07
N LEU A 16 -25.80 10.86 6.37
CA LEU A 16 -24.86 10.04 7.19
C LEU A 16 -24.93 8.59 6.72
N VAL A 17 -26.13 8.10 6.63
CA VAL A 17 -26.35 6.68 6.22
C VAL A 17 -25.75 6.44 4.85
N GLY A 18 -25.77 7.42 4.01
CA GLY A 18 -25.17 7.25 2.67
C GLY A 18 -23.66 7.25 2.85
N VAL A 19 -23.17 8.19 3.62
CA VAL A 19 -21.70 8.25 3.87
C VAL A 19 -21.28 7.08 4.77
N LEU A 20 -22.20 6.55 5.53
CA LEU A 20 -21.86 5.41 6.44
C LEU A 20 -21.55 4.20 5.57
N GLY A 21 -22.31 3.99 4.53
CA GLY A 21 -22.04 2.83 3.66
C GLY A 21 -20.79 3.09 2.87
N GLY A 22 -20.42 4.31 2.75
CA GLY A 22 -19.17 4.63 2.02
C GLY A 22 -18.03 4.13 2.90
N LEU A 23 -18.29 4.02 4.17
CA LEU A 23 -17.26 3.48 5.09
C LEU A 23 -17.23 1.99 4.83
N LEU A 24 -18.39 1.43 4.68
CA LEU A 24 -18.51 -0.01 4.38
C LEU A 24 -17.87 -0.26 3.01
N LEU A 25 -18.12 0.59 2.05
CA LEU A 25 -17.51 0.41 0.72
C LEU A 25 -16.03 0.71 0.83
N LEU A 26 -15.70 1.79 1.47
CA LEU A 26 -14.26 2.15 1.62
C LEU A 26 -13.50 0.99 2.22
N THR A 27 -14.10 0.31 3.18
CA THR A 27 -13.39 -0.80 3.84
C THR A 27 -13.22 -2.01 2.91
N ILE A 28 -14.20 -2.30 2.12
CA ILE A 28 -14.10 -3.48 1.21
C ILE A 28 -13.14 -3.14 0.09
N LEU A 29 -13.08 -1.91 -0.27
CA LEU A 29 -12.17 -1.48 -1.34
C LEU A 29 -10.76 -1.44 -0.76
N VAL A 30 -10.63 -0.87 0.39
CA VAL A 30 -9.31 -0.82 1.05
C VAL A 30 -8.84 -2.26 1.23
N LEU A 31 -9.74 -3.13 1.57
CA LEU A 31 -9.34 -4.56 1.76
C LEU A 31 -9.14 -5.22 0.42
N ALA A 32 -10.00 -4.95 -0.49
CA ALA A 32 -9.88 -5.60 -1.79
C ALA A 32 -8.55 -5.23 -2.43
N MET A 33 -8.09 -4.02 -2.25
CA MET A 33 -6.78 -3.68 -2.85
C MET A 33 -5.70 -4.33 -2.00
N TRP A 34 -5.93 -4.40 -0.72
CA TRP A 34 -4.97 -5.05 0.18
C TRP A 34 -4.89 -6.52 -0.24
N LYS A 35 -6.01 -7.07 -0.62
CA LYS A 35 -6.03 -8.49 -1.06
C LYS A 35 -5.34 -8.61 -2.41
N VAL A 36 -5.62 -7.73 -3.30
CA VAL A 36 -4.98 -7.79 -4.64
C VAL A 36 -3.46 -7.80 -4.47
N GLY A 37 -3.00 -7.66 -3.26
CA GLY A 37 -1.52 -7.65 -3.00
C GLY A 37 -1.20 -8.52 -1.79
N PHE A 38 -2.12 -8.64 -0.87
CA PHE A 38 -1.85 -9.45 0.36
C PHE A 38 -2.20 -10.91 0.09
N PHE A 39 -2.95 -11.15 -0.95
CA PHE A 39 -3.33 -12.55 -1.29
C PHE A 39 -2.29 -13.11 -2.25
N LYS A 40 -1.48 -12.25 -2.74
CA LYS A 40 -0.41 -12.64 -3.69
C LYS A 40 0.76 -13.22 -2.91
N ARG A 41 1.08 -12.60 -1.80
CA ARG A 41 2.24 -13.06 -1.00
C ARG A 41 1.82 -14.09 0.04
N ASN A 42 0.57 -14.19 0.26
CA ASN A 42 0.06 -15.17 1.27
C ASN A 42 0.54 -16.58 0.89
N ARG A 43 1.34 -16.68 -0.15
CA ARG A 43 1.89 -17.99 -0.60
C ARG A 43 2.07 -18.98 0.53
N PRO A 44 1.07 -19.79 0.83
CA PRO A 44 1.18 -20.84 1.88
C PRO A 44 1.77 -22.20 1.39
N PRO A 45 2.33 -22.36 0.19
CA PRO A 45 2.89 -23.68 -0.23
C PRO A 45 4.39 -23.77 0.09
N LEU A 46 5.13 -24.55 -0.64
CA LEU A 46 6.60 -24.64 -0.37
C LEU A 46 7.28 -23.43 -1.00
N GLU A 47 7.02 -22.25 -0.48
CA GLU A 47 7.65 -21.02 -1.06
C GLU A 47 7.97 -20.04 0.07
N GLU A 48 7.68 -20.39 1.29
CA GLU A 48 7.97 -19.47 2.42
C GLU A 48 9.46 -19.52 2.73
N ASP A 49 10.24 -20.02 1.80
CA ASP A 49 11.70 -20.11 2.02
C ASP A 49 12.41 -20.21 0.66
N ASP A 50 13.58 -19.65 0.54
CA ASP A 50 14.30 -19.71 -0.76
C ASP A 50 15.80 -19.49 -0.52
N GLU A 51 16.45 -20.45 0.08
CA GLU A 51 17.90 -20.31 0.35
C GLU A 51 18.65 -20.13 -0.96
N GLU A 52 19.78 -19.47 -0.92
CA GLU A 52 20.57 -19.24 -2.15
C GLU A 52 21.35 -20.51 -2.51
N GLY A 53 22.37 -20.81 -1.76
CA GLY A 53 23.19 -22.02 -2.04
C GLY A 53 22.30 -23.27 -1.99
N GLU A 54 22.87 -24.41 -1.74
CA GLU A 54 22.06 -25.65 -1.68
C GLU A 54 22.85 -26.72 -0.92
N GLY B 1 -38.76 4.98 12.71
CA GLY B 1 -37.89 5.56 11.59
C GLY B 1 -38.53 6.01 10.33
N ALA B 2 -38.02 7.07 9.74
CA ALA B 2 -38.62 7.58 8.47
C ALA B 2 -38.06 6.78 7.30
N MET B 3 -38.87 5.92 6.71
CA MET B 3 -38.39 5.11 5.56
C MET B 3 -38.46 5.95 4.28
N GLY B 4 -37.81 7.08 4.26
CA GLY B 4 -37.85 7.94 3.05
C GLY B 4 -39.14 8.75 3.03
N SER B 5 -39.39 9.48 1.97
CA SER B 5 -40.64 10.28 1.90
C SER B 5 -40.93 10.62 0.43
N LYS B 6 -42.01 11.32 0.18
CA LYS B 6 -42.38 11.70 -1.22
C LYS B 6 -42.55 13.23 -1.30
N GLY B 7 -42.73 13.87 -0.18
CA GLY B 7 -42.91 15.36 -0.20
C GLY B 7 -41.58 16.02 -0.57
N PRO B 8 -40.62 15.97 0.32
CA PRO B 8 -39.27 16.58 0.11
C PRO B 8 -38.46 15.84 -0.96
N ASP B 9 -37.17 15.94 -0.88
CA ASP B 9 -36.28 15.27 -1.85
C ASP B 9 -35.96 13.87 -1.36
N ILE B 10 -34.94 13.78 -0.59
CA ILE B 10 -34.49 12.47 -0.03
C ILE B 10 -33.99 11.59 -1.19
N LEU B 11 -34.70 11.57 -2.28
CA LEU B 11 -34.26 10.76 -3.45
C LEU B 11 -33.08 11.46 -4.14
N VAL B 12 -33.25 12.73 -4.45
CA VAL B 12 -32.15 13.48 -5.13
C VAL B 12 -30.90 13.48 -4.26
N VAL B 13 -31.01 13.91 -3.03
CA VAL B 13 -29.81 13.94 -2.15
C VAL B 13 -29.19 12.53 -2.08
N LEU B 14 -30.00 11.52 -2.00
CA LEU B 14 -29.45 10.13 -1.93
C LEU B 14 -28.48 9.92 -3.11
N LEU B 15 -28.90 10.28 -4.29
CA LEU B 15 -28.02 10.10 -5.48
C LEU B 15 -26.68 10.81 -5.23
N SER B 16 -26.72 12.02 -4.76
CA SER B 16 -25.45 12.76 -4.51
C SER B 16 -24.62 12.05 -3.43
N VAL B 17 -25.21 11.77 -2.30
CA VAL B 17 -24.46 11.07 -1.22
C VAL B 17 -24.00 9.70 -1.72
N MET B 18 -24.76 9.08 -2.59
CA MET B 18 -24.34 7.76 -3.12
C MET B 18 -23.04 7.94 -3.89
N GLY B 19 -22.93 9.00 -4.65
CA GLY B 19 -21.68 9.23 -5.40
C GLY B 19 -20.54 9.37 -4.40
N ALA B 20 -20.83 9.96 -3.26
CA ALA B 20 -19.78 10.11 -2.21
C ALA B 20 -19.27 8.73 -1.81
N ILE B 21 -20.16 7.77 -1.62
CA ILE B 21 -19.70 6.41 -1.25
C ILE B 21 -18.67 5.97 -2.29
N LEU B 22 -19.02 6.02 -3.53
CA LEU B 22 -18.08 5.61 -4.61
C LEU B 22 -16.82 6.48 -4.55
N LEU B 23 -16.97 7.76 -4.36
CA LEU B 23 -15.77 8.67 -4.30
C LEU B 23 -15.00 8.47 -2.99
N ILE B 24 -15.69 8.34 -1.89
CA ILE B 24 -14.99 8.16 -0.58
C ILE B 24 -14.08 6.94 -0.65
N GLY B 25 -14.45 5.95 -1.43
CA GLY B 25 -13.61 4.74 -1.54
C GLY B 25 -12.46 5.02 -2.50
N LEU B 26 -12.75 5.70 -3.57
CA LEU B 26 -11.68 6.02 -4.55
C LEU B 26 -10.67 6.96 -3.88
N ALA B 27 -11.14 7.79 -2.99
CA ALA B 27 -10.20 8.72 -2.30
C ALA B 27 -9.34 7.92 -1.33
N ALA B 28 -9.95 6.98 -0.65
CA ALA B 28 -9.18 6.15 0.31
C ALA B 28 -8.40 5.10 -0.47
N LEU B 29 -8.93 4.64 -1.56
CA LEU B 29 -8.19 3.62 -2.37
C LEU B 29 -6.82 4.18 -2.70
N LEU B 30 -6.76 5.43 -3.07
CA LEU B 30 -5.46 6.07 -3.43
C LEU B 30 -4.56 6.19 -2.20
N ILE B 31 -5.03 6.80 -1.14
CA ILE B 31 -4.15 6.95 0.07
C ILE B 31 -3.74 5.58 0.60
N TRP B 32 -4.59 4.60 0.50
CA TRP B 32 -4.24 3.24 1.01
C TRP B 32 -3.24 2.58 0.06
N LYS B 33 -3.20 2.98 -1.18
CA LYS B 33 -2.22 2.38 -2.12
C LYS B 33 -0.82 2.84 -1.73
N LEU B 34 -0.64 4.10 -1.48
CA LEU B 34 0.70 4.59 -1.06
C LEU B 34 1.09 3.91 0.24
N LEU B 35 0.16 3.77 1.14
CA LEU B 35 0.47 3.11 2.44
C LEU B 35 0.89 1.66 2.18
N ILE B 36 0.25 1.01 1.25
CA ILE B 36 0.60 -0.40 0.96
C ILE B 36 1.91 -0.41 0.15
N THR B 37 2.13 0.58 -0.66
CA THR B 37 3.39 0.63 -1.44
C THR B 37 4.53 1.05 -0.52
N ILE B 38 4.31 2.06 0.29
CA ILE B 38 5.37 2.53 1.21
C ILE B 38 5.82 1.36 2.10
N HIS B 39 4.93 0.49 2.47
CA HIS B 39 5.36 -0.65 3.31
C HIS B 39 6.45 -1.42 2.57
N ASP B 40 6.36 -1.48 1.28
CA ASP B 40 7.39 -2.21 0.48
C ASP B 40 8.57 -1.29 0.14
N ARG B 41 8.33 -0.01 -0.06
CA ARG B 41 9.44 0.92 -0.40
C ARG B 41 10.65 0.65 0.50
N LYS B 42 10.42 0.27 1.72
CA LYS B 42 11.54 -0.01 2.63
C LYS B 42 12.29 -1.25 2.13
N GLU B 43 11.62 -2.37 2.03
CA GLU B 43 12.30 -3.59 1.53
C GLU B 43 12.74 -3.34 0.09
N PHE B 44 11.85 -2.82 -0.73
CA PHE B 44 12.24 -2.55 -2.14
C PHE B 44 13.55 -1.75 -2.13
N ALA B 45 13.68 -0.83 -1.21
CA ALA B 45 14.94 -0.04 -1.13
C ALA B 45 16.02 -0.93 -0.52
N LYS B 46 15.79 -1.42 0.67
CA LYS B 46 16.78 -2.29 1.32
C LYS B 46 17.17 -3.42 0.34
N PHE B 47 16.31 -3.74 -0.59
CA PHE B 47 16.65 -4.82 -1.57
C PHE B 47 17.73 -4.32 -2.51
N GLU B 48 17.45 -3.28 -3.23
CA GLU B 48 18.44 -2.72 -4.18
C GLU B 48 19.63 -2.17 -3.39
N GLU B 49 19.42 -1.83 -2.15
CA GLU B 49 20.54 -1.29 -1.33
C GLU B 49 21.60 -2.38 -1.15
N GLU B 50 21.18 -3.58 -0.86
CA GLU B 50 22.16 -4.69 -0.68
C GLU B 50 22.81 -5.02 -2.02
N ARG B 51 22.05 -5.07 -3.07
CA ARG B 51 22.62 -5.39 -4.41
C ARG B 51 23.62 -4.29 -4.80
N ALA B 52 23.31 -3.07 -4.51
CA ALA B 52 24.23 -1.95 -4.88
C ALA B 52 25.59 -2.17 -4.21
N ARG B 53 25.60 -2.34 -2.92
CA ARG B 53 26.89 -2.54 -2.20
C ARG B 53 27.61 -3.76 -2.78
N ALA B 54 26.92 -4.84 -3.00
CA ALA B 54 27.57 -6.06 -3.57
C ALA B 54 28.45 -5.67 -4.76
N LYS B 55 27.98 -4.76 -5.57
CA LYS B 55 28.78 -4.33 -6.75
C LYS B 55 30.04 -3.63 -6.31
N TRP B 56 29.89 -2.51 -5.68
CA TRP B 56 31.07 -1.75 -5.20
C TRP B 56 31.95 -2.70 -4.40
N ASP B 57 31.36 -3.76 -3.93
CA ASP B 57 32.13 -4.75 -3.13
C ASP B 57 32.92 -5.65 -4.07
N THR B 58 33.09 -5.22 -5.29
CA THR B 58 33.87 -6.02 -6.28
C THR B 58 34.43 -5.09 -7.34
N ALA B 59 35.24 -5.60 -8.22
CA ALA B 59 35.83 -4.74 -9.28
C ALA B 59 36.45 -3.50 -8.63
N ASN B 60 36.60 -3.54 -7.34
CA ASN B 60 37.18 -2.39 -6.62
C ASN B 60 37.70 -2.88 -5.26
N ASN B 61 37.97 -4.16 -5.15
CA ASN B 61 38.47 -4.73 -3.85
C ASN B 61 39.62 -5.70 -4.13
N PRO B 62 40.74 -5.19 -4.56
CA PRO B 62 41.95 -6.02 -4.85
C PRO B 62 42.87 -6.17 -3.64
N LEU B 63 42.34 -5.97 -2.47
CA LEU B 63 43.17 -6.11 -1.25
C LEU B 63 43.58 -7.57 -1.07
N TYR B 64 42.70 -8.47 -1.39
CA TYR B 64 43.02 -9.92 -1.26
C TYR B 64 44.28 -10.22 -2.07
N LYS B 65 44.19 -10.01 -3.36
CA LYS B 65 45.37 -10.27 -4.24
C LYS B 65 46.63 -9.68 -3.60
N GLU B 66 46.52 -8.51 -3.03
CA GLU B 66 47.68 -7.88 -2.40
C GLU B 66 48.23 -8.79 -1.30
N ALA B 67 47.37 -9.48 -0.60
CA ALA B 67 47.84 -10.39 0.48
C ALA B 67 48.62 -9.58 1.52
N THR B 68 48.18 -8.38 1.79
CA THR B 68 48.90 -7.54 2.79
C THR B 68 50.39 -7.53 2.48
N SER B 69 50.74 -7.67 1.23
CA SER B 69 52.19 -7.66 0.84
C SER B 69 52.93 -8.75 1.63
N THR B 70 53.30 -9.82 0.98
CA THR B 70 54.02 -10.92 1.68
C THR B 70 55.52 -10.63 1.67
N PHE B 71 55.97 -9.85 0.74
CA PHE B 71 57.42 -9.52 0.67
C PHE B 71 57.85 -8.71 1.89
N THR B 72 56.95 -8.55 2.82
CA THR B 72 57.28 -7.77 4.07
C THR B 72 57.43 -8.74 5.25
N ASN B 73 57.86 -9.95 4.99
CA ASN B 73 58.04 -10.94 6.09
C ASN B 73 59.37 -11.67 5.91
N ILE B 74 60.38 -10.96 5.47
CA ILE B 74 61.72 -11.60 5.26
C ILE B 74 62.56 -11.47 6.54
N THR B 75 62.57 -12.49 7.35
CA THR B 75 63.36 -12.42 8.61
C THR B 75 64.83 -12.10 8.27
N TYR B 76 65.40 -11.14 8.94
CA TYR B 76 66.81 -10.77 8.66
C TYR B 76 67.73 -11.85 9.24
N ARG B 77 68.54 -12.45 8.41
CA ARG B 77 69.46 -13.51 8.90
C ARG B 77 70.68 -12.86 9.57
N GLY B 78 71.72 -13.61 9.79
CA GLY B 78 72.92 -13.04 10.44
C GLY B 78 73.92 -14.17 10.74
N THR B 79 73.80 -15.28 10.09
CA THR B 79 74.75 -16.40 10.33
C THR B 79 76.17 -15.96 9.97
N GLY A 1 -37.06 13.17 -11.49
CA GLY A 1 -38.43 13.78 -11.17
C GLY A 1 -38.65 14.49 -9.89
N ALA A 2 -39.61 15.36 -9.83
CA ALA A 2 -39.89 16.11 -8.58
C ALA A 2 -38.58 16.70 -8.05
N MET A 3 -38.23 17.87 -8.49
CA MET A 3 -36.97 18.50 -8.01
C MET A 3 -36.94 18.50 -6.48
N GLY A 4 -37.96 19.02 -5.86
CA GLY A 4 -38.00 19.06 -4.38
C GLY A 4 -39.30 19.71 -3.90
N SER A 5 -39.27 20.35 -2.77
CA SER A 5 -40.51 21.01 -2.26
C SER A 5 -40.13 22.04 -1.20
N GLU A 6 -41.10 22.71 -0.64
CA GLU A 6 -40.79 23.73 0.40
C GLU A 6 -40.41 23.04 1.70
N GLU A 7 -40.34 21.74 1.66
CA GLU A 7 -39.98 20.95 2.88
C GLU A 7 -38.51 20.53 2.77
N ARG A 8 -37.79 21.07 1.83
CA ARG A 8 -36.37 20.68 1.68
C ARG A 8 -35.58 21.09 2.92
N ALA A 9 -35.69 20.33 3.98
CA ALA A 9 -34.94 20.67 5.23
C ALA A 9 -33.53 20.07 5.14
N ILE A 10 -33.20 19.47 4.02
CA ILE A 10 -31.85 18.88 3.85
C ILE A 10 -31.49 18.03 5.08
N PRO A 11 -32.20 16.96 5.30
CA PRO A 11 -31.94 16.04 6.45
C PRO A 11 -30.48 15.55 6.48
N ILE A 12 -29.56 16.40 6.83
CA ILE A 12 -28.12 16.00 6.87
C ILE A 12 -27.97 14.63 7.54
N TRP A 13 -28.86 14.27 8.41
CA TRP A 13 -28.77 12.95 9.07
C TRP A 13 -28.62 11.90 8.00
N TRP A 14 -29.49 11.97 7.06
CA TRP A 14 -29.46 11.03 5.93
C TRP A 14 -28.06 11.08 5.31
N VAL A 15 -27.61 12.27 5.01
CA VAL A 15 -26.25 12.42 4.41
C VAL A 15 -25.22 11.94 5.44
N LEU A 16 -25.41 12.32 6.67
CA LEU A 16 -24.48 11.89 7.74
C LEU A 16 -24.46 10.37 7.84
N VAL A 17 -25.62 9.80 7.94
CA VAL A 17 -25.73 8.31 8.06
C VAL A 17 -25.07 7.67 6.84
N GLY A 18 -25.18 8.29 5.72
CA GLY A 18 -24.53 7.72 4.51
C GLY A 18 -23.04 8.01 4.61
N VAL A 19 -22.70 9.21 4.97
CA VAL A 19 -21.26 9.58 5.10
C VAL A 19 -20.65 8.76 6.24
N LEU A 20 -21.45 8.41 7.22
CA LEU A 20 -20.93 7.60 8.36
C LEU A 20 -20.62 6.21 7.82
N GLY A 21 -21.46 5.70 6.98
CA GLY A 21 -21.20 4.36 6.41
C GLY A 21 -20.03 4.44 5.46
N GLY A 22 -19.72 5.62 5.03
CA GLY A 22 -18.56 5.76 4.12
C GLY A 22 -17.31 5.47 4.92
N LEU A 23 -17.39 5.68 6.21
CA LEU A 23 -16.23 5.36 7.06
C LEU A 23 -16.22 3.85 7.19
N LEU A 24 -17.40 3.29 7.30
CA LEU A 24 -17.52 1.81 7.36
C LEU A 24 -16.97 1.28 6.03
N LEU A 25 -17.41 1.86 4.94
CA LEU A 25 -16.88 1.41 3.62
C LEU A 25 -15.39 1.72 3.54
N LEU A 26 -14.99 2.86 4.02
CA LEU A 26 -13.55 3.24 3.99
C LEU A 26 -12.72 2.12 4.59
N THR A 27 -13.19 1.52 5.65
CA THR A 27 -12.40 0.46 6.32
C THR A 27 -12.40 -0.84 5.52
N ILE A 28 -13.51 -1.19 4.92
CA ILE A 28 -13.58 -2.46 4.14
C ILE A 28 -12.79 -2.29 2.86
N LEU A 29 -12.77 -1.11 2.35
CA LEU A 29 -12.02 -0.85 1.10
C LEU A 29 -10.54 -0.87 1.45
N VAL A 30 -10.21 -0.17 2.49
CA VAL A 30 -8.80 -0.14 2.93
C VAL A 30 -8.37 -1.58 3.20
N LEU A 31 -9.22 -2.35 3.80
CA LEU A 31 -8.85 -3.77 4.07
C LEU A 31 -8.93 -4.58 2.81
N ALA A 32 -9.95 -4.40 2.08
CA ALA A 32 -10.10 -5.20 0.86
C ALA A 32 -8.93 -4.96 -0.06
N MET A 33 -8.39 -3.78 -0.12
CA MET A 33 -7.23 -3.58 -1.02
C MET A 33 -6.02 -4.23 -0.36
N TRP A 34 -5.97 -4.14 0.93
CA TRP A 34 -4.86 -4.75 1.69
C TRP A 34 -4.98 -6.27 1.49
N LYS A 35 -6.19 -6.76 1.47
CA LYS A 35 -6.40 -8.24 1.29
C LYS A 35 -6.17 -8.62 -0.17
N VAL A 36 -6.50 -7.76 -1.07
CA VAL A 36 -6.31 -8.09 -2.51
C VAL A 36 -4.84 -8.46 -2.77
N GLY A 37 -4.01 -8.38 -1.77
CA GLY A 37 -2.56 -8.71 -1.98
C GLY A 37 -1.99 -9.34 -0.72
N PHE A 38 -2.52 -8.97 0.41
CA PHE A 38 -2.00 -9.53 1.68
C PHE A 38 -2.53 -10.94 1.86
N PHE A 39 -3.55 -11.27 1.14
CA PHE A 39 -4.15 -12.63 1.25
C PHE A 39 -3.67 -13.49 0.09
N LYS A 40 -3.24 -12.84 -0.94
CA LYS A 40 -2.74 -13.54 -2.14
C LYS A 40 -1.27 -13.88 -1.91
N ARG A 41 -0.55 -12.95 -1.37
CA ARG A 41 0.90 -13.15 -1.13
C ARG A 41 1.13 -13.92 0.17
N ASN A 42 1.79 -13.30 1.10
CA ASN A 42 2.08 -13.93 2.41
C ASN A 42 2.70 -15.32 2.21
N ARG A 43 2.95 -15.69 0.98
CA ARG A 43 3.57 -17.01 0.66
C ARG A 43 4.57 -17.45 1.72
N PRO A 44 4.17 -18.31 2.66
CA PRO A 44 5.10 -18.81 3.71
C PRO A 44 5.96 -20.06 3.35
N PRO A 45 6.02 -20.54 2.11
CA PRO A 45 6.87 -21.73 1.79
C PRO A 45 8.29 -21.33 1.35
N LEU A 46 9.14 -22.28 1.11
CA LEU A 46 10.51 -21.96 0.68
C LEU A 46 10.48 -21.57 -0.81
N GLU A 47 10.47 -20.28 -1.09
CA GLU A 47 10.43 -19.81 -2.52
C GLU A 47 11.52 -18.76 -2.74
N GLU A 48 12.74 -19.10 -2.44
CA GLU A 48 13.86 -18.12 -2.64
C GLU A 48 14.58 -18.44 -3.95
N ASP A 49 13.84 -18.63 -5.01
CA ASP A 49 14.49 -18.95 -6.32
C ASP A 49 13.56 -18.56 -7.46
N ASP A 50 13.81 -17.44 -8.08
CA ASP A 50 12.95 -16.99 -9.22
C ASP A 50 13.69 -15.94 -10.04
N GLU A 51 14.98 -15.92 -9.94
CA GLU A 51 15.81 -14.94 -10.70
C GLU A 51 16.45 -15.65 -11.90
N GLU A 52 17.69 -15.36 -12.17
CA GLU A 52 18.38 -16.01 -13.32
C GLU A 52 18.89 -17.38 -12.88
N GLY A 53 20.19 -17.55 -12.78
CA GLY A 53 20.74 -18.87 -12.35
C GLY A 53 22.17 -19.01 -12.87
N GLU A 54 22.76 -20.16 -12.70
CA GLU A 54 24.16 -20.37 -13.18
C GLU A 54 25.04 -19.22 -12.70
N GLY B 1 -37.55 5.02 8.79
CA GLY B 1 -38.29 3.99 7.94
C GLY B 1 -37.68 3.51 6.66
N ALA B 2 -36.87 4.31 6.04
CA ALA B 2 -36.24 3.89 4.76
C ALA B 2 -37.30 3.36 3.80
N MET B 3 -37.93 4.23 3.06
CA MET B 3 -38.98 3.77 2.11
C MET B 3 -39.38 4.94 1.19
N GLY B 4 -39.06 6.14 1.57
CA GLY B 4 -39.41 7.31 0.72
C GLY B 4 -40.89 7.65 0.92
N SER B 5 -41.40 8.62 0.20
CA SER B 5 -42.84 8.99 0.35
C SER B 5 -43.29 9.77 -0.89
N LYS B 6 -44.52 10.21 -0.89
CA LYS B 6 -45.04 10.97 -2.07
C LYS B 6 -44.65 12.44 -1.92
N GLY B 7 -44.01 12.80 -0.84
CA GLY B 7 -43.61 14.23 -0.65
C GLY B 7 -42.33 14.52 -1.45
N PRO B 8 -41.17 14.29 -0.88
CA PRO B 8 -39.87 14.53 -1.57
C PRO B 8 -39.52 13.39 -2.53
N ASP B 9 -38.54 12.60 -2.19
CA ASP B 9 -38.14 11.48 -3.08
C ASP B 9 -37.10 10.62 -2.35
N ILE B 10 -36.24 11.25 -1.60
CA ILE B 10 -35.18 10.52 -0.83
C ILE B 10 -34.28 9.69 -1.78
N LEU B 11 -34.76 9.29 -2.93
CA LEU B 11 -33.93 8.48 -3.85
C LEU B 11 -32.85 9.38 -4.51
N VAL B 12 -33.25 10.49 -5.06
CA VAL B 12 -32.25 11.38 -5.73
C VAL B 12 -31.12 11.70 -4.75
N VAL B 13 -31.45 12.19 -3.58
CA VAL B 13 -30.40 12.53 -2.60
C VAL B 13 -29.61 11.26 -2.25
N LEU B 14 -30.26 10.15 -2.13
CA LEU B 14 -29.54 8.89 -1.80
C LEU B 14 -28.40 8.69 -2.80
N LEU B 15 -28.69 8.80 -4.07
CA LEU B 15 -27.62 8.63 -5.10
C LEU B 15 -26.45 9.55 -4.76
N SER B 16 -26.72 10.80 -4.52
CA SER B 16 -25.62 11.75 -4.18
C SER B 16 -24.92 11.27 -2.90
N VAL B 17 -25.68 11.01 -1.87
CA VAL B 17 -25.09 10.54 -0.59
C VAL B 17 -24.26 9.28 -0.85
N MET B 18 -24.81 8.33 -1.57
CA MET B 18 -24.05 7.08 -1.84
C MET B 18 -22.74 7.43 -2.54
N GLY B 19 -22.76 8.36 -3.46
CA GLY B 19 -21.51 8.74 -4.16
C GLY B 19 -20.45 9.10 -3.13
N ALA B 20 -20.83 9.85 -2.13
CA ALA B 20 -19.84 10.25 -1.08
C ALA B 20 -19.21 8.98 -0.48
N ILE B 21 -20.02 8.04 -0.07
CA ILE B 21 -19.46 6.78 0.51
C ILE B 21 -18.42 6.22 -0.47
N LEU B 22 -18.81 6.12 -1.71
CA LEU B 22 -17.88 5.58 -2.74
C LEU B 22 -16.68 6.52 -2.91
N LEU B 23 -16.94 7.81 -2.95
CA LEU B 23 -15.83 8.79 -3.12
C LEU B 23 -14.94 8.81 -1.85
N ILE B 24 -15.55 8.78 -0.70
CA ILE B 24 -14.75 8.80 0.56
C ILE B 24 -13.81 7.58 0.61
N GLY B 25 -14.22 6.49 0.05
CA GLY B 25 -13.37 5.27 0.05
C GLY B 25 -12.37 5.36 -1.10
N LEU B 26 -12.80 5.90 -2.21
CA LEU B 26 -11.88 6.04 -3.37
C LEU B 26 -10.73 6.96 -2.95
N ALA B 27 -11.03 7.92 -2.11
CA ALA B 27 -9.96 8.84 -1.66
C ALA B 27 -9.05 8.09 -0.69
N ALA B 28 -9.63 7.37 0.21
CA ALA B 28 -8.81 6.59 1.18
C ALA B 28 -8.10 5.46 0.45
N LEU B 29 -8.75 4.90 -0.54
CA LEU B 29 -8.13 3.80 -1.30
C LEU B 29 -6.77 4.27 -1.83
N LEU B 30 -6.78 5.37 -2.53
CA LEU B 30 -5.52 5.91 -3.12
C LEU B 30 -4.45 6.06 -2.02
N ILE B 31 -4.75 6.77 -0.96
CA ILE B 31 -3.74 6.96 0.12
C ILE B 31 -3.24 5.59 0.61
N TRP B 32 -4.14 4.75 1.03
CA TRP B 32 -3.73 3.40 1.55
C TRP B 32 -2.97 2.62 0.46
N LYS B 33 -3.18 2.94 -0.79
CA LYS B 33 -2.44 2.21 -1.87
C LYS B 33 -0.96 2.57 -1.78
N LEU B 34 -0.66 3.83 -1.63
CA LEU B 34 0.76 4.23 -1.53
C LEU B 34 1.39 3.50 -0.35
N LEU B 35 0.73 3.47 0.77
CA LEU B 35 1.30 2.75 1.95
C LEU B 35 1.46 1.27 1.62
N ILE B 36 0.54 0.70 0.90
CA ILE B 36 0.66 -0.75 0.57
C ILE B 36 1.88 -0.95 -0.34
N THR B 37 2.14 -0.03 -1.22
CA THR B 37 3.32 -0.17 -2.13
C THR B 37 4.60 0.19 -1.37
N ILE B 38 4.50 0.97 -0.33
CA ILE B 38 5.72 1.36 0.42
C ILE B 38 6.25 0.19 1.25
N HIS B 39 5.42 -0.75 1.59
CA HIS B 39 5.91 -1.90 2.38
C HIS B 39 7.07 -2.56 1.64
N ASP B 40 6.99 -2.63 0.34
CA ASP B 40 8.08 -3.26 -0.47
C ASP B 40 9.17 -2.24 -0.82
N ARG B 41 8.83 -0.99 -0.99
CA ARG B 41 9.87 0.02 -1.36
C ARG B 41 11.11 -0.15 -0.49
N LYS B 42 10.95 -0.54 0.75
CA LYS B 42 12.12 -0.69 1.63
C LYS B 42 13.01 -1.80 1.09
N GLU B 43 12.51 -3.00 0.96
CA GLU B 43 13.37 -4.09 0.43
C GLU B 43 13.73 -3.76 -1.01
N PHE B 44 12.77 -3.37 -1.80
CA PHE B 44 13.07 -3.01 -3.22
C PHE B 44 14.25 -2.04 -3.22
N ALA B 45 14.27 -1.13 -2.29
CA ALA B 45 15.42 -0.18 -2.22
C ALA B 45 16.63 -0.92 -1.67
N LYS B 46 16.52 -1.44 -0.48
CA LYS B 46 17.63 -2.20 0.12
C LYS B 46 18.14 -3.24 -0.89
N PHE B 47 17.30 -3.68 -1.78
CA PHE B 47 17.75 -4.70 -2.78
C PHE B 47 18.73 -4.05 -3.76
N GLU B 48 18.29 -3.05 -4.45
CA GLU B 48 19.17 -2.37 -5.43
C GLU B 48 20.38 -1.77 -4.70
N GLU B 49 20.24 -1.43 -3.46
CA GLU B 49 21.38 -0.85 -2.70
C GLU B 49 22.50 -1.89 -2.60
N GLU B 50 22.17 -3.08 -2.23
CA GLU B 50 23.21 -4.15 -2.12
C GLU B 50 23.87 -4.36 -3.48
N ARG B 51 23.08 -4.49 -4.52
CA ARG B 51 23.67 -4.69 -5.87
C ARG B 51 24.64 -3.56 -6.20
N ALA B 52 24.42 -2.40 -5.64
CA ALA B 52 25.32 -1.25 -5.93
C ALA B 52 26.68 -1.48 -5.26
N ARG B 53 26.71 -1.58 -3.95
CA ARG B 53 27.98 -1.80 -3.24
C ARG B 53 28.47 -3.23 -3.47
N ALA B 54 27.61 -4.12 -3.88
CA ALA B 54 28.06 -5.52 -4.12
C ALA B 54 29.35 -5.50 -4.95
N LYS B 55 29.43 -4.59 -5.89
CA LYS B 55 30.63 -4.48 -6.72
C LYS B 55 31.76 -3.88 -5.89
N TRP B 56 31.51 -2.73 -5.34
CA TRP B 56 32.56 -2.09 -4.49
C TRP B 56 33.02 -3.10 -3.45
N ASP B 57 32.20 -4.07 -3.20
CA ASP B 57 32.55 -5.12 -2.21
C ASP B 57 33.45 -6.16 -2.87
N THR B 58 34.08 -5.81 -3.94
CA THR B 58 34.98 -6.77 -4.65
C THR B 58 36.04 -6.00 -5.43
N ALA B 59 36.36 -6.45 -6.61
CA ALA B 59 37.39 -5.75 -7.42
C ALA B 59 38.66 -5.60 -6.58
N ASN B 60 39.60 -6.51 -6.75
CA ASN B 60 40.88 -6.47 -6.01
C ASN B 60 40.70 -5.85 -4.60
N ASN B 61 39.66 -6.23 -3.91
CA ASN B 61 39.42 -5.68 -2.54
C ASN B 61 40.75 -5.60 -1.77
N PRO B 62 41.32 -4.42 -1.61
CA PRO B 62 42.63 -4.26 -0.90
C PRO B 62 42.51 -4.15 0.62
N LEU B 63 41.35 -4.41 1.14
CA LEU B 63 41.17 -4.34 2.63
C LEU B 63 41.38 -5.74 3.21
N TYR B 64 41.03 -6.74 2.46
CA TYR B 64 41.20 -8.14 2.93
C TYR B 64 42.69 -8.43 3.04
N LYS B 65 43.43 -8.09 2.02
CA LYS B 65 44.91 -8.32 2.02
C LYS B 65 45.49 -7.97 3.40
N GLU B 66 44.95 -6.97 4.03
CA GLU B 66 45.46 -6.57 5.36
C GLU B 66 45.48 -7.79 6.29
N ALA B 67 44.51 -8.65 6.15
CA ALA B 67 44.47 -9.87 7.01
C ALA B 67 45.60 -10.82 6.62
N THR B 68 45.64 -11.25 5.39
CA THR B 68 46.70 -12.17 4.95
C THR B 68 48.00 -11.39 4.76
N SER B 69 48.16 -10.31 5.47
CA SER B 69 49.40 -9.50 5.35
C SER B 69 50.62 -10.42 5.44
N THR B 70 51.36 -10.55 4.37
CA THR B 70 52.56 -11.44 4.40
C THR B 70 53.74 -10.68 5.02
N PHE B 71 53.71 -9.38 4.96
CA PHE B 71 54.82 -8.58 5.55
C PHE B 71 54.81 -8.72 7.06
N THR B 72 53.96 -9.56 7.57
CA THR B 72 53.89 -9.76 9.04
C THR B 72 55.02 -10.70 9.48
N ASN B 73 55.56 -11.46 8.57
CA ASN B 73 56.67 -12.39 8.92
C ASN B 73 57.74 -12.32 7.83
N ILE B 74 58.28 -11.16 7.59
CA ILE B 74 59.33 -11.00 6.54
C ILE B 74 60.33 -12.16 6.62
N THR B 75 60.73 -12.69 5.50
CA THR B 75 61.71 -13.82 5.50
C THR B 75 62.60 -13.72 4.25
N TYR B 76 63.88 -13.85 4.41
CA TYR B 76 64.79 -13.76 3.24
C TYR B 76 64.73 -15.07 2.45
N ARG B 77 63.70 -15.24 1.66
CA ARG B 77 63.58 -16.50 0.86
C ARG B 77 64.82 -16.67 -0.01
N GLY B 78 65.59 -17.69 0.24
CA GLY B 78 66.82 -17.92 -0.58
C GLY B 78 66.44 -18.64 -1.87
N THR B 79 65.95 -17.92 -2.84
CA THR B 79 65.57 -18.56 -4.13
C THR B 79 65.63 -17.53 -5.26
N GLY A 1 -41.50 23.87 -7.94
CA GLY A 1 -41.07 23.85 -6.47
C GLY A 1 -40.57 22.58 -5.87
N ALA A 2 -40.67 21.49 -6.59
CA ALA A 2 -40.18 20.19 -6.05
C ALA A 2 -38.75 20.36 -5.52
N MET A 3 -37.99 21.23 -6.14
CA MET A 3 -36.59 21.44 -5.67
C MET A 3 -36.59 22.01 -4.25
N GLY A 4 -36.66 21.16 -3.27
CA GLY A 4 -36.67 21.65 -1.86
C GLY A 4 -37.92 22.50 -1.62
N SER A 5 -38.10 22.98 -0.42
CA SER A 5 -39.30 23.81 -0.12
C SER A 5 -39.03 24.63 1.14
N GLU A 6 -40.03 25.30 1.65
CA GLU A 6 -39.83 26.12 2.89
C GLU A 6 -39.57 25.19 4.06
N GLU A 7 -39.49 23.92 3.79
CA GLU A 7 -39.24 22.92 4.86
C GLU A 7 -37.85 22.31 4.66
N ARG A 8 -37.05 22.90 3.82
CA ARG A 8 -35.68 22.37 3.57
C ARG A 8 -35.00 22.04 4.90
N ALA A 9 -34.48 20.85 5.04
CA ALA A 9 -33.80 20.46 6.32
C ALA A 9 -32.51 19.71 6.01
N ILE A 10 -32.36 19.21 4.81
CA ILE A 10 -31.11 18.48 4.46
C ILE A 10 -30.81 17.43 5.55
N PRO A 11 -31.62 16.42 5.64
CA PRO A 11 -31.44 15.32 6.65
C PRO A 11 -30.01 14.77 6.67
N ILE A 12 -29.14 15.41 7.38
CA ILE A 12 -27.73 14.93 7.45
C ILE A 12 -27.70 13.45 7.85
N TRP A 13 -28.75 12.98 8.46
CA TRP A 13 -28.80 11.56 8.86
C TRP A 13 -28.52 10.72 7.64
N TRP A 14 -29.26 10.99 6.62
CA TRP A 14 -29.08 10.27 5.35
C TRP A 14 -27.63 10.45 4.91
N VAL A 15 -27.18 11.67 4.90
CA VAL A 15 -25.78 11.94 4.49
C VAL A 15 -24.85 11.19 5.44
N LEU A 16 -25.15 11.25 6.70
CA LEU A 16 -24.32 10.54 7.71
C LEU A 16 -24.26 9.05 7.36
N VAL A 17 -25.40 8.46 7.21
CA VAL A 17 -25.46 7.00 6.88
C VAL A 17 -24.70 6.74 5.60
N GLY A 18 -24.83 7.59 4.64
CA GLY A 18 -24.10 7.40 3.38
C GLY A 18 -22.62 7.55 3.66
N VAL A 19 -22.27 8.53 4.44
CA VAL A 19 -20.84 8.75 4.78
C VAL A 19 -20.38 7.68 5.77
N LEU A 20 -21.31 7.12 6.52
CA LEU A 20 -20.92 6.05 7.48
C LEU A 20 -20.58 4.78 6.71
N GLY A 21 -21.34 4.50 5.68
CA GLY A 21 -21.05 3.29 4.89
C GLY A 21 -19.79 3.51 4.08
N GLY A 22 -19.42 4.73 3.90
CA GLY A 22 -18.17 5.00 3.14
C GLY A 22 -17.01 4.59 4.01
N LEU A 23 -17.22 4.55 5.30
CA LEU A 23 -16.15 4.09 6.21
C LEU A 23 -16.19 2.58 6.08
N LEU A 24 -17.37 2.04 5.94
CA LEU A 24 -17.52 0.59 5.74
C LEU A 24 -16.95 0.23 4.37
N LEU A 25 -17.20 1.05 3.37
CA LEU A 25 -16.64 0.74 2.04
C LEU A 25 -15.15 0.97 2.07
N LEU A 26 -14.73 2.03 2.68
CA LEU A 26 -13.28 2.30 2.78
C LEU A 26 -12.61 1.07 3.39
N THR A 27 -13.16 0.58 4.45
CA THR A 27 -12.55 -0.59 5.14
C THR A 27 -12.38 -1.77 4.19
N ILE A 28 -13.38 -2.08 3.43
CA ILE A 28 -13.28 -3.23 2.49
C ILE A 28 -12.28 -2.89 1.40
N LEU A 29 -12.21 -1.65 1.06
CA LEU A 29 -11.27 -1.20 0.02
C LEU A 29 -9.88 -1.14 0.62
N VAL A 30 -9.76 -0.52 1.75
CA VAL A 30 -8.44 -0.43 2.42
C VAL A 30 -7.97 -1.85 2.68
N LEU A 31 -8.86 -2.73 2.98
CA LEU A 31 -8.46 -4.13 3.24
C LEU A 31 -8.22 -4.83 1.94
N ALA A 32 -9.12 -4.66 1.04
CA ALA A 32 -8.98 -5.36 -0.24
C ALA A 32 -7.68 -4.99 -0.92
N MET A 33 -7.22 -3.78 -0.78
CA MET A 33 -5.93 -3.46 -1.41
C MET A 33 -4.84 -4.09 -0.56
N TRP A 34 -5.02 -4.02 0.73
CA TRP A 34 -4.04 -4.64 1.64
C TRP A 34 -4.02 -6.13 1.34
N LYS A 35 -5.16 -6.69 1.02
CA LYS A 35 -5.23 -8.15 0.72
C LYS A 35 -4.62 -8.40 -0.66
N VAL A 36 -4.88 -7.54 -1.59
CA VAL A 36 -4.32 -7.72 -2.95
C VAL A 36 -2.80 -7.82 -2.84
N GLY A 37 -2.27 -7.62 -1.66
CA GLY A 37 -0.79 -7.68 -1.46
C GLY A 37 -0.46 -8.46 -0.19
N PHE A 38 -1.33 -8.41 0.78
CA PHE A 38 -1.06 -9.13 2.06
C PHE A 38 -1.49 -10.58 1.93
N PHE A 39 -2.30 -10.87 0.96
CA PHE A 39 -2.79 -12.27 0.77
C PHE A 39 -1.87 -12.96 -0.24
N LYS A 40 -1.08 -12.20 -0.89
CA LYS A 40 -0.14 -12.72 -1.90
C LYS A 40 1.14 -13.20 -1.21
N ARG A 41 1.62 -12.42 -0.29
CA ARG A 41 2.87 -12.76 0.42
C ARG A 41 2.62 -13.73 1.56
N ASN A 42 1.41 -13.83 1.96
CA ASN A 42 1.07 -14.76 3.08
C ASN A 42 1.34 -16.20 2.65
N ARG A 43 2.17 -16.38 1.64
CA ARG A 43 2.54 -17.74 1.13
C ARG A 43 2.34 -18.85 2.17
N PRO A 44 1.15 -19.41 2.24
CA PRO A 44 0.86 -20.54 3.18
C PRO A 44 1.52 -21.92 2.83
N PRO A 45 2.21 -22.14 1.71
CA PRO A 45 2.80 -23.47 1.41
C PRO A 45 4.26 -23.56 1.87
N LEU A 46 5.03 -24.44 1.27
CA LEU A 46 6.46 -24.57 1.68
C LEU A 46 7.28 -23.55 0.91
N GLU A 47 6.62 -22.63 0.25
CA GLU A 47 7.32 -21.58 -0.52
C GLU A 47 8.17 -22.19 -1.65
N GLU A 48 9.11 -23.02 -1.31
CA GLU A 48 9.98 -23.64 -2.34
C GLU A 48 9.14 -24.14 -3.52
N ASP A 49 9.07 -23.37 -4.57
CA ASP A 49 8.28 -23.79 -5.76
C ASP A 49 9.10 -24.79 -6.58
N ASP A 50 8.47 -25.79 -7.12
CA ASP A 50 9.22 -26.79 -7.92
C ASP A 50 9.66 -26.19 -9.26
N GLU A 51 9.98 -24.93 -9.30
CA GLU A 51 10.41 -24.29 -10.57
C GLU A 51 11.50 -23.26 -10.27
N GLU A 52 11.22 -21.99 -10.47
CA GLU A 52 12.24 -20.93 -10.22
C GLU A 52 11.91 -20.22 -8.90
N GLY A 53 12.88 -20.09 -8.03
CA GLY A 53 12.63 -19.40 -6.74
C GLY A 53 12.60 -17.88 -6.96
N GLU A 54 13.72 -17.31 -7.30
CA GLU A 54 13.77 -15.85 -7.53
C GLU A 54 12.95 -15.51 -8.78
N GLY B 1 -36.43 -2.81 -2.22
CA GLY B 1 -35.94 -2.93 -0.77
C GLY B 1 -36.37 -1.94 0.24
N ALA B 2 -36.92 -0.83 -0.19
CA ALA B 2 -37.38 0.21 0.78
C ALA B 2 -38.30 1.19 0.08
N MET B 3 -38.63 0.93 -1.16
CA MET B 3 -39.53 1.85 -1.91
C MET B 3 -38.91 3.25 -1.95
N GLY B 4 -39.34 4.08 -2.87
CA GLY B 4 -38.78 5.46 -2.96
C GLY B 4 -39.50 6.38 -1.96
N SER B 5 -39.16 7.64 -1.95
CA SER B 5 -39.83 8.57 -1.00
C SER B 5 -41.24 8.87 -1.50
N LYS B 6 -41.84 9.93 -1.01
CA LYS B 6 -43.23 10.30 -1.44
C LYS B 6 -43.22 11.70 -2.06
N GLY B 7 -42.93 12.70 -1.27
CA GLY B 7 -42.91 14.10 -1.81
C GLY B 7 -41.53 14.40 -2.41
N PRO B 8 -40.49 14.24 -1.64
CA PRO B 8 -39.09 14.50 -2.09
C PRO B 8 -38.73 13.76 -3.39
N ASP B 9 -37.65 13.06 -3.40
CA ASP B 9 -37.24 12.33 -4.63
C ASP B 9 -36.18 11.27 -4.30
N ILE B 10 -35.44 11.50 -3.24
CA ILE B 10 -34.36 10.55 -2.81
C ILE B 10 -33.44 10.15 -3.97
N LEU B 11 -33.73 10.55 -5.17
CA LEU B 11 -32.86 10.20 -6.32
C LEU B 11 -31.61 11.09 -6.33
N VAL B 12 -31.79 12.37 -6.24
CA VAL B 12 -30.63 13.31 -6.27
C VAL B 12 -29.77 13.19 -5.01
N VAL B 13 -30.36 13.31 -3.86
CA VAL B 13 -29.55 13.22 -2.60
C VAL B 13 -28.86 11.87 -2.51
N LEU B 14 -29.46 10.83 -3.01
CA LEU B 14 -28.81 9.49 -2.94
C LEU B 14 -27.57 9.47 -3.84
N LEU B 15 -27.69 9.97 -5.05
CA LEU B 15 -26.53 9.99 -5.96
C LEU B 15 -25.35 10.67 -5.27
N SER B 16 -25.59 11.77 -4.61
CA SER B 16 -24.49 12.48 -3.91
C SER B 16 -23.91 11.55 -2.84
N VAL B 17 -24.77 10.97 -2.05
CA VAL B 17 -24.30 10.04 -0.98
C VAL B 17 -23.42 8.95 -1.60
N MET B 18 -23.91 8.26 -2.61
CA MET B 18 -23.09 7.19 -3.23
C MET B 18 -21.77 7.79 -3.72
N GLY B 19 -21.81 8.97 -4.25
CA GLY B 19 -20.55 9.61 -4.73
C GLY B 19 -19.62 9.82 -3.54
N ALA B 20 -20.14 10.33 -2.45
CA ALA B 20 -19.29 10.56 -1.25
C ALA B 20 -18.63 9.25 -0.83
N ILE B 21 -19.38 8.20 -0.66
CA ILE B 21 -18.76 6.90 -0.27
C ILE B 21 -17.64 6.59 -1.27
N LEU B 22 -17.97 6.60 -2.53
CA LEU B 22 -16.95 6.33 -3.58
C LEU B 22 -15.78 7.30 -3.41
N LEU B 23 -16.07 8.56 -3.24
CA LEU B 23 -14.99 9.57 -3.07
C LEU B 23 -14.25 9.33 -1.75
N ILE B 24 -14.97 9.17 -0.67
CA ILE B 24 -14.30 8.95 0.66
C ILE B 24 -13.42 7.71 0.59
N GLY B 25 -13.88 6.69 -0.08
CA GLY B 25 -13.09 5.44 -0.17
C GLY B 25 -11.90 5.62 -1.10
N LEU B 26 -12.11 6.21 -2.23
CA LEU B 26 -11.00 6.42 -3.21
C LEU B 26 -10.03 7.44 -2.63
N ALA B 27 -10.52 8.36 -1.86
CA ALA B 27 -9.59 9.38 -1.29
C ALA B 27 -8.70 8.69 -0.25
N ALA B 28 -9.29 7.93 0.62
CA ALA B 28 -8.49 7.24 1.66
C ALA B 28 -7.71 6.10 1.03
N LEU B 29 -8.24 5.47 0.01
CA LEU B 29 -7.48 4.36 -0.64
C LEU B 29 -6.11 4.92 -1.02
N LEU B 30 -6.09 6.02 -1.73
CA LEU B 30 -4.82 6.65 -2.15
C LEU B 30 -3.90 6.76 -0.93
N ILE B 31 -4.37 7.33 0.14
CA ILE B 31 -3.51 7.46 1.35
C ILE B 31 -3.00 6.08 1.77
N TRP B 32 -3.89 5.15 2.02
CA TRP B 32 -3.47 3.78 2.44
C TRP B 32 -2.60 3.16 1.34
N LYS B 33 -2.75 3.59 0.12
CA LYS B 33 -1.93 3.03 -0.99
C LYS B 33 -0.46 3.37 -0.75
N LEU B 34 -0.18 4.57 -0.33
CA LEU B 34 1.22 4.97 -0.08
C LEU B 34 1.72 4.21 1.15
N LEU B 35 0.86 3.97 2.10
CA LEU B 35 1.29 3.24 3.32
C LEU B 35 1.67 1.80 2.95
N ILE B 36 0.96 1.20 2.03
CA ILE B 36 1.31 -0.19 1.64
C ILE B 36 2.65 -0.16 0.88
N THR B 37 2.90 0.88 0.16
CA THR B 37 4.19 0.97 -0.58
C THR B 37 5.30 1.33 0.40
N ILE B 38 5.11 2.36 1.18
CA ILE B 38 6.16 2.76 2.16
C ILE B 38 6.49 1.60 3.08
N HIS B 39 5.59 0.67 3.23
CA HIS B 39 5.90 -0.50 4.09
C HIS B 39 6.97 -1.34 3.40
N ASP B 40 6.92 -1.40 2.09
CA ASP B 40 7.92 -2.19 1.32
C ASP B 40 9.15 -1.33 1.01
N ARG B 41 8.98 -0.03 0.89
CA ARG B 41 10.15 0.85 0.58
C ARG B 41 11.34 0.46 1.46
N LYS B 42 11.09 -0.02 2.64
CA LYS B 42 12.19 -0.41 3.53
C LYS B 42 12.85 -1.68 2.98
N GLU B 43 12.10 -2.74 2.84
CA GLU B 43 12.71 -4.00 2.28
C GLU B 43 13.16 -3.71 0.85
N PHE B 44 12.30 -3.16 0.05
CA PHE B 44 12.69 -2.84 -1.36
C PHE B 44 14.00 -2.05 -1.31
N ALA B 45 14.14 -1.19 -0.32
CA ALA B 45 15.39 -0.42 -0.19
C ALA B 45 16.47 -1.36 0.33
N LYS B 46 16.26 -1.93 1.49
CA LYS B 46 17.24 -2.86 2.06
C LYS B 46 17.61 -3.92 1.01
N PHE B 47 16.73 -4.17 0.08
CA PHE B 47 17.02 -5.19 -0.97
C PHE B 47 18.11 -4.66 -1.91
N GLU B 48 17.85 -3.57 -2.57
CA GLU B 48 18.88 -3.00 -3.49
C GLU B 48 20.11 -2.60 -2.69
N GLU B 49 19.94 -2.31 -1.43
CA GLU B 49 21.10 -1.92 -0.59
C GLU B 49 22.11 -3.07 -0.54
N GLU B 50 21.63 -4.26 -0.30
CA GLU B 50 22.55 -5.43 -0.25
C GLU B 50 23.18 -5.65 -1.62
N ARG B 51 22.38 -5.58 -2.67
CA ARG B 51 22.93 -5.77 -4.03
C ARG B 51 24.14 -4.85 -4.24
N ALA B 52 24.06 -3.63 -3.80
CA ALA B 52 25.20 -2.69 -3.98
C ALA B 52 26.40 -3.19 -3.16
N ARG B 53 26.25 -3.29 -1.87
CA ARG B 53 27.38 -3.77 -1.03
C ARG B 53 27.92 -5.08 -1.59
N ALA B 54 27.07 -5.92 -2.13
CA ALA B 54 27.53 -7.22 -2.68
C ALA B 54 28.59 -6.95 -3.76
N LYS B 55 28.33 -6.05 -4.64
CA LYS B 55 29.30 -5.74 -5.72
C LYS B 55 30.61 -5.27 -5.12
N TRP B 56 30.58 -4.17 -4.43
CA TRP B 56 31.80 -3.64 -3.80
C TRP B 56 32.42 -4.76 -2.97
N ASP B 57 31.63 -5.73 -2.63
CA ASP B 57 32.13 -6.88 -1.82
C ASP B 57 32.38 -8.08 -2.74
N THR B 58 32.65 -7.84 -3.98
CA THR B 58 32.92 -8.95 -4.92
C THR B 58 33.55 -8.41 -6.21
N ALA B 59 33.12 -8.92 -7.33
CA ALA B 59 33.68 -8.45 -8.63
C ALA B 59 35.20 -8.67 -8.64
N ASN B 60 35.63 -9.88 -8.78
CA ASN B 60 37.08 -10.18 -8.81
C ASN B 60 37.80 -9.38 -7.71
N ASN B 61 37.14 -9.11 -6.62
CA ASN B 61 37.78 -8.36 -5.51
C ASN B 61 39.17 -8.97 -5.22
N PRO B 62 40.25 -8.29 -5.55
CA PRO B 62 41.62 -8.81 -5.31
C PRO B 62 42.11 -8.49 -3.89
N LEU B 63 41.20 -8.20 -3.01
CA LEU B 63 41.60 -7.87 -1.61
C LEU B 63 42.61 -8.91 -1.12
N TYR B 64 42.41 -10.14 -1.51
CA TYR B 64 43.35 -11.22 -1.08
C TYR B 64 44.70 -11.03 -1.78
N LYS B 65 44.68 -11.06 -3.07
CA LYS B 65 45.96 -10.87 -3.84
C LYS B 65 46.77 -9.72 -3.24
N GLU B 66 46.10 -8.74 -2.69
CA GLU B 66 46.82 -7.60 -2.08
C GLU B 66 47.83 -8.12 -1.06
N ALA B 67 47.47 -9.14 -0.33
CA ALA B 67 48.40 -9.71 0.68
C ALA B 67 48.84 -8.61 1.65
N THR B 68 47.90 -7.92 2.24
CA THR B 68 48.27 -6.82 3.19
C THR B 68 49.36 -5.95 2.58
N SER B 69 49.27 -5.67 1.31
CA SER B 69 50.32 -4.82 0.65
C SER B 69 51.68 -5.50 0.76
N THR B 70 52.45 -5.46 -0.29
CA THR B 70 53.79 -6.10 -0.26
C THR B 70 54.77 -5.21 0.51
N PHE B 71 54.49 -3.94 0.55
CA PHE B 71 55.40 -3.01 1.28
C PHE B 71 55.32 -3.27 2.77
N THR B 72 54.64 -4.32 3.15
CA THR B 72 54.50 -4.67 4.60
C THR B 72 55.43 -5.84 4.93
N ASN B 73 55.89 -6.56 3.94
CA ASN B 73 56.80 -7.70 4.20
C ASN B 73 58.22 -7.19 4.36
N ILE B 74 58.38 -5.97 4.78
CA ILE B 74 59.75 -5.40 4.97
C ILE B 74 60.21 -5.62 6.41
N THR B 75 59.95 -6.78 6.96
CA THR B 75 60.39 -7.04 8.36
C THR B 75 60.36 -8.55 8.62
N TYR B 76 60.09 -9.31 7.61
CA TYR B 76 60.04 -10.80 7.76
C TYR B 76 61.37 -11.40 7.26
N ARG B 77 61.36 -12.64 6.87
CA ARG B 77 62.62 -13.27 6.38
C ARG B 77 63.77 -12.96 7.34
N GLY B 78 64.98 -13.17 6.92
CA GLY B 78 66.14 -12.88 7.81
C GLY B 78 67.45 -13.22 7.09
N THR B 79 68.15 -14.22 7.56
CA THR B 79 69.43 -14.60 6.90
C THR B 79 69.86 -15.99 7.38
N GLY A 1 -29.27 28.85 -4.23
CA GLY A 1 -28.70 28.18 -5.48
C GLY A 1 -28.99 26.75 -5.76
N ALA A 2 -29.09 26.38 -7.01
CA ALA A 2 -29.39 24.96 -7.35
C ALA A 2 -30.58 24.47 -6.54
N MET A 3 -31.43 25.37 -6.10
CA MET A 3 -32.61 24.95 -5.29
C MET A 3 -33.38 23.87 -6.06
N GLY A 4 -34.24 23.16 -5.38
CA GLY A 4 -35.02 22.09 -6.07
C GLY A 4 -36.07 21.53 -5.10
N SER A 5 -35.66 20.78 -4.12
CA SER A 5 -36.63 20.20 -3.16
C SER A 5 -37.37 21.34 -2.45
N GLU A 6 -38.59 21.61 -2.85
CA GLU A 6 -39.36 22.71 -2.20
C GLU A 6 -39.83 22.25 -0.82
N GLU A 7 -39.38 21.11 -0.42
CA GLU A 7 -39.78 20.56 0.91
C GLU A 7 -38.78 21.04 1.97
N ARG A 8 -37.69 21.62 1.55
CA ARG A 8 -36.67 22.13 2.51
C ARG A 8 -36.48 21.12 3.66
N ALA A 9 -35.71 20.09 3.43
CA ALA A 9 -35.48 19.07 4.51
C ALA A 9 -34.16 18.36 4.25
N ILE A 10 -34.04 17.67 3.15
CA ILE A 10 -32.77 16.97 2.85
C ILE A 10 -32.30 16.18 4.07
N PRO A 11 -33.02 15.15 4.42
CA PRO A 11 -32.69 14.29 5.59
C PRO A 11 -31.21 13.87 5.60
N ILE A 12 -30.36 14.72 6.12
CA ILE A 12 -28.91 14.40 6.15
C ILE A 12 -28.69 13.00 6.75
N TRP A 13 -29.61 12.54 7.55
CA TRP A 13 -29.46 11.18 8.15
C TRP A 13 -29.21 10.22 7.02
N TRP A 14 -30.04 10.30 6.06
CA TRP A 14 -29.92 9.44 4.87
C TRP A 14 -28.50 9.60 4.32
N VAL A 15 -28.11 10.82 4.11
CA VAL A 15 -26.75 11.10 3.58
C VAL A 15 -25.73 10.62 4.60
N LEU A 16 -25.98 10.91 5.85
CA LEU A 16 -25.05 10.49 6.93
C LEU A 16 -24.96 8.97 6.95
N VAL A 17 -26.09 8.32 6.97
CA VAL A 17 -26.11 6.83 7.02
C VAL A 17 -25.36 6.28 5.82
N GLY A 18 -25.43 6.95 4.72
CA GLY A 18 -24.69 6.47 3.54
C GLY A 18 -23.22 6.83 3.74
N VAL A 19 -22.96 8.04 4.16
CA VAL A 19 -21.56 8.45 4.41
C VAL A 19 -21.02 7.60 5.56
N LEU A 20 -21.88 7.14 6.42
CA LEU A 20 -21.42 6.28 7.56
C LEU A 20 -20.95 4.97 6.97
N GLY A 21 -21.62 4.50 5.97
CA GLY A 21 -21.20 3.22 5.35
C GLY A 21 -19.92 3.46 4.57
N GLY A 22 -19.66 4.69 4.28
CA GLY A 22 -18.40 5.00 3.54
C GLY A 22 -17.26 4.81 4.53
N LEU A 23 -17.56 4.92 5.78
CA LEU A 23 -16.51 4.69 6.81
C LEU A 23 -16.38 3.18 6.90
N LEU A 24 -17.48 2.51 6.68
CA LEU A 24 -17.47 1.02 6.70
C LEU A 24 -16.77 0.56 5.42
N LEU A 25 -17.05 1.19 4.32
CA LEU A 25 -16.37 0.80 3.06
C LEU A 25 -14.91 1.24 3.15
N LEU A 26 -14.69 2.37 3.74
CA LEU A 26 -13.31 2.87 3.89
C LEU A 26 -12.43 1.81 4.52
N THR A 27 -12.91 1.17 5.56
CA THR A 27 -12.04 0.17 6.24
C THR A 27 -11.90 -1.12 5.43
N ILE A 28 -12.94 -1.58 4.81
CA ILE A 28 -12.84 -2.85 4.02
C ILE A 28 -11.94 -2.62 2.83
N LEU A 29 -11.99 -1.44 2.30
CA LEU A 29 -11.14 -1.10 1.13
C LEU A 29 -9.73 -0.93 1.62
N VAL A 30 -9.57 -0.13 2.62
CA VAL A 30 -8.23 0.08 3.19
C VAL A 30 -7.69 -1.27 3.61
N LEU A 31 -8.50 -2.11 4.17
CA LEU A 31 -8.00 -3.44 4.60
C LEU A 31 -7.83 -4.35 3.40
N ALA A 32 -8.76 -4.32 2.53
CA ALA A 32 -8.67 -5.20 1.38
C ALA A 32 -7.39 -4.90 0.61
N MET A 33 -7.01 -3.67 0.50
CA MET A 33 -5.75 -3.38 -0.22
C MET A 33 -4.59 -3.78 0.69
N TRP A 34 -4.76 -3.59 1.96
CA TRP A 34 -3.73 -3.97 2.94
C TRP A 34 -3.59 -5.48 2.83
N LYS A 35 -4.70 -6.15 2.64
CA LYS A 35 -4.66 -7.63 2.50
C LYS A 35 -3.89 -7.97 1.22
N VAL A 36 -4.18 -7.27 0.18
CA VAL A 36 -3.48 -7.53 -1.10
C VAL A 36 -1.97 -7.39 -0.88
N GLY A 37 -1.55 -7.04 0.31
CA GLY A 37 -0.08 -6.87 0.58
C GLY A 37 0.27 -7.51 1.92
N PHE A 38 -0.67 -7.55 2.81
CA PHE A 38 -0.42 -8.13 4.15
C PHE A 38 -0.65 -9.64 4.10
N PHE A 39 -1.33 -10.08 3.10
CA PHE A 39 -1.62 -11.54 2.94
C PHE A 39 -0.59 -12.13 1.98
N LYS A 40 0.13 -11.26 1.36
CA LYS A 40 1.18 -11.66 0.39
C LYS A 40 2.29 -12.39 1.15
N ARG A 41 2.49 -11.97 2.35
CA ARG A 41 3.56 -12.54 3.19
C ARG A 41 3.24 -13.95 3.65
N ASN A 42 2.53 -14.05 4.72
CA ASN A 42 2.18 -15.40 5.29
C ASN A 42 1.36 -16.20 4.27
N ARG A 43 1.45 -15.84 3.02
CA ARG A 43 0.71 -16.55 1.92
C ARG A 43 0.32 -17.99 2.30
N PRO A 44 -0.85 -18.20 2.86
CA PRO A 44 -1.32 -19.60 3.20
C PRO A 44 -1.70 -20.51 1.99
N PRO A 45 -1.81 -20.04 0.75
CA PRO A 45 -2.20 -20.93 -0.39
C PRO A 45 -0.99 -21.46 -1.15
N LEU A 46 -1.16 -22.52 -1.91
CA LEU A 46 -0.01 -23.08 -2.68
C LEU A 46 0.14 -22.28 -3.98
N GLU A 47 1.27 -21.67 -4.20
CA GLU A 47 1.48 -20.86 -5.44
C GLU A 47 2.85 -21.20 -6.04
N GLU A 48 3.13 -20.69 -7.21
CA GLU A 48 4.44 -20.97 -7.86
C GLU A 48 5.57 -20.49 -6.95
N ASP A 49 6.79 -20.80 -7.30
CA ASP A 49 7.96 -20.37 -6.46
C ASP A 49 8.55 -19.09 -7.04
N ASP A 50 7.74 -18.06 -7.19
CA ASP A 50 8.26 -16.77 -7.73
C ASP A 50 9.12 -17.04 -8.97
N GLU A 51 10.14 -16.25 -9.17
CA GLU A 51 11.03 -16.45 -10.35
C GLU A 51 11.42 -17.91 -10.46
N GLU A 52 12.54 -18.28 -9.90
CA GLU A 52 12.99 -19.71 -9.98
C GLU A 52 11.81 -20.64 -9.67
N GLY A 53 11.80 -21.80 -10.26
CA GLY A 53 10.68 -22.75 -10.00
C GLY A 53 10.73 -23.90 -11.02
N GLU A 54 11.84 -24.60 -11.07
CA GLU A 54 11.96 -25.73 -12.04
C GLU A 54 10.92 -26.80 -11.68
N GLY B 1 -35.66 3.98 7.95
CA GLY B 1 -37.11 3.68 7.56
C GLY B 1 -37.44 3.33 6.15
N ALA B 2 -36.61 3.73 5.23
CA ALA B 2 -36.88 3.42 3.80
C ALA B 2 -38.31 3.83 3.46
N MET B 3 -38.92 4.63 4.30
CA MET B 3 -40.31 5.07 4.01
C MET B 3 -40.30 6.06 2.85
N GLY B 4 -39.61 5.75 1.79
CA GLY B 4 -39.56 6.68 0.63
C GLY B 4 -40.98 6.98 0.16
N SER B 5 -41.13 7.62 -0.97
CA SER B 5 -42.49 7.95 -1.47
C SER B 5 -42.46 8.10 -2.99
N LYS B 6 -43.61 8.27 -3.60
CA LYS B 6 -43.65 8.42 -5.08
C LYS B 6 -43.46 9.89 -5.48
N GLY B 7 -43.98 10.81 -4.71
CA GLY B 7 -43.82 12.24 -5.07
C GLY B 7 -42.33 12.59 -5.19
N PRO B 8 -41.59 12.56 -4.10
CA PRO B 8 -40.14 12.86 -4.13
C PRO B 8 -39.39 11.92 -5.07
N ASP B 9 -38.29 11.39 -4.64
CA ASP B 9 -37.53 10.45 -5.50
C ASP B 9 -36.52 9.69 -4.64
N ILE B 10 -35.87 10.38 -3.75
CA ILE B 10 -34.87 9.76 -2.83
C ILE B 10 -33.74 9.10 -3.66
N LEU B 11 -34.08 8.32 -4.63
CA LEU B 11 -33.04 7.64 -5.46
C LEU B 11 -32.03 8.67 -6.01
N VAL B 12 -32.50 9.76 -6.56
CA VAL B 12 -31.55 10.77 -7.11
C VAL B 12 -30.52 11.16 -6.05
N VAL B 13 -30.96 11.58 -4.90
CA VAL B 13 -29.99 11.96 -3.84
C VAL B 13 -29.26 10.71 -3.36
N LEU B 14 -29.95 9.61 -3.26
CA LEU B 14 -29.28 8.35 -2.82
C LEU B 14 -28.10 8.06 -3.74
N LEU B 15 -28.30 8.14 -5.03
CA LEU B 15 -27.20 7.88 -5.99
C LEU B 15 -26.00 8.75 -5.61
N SER B 16 -26.21 10.03 -5.43
CA SER B 16 -25.08 10.93 -5.07
C SER B 16 -24.43 10.44 -3.77
N VAL B 17 -25.22 10.12 -2.80
CA VAL B 17 -24.68 9.63 -1.49
C VAL B 17 -23.75 8.43 -1.73
N MET B 18 -24.18 7.46 -2.48
CA MET B 18 -23.31 6.27 -2.73
C MET B 18 -21.98 6.74 -3.31
N GLY B 19 -22.01 7.70 -4.20
CA GLY B 19 -20.73 8.20 -4.79
C GLY B 19 -19.78 8.58 -3.65
N ALA B 20 -20.26 9.33 -2.70
CA ALA B 20 -19.38 9.74 -1.55
C ALA B 20 -18.73 8.49 -0.95
N ILE B 21 -19.51 7.49 -0.64
CA ILE B 21 -18.92 6.24 -0.05
C ILE B 21 -17.79 5.77 -0.96
N LEU B 22 -18.10 5.57 -2.21
CA LEU B 22 -17.06 5.12 -3.17
C LEU B 22 -15.90 6.11 -3.18
N LEU B 23 -16.20 7.37 -3.29
CA LEU B 23 -15.13 8.41 -3.33
C LEU B 23 -14.36 8.43 -1.99
N ILE B 24 -15.06 8.44 -0.89
CA ILE B 24 -14.36 8.49 0.43
C ILE B 24 -13.33 7.36 0.52
N GLY B 25 -13.63 6.21 0.00
CA GLY B 25 -12.66 5.08 0.07
C GLY B 25 -11.64 5.21 -1.06
N LEU B 26 -12.06 5.67 -2.20
CA LEU B 26 -11.12 5.82 -3.34
C LEU B 26 -10.09 6.87 -2.94
N ALA B 27 -10.49 7.84 -2.17
CA ALA B 27 -9.53 8.89 -1.74
C ALA B 27 -8.55 8.27 -0.75
N ALA B 28 -9.07 7.57 0.22
CA ALA B 28 -8.17 6.95 1.22
C ALA B 28 -7.43 5.79 0.59
N LEU B 29 -8.03 5.12 -0.37
CA LEU B 29 -7.32 3.99 -1.02
C LEU B 29 -5.97 4.49 -1.52
N LEU B 30 -5.96 5.54 -2.29
CA LEU B 30 -4.68 6.09 -2.82
C LEU B 30 -3.71 6.38 -1.66
N ILE B 31 -4.14 7.12 -0.68
CA ILE B 31 -3.23 7.44 0.46
C ILE B 31 -2.74 6.13 1.11
N TRP B 32 -3.61 5.19 1.33
CA TRP B 32 -3.18 3.91 1.98
C TRP B 32 -2.29 3.10 1.01
N LYS B 33 -2.42 3.32 -0.27
CA LYS B 33 -1.58 2.56 -1.24
C LYS B 33 -0.11 2.96 -1.05
N LEU B 34 0.15 4.22 -0.86
CA LEU B 34 1.54 4.67 -0.66
C LEU B 34 1.97 4.27 0.76
N LEU B 35 1.03 4.19 1.65
CA LEU B 35 1.37 3.81 3.05
C LEU B 35 1.87 2.38 3.09
N ILE B 36 1.24 1.47 2.38
CA ILE B 36 1.74 0.05 2.41
C ILE B 36 3.03 -0.02 1.59
N THR B 37 3.15 0.76 0.57
CA THR B 37 4.41 0.71 -0.24
C THR B 37 5.59 0.99 0.68
N ILE B 38 5.45 1.96 1.55
CA ILE B 38 6.57 2.30 2.48
C ILE B 38 6.93 1.08 3.33
N HIS B 39 6.04 0.16 3.52
CA HIS B 39 6.39 -1.04 4.32
C HIS B 39 7.40 -1.87 3.51
N ASP B 40 7.27 -1.84 2.20
CA ASP B 40 8.21 -2.60 1.34
C ASP B 40 9.46 -1.76 1.03
N ARG B 41 9.31 -0.45 0.99
CA ARG B 41 10.48 0.42 0.70
C ARG B 41 11.68 -0.03 1.53
N LYS B 42 11.46 -0.51 2.72
CA LYS B 42 12.56 -0.96 3.56
C LYS B 42 13.22 -2.18 2.90
N GLU B 43 12.49 -3.23 2.67
CA GLU B 43 13.08 -4.42 2.02
C GLU B 43 13.56 -4.02 0.63
N PHE B 44 12.74 -3.33 -0.12
CA PHE B 44 13.17 -2.89 -1.49
C PHE B 44 14.51 -2.17 -1.34
N ALA B 45 14.64 -1.39 -0.31
CA ALA B 45 15.91 -0.67 -0.07
C ALA B 45 16.95 -1.70 0.39
N LYS B 46 16.69 -2.35 1.49
CA LYS B 46 17.62 -3.36 2.00
C LYS B 46 17.97 -4.34 0.87
N PHE B 47 17.11 -4.48 -0.10
CA PHE B 47 17.40 -5.42 -1.22
C PHE B 47 18.54 -4.86 -2.07
N GLU B 48 18.37 -3.69 -2.63
CA GLU B 48 19.45 -3.09 -3.45
C GLU B 48 20.64 -2.75 -2.56
N GLU B 49 20.42 -2.54 -1.30
CA GLU B 49 21.53 -2.22 -0.38
C GLU B 49 22.50 -3.41 -0.31
N GLU B 50 21.96 -4.58 -0.08
CA GLU B 50 22.83 -5.78 -0.01
C GLU B 50 23.55 -5.97 -1.35
N ARG B 51 22.83 -5.83 -2.43
CA ARG B 51 23.46 -6.00 -3.77
C ARG B 51 24.50 -4.88 -3.98
N ALA B 52 24.28 -3.73 -3.42
CA ALA B 52 25.24 -2.62 -3.59
C ALA B 52 26.53 -2.92 -2.81
N ARG B 53 26.40 -3.28 -1.56
CA ARG B 53 27.61 -3.60 -0.75
C ARG B 53 28.29 -4.84 -1.32
N ALA B 54 27.53 -5.76 -1.84
CA ALA B 54 28.15 -6.99 -2.41
C ALA B 54 29.27 -6.61 -3.37
N LYS B 55 29.06 -5.59 -4.15
CA LYS B 55 30.10 -5.15 -5.11
C LYS B 55 31.34 -4.70 -4.37
N TRP B 56 31.23 -3.65 -3.62
CA TRP B 56 32.39 -3.13 -2.85
C TRP B 56 32.96 -4.30 -2.04
N ASP B 57 32.15 -5.30 -1.85
CA ASP B 57 32.60 -6.49 -1.06
C ASP B 57 32.99 -7.62 -2.03
N THR B 58 33.28 -7.27 -3.24
CA THR B 58 33.68 -8.29 -4.24
C THR B 58 34.21 -7.58 -5.50
N ALA B 59 34.28 -8.27 -6.60
CA ALA B 59 34.78 -7.63 -7.85
C ALA B 59 36.09 -6.89 -7.54
N ASN B 60 36.65 -7.16 -6.42
CA ASN B 60 37.92 -6.49 -6.03
C ASN B 60 38.58 -7.29 -4.90
N ASN B 61 38.27 -8.57 -4.84
CA ASN B 61 38.83 -9.51 -3.79
C ASN B 61 40.03 -8.89 -3.05
N PRO B 62 39.77 -8.07 -2.07
CA PRO B 62 40.84 -7.40 -1.28
C PRO B 62 41.26 -8.20 -0.05
N LEU B 63 40.90 -9.46 -0.01
CA LEU B 63 41.28 -10.32 1.14
C LEU B 63 42.66 -10.91 0.88
N TYR B 64 42.92 -11.29 -0.34
CA TYR B 64 44.24 -11.87 -0.68
C TYR B 64 45.23 -10.73 -0.85
N LYS B 65 44.90 -9.78 -1.69
CA LYS B 65 45.79 -8.62 -1.93
C LYS B 65 46.37 -8.12 -0.61
N GLU B 66 45.64 -8.29 0.47
CA GLU B 66 46.14 -7.83 1.78
C GLU B 66 47.52 -8.47 2.05
N ALA B 67 47.60 -9.77 1.93
CA ALA B 67 48.90 -10.46 2.16
C ALA B 67 49.54 -9.94 3.45
N THR B 68 48.74 -9.62 4.44
CA THR B 68 49.29 -9.11 5.72
C THR B 68 50.22 -7.93 5.44
N SER B 69 49.74 -6.95 4.73
CA SER B 69 50.59 -5.76 4.41
C SER B 69 51.84 -6.22 3.66
N THR B 70 51.78 -6.26 2.36
CA THR B 70 52.96 -6.70 1.56
C THR B 70 54.22 -5.97 2.07
N PHE B 71 54.04 -4.83 2.65
CA PHE B 71 55.19 -4.05 3.17
C PHE B 71 55.66 -4.70 4.48
N THR B 72 56.79 -4.28 5.00
CA THR B 72 57.31 -4.85 6.27
C THR B 72 57.13 -6.37 6.26
N ASN B 73 57.39 -6.99 5.14
CA ASN B 73 57.25 -8.48 5.03
C ASN B 73 58.46 -9.05 4.28
N ILE B 74 59.60 -8.45 4.44
CA ILE B 74 60.82 -8.94 3.75
C ILE B 74 61.54 -9.96 4.62
N THR B 75 61.05 -11.18 4.62
CA THR B 75 61.70 -12.24 5.46
C THR B 75 62.90 -12.81 4.71
N TYR B 76 63.21 -14.06 4.95
CA TYR B 76 64.38 -14.68 4.25
C TYR B 76 64.05 -14.83 2.76
N ARG B 77 63.57 -13.79 2.14
CA ARG B 77 63.23 -13.85 0.69
C ARG B 77 64.35 -13.20 -0.13
N GLY B 78 64.13 -12.98 -1.40
CA GLY B 78 65.19 -12.35 -2.24
C GLY B 78 65.60 -11.01 -1.63
N THR B 79 66.71 -10.98 -0.95
CA THR B 79 67.17 -9.70 -0.33
C THR B 79 66.01 -9.08 0.45
N GLY A 1 -33.91 23.51 -10.49
CA GLY A 1 -33.49 24.90 -10.04
C GLY A 1 -33.06 25.13 -8.63
N ALA A 2 -33.19 24.14 -7.79
CA ALA A 2 -32.77 24.29 -6.37
C ALA A 2 -32.64 22.92 -5.71
N MET A 3 -32.15 21.95 -6.44
CA MET A 3 -32.00 20.58 -5.86
C MET A 3 -31.27 20.69 -4.51
N GLY A 4 -31.30 19.66 -3.72
CA GLY A 4 -30.61 19.70 -2.41
C GLY A 4 -31.46 20.51 -1.42
N SER A 5 -32.27 21.39 -1.92
CA SER A 5 -33.12 22.21 -1.01
C SER A 5 -32.24 23.11 -0.15
N GLU A 6 -32.68 24.31 0.12
CA GLU A 6 -31.86 25.25 0.95
C GLU A 6 -32.79 26.06 1.86
N GLU A 7 -34.02 25.66 1.94
CA GLU A 7 -34.99 26.38 2.80
C GLU A 7 -34.72 26.01 4.26
N ARG A 8 -35.14 24.85 4.67
CA ARG A 8 -34.93 24.42 6.08
C ARG A 8 -35.17 22.91 6.23
N ALA A 9 -34.44 22.11 5.50
CA ALA A 9 -34.64 20.63 5.60
C ALA A 9 -33.31 19.92 5.35
N ILE A 10 -33.00 19.65 4.10
CA ILE A 10 -31.72 18.95 3.78
C ILE A 10 -31.49 17.79 4.75
N PRO A 11 -32.30 16.78 4.68
CA PRO A 11 -32.20 15.58 5.57
C PRO A 11 -30.79 14.97 5.58
N ILE A 12 -29.93 15.45 6.46
CA ILE A 12 -28.55 14.91 6.51
C ILE A 12 -28.58 13.42 6.87
N TRP A 13 -29.61 12.98 7.53
CA TRP A 13 -29.70 11.55 7.91
C TRP A 13 -29.47 10.73 6.66
N TRP A 14 -30.22 11.04 5.67
CA TRP A 14 -30.08 10.33 4.39
C TRP A 14 -28.64 10.47 3.91
N VAL A 15 -28.14 11.66 3.95
CA VAL A 15 -26.74 11.91 3.53
C VAL A 15 -25.81 11.13 4.45
N LEU A 16 -26.09 11.17 5.72
CA LEU A 16 -25.26 10.44 6.69
C LEU A 16 -25.25 8.95 6.34
N VAL A 17 -26.41 8.41 6.13
CA VAL A 17 -26.51 6.95 5.79
C VAL A 17 -25.71 6.66 4.54
N GLY A 18 -25.66 7.57 3.63
CA GLY A 18 -24.87 7.36 2.40
C GLY A 18 -23.39 7.54 2.75
N VAL A 19 -23.10 8.58 3.49
CA VAL A 19 -21.68 8.83 3.87
C VAL A 19 -21.24 7.77 4.89
N LEU A 20 -22.18 7.20 5.60
CA LEU A 20 -21.82 6.16 6.60
C LEU A 20 -21.40 4.90 5.86
N GLY A 21 -22.08 4.61 4.79
CA GLY A 21 -21.71 3.40 4.02
C GLY A 21 -20.37 3.64 3.36
N GLY A 22 -19.99 4.87 3.26
CA GLY A 22 -18.66 5.16 2.65
C GLY A 22 -17.61 4.70 3.64
N LEU A 23 -17.94 4.67 4.89
CA LEU A 23 -16.98 4.16 5.89
C LEU A 23 -16.99 2.65 5.73
N LEU A 24 -18.14 2.12 5.43
CA LEU A 24 -18.24 0.67 5.17
C LEU A 24 -17.48 0.39 3.89
N LEU A 25 -17.60 1.25 2.92
CA LEU A 25 -16.85 1.05 1.65
C LEU A 25 -15.37 1.34 1.93
N LEU A 26 -15.12 2.35 2.71
CA LEU A 26 -13.71 2.69 3.03
C LEU A 26 -12.99 1.45 3.53
N THR A 27 -13.65 0.66 4.34
CA THR A 27 -13.00 -0.55 4.90
C THR A 27 -12.88 -1.65 3.84
N ILE A 28 -13.87 -1.82 3.01
CA ILE A 28 -13.81 -2.89 1.98
C ILE A 28 -12.79 -2.50 0.92
N LEU A 29 -12.65 -1.24 0.68
CA LEU A 29 -11.68 -0.76 -0.32
C LEU A 29 -10.31 -0.93 0.30
N VAL A 30 -10.17 -0.46 1.50
CA VAL A 30 -8.88 -0.60 2.21
C VAL A 30 -8.54 -2.08 2.26
N LEU A 31 -9.51 -2.92 2.45
CA LEU A 31 -9.21 -4.37 2.49
C LEU A 31 -9.05 -4.89 1.09
N ALA A 32 -9.91 -4.50 0.23
CA ALA A 32 -9.84 -5.01 -1.15
C ALA A 32 -8.49 -4.67 -1.76
N MET A 33 -7.93 -3.54 -1.45
CA MET A 33 -6.61 -3.22 -2.04
C MET A 33 -5.56 -4.05 -1.30
N TRP A 34 -5.77 -4.22 -0.02
CA TRP A 34 -4.86 -5.06 0.79
C TRP A 34 -4.97 -6.48 0.25
N LYS A 35 -6.15 -6.86 -0.15
CA LYS A 35 -6.36 -8.24 -0.70
C LYS A 35 -5.73 -8.34 -2.08
N VAL A 36 -5.78 -7.30 -2.84
CA VAL A 36 -5.18 -7.37 -4.21
C VAL A 36 -3.74 -7.85 -4.10
N GLY A 37 -3.24 -7.97 -2.91
CA GLY A 37 -1.83 -8.45 -2.70
C GLY A 37 -1.82 -9.61 -1.71
N PHE A 38 -2.75 -9.64 -0.79
CA PHE A 38 -2.78 -10.75 0.21
C PHE A 38 -3.56 -11.93 -0.34
N PHE A 39 -4.33 -11.70 -1.35
CA PHE A 39 -5.14 -12.80 -1.96
C PHE A 39 -4.33 -13.43 -3.08
N LYS A 40 -3.30 -12.76 -3.47
CA LYS A 40 -2.42 -13.26 -4.54
C LYS A 40 -1.81 -14.56 -4.03
N ARG A 41 -1.45 -14.57 -2.77
CA ARG A 41 -0.85 -15.78 -2.16
C ARG A 41 -1.92 -16.50 -1.37
N ASN A 42 -2.35 -17.62 -1.85
CA ASN A 42 -3.41 -18.42 -1.16
C ASN A 42 -2.99 -19.89 -1.10
N ARG A 43 -1.84 -20.15 -0.54
CA ARG A 43 -1.34 -21.55 -0.46
C ARG A 43 -1.59 -22.17 0.92
N PRO A 44 -2.70 -22.86 1.13
CA PRO A 44 -2.97 -23.56 2.42
C PRO A 44 -2.21 -24.92 2.65
N PRO A 45 -1.40 -25.44 1.73
CA PRO A 45 -0.69 -26.74 1.97
C PRO A 45 0.71 -26.51 2.56
N LEU A 46 1.38 -27.54 2.96
CA LEU A 46 2.74 -27.36 3.53
C LEU A 46 3.71 -27.00 2.40
N GLU A 47 3.72 -25.76 1.99
CA GLU A 47 4.62 -25.35 0.88
C GLU A 47 6.00 -25.00 1.46
N GLU A 48 6.98 -25.83 1.24
CA GLU A 48 8.33 -25.54 1.78
C GLU A 48 9.05 -24.54 0.87
N ASP A 49 10.35 -24.52 0.90
CA ASP A 49 11.11 -23.57 0.03
C ASP A 49 10.84 -23.89 -1.44
N ASP A 50 11.10 -22.96 -2.31
CA ASP A 50 10.86 -23.21 -3.76
C ASP A 50 11.96 -24.13 -4.31
N GLU A 51 11.63 -24.93 -5.28
CA GLU A 51 12.65 -25.86 -5.86
C GLU A 51 13.61 -25.07 -6.76
N GLU A 52 13.15 -24.00 -7.36
CA GLU A 52 14.03 -23.20 -8.24
C GLU A 52 15.05 -22.43 -7.40
N GLY A 53 15.25 -22.83 -6.17
CA GLY A 53 16.23 -22.13 -5.30
C GLY A 53 17.56 -21.98 -6.06
N GLU A 54 18.12 -23.07 -6.48
CA GLU A 54 19.42 -23.01 -7.23
C GLU A 54 19.15 -22.75 -8.72
N GLY B 1 -42.15 2.85 5.96
CA GLY B 1 -40.88 2.01 6.17
C GLY B 1 -39.56 2.69 6.31
N ALA B 2 -39.50 3.95 5.99
CA ALA B 2 -38.21 4.68 6.11
C ALA B 2 -38.47 6.19 6.09
N MET B 3 -37.62 6.96 6.70
CA MET B 3 -37.82 8.44 6.73
C MET B 3 -37.34 9.04 5.40
N GLY B 4 -37.83 8.53 4.29
CA GLY B 4 -37.41 9.07 2.97
C GLY B 4 -38.17 10.36 2.69
N SER B 5 -38.69 10.51 1.50
CA SER B 5 -39.46 11.74 1.15
C SER B 5 -40.51 11.41 0.10
N LYS B 6 -41.75 11.73 0.36
CA LYS B 6 -42.84 11.42 -0.61
C LYS B 6 -43.01 12.59 -1.58
N GLY B 7 -42.39 13.71 -1.30
CA GLY B 7 -42.52 14.88 -2.21
C GLY B 7 -41.64 14.68 -3.44
N PRO B 8 -40.35 14.91 -3.31
CA PRO B 8 -39.38 14.76 -4.43
C PRO B 8 -39.17 13.29 -4.81
N ASP B 9 -38.03 13.01 -5.37
CA ASP B 9 -37.70 11.61 -5.79
C ASP B 9 -36.60 11.05 -4.91
N ILE B 10 -35.89 11.93 -4.26
CA ILE B 10 -34.76 11.54 -3.35
C ILE B 10 -33.82 10.53 -4.05
N LEU B 11 -34.10 10.18 -5.27
CA LEU B 11 -33.21 9.22 -6.00
C LEU B 11 -31.95 9.94 -6.47
N VAL B 12 -32.10 11.05 -7.15
CA VAL B 12 -30.91 11.79 -7.66
C VAL B 12 -29.97 12.14 -6.50
N VAL B 13 -30.46 12.78 -5.47
CA VAL B 13 -29.58 13.14 -4.34
C VAL B 13 -28.88 11.89 -3.82
N LEU B 14 -29.55 10.77 -3.86
CA LEU B 14 -28.93 9.50 -3.38
C LEU B 14 -27.66 9.23 -4.21
N LEU B 15 -27.78 9.22 -5.50
CA LEU B 15 -26.59 8.97 -6.36
C LEU B 15 -25.47 9.93 -5.97
N SER B 16 -25.81 11.11 -5.55
CA SER B 16 -24.74 12.10 -5.16
C SER B 16 -23.95 11.55 -3.96
N VAL B 17 -24.62 11.16 -2.91
CA VAL B 17 -23.90 10.62 -1.73
C VAL B 17 -23.14 9.36 -2.14
N MET B 18 -23.66 8.62 -3.08
CA MET B 18 -22.95 7.38 -3.53
C MET B 18 -21.60 7.78 -4.10
N GLY B 19 -21.54 8.88 -4.80
CA GLY B 19 -20.24 9.32 -5.36
C GLY B 19 -19.30 9.62 -4.19
N ALA B 20 -19.83 10.22 -3.15
CA ALA B 20 -18.99 10.52 -1.95
C ALA B 20 -18.47 9.19 -1.39
N ILE B 21 -19.32 8.21 -1.27
CA ILE B 21 -18.86 6.89 -0.75
C ILE B 21 -17.66 6.45 -1.59
N LEU B 22 -17.83 6.42 -2.88
CA LEU B 22 -16.73 6.00 -3.77
C LEU B 22 -15.53 6.94 -3.60
N LEU B 23 -15.77 8.21 -3.54
CA LEU B 23 -14.65 9.19 -3.37
C LEU B 23 -14.03 9.06 -1.98
N ILE B 24 -14.84 8.92 -0.97
CA ILE B 24 -14.29 8.78 0.42
C ILE B 24 -13.36 7.57 0.49
N GLY B 25 -13.63 6.58 -0.31
CA GLY B 25 -12.77 5.35 -0.30
C GLY B 25 -11.54 5.60 -1.18
N LEU B 26 -11.72 6.33 -2.24
CA LEU B 26 -10.56 6.63 -3.13
C LEU B 26 -9.56 7.46 -2.33
N ALA B 27 -10.04 8.25 -1.42
CA ALA B 27 -9.13 9.07 -0.59
C ALA B 27 -8.41 8.14 0.39
N ALA B 28 -9.15 7.26 1.01
CA ALA B 28 -8.52 6.31 1.96
C ALA B 28 -7.64 5.34 1.18
N LEU B 29 -8.06 5.00 -0.01
CA LEU B 29 -7.26 4.07 -0.84
C LEU B 29 -5.83 4.60 -0.96
N LEU B 30 -5.69 5.83 -1.37
CA LEU B 30 -4.34 6.44 -1.54
C LEU B 30 -3.55 6.37 -0.23
N ILE B 31 -4.11 6.84 0.85
CA ILE B 31 -3.37 6.79 2.14
C ILE B 31 -2.96 5.34 2.45
N TRP B 32 -3.90 4.45 2.42
CA TRP B 32 -3.59 3.02 2.73
C TRP B 32 -2.58 2.48 1.68
N LYS B 33 -2.53 3.07 0.52
CA LYS B 33 -1.57 2.61 -0.52
C LYS B 33 -0.13 2.84 -0.01
N LEU B 34 0.10 3.97 0.59
CA LEU B 34 1.46 4.26 1.12
C LEU B 34 1.70 3.33 2.30
N LEU B 35 0.67 3.03 3.04
CA LEU B 35 0.80 2.12 4.20
C LEU B 35 1.32 0.77 3.72
N ILE B 36 0.66 0.17 2.76
CA ILE B 36 1.11 -1.16 2.28
C ILE B 36 2.36 -1.01 1.40
N THR B 37 2.49 0.08 0.69
CA THR B 37 3.71 0.24 -0.16
C THR B 37 4.92 0.59 0.70
N ILE B 38 4.74 1.36 1.75
CA ILE B 38 5.91 1.73 2.59
C ILE B 38 6.37 0.52 3.42
N HIS B 39 5.45 -0.20 3.99
CA HIS B 39 5.88 -1.39 4.80
C HIS B 39 6.84 -2.22 3.94
N ASP B 40 6.69 -2.17 2.65
CA ASP B 40 7.58 -2.94 1.74
C ASP B 40 8.82 -2.11 1.39
N ARG B 41 8.71 -0.81 1.34
CA ARG B 41 9.90 0.03 0.99
C ARG B 41 11.11 -0.44 1.79
N LYS B 42 10.90 -0.90 2.99
CA LYS B 42 12.04 -1.36 3.80
C LYS B 42 12.63 -2.62 3.18
N GLU B 43 11.85 -3.67 3.03
CA GLU B 43 12.38 -4.90 2.39
C GLU B 43 12.79 -4.57 0.96
N PHE B 44 11.92 -3.93 0.21
CA PHE B 44 12.29 -3.55 -1.18
C PHE B 44 13.65 -2.87 -1.14
N ALA B 45 13.89 -2.05 -0.15
CA ALA B 45 15.20 -1.38 -0.03
C ALA B 45 16.22 -2.40 0.43
N LYS B 46 16.03 -2.97 1.59
CA LYS B 46 16.95 -3.98 2.11
C LYS B 46 17.21 -5.04 1.01
N PHE B 47 16.27 -5.24 0.13
CA PHE B 47 16.48 -6.24 -0.95
C PHE B 47 17.48 -5.69 -1.96
N GLU B 48 17.16 -4.59 -2.57
CA GLU B 48 18.08 -3.99 -3.58
C GLU B 48 19.39 -3.59 -2.90
N GLU B 49 19.37 -3.37 -1.61
CA GLU B 49 20.63 -2.98 -0.91
C GLU B 49 21.59 -4.16 -0.90
N GLU B 50 21.15 -5.30 -0.48
CA GLU B 50 22.05 -6.49 -0.45
C GLU B 50 22.54 -6.80 -1.87
N ARG B 51 21.69 -6.64 -2.85
CA ARG B 51 22.10 -6.92 -4.25
C ARG B 51 23.24 -5.97 -4.64
N ALA B 52 23.20 -4.75 -4.18
CA ALA B 52 24.28 -3.78 -4.54
C ALA B 52 25.50 -4.03 -3.66
N ARG B 53 25.29 -4.31 -2.39
CA ARG B 53 26.43 -4.56 -1.49
C ARG B 53 27.26 -5.73 -2.01
N ALA B 54 26.62 -6.76 -2.49
CA ALA B 54 27.38 -7.94 -3.02
C ALA B 54 28.39 -7.46 -4.07
N LYS B 55 27.99 -6.55 -4.91
CA LYS B 55 28.91 -6.04 -5.95
C LYS B 55 30.05 -5.27 -5.30
N TRP B 56 29.73 -4.24 -4.60
CA TRP B 56 30.79 -3.44 -3.92
C TRP B 56 31.66 -4.39 -3.13
N ASP B 57 31.15 -5.54 -2.83
CA ASP B 57 31.93 -6.56 -2.06
C ASP B 57 32.82 -7.34 -3.02
N THR B 58 33.09 -6.78 -4.17
CA THR B 58 33.96 -7.48 -5.16
C THR B 58 34.75 -6.45 -5.95
N ALA B 59 34.84 -6.61 -7.24
CA ALA B 59 35.61 -5.64 -8.08
C ALA B 59 37.10 -5.90 -7.87
N ASN B 60 37.51 -7.13 -8.05
CA ASN B 60 38.94 -7.50 -7.89
C ASN B 60 39.56 -6.74 -6.71
N ASN B 61 38.80 -6.53 -5.65
CA ASN B 61 39.33 -5.82 -4.44
C ASN B 61 40.80 -6.22 -4.19
N PRO B 62 41.76 -5.40 -4.56
CA PRO B 62 43.19 -5.72 -4.37
C PRO B 62 43.77 -5.23 -3.05
N LEU B 63 42.94 -4.80 -2.14
CA LEU B 63 43.44 -4.33 -0.82
C LEU B 63 43.42 -5.50 0.15
N TYR B 64 42.41 -6.31 0.06
CA TYR B 64 42.30 -7.49 0.96
C TYR B 64 43.06 -8.66 0.33
N LYS B 65 42.85 -8.88 -0.94
CA LYS B 65 43.55 -9.99 -1.65
C LYS B 65 45.02 -10.02 -1.24
N GLU B 66 45.60 -8.86 -1.02
CA GLU B 66 47.02 -8.81 -0.61
C GLU B 66 47.14 -9.29 0.83
N ALA B 67 46.64 -8.53 1.76
CA ALA B 67 46.71 -8.91 3.20
C ALA B 67 46.25 -7.73 4.06
N THR B 68 47.08 -6.72 4.16
CA THR B 68 46.71 -5.52 4.96
C THR B 68 47.83 -4.50 4.89
N SER B 69 48.57 -4.50 3.81
CA SER B 69 49.70 -3.54 3.65
C SER B 69 50.43 -3.83 2.33
N THR B 70 50.86 -2.80 1.64
CA THR B 70 51.57 -3.03 0.36
C THR B 70 53.05 -3.30 0.63
N PHE B 71 53.57 -2.74 1.68
CA PHE B 71 55.01 -2.95 2.03
C PHE B 71 55.11 -4.11 3.03
N THR B 72 55.82 -3.89 4.10
CA THR B 72 55.98 -4.96 5.14
C THR B 72 56.75 -6.14 4.54
N ASN B 73 57.14 -6.04 3.31
CA ASN B 73 57.92 -7.15 2.68
C ASN B 73 59.36 -7.09 3.18
N ILE B 74 59.54 -6.61 4.38
CA ILE B 74 60.92 -6.50 4.95
C ILE B 74 61.72 -7.75 4.65
N THR B 75 61.49 -8.80 5.37
CA THR B 75 62.23 -10.07 5.14
C THR B 75 63.74 -9.77 5.12
N TYR B 76 64.55 -10.79 4.96
CA TYR B 76 66.02 -10.56 4.93
C TYR B 76 66.47 -10.33 3.49
N ARG B 77 66.41 -9.11 3.02
CA ARG B 77 66.83 -8.82 1.62
C ARG B 77 68.36 -8.74 1.56
N GLY B 78 68.88 -8.04 0.58
CA GLY B 78 70.36 -7.93 0.47
C GLY B 78 70.89 -7.06 1.62
N THR B 79 72.11 -7.30 2.03
CA THR B 79 72.69 -6.49 3.15
C THR B 79 74.21 -6.47 3.00
N GLY A 1 -37.94 16.90 -14.69
CA GLY A 1 -36.66 16.17 -14.30
C GLY A 1 -36.29 16.01 -12.86
N ALA A 2 -37.01 16.68 -11.99
CA ALA A 2 -36.71 16.56 -10.53
C ALA A 2 -37.93 17.00 -9.71
N MET A 3 -38.31 18.24 -9.81
CA MET A 3 -39.48 18.72 -9.04
C MET A 3 -39.29 18.40 -7.56
N GLY A 4 -40.17 18.85 -6.71
CA GLY A 4 -40.03 18.58 -5.25
C GLY A 4 -40.81 19.62 -4.45
N SER A 5 -41.17 19.31 -3.24
CA SER A 5 -41.93 20.28 -2.41
C SER A 5 -41.03 21.47 -2.06
N GLU A 6 -41.60 22.55 -1.57
CA GLU A 6 -40.77 23.74 -1.22
C GLU A 6 -40.17 23.53 0.17
N GLU A 7 -40.35 22.37 0.71
CA GLU A 7 -39.80 22.06 2.07
C GLU A 7 -38.49 21.28 1.91
N ARG A 8 -37.78 21.51 0.84
CA ARG A 8 -36.50 20.78 0.64
C ARG A 8 -35.59 20.98 1.87
N ALA A 9 -35.76 20.16 2.87
CA ALA A 9 -34.91 20.30 4.09
C ALA A 9 -33.60 19.54 3.89
N ILE A 10 -33.53 18.70 2.90
CA ILE A 10 -32.28 17.95 2.66
C ILE A 10 -31.78 17.33 3.97
N PRO A 11 -32.50 16.39 4.49
CA PRO A 11 -32.16 15.71 5.77
C PRO A 11 -30.69 15.25 5.82
N ILE A 12 -29.98 15.61 6.86
CA ILE A 12 -28.55 15.21 6.97
C ILE A 12 -28.44 13.83 7.58
N TRP A 13 -29.42 13.40 8.33
CA TRP A 13 -29.37 12.04 8.93
C TRP A 13 -29.10 11.07 7.81
N TRP A 14 -29.89 11.20 6.80
CA TRP A 14 -29.73 10.33 5.61
C TRP A 14 -28.28 10.45 5.13
N VAL A 15 -27.85 11.66 4.91
CA VAL A 15 -26.45 11.88 4.44
C VAL A 15 -25.50 11.33 5.50
N LEU A 16 -25.81 11.57 6.75
CA LEU A 16 -24.97 11.07 7.86
C LEU A 16 -24.91 9.56 7.78
N VAL A 17 -26.05 8.94 7.72
CA VAL A 17 -26.12 7.46 7.66
C VAL A 17 -25.33 6.97 6.46
N GLY A 18 -25.33 7.71 5.41
CA GLY A 18 -24.55 7.29 4.23
C GLY A 18 -23.08 7.59 4.52
N VAL A 19 -22.82 8.77 5.01
CA VAL A 19 -21.41 9.13 5.35
C VAL A 19 -20.91 8.17 6.44
N LEU A 20 -21.80 7.70 7.28
CA LEU A 20 -21.39 6.75 8.35
C LEU A 20 -20.97 5.44 7.68
N GLY A 21 -21.70 5.04 6.69
CA GLY A 21 -21.34 3.79 5.97
C GLY A 21 -20.10 4.05 5.14
N GLY A 22 -19.80 5.28 4.91
CA GLY A 22 -18.57 5.58 4.14
C GLY A 22 -17.41 5.22 5.02
N LEU A 23 -17.65 5.19 6.30
CA LEU A 23 -16.58 4.76 7.23
C LEU A 23 -16.49 3.27 7.07
N LEU A 24 -17.63 2.65 7.01
CA LEU A 24 -17.67 1.19 6.78
C LEU A 24 -16.99 0.93 5.44
N LEU A 25 -17.24 1.77 4.47
CA LEU A 25 -16.59 1.59 3.15
C LEU A 25 -15.11 1.97 3.29
N LEU A 26 -14.85 3.03 4.00
CA LEU A 26 -13.44 3.48 4.18
C LEU A 26 -12.61 2.30 4.67
N THR A 27 -13.15 1.53 5.57
CA THR A 27 -12.37 0.39 6.12
C THR A 27 -12.27 -0.76 5.10
N ILE A 28 -13.31 -1.01 4.37
CA ILE A 28 -13.27 -2.13 3.38
C ILE A 28 -12.41 -1.72 2.20
N LEU A 29 -12.39 -0.45 1.89
CA LEU A 29 -11.56 0.02 0.77
C LEU A 29 -10.12 -0.06 1.23
N VAL A 30 -9.90 0.42 2.40
CA VAL A 30 -8.54 0.37 2.99
C VAL A 30 -8.10 -1.08 2.99
N LEU A 31 -8.99 -1.95 3.31
CA LEU A 31 -8.66 -3.40 3.32
C LEU A 31 -8.61 -3.92 1.90
N ALA A 32 -9.52 -3.49 1.11
CA ALA A 32 -9.53 -4.00 -0.28
C ALA A 32 -8.24 -3.63 -0.98
N MET A 33 -7.71 -2.46 -0.70
CA MET A 33 -6.43 -2.11 -1.37
C MET A 33 -5.32 -2.92 -0.71
N TRP A 34 -5.45 -3.15 0.55
CA TRP A 34 -4.47 -3.97 1.28
C TRP A 34 -4.55 -5.37 0.69
N LYS A 35 -5.75 -5.80 0.39
CA LYS A 35 -5.94 -7.15 -0.22
C LYS A 35 -5.33 -7.16 -1.62
N VAL A 36 -5.52 -6.10 -2.33
CA VAL A 36 -4.96 -6.03 -3.71
C VAL A 36 -3.45 -6.25 -3.66
N GLY A 37 -2.89 -6.43 -2.49
CA GLY A 37 -1.42 -6.65 -2.39
C GLY A 37 -1.12 -7.64 -1.27
N PHE A 38 -1.98 -7.69 -0.30
CA PHE A 38 -1.76 -8.63 0.83
C PHE A 38 -2.27 -10.01 0.45
N PHE A 39 -3.02 -10.08 -0.60
CA PHE A 39 -3.58 -11.39 -1.07
C PHE A 39 -2.67 -11.94 -2.16
N LYS A 40 -1.91 -11.07 -2.72
CA LYS A 40 -0.98 -11.45 -3.80
C LYS A 40 0.21 -12.20 -3.18
N ARG A 41 0.71 -11.67 -2.10
CA ARG A 41 1.87 -12.30 -1.42
C ARG A 41 1.39 -13.45 -0.53
N ASN A 42 1.77 -13.41 0.71
CA ASN A 42 1.37 -14.47 1.67
C ASN A 42 1.67 -15.85 1.07
N ARG A 43 2.36 -15.87 -0.05
CA ARG A 43 2.74 -17.15 -0.72
C ARG A 43 3.06 -18.25 0.30
N PRO A 44 2.12 -19.15 0.56
CA PRO A 44 2.37 -20.27 1.49
C PRO A 44 2.86 -21.61 0.84
N PRO A 45 3.38 -21.64 -0.39
CA PRO A 45 3.85 -22.91 -1.00
C PRO A 45 5.32 -23.20 -0.64
N LEU A 46 6.00 -23.96 -1.45
CA LEU A 46 7.45 -24.27 -1.17
C LEU A 46 8.32 -23.52 -2.18
N GLU A 47 7.95 -22.30 -2.50
CA GLU A 47 8.75 -21.51 -3.49
C GLU A 47 9.87 -20.76 -2.75
N GLU A 48 9.75 -20.61 -1.46
CA GLU A 48 10.81 -19.89 -0.70
C GLU A 48 12.20 -20.40 -1.11
N ASP A 49 12.84 -19.72 -2.02
CA ASP A 49 14.19 -20.16 -2.46
C ASP A 49 15.24 -19.71 -1.43
N ASP A 50 16.29 -20.46 -1.26
CA ASP A 50 17.33 -20.07 -0.27
C ASP A 50 18.16 -18.92 -0.84
N GLU A 51 19.41 -18.86 -0.47
CA GLU A 51 20.29 -17.76 -0.98
C GLU A 51 20.14 -17.65 -2.49
N GLU A 52 20.05 -18.76 -3.19
CA GLU A 52 19.92 -18.72 -4.66
C GLU A 52 18.79 -17.75 -5.05
N GLY A 53 17.87 -17.51 -4.16
CA GLY A 53 16.75 -16.58 -4.48
C GLY A 53 17.21 -15.13 -4.32
N GLU A 54 17.41 -14.71 -3.10
CA GLU A 54 17.87 -13.31 -2.88
C GLU A 54 19.35 -13.19 -3.25
N GLY B 1 -34.91 1.63 6.53
CA GLY B 1 -35.79 2.08 7.70
C GLY B 1 -37.26 2.11 7.54
N ALA B 2 -37.75 1.90 6.35
CA ALA B 2 -39.22 1.91 6.13
C ALA B 2 -39.55 1.19 4.82
N MET B 3 -39.87 1.93 3.80
CA MET B 3 -40.20 1.30 2.49
C MET B 3 -40.18 2.36 1.38
N GLY B 4 -40.36 3.60 1.74
CA GLY B 4 -40.36 4.68 0.71
C GLY B 4 -40.99 5.94 1.28
N SER B 5 -40.63 7.08 0.77
CA SER B 5 -41.21 8.37 1.27
C SER B 5 -42.44 8.73 0.44
N LYS B 6 -42.85 9.97 0.48
CA LYS B 6 -44.04 10.41 -0.31
C LYS B 6 -43.76 11.78 -0.93
N GLY B 7 -43.52 12.77 -0.11
CA GLY B 7 -43.23 14.13 -0.66
C GLY B 7 -42.00 14.08 -1.55
N PRO B 8 -40.84 13.94 -0.96
CA PRO B 8 -39.55 13.87 -1.70
C PRO B 8 -39.42 12.59 -2.53
N ASP B 9 -38.21 12.15 -2.75
CA ASP B 9 -37.99 10.92 -3.55
C ASP B 9 -36.88 10.08 -2.91
N ILE B 10 -36.02 10.71 -2.16
CA ILE B 10 -34.90 9.99 -1.48
C ILE B 10 -33.94 9.41 -2.55
N LEU B 11 -34.47 8.87 -3.61
CA LEU B 11 -33.60 8.27 -4.66
C LEU B 11 -32.57 9.30 -5.16
N VAL B 12 -33.01 10.48 -5.49
CA VAL B 12 -32.05 11.51 -6.01
C VAL B 12 -30.98 11.83 -4.97
N VAL B 13 -31.36 12.20 -3.78
CA VAL B 13 -30.35 12.53 -2.74
C VAL B 13 -29.55 11.27 -2.41
N LEU B 14 -30.20 10.13 -2.37
CA LEU B 14 -29.45 8.87 -2.06
C LEU B 14 -28.27 8.77 -3.02
N LEU B 15 -28.50 8.95 -4.29
CA LEU B 15 -27.41 8.88 -5.28
C LEU B 15 -26.27 9.82 -4.84
N SER B 16 -26.60 11.07 -4.59
CA SER B 16 -25.55 12.03 -4.14
C SER B 16 -24.88 11.49 -2.88
N VAL B 17 -25.66 11.08 -1.92
CA VAL B 17 -25.10 10.52 -0.66
C VAL B 17 -24.12 9.39 -1.00
N MET B 18 -24.53 8.47 -1.83
CA MET B 18 -23.61 7.34 -2.19
C MET B 18 -22.27 7.90 -2.68
N GLY B 19 -22.30 8.91 -3.51
CA GLY B 19 -21.02 9.48 -4.01
C GLY B 19 -20.12 9.82 -2.81
N ALA B 20 -20.67 10.48 -1.82
CA ALA B 20 -19.86 10.83 -0.62
C ALA B 20 -19.14 9.58 -0.10
N ILE B 21 -19.85 8.50 0.10
CA ILE B 21 -19.18 7.26 0.60
C ILE B 21 -18.02 6.93 -0.35
N LEU B 22 -18.32 6.78 -1.60
CA LEU B 22 -17.28 6.45 -2.61
C LEU B 22 -16.18 7.52 -2.58
N LEU B 23 -16.56 8.77 -2.41
CA LEU B 23 -15.56 9.87 -2.39
C LEU B 23 -14.78 9.83 -1.06
N ILE B 24 -15.44 9.52 0.03
CA ILE B 24 -14.72 9.46 1.34
C ILE B 24 -13.74 8.29 1.34
N GLY B 25 -14.03 7.27 0.59
CA GLY B 25 -13.12 6.08 0.55
C GLY B 25 -12.00 6.38 -0.43
N LEU B 26 -12.31 7.02 -1.52
CA LEU B 26 -11.25 7.34 -2.52
C LEU B 26 -10.21 8.21 -1.82
N ALA B 27 -10.66 9.02 -0.90
CA ALA B 27 -9.70 9.89 -0.18
C ALA B 27 -8.85 9.01 0.74
N ALA B 28 -9.49 8.13 1.46
CA ALA B 28 -8.72 7.23 2.37
C ALA B 28 -7.90 6.25 1.52
N LEU B 29 -8.45 5.85 0.41
CA LEU B 29 -7.73 4.91 -0.48
C LEU B 29 -6.35 5.48 -0.81
N LEU B 30 -6.30 6.75 -1.11
CA LEU B 30 -5.02 7.41 -1.48
C LEU B 30 -4.05 7.39 -0.28
N ILE B 31 -4.45 7.93 0.84
CA ILE B 31 -3.54 7.97 2.02
C ILE B 31 -3.10 6.54 2.40
N TRP B 32 -3.99 5.59 2.33
CA TRP B 32 -3.62 4.19 2.71
C TRP B 32 -2.77 3.57 1.60
N LYS B 33 -2.92 4.02 0.39
CA LYS B 33 -2.12 3.46 -0.74
C LYS B 33 -0.64 3.80 -0.54
N LEU B 34 -0.35 4.98 -0.08
CA LEU B 34 1.07 5.38 0.13
C LEU B 34 1.61 4.70 1.38
N LEU B 35 0.81 4.60 2.40
CA LEU B 35 1.30 3.94 3.65
C LEU B 35 1.71 2.51 3.33
N ILE B 36 0.95 1.83 2.52
CA ILE B 36 1.32 0.43 2.19
C ILE B 36 2.56 0.44 1.29
N THR B 37 2.69 1.45 0.47
CA THR B 37 3.89 1.53 -0.40
C THR B 37 5.13 1.70 0.48
N ILE B 38 4.96 2.22 1.67
CA ILE B 38 6.13 2.40 2.57
C ILE B 38 6.63 1.04 3.04
N HIS B 39 5.76 0.14 3.35
CA HIS B 39 6.22 -1.21 3.79
C HIS B 39 7.16 -1.75 2.71
N ASP B 40 6.98 -1.29 1.50
CA ASP B 40 7.85 -1.75 0.38
C ASP B 40 9.11 -0.89 0.28
N ARG B 41 9.02 0.38 0.57
CA ARG B 41 10.24 1.26 0.48
C ARG B 41 11.40 0.55 1.15
N LYS B 42 11.14 -0.17 2.20
CA LYS B 42 12.22 -0.90 2.90
C LYS B 42 12.76 -1.98 1.95
N GLU B 43 11.91 -2.85 1.49
CA GLU B 43 12.38 -3.91 0.55
C GLU B 43 12.93 -3.23 -0.70
N PHE B 44 12.19 -2.30 -1.27
CA PHE B 44 12.70 -1.60 -2.47
C PHE B 44 14.11 -1.09 -2.16
N ALA B 45 14.29 -0.55 -0.98
CA ALA B 45 15.64 -0.06 -0.60
C ALA B 45 16.54 -1.29 -0.43
N LYS B 46 16.20 -2.16 0.47
CA LYS B 46 16.99 -3.38 0.68
C LYS B 46 17.23 -4.07 -0.68
N PHE B 47 16.42 -3.77 -1.66
CA PHE B 47 16.62 -4.40 -3.00
C PHE B 47 17.87 -3.82 -3.64
N GLU B 48 17.87 -2.53 -3.85
CA GLU B 48 19.05 -1.88 -4.48
C GLU B 48 20.28 -2.10 -3.58
N GLU B 49 20.06 -2.29 -2.31
CA GLU B 49 21.21 -2.51 -1.38
C GLU B 49 21.86 -3.84 -1.72
N GLU B 50 21.08 -4.85 -1.99
CA GLU B 50 21.65 -6.18 -2.32
C GLU B 50 22.43 -6.08 -3.63
N ARG B 51 21.89 -5.40 -4.60
CA ARG B 51 22.60 -5.26 -5.91
C ARG B 51 23.98 -4.67 -5.66
N ALA B 52 24.07 -3.72 -4.76
CA ALA B 52 25.40 -3.10 -4.48
C ALA B 52 26.29 -4.11 -3.76
N ARG B 53 25.73 -4.87 -2.85
CA ARG B 53 26.54 -5.88 -2.12
C ARG B 53 27.22 -6.80 -3.14
N ALA B 54 26.60 -7.02 -4.27
CA ALA B 54 27.21 -7.90 -5.31
C ALA B 54 28.69 -7.54 -5.48
N LYS B 55 29.00 -6.28 -5.48
CA LYS B 55 30.42 -5.85 -5.65
C LYS B 55 31.24 -6.30 -4.45
N TRP B 56 30.96 -5.76 -3.31
CA TRP B 56 31.72 -6.17 -2.10
C TRP B 56 31.69 -7.68 -2.02
N ASP B 57 30.73 -8.27 -2.66
CA ASP B 57 30.61 -9.76 -2.66
C ASP B 57 31.53 -10.30 -3.75
N THR B 58 32.54 -9.55 -4.08
CA THR B 58 33.51 -9.97 -5.14
C THR B 58 32.96 -9.55 -6.51
N ALA B 59 33.78 -9.66 -7.51
CA ALA B 59 33.39 -9.27 -8.90
C ALA B 59 34.67 -8.98 -9.64
N ASN B 60 35.03 -7.74 -9.70
CA ASN B 60 36.30 -7.33 -10.37
C ASN B 60 37.30 -6.95 -9.29
N ASN B 61 36.99 -7.28 -8.05
CA ASN B 61 37.90 -6.96 -6.92
C ASN B 61 39.38 -7.17 -7.32
N PRO B 62 40.11 -6.12 -7.64
CA PRO B 62 41.54 -6.25 -8.06
C PRO B 62 42.51 -6.11 -6.90
N LEU B 63 42.03 -6.11 -5.70
CA LEU B 63 42.93 -5.98 -4.51
C LEU B 63 43.24 -7.37 -3.97
N TYR B 64 42.27 -8.25 -3.99
CA TYR B 64 42.48 -9.63 -3.49
C TYR B 64 43.09 -10.45 -4.62
N LYS B 65 42.60 -10.27 -5.81
CA LYS B 65 43.11 -11.02 -6.99
C LYS B 65 44.64 -11.11 -6.91
N GLU B 66 45.27 -10.09 -6.42
CA GLU B 66 46.74 -10.10 -6.29
C GLU B 66 47.12 -11.00 -5.10
N ALA B 67 46.91 -10.53 -3.91
CA ALA B 67 47.24 -11.35 -2.71
C ALA B 67 46.79 -10.57 -1.46
N THR B 68 47.63 -9.67 -1.00
CA THR B 68 47.27 -8.86 0.20
C THR B 68 48.36 -7.83 0.45
N SER B 69 49.56 -8.16 0.07
CA SER B 69 50.71 -7.22 0.26
C SER B 69 51.97 -7.89 -0.30
N THR B 70 53.13 -7.35 0.02
CA THR B 70 54.41 -7.94 -0.49
C THR B 70 55.31 -8.28 0.70
N PHE B 71 56.10 -7.35 1.14
CA PHE B 71 57.00 -7.59 2.30
C PHE B 71 56.29 -7.13 3.58
N THR B 72 56.28 -7.95 4.60
CA THR B 72 55.59 -7.54 5.87
C THR B 72 55.99 -8.51 6.99
N ASN B 73 57.07 -9.22 6.84
CA ASN B 73 57.51 -10.18 7.90
C ASN B 73 59.02 -10.07 8.11
N ILE B 74 59.51 -8.90 8.41
CA ILE B 74 60.97 -8.73 8.62
C ILE B 74 61.40 -9.57 9.83
N THR B 75 61.49 -10.87 9.67
CA THR B 75 61.91 -11.74 10.81
C THR B 75 62.70 -12.92 10.28
N TYR B 76 63.01 -13.87 11.14
CA TYR B 76 63.78 -15.08 10.73
C TYR B 76 64.82 -14.75 9.66
N ARG B 77 64.42 -14.81 8.43
CA ARG B 77 65.33 -14.51 7.28
C ARG B 77 66.33 -13.42 7.66
N GLY B 78 67.55 -13.79 7.98
CA GLY B 78 68.57 -12.76 8.35
C GLY B 78 68.83 -11.84 7.15
N THR B 79 69.42 -12.36 6.12
CA THR B 79 69.70 -11.51 4.93
C THR B 79 70.41 -10.24 5.37
N GLY A 1 -37.70 19.72 -9.85
CA GLY A 1 -36.62 20.14 -10.86
C GLY A 1 -35.21 19.73 -10.65
N ALA A 2 -34.41 19.76 -11.68
CA ALA A 2 -32.99 19.36 -11.54
C ALA A 2 -32.21 20.51 -10.89
N MET A 3 -32.66 21.72 -11.07
CA MET A 3 -31.94 22.88 -10.47
C MET A 3 -32.21 22.92 -8.97
N GLY A 4 -33.38 23.34 -8.58
CA GLY A 4 -33.70 23.40 -7.13
C GLY A 4 -35.21 23.46 -6.94
N SER A 5 -35.71 23.04 -5.80
CA SER A 5 -37.17 23.07 -5.56
C SER A 5 -37.45 22.90 -4.07
N GLU A 6 -38.65 22.53 -3.71
CA GLU A 6 -38.97 22.34 -2.27
C GLU A 6 -38.22 21.11 -1.74
N GLU A 7 -37.38 20.55 -2.56
CA GLU A 7 -36.60 19.36 -2.15
C GLU A 7 -35.30 19.79 -1.48
N ARG A 8 -35.14 21.07 -1.25
CA ARG A 8 -33.88 21.56 -0.61
C ARG A 8 -33.86 21.10 0.86
N ALA A 9 -32.95 20.24 1.20
CA ALA A 9 -32.87 19.75 2.60
C ALA A 9 -31.61 18.90 2.78
N ILE A 10 -31.47 17.88 2.00
CA ILE A 10 -30.25 17.02 2.10
C ILE A 10 -29.99 16.67 3.58
N PRO A 11 -30.86 15.92 4.18
CA PRO A 11 -30.72 15.50 5.60
C PRO A 11 -29.32 14.91 5.88
N ILE A 12 -28.71 15.29 6.97
CA ILE A 12 -27.36 14.77 7.28
C ILE A 12 -27.44 13.39 7.91
N TRP A 13 -28.52 13.08 8.57
CA TRP A 13 -28.66 11.74 9.18
C TRP A 13 -28.45 10.70 8.10
N TRP A 14 -29.16 10.88 7.05
CA TRP A 14 -29.05 9.98 5.91
C TRP A 14 -27.59 9.94 5.47
N VAL A 15 -26.98 11.09 5.39
CA VAL A 15 -25.55 11.16 4.99
C VAL A 15 -24.74 10.50 6.10
N LEU A 16 -25.03 10.82 7.32
CA LEU A 16 -24.31 10.20 8.45
C LEU A 16 -24.34 8.68 8.29
N VAL A 17 -25.51 8.16 8.06
CA VAL A 17 -25.66 6.68 7.89
C VAL A 17 -24.79 6.24 6.73
N GLY A 18 -24.89 6.90 5.62
CA GLY A 18 -24.05 6.51 4.47
C GLY A 18 -22.60 6.71 4.86
N VAL A 19 -22.29 7.85 5.43
CA VAL A 19 -20.88 8.11 5.85
C VAL A 19 -20.49 7.05 6.89
N LEU A 20 -21.43 6.57 7.66
CA LEU A 20 -21.11 5.53 8.67
C LEU A 20 -20.69 4.28 7.93
N GLY A 21 -21.43 3.90 6.92
CA GLY A 21 -21.07 2.70 6.15
C GLY A 21 -19.85 3.00 5.32
N GLY A 22 -19.57 4.24 5.12
CA GLY A 22 -18.36 4.58 4.33
C GLY A 22 -17.17 4.23 5.18
N LEU A 23 -17.35 4.22 6.48
CA LEU A 23 -16.24 3.82 7.37
C LEU A 23 -16.16 2.31 7.25
N LEU A 24 -17.30 1.69 7.12
CA LEU A 24 -17.33 0.22 6.94
C LEU A 24 -16.70 -0.07 5.58
N LEU A 25 -17.02 0.72 4.59
CA LEU A 25 -16.42 0.51 3.25
C LEU A 25 -14.95 0.89 3.31
N LEU A 26 -14.66 1.99 3.94
CA LEU A 26 -13.24 2.44 4.07
C LEU A 26 -12.39 1.30 4.58
N THR A 27 -12.89 0.57 5.55
CA THR A 27 -12.08 -0.52 6.14
C THR A 27 -11.95 -1.73 5.20
N ILE A 28 -13.00 -2.07 4.51
CA ILE A 28 -12.93 -3.25 3.60
C ILE A 28 -12.08 -2.90 2.39
N LEU A 29 -12.10 -1.67 2.02
CA LEU A 29 -11.30 -1.22 0.87
C LEU A 29 -9.85 -1.14 1.34
N VAL A 30 -9.66 -0.52 2.45
CA VAL A 30 -8.29 -0.41 3.01
C VAL A 30 -7.74 -1.82 3.17
N LEU A 31 -8.56 -2.72 3.61
CA LEU A 31 -8.08 -4.12 3.78
C LEU A 31 -7.99 -4.81 2.46
N ALA A 32 -8.96 -4.61 1.64
CA ALA A 32 -8.94 -5.29 0.35
C ALA A 32 -7.69 -4.89 -0.42
N MET A 33 -7.28 -3.66 -0.32
CA MET A 33 -6.04 -3.28 -1.06
C MET A 33 -4.85 -3.86 -0.31
N TRP A 34 -4.96 -3.92 0.97
CA TRP A 34 -3.89 -4.51 1.80
C TRP A 34 -3.81 -5.98 1.43
N LYS A 35 -4.95 -6.58 1.20
CA LYS A 35 -4.98 -8.02 0.83
C LYS A 35 -4.42 -8.18 -0.58
N VAL A 36 -4.71 -7.25 -1.43
CA VAL A 36 -4.20 -7.34 -2.82
C VAL A 36 -2.66 -7.45 -2.80
N GLY A 37 -2.07 -7.40 -1.63
CA GLY A 37 -0.57 -7.49 -1.56
C GLY A 37 -0.16 -8.22 -0.29
N PHE A 38 -0.96 -8.12 0.73
CA PHE A 38 -0.63 -8.80 2.00
C PHE A 38 -0.97 -10.27 1.90
N PHE A 39 -1.76 -10.62 0.93
CA PHE A 39 -2.17 -12.04 0.76
C PHE A 39 -1.24 -12.72 -0.23
N LYS A 40 -0.62 -11.94 -1.04
CA LYS A 40 0.32 -12.45 -2.06
C LYS A 40 1.59 -12.93 -1.37
N ARG A 41 2.08 -12.16 -0.46
CA ARG A 41 3.35 -12.53 0.23
C ARG A 41 3.11 -13.52 1.34
N ASN A 42 2.15 -13.25 2.16
CA ASN A 42 1.87 -14.17 3.29
C ASN A 42 1.46 -15.54 2.76
N ARG A 43 1.57 -15.71 1.46
CA ARG A 43 1.21 -17.01 0.82
C ARG A 43 1.55 -18.22 1.72
N PRO A 44 0.58 -18.77 2.43
CA PRO A 44 0.84 -19.97 3.29
C PRO A 44 1.02 -21.34 2.55
N PRO A 45 0.78 -21.49 1.24
CA PRO A 45 0.95 -22.81 0.57
C PRO A 45 2.37 -23.01 0.03
N LEU A 46 2.54 -23.85 -0.94
CA LEU A 46 3.90 -24.08 -1.52
C LEU A 46 4.21 -22.99 -2.54
N GLU A 47 5.05 -22.06 -2.20
CA GLU A 47 5.41 -20.96 -3.14
C GLU A 47 6.89 -20.63 -2.98
N GLU A 48 7.59 -21.38 -2.15
CA GLU A 48 9.03 -21.12 -1.94
C GLU A 48 9.83 -21.60 -3.15
N ASP A 49 9.26 -21.48 -4.32
CA ASP A 49 9.96 -21.93 -5.57
C ASP A 49 10.33 -20.70 -6.41
N ASP A 50 11.60 -20.46 -6.60
CA ASP A 50 12.02 -19.28 -7.41
C ASP A 50 11.53 -19.46 -8.85
N GLU A 51 10.35 -18.98 -9.14
CA GLU A 51 9.82 -19.12 -10.53
C GLU A 51 10.58 -18.16 -11.44
N GLU A 52 10.30 -16.89 -11.35
CA GLU A 52 11.01 -15.91 -12.22
C GLU A 52 12.47 -15.80 -11.77
N GLY A 53 13.27 -16.79 -12.05
CA GLY A 53 14.69 -16.73 -11.64
C GLY A 53 15.34 -18.11 -11.84
N GLU A 54 15.98 -18.62 -10.83
CA GLU A 54 16.63 -19.96 -10.96
C GLU A 54 15.56 -21.05 -10.93
N GLY B 1 -38.88 3.88 10.44
CA GLY B 1 -39.11 2.52 9.80
C GLY B 1 -39.57 2.42 8.39
N ALA B 2 -40.05 3.50 7.84
CA ALA B 2 -40.53 3.48 6.43
C ALA B 2 -39.33 3.56 5.49
N MET B 3 -39.47 3.07 4.29
CA MET B 3 -38.34 3.13 3.32
C MET B 3 -38.19 4.57 2.80
N GLY B 4 -39.16 5.39 3.04
CA GLY B 4 -39.07 6.80 2.57
C GLY B 4 -40.42 7.49 2.74
N SER B 5 -40.79 8.36 1.84
CA SER B 5 -42.10 9.06 1.96
C SER B 5 -42.63 9.40 0.56
N LYS B 6 -43.88 9.75 0.45
CA LYS B 6 -44.44 10.09 -0.88
C LYS B 6 -44.06 11.53 -1.26
N GLY B 7 -44.04 12.41 -0.31
CA GLY B 7 -43.67 13.83 -0.61
C GLY B 7 -42.35 13.85 -1.37
N PRO B 8 -41.25 13.69 -0.67
CA PRO B 8 -39.90 13.71 -1.29
C PRO B 8 -39.65 12.44 -2.12
N ASP B 9 -38.42 12.06 -2.25
CA ASP B 9 -38.07 10.83 -3.04
C ASP B 9 -36.88 10.13 -2.40
N ILE B 10 -36.02 10.88 -1.77
CA ILE B 10 -34.83 10.28 -1.10
C ILE B 10 -33.90 9.64 -2.15
N LEU B 11 -34.41 9.30 -3.30
CA LEU B 11 -33.55 8.66 -4.35
C LEU B 11 -32.43 9.61 -4.77
N VAL B 12 -32.74 10.87 -4.98
CA VAL B 12 -31.69 11.84 -5.40
C VAL B 12 -30.59 11.93 -4.35
N VAL B 13 -30.93 12.21 -3.12
CA VAL B 13 -29.89 12.32 -2.07
C VAL B 13 -29.27 10.95 -1.84
N LEU B 14 -30.05 9.90 -1.86
CA LEU B 14 -29.47 8.54 -1.64
C LEU B 14 -28.29 8.36 -2.60
N LEU B 15 -28.49 8.62 -3.86
CA LEU B 15 -27.38 8.47 -4.84
C LEU B 15 -26.17 9.27 -4.34
N SER B 16 -26.36 10.50 -4.01
CA SER B 16 -25.23 11.34 -3.51
C SER B 16 -24.65 10.68 -2.25
N VAL B 17 -25.49 10.34 -1.32
CA VAL B 17 -25.01 9.69 -0.07
C VAL B 17 -24.16 8.46 -0.42
N MET B 18 -24.66 7.59 -1.25
CA MET B 18 -23.88 6.38 -1.63
C MET B 18 -22.54 6.81 -2.21
N GLY B 19 -22.54 7.82 -3.04
CA GLY B 19 -21.25 8.29 -3.63
C GLY B 19 -20.26 8.57 -2.51
N ALA B 20 -20.68 9.27 -1.48
CA ALA B 20 -19.76 9.56 -0.34
C ALA B 20 -19.10 8.26 0.12
N ILE B 21 -19.88 7.24 0.38
CA ILE B 21 -19.27 5.95 0.83
C ILE B 21 -18.18 5.57 -0.17
N LEU B 22 -18.55 5.46 -1.41
CA LEU B 22 -17.58 5.09 -2.47
C LEU B 22 -16.44 6.11 -2.52
N LEU B 23 -16.76 7.37 -2.46
CA LEU B 23 -15.70 8.43 -2.51
C LEU B 23 -14.84 8.35 -1.24
N ILE B 24 -15.45 8.22 -0.10
CA ILE B 24 -14.68 8.15 1.17
C ILE B 24 -13.66 7.00 1.10
N GLY B 25 -13.96 5.97 0.36
CA GLY B 25 -13.03 4.82 0.27
C GLY B 25 -11.94 5.13 -0.73
N LEU B 26 -12.30 5.68 -1.85
CA LEU B 26 -11.28 6.03 -2.88
C LEU B 26 -10.31 7.04 -2.27
N ALA B 27 -10.80 7.86 -1.38
CA ALA B 27 -9.90 8.86 -0.75
C ALA B 27 -8.99 8.13 0.24
N ALA B 28 -9.56 7.26 1.03
CA ALA B 28 -8.74 6.50 2.01
C ALA B 28 -7.88 5.49 1.25
N LEU B 29 -8.38 4.99 0.16
CA LEU B 29 -7.61 4.01 -0.64
C LEU B 29 -6.26 4.63 -1.00
N LEU B 30 -6.28 5.78 -1.60
CA LEU B 30 -5.02 6.47 -2.02
C LEU B 30 -4.08 6.65 -0.83
N ILE B 31 -4.55 7.22 0.25
CA ILE B 31 -3.63 7.43 1.42
C ILE B 31 -3.08 6.07 1.88
N TRP B 32 -3.90 5.06 1.93
CA TRP B 32 -3.41 3.72 2.39
C TRP B 32 -2.50 3.10 1.31
N LYS B 33 -2.65 3.51 0.08
CA LYS B 33 -1.79 2.94 -1.00
C LYS B 33 -0.34 3.40 -0.78
N LEU B 34 -0.15 4.68 -0.57
CA LEU B 34 1.24 5.18 -0.34
C LEU B 34 1.80 4.55 0.92
N LEU B 35 0.98 4.41 1.93
CA LEU B 35 1.47 3.79 3.20
C LEU B 35 1.94 2.37 2.92
N ILE B 36 1.22 1.68 2.09
CA ILE B 36 1.59 0.27 1.76
C ILE B 36 2.77 0.28 0.79
N THR B 37 2.86 1.25 -0.06
CA THR B 37 4.01 1.31 -1.01
C THR B 37 5.27 1.67 -0.25
N ILE B 38 5.15 2.42 0.82
CA ILE B 38 6.35 2.82 1.60
C ILE B 38 6.90 1.61 2.36
N HIS B 39 6.05 0.83 2.97
CA HIS B 39 6.58 -0.35 3.70
C HIS B 39 7.48 -1.14 2.76
N ASP B 40 7.23 -1.03 1.48
CA ASP B 40 8.07 -1.75 0.47
C ASP B 40 9.28 -0.90 0.08
N ARG B 41 9.13 0.40 0.01
CA ARG B 41 10.28 1.27 -0.38
C ARG B 41 11.52 0.86 0.41
N LYS B 42 11.35 0.40 1.62
CA LYS B 42 12.50 -0.02 2.43
C LYS B 42 13.10 -1.29 1.82
N GLU B 43 12.34 -2.34 1.71
CA GLU B 43 12.89 -3.60 1.12
C GLU B 43 13.28 -3.30 -0.33
N PHE B 44 12.42 -2.68 -1.08
CA PHE B 44 12.77 -2.35 -2.49
C PHE B 44 14.13 -1.65 -2.48
N ALA B 45 14.34 -0.78 -1.53
CA ALA B 45 15.66 -0.09 -1.44
C ALA B 45 16.68 -1.11 -0.95
N LYS B 46 16.50 -1.65 0.22
CA LYS B 46 17.43 -2.65 0.75
C LYS B 46 17.66 -3.75 -0.30
N PHE B 47 16.76 -3.88 -1.25
CA PHE B 47 16.94 -4.91 -2.30
C PHE B 47 18.06 -4.49 -3.25
N GLU B 48 17.89 -3.36 -3.90
CA GLU B 48 18.95 -2.89 -4.84
C GLU B 48 20.25 -2.65 -4.07
N GLU B 49 20.14 -2.42 -2.79
CA GLU B 49 21.37 -2.16 -1.98
C GLU B 49 22.16 -3.46 -1.85
N GLU B 50 21.50 -4.56 -1.59
CA GLU B 50 22.21 -5.86 -1.46
C GLU B 50 22.86 -6.23 -2.79
N ARG B 51 22.18 -5.99 -3.88
CA ARG B 51 22.75 -6.32 -5.21
C ARG B 51 23.97 -5.43 -5.49
N ALA B 52 23.98 -4.24 -4.97
CA ALA B 52 25.13 -3.32 -5.21
C ALA B 52 26.26 -3.63 -4.22
N ARG B 53 25.91 -3.91 -2.99
CA ARG B 53 26.96 -4.23 -1.98
C ARG B 53 27.59 -5.58 -2.29
N ALA B 54 26.81 -6.51 -2.77
CA ALA B 54 27.37 -7.85 -3.10
C ALA B 54 28.57 -7.69 -4.04
N LYS B 55 28.52 -6.73 -4.91
CA LYS B 55 29.65 -6.51 -5.85
C LYS B 55 30.88 -6.04 -5.10
N TRP B 56 30.80 -4.88 -4.53
CA TRP B 56 31.96 -4.35 -3.76
C TRP B 56 32.42 -5.42 -2.78
N ASP B 57 31.56 -6.34 -2.48
CA ASP B 57 31.93 -7.43 -1.53
C ASP B 57 32.80 -8.46 -2.25
N THR B 58 33.22 -8.13 -3.45
CA THR B 58 34.08 -9.06 -4.24
C THR B 58 34.36 -8.43 -5.60
N ALA B 59 34.26 -9.19 -6.63
CA ALA B 59 34.53 -8.65 -7.98
C ALA B 59 35.92 -8.02 -7.99
N ASN B 60 36.04 -6.84 -8.52
CA ASN B 60 37.36 -6.17 -8.55
C ASN B 60 37.72 -5.69 -7.14
N ASN B 61 37.26 -6.38 -6.13
CA ASN B 61 37.60 -5.95 -4.74
C ASN B 61 39.13 -5.76 -4.62
N PRO B 62 39.62 -4.55 -4.45
CA PRO B 62 41.08 -4.30 -4.35
C PRO B 62 41.61 -4.58 -2.94
N LEU B 63 40.75 -4.99 -2.07
CA LEU B 63 41.15 -5.30 -0.68
C LEU B 63 41.59 -6.76 -0.61
N TYR B 64 41.22 -7.55 -1.60
CA TYR B 64 41.60 -8.98 -1.60
C TYR B 64 43.00 -9.12 -2.20
N LYS B 65 43.22 -8.51 -3.33
CA LYS B 65 44.55 -8.58 -4.01
C LYS B 65 45.67 -8.44 -2.97
N GLU B 66 45.45 -7.63 -1.96
CA GLU B 66 46.48 -7.45 -0.92
C GLU B 66 46.73 -8.81 -0.23
N ALA B 67 45.71 -9.41 0.29
CA ALA B 67 45.87 -10.73 0.96
C ALA B 67 47.06 -10.68 1.92
N THR B 68 47.36 -9.53 2.47
CA THR B 68 48.52 -9.42 3.40
C THR B 68 49.75 -10.01 2.72
N SER B 69 50.16 -9.44 1.62
CA SER B 69 51.36 -9.96 0.89
C SER B 69 52.47 -10.29 1.88
N THR B 70 53.25 -11.31 1.59
CA THR B 70 54.35 -11.70 2.52
C THR B 70 55.28 -10.50 2.74
N PHE B 71 55.36 -9.61 1.81
CA PHE B 71 56.25 -8.44 1.96
C PHE B 71 55.60 -7.43 2.90
N THR B 72 54.49 -7.80 3.46
CA THR B 72 53.77 -6.88 4.40
C THR B 72 54.21 -7.19 5.84
N ASN B 73 54.93 -8.28 6.02
CA ASN B 73 55.40 -8.66 7.40
C ASN B 73 56.91 -8.84 7.36
N ILE B 74 57.62 -7.88 6.83
CA ILE B 74 59.11 -7.98 6.75
C ILE B 74 59.67 -8.52 8.08
N THR B 75 59.94 -9.80 8.14
CA THR B 75 60.49 -10.38 9.40
C THR B 75 61.15 -11.71 9.08
N TYR B 76 61.23 -12.03 7.82
CA TYR B 76 61.86 -13.32 7.38
C TYR B 76 62.74 -13.06 6.16
N ARG B 77 63.34 -11.90 6.09
CA ARG B 77 64.22 -11.58 4.93
C ARG B 77 65.28 -12.66 4.77
N GLY B 78 65.55 -13.07 3.56
CA GLY B 78 66.58 -14.13 3.35
C GLY B 78 67.95 -13.61 3.82
N THR B 79 68.94 -13.71 2.97
CA THR B 79 70.29 -13.23 3.37
C THR B 79 70.68 -13.85 4.71
#